data_9IZ0
#
_entry.id   9IZ0
#
_cell.length_a   1.00
_cell.length_b   1.00
_cell.length_c   1.00
_cell.angle_alpha   90.00
_cell.angle_beta   90.00
_cell.angle_gamma   90.00
#
_symmetry.space_group_name_H-M   'P 1'
#
loop_
_entity.id
_entity.type
_entity.pdbx_description
1 polymer VAL-SER-THR-GLN-GLU-LEU-TYR-SER
2 polymer 'Serine/threonine-protein kinase tel1'
3 non-polymer 'PHOSPHOAMINOPHOSPHONIC ACID-ADENYLATE ESTER'
#
loop_
_entity_poly.entity_id
_entity_poly.type
_entity_poly.pdbx_seq_one_letter_code
_entity_poly.pdbx_strand_id
1 'polypeptide(L)' VSTQELYS F
2 'polypeptide(L)'
;MTSLNDIVNKLSSSKIKTRSDALQNLRSYIIYSRNGNSLNQEDALIIEKAIKRAFELEWQISANHGKRQISKASQEQKLQ
DISYLLRTCVESYILLFREPHILALLDIILRHTFTANGSICEVVCLNFSKALRLLLSHSPHLHHLRFSDWQSLVSYCCQA
IEKLSIAEETYVSDSEEEPISQKNYQEISIWKSHDVIRVKQEVVELIYVMRSLVQWYAAPINFVSEQLLKFFEFFFYAYT
EETDAHLPALQCLFQLCAYAIPNCNDYSASVVLLVFKILINSDKWKRLDLRLQLIQCLAISYPLWSNSETWDPHRSIRSF
NLDLLNSSFFSLKNFLNFFGKRSSLSLANFRFHTVEPKNNIAKLYDPRLHLFFSLRHNSFFESYFIYFFLAKLILLKKTV
LSLASTEQANKKQKTCSQIEELLLQAELANISASSFSLQLMVIITAISDNLTNDDLLSIQKMSLNFTEKKNELQSWSFFI
LFNICYNKAYSSMLTTSCKKEILAAASRGLLNSVTSPVCYQILTYFNMYRPLCFASIFPFIKQQFILFNDYSPMLSYEAI
DYWKSLYILLNENLFVGQSSFKSVFLKWLKWHLYHLFSKEGELPFFSFTDSSIIIFDLLMMIFYRPLSLSYITTEIRSPF
ERNLFHLKEAWSPVTLRFPYTTDEICKQSTEGCYPFNSNHTIDCDSLQNVIKMLESSIDEISSASYDKDELDKETPSFEA
VMIFSQISFLCGFLNCFIQKKGIHNVTPNNLVIFKNLFPEVLSFVKSNHSYDPIINCISTNLQFTISDEPKHLRYEIGSD
LIRSTHFRDSNPLKTLVLYIMDMASKNVFIKPQEFDHDEYFSQEEEDIYRPENLIRNHQILGLMEGSLEQIRNTDLFILQ
KYIDYFSSHPHDSLINILHLYPIETFCFGMSAIGAYFLDVARTSEPIFYKCLEILAQKILMNYDYERDEVYLMIFIKIFQ
KCVHSKLQFTDATLKLIVKITKFIEKVFIETKFSSLSGRQTFLKFIFQLSPTSHVYSKFDYQKLISLTLKDSDVCVIYNF
VDDLVIFLKKCDKTLIEGFVLPILSIKIEKSLYKGFCYLYLTLKVFLSISSNRSALLYQLLKLANSYETSTIFEPLLRKL
HIQSANIKQLFRIYRLEIFWSFVSKDLSNTTNDFLEFPYKPIYFSLSDFLKENSDEIILVLILTKNITLAKLITSRMSVD
FSEKYTQLIPVITTYTHLSEVENKKYSLRFNSIDEALDVELLNRSKAFLFCLEMLKEVKELGSTFKSISSTSFKVYSQLT
IFANRVSFNNSTAIPFFSTKSVLWYCNRLFQELEGFSSIPSVIDLVLRRLAIQLHFATDEELQVTISFRLCAFLCFSDPF
ITSNYLVMIVLRIARQLLSIPCTQSLGLGIARFHLKKFKPTDFDYFFQLAEFCMDFLGFCYNTIGTKMEAIQDFYTWFDG
YVTALLNFEYEGYGFLRCQINFVRSVMTTKNEWIEVSNKLFERGHFLKRIAMNNYLCLYFWQVLDACPRNVLHSLSLEIW
KCYKAYDITEFPDSLKLFFSDIMGWNFFKSPEIADLNHYIPKTDPRLCDTKTYEESKLIIWKLICQKACSLLFKYDILLD
SFIEDCIRMFFENGNHQELRKFLNFPKDSIIYDSDFKTLVSEEGSFQWVKLQPTNFDSLSNWTKEETLKLLNMMGKSSTT
HSLKLLSTYMVGFSTSIIQYIIHLILLEFDFNGNNKKQKEYVTQLILSGLLNKNTNSIRKTCMNILLYLRRQLGHHALNP
FEANYWVPINYSVAASTAYDCHLYEQSLLFLTIHNTKTDELDITLLSDILSQLPCPDAYYGIKRETSFKNILLKAVHEKR
SPLAISYLDAANMYRSNEDEGTKMMFSNTLNNAGFFSLNEFYIDSLKANDAIDECSNEVYASAWRMQKWDIPPLSLDNKT
TKDCLVFEVLHAVHNYAIYGNYLHLEEYINKKLLLINPNEEPDSLLFYALAYDLKFLIRCNQSQFNCDILQLLKENKQMS
SQLHECFQLLLEIRNVLLSLLQSHKQLDLSDDLASFRKYYILELLKISESFLIVDNLQNAFSVAMLSDALYRKFDLADEN
LKHDIDFLSSKILWQRDEKIDAIGMLSESLSKTNSSIFPSISYAYLGNWLYTTKSEKTELVSKNYFEKSLSHMSHLNAKE
KAKIYCMFAQFCDNNYSSPDLTEDFKRMEKLYFEKKNDIQQLERSIVNASNMKEEKMLKNHHSREMSSFIIDEREYLRMS
TFRSKMLTQSITHYLKCLSESDENDVLISRCCTMWLSNSHLDELNNSLQHYLQNLPCKKFIPVFYQLAARLMNENSKFQQ
SLTSICYNVGRNHPYHSLHVLFSLVSNVPEIENLDAGSRYRAVKKILDLLKVNQGLSNLVTKLLCSFENYVSLAEWNPRS
KVDSTSFSRFPGYKWFLKDAANYGLPPITMNVKVNDTGDYSNIPTVSSFDDTIHFASGINAPKVITCLGSNGHTYKQLVK
GGNDDLRQDAVMEQVFEQVNGFLRSYRKTSQRNLSMRTYKVIPLALKTGVIEWVQDTIPLGEYLDSAHKVYHPKEWSLST
CRKLIAEKQMEDLETRLKVYDLVCRHYRPVFRHFFLESYADPVQWFTTQTNYARSTAVASVLGHVLGLGDRHGQNILIDK
TSGEVIHIDLGIAFEQGKKLPVPECVPFRLTRDVVDGMGITGVEGVFRRCMEFTLETLRREEDSLLSVLEVLRYDPLFSW
LISPLRRMKKQKMQLENFNQPESGNITTDASRDPKIQRNNVSGESEAERAILKVRQKLSSTLSVEASVGELIRIAQDPSY
LALMFCGWSAFQ
;
A,B
#
# COMPACT_ATOMS: atom_id res chain seq x y z
N VAL A 1 -70.08 8.12 -7.55
CA VAL A 1 -69.53 8.22 -6.20
C VAL A 1 -69.82 6.96 -5.41
N SER A 2 -68.91 6.59 -4.53
CA SER A 2 -69.09 5.37 -3.76
C SER A 2 -68.27 5.37 -2.48
N THR A 3 -67.29 6.27 -2.38
CA THR A 3 -66.42 6.19 -1.21
C THR A 3 -67.24 6.41 0.06
N GLN A 4 -66.72 5.85 1.19
CA GLN A 4 -67.39 5.94 2.51
C GLN A 4 -67.68 7.40 2.85
N GLU A 5 -68.84 7.68 3.41
CA GLU A 5 -69.29 9.06 3.64
C GLU A 5 -68.50 9.76 4.74
N LEU A 6 -67.68 9.04 5.50
CA LEU A 6 -66.84 9.60 6.56
C LEU A 6 -67.66 10.36 7.60
N TYR A 7 -68.97 10.12 7.63
CA TYR A 7 -69.85 10.84 8.54
C TYR A 7 -69.55 10.47 9.99
N SER A 8 -70.00 11.34 10.89
CA SER A 8 -69.79 11.15 12.33
C SER A 8 -70.42 9.86 12.82
N ARG B 98 41.62 32.18 -77.10
CA ARG B 98 40.66 33.00 -76.37
C ARG B 98 39.53 32.14 -75.83
N GLU B 99 39.09 32.46 -74.60
CA GLU B 99 38.00 31.70 -73.99
C GLU B 99 36.70 31.81 -74.77
N PRO B 100 36.28 33.00 -75.22
CA PRO B 100 35.13 33.03 -76.15
C PRO B 100 35.39 32.25 -77.43
N HIS B 101 36.63 32.31 -77.94
CA HIS B 101 36.99 31.47 -79.08
C HIS B 101 36.98 30.00 -78.69
N ILE B 102 37.33 29.68 -77.45
CA ILE B 102 37.25 28.28 -76.99
C ILE B 102 35.82 27.79 -77.00
N LEU B 103 34.88 28.62 -76.53
CA LEU B 103 33.47 28.24 -76.55
C LEU B 103 32.95 28.14 -77.98
N ALA B 104 33.39 29.03 -78.86
CA ALA B 104 33.01 28.94 -80.26
C ALA B 104 33.52 27.66 -80.89
N LEU B 105 34.76 27.28 -80.57
CA LEU B 105 35.30 26.01 -81.07
C LEU B 105 34.54 24.82 -80.51
N LEU B 106 34.11 24.90 -79.24
CA LEU B 106 33.30 23.84 -78.67
C LEU B 106 31.97 23.71 -79.40
N ASP B 107 31.34 24.85 -79.71
CA ASP B 107 30.10 24.82 -80.48
C ASP B 107 30.32 24.23 -81.87
N ILE B 108 31.43 24.59 -82.51
CA ILE B 108 31.74 24.05 -83.83
C ILE B 108 31.96 22.55 -83.77
N ILE B 109 32.66 22.09 -82.73
CA ILE B 109 32.91 20.65 -82.57
C ILE B 109 31.60 19.92 -82.30
N LEU B 110 30.70 20.52 -81.52
CA LEU B 110 29.40 19.90 -81.28
C LEU B 110 28.59 19.82 -82.58
N ARG B 111 28.64 20.87 -83.39
CA ARG B 111 27.95 20.82 -84.68
C ARG B 111 28.54 19.76 -85.59
N HIS B 112 29.87 19.63 -85.60
CA HIS B 112 30.51 18.60 -86.41
C HIS B 112 30.15 17.20 -85.92
N THR B 113 30.05 17.02 -84.60
CA THR B 113 29.71 15.73 -84.01
C THR B 113 28.26 15.34 -84.27
N PHE B 114 27.44 16.25 -84.80
CA PHE B 114 26.07 15.89 -85.15
C PHE B 114 26.03 14.81 -86.22
N THR B 115 27.07 14.73 -87.04
CA THR B 115 27.21 13.65 -87.99
C THR B 115 27.79 12.41 -87.30
N ALA B 116 27.78 11.28 -88.02
CA ALA B 116 28.30 10.04 -87.48
C ALA B 116 29.82 10.04 -87.34
N ASN B 117 30.51 11.02 -87.94
CA ASN B 117 31.95 11.19 -87.89
C ASN B 117 32.71 10.04 -88.54
N GLY B 118 32.02 9.15 -89.24
CA GLY B 118 32.69 8.06 -89.93
C GLY B 118 33.31 7.04 -88.99
N SER B 119 34.34 6.36 -89.50
CA SER B 119 35.06 5.35 -88.75
C SER B 119 36.39 5.85 -88.21
N ILE B 120 36.63 7.16 -88.26
CA ILE B 120 37.87 7.72 -87.75
C ILE B 120 37.93 7.57 -86.23
N CYS B 121 39.11 7.20 -85.73
CA CYS B 121 39.29 7.04 -84.29
C CYS B 121 39.10 8.37 -83.57
N GLU B 122 39.64 9.46 -84.14
CA GLU B 122 39.50 10.80 -83.59
C GLU B 122 40.06 10.90 -82.17
N VAL B 123 41.18 10.23 -81.93
CA VAL B 123 41.84 10.33 -80.63
C VAL B 123 42.34 11.76 -80.40
N VAL B 124 42.98 12.35 -81.41
CA VAL B 124 43.41 13.74 -81.31
C VAL B 124 42.20 14.65 -81.16
N CYS B 125 41.10 14.34 -81.85
CA CYS B 125 39.88 15.10 -81.70
C CYS B 125 39.32 14.96 -80.29
N LEU B 126 39.42 13.76 -79.71
CA LEU B 126 38.99 13.56 -78.32
C LEU B 126 39.83 14.40 -77.36
N ASN B 127 41.15 14.44 -77.58
CA ASN B 127 42.01 15.26 -76.73
C ASN B 127 41.67 16.74 -76.88
N PHE B 128 41.41 17.19 -78.11
CA PHE B 128 41.03 18.58 -78.33
C PHE B 128 39.71 18.90 -77.65
N SER B 129 38.74 17.98 -77.71
CA SER B 129 37.47 18.19 -77.03
C SER B 129 37.65 18.27 -75.53
N LYS B 130 38.51 17.42 -74.97
CA LYS B 130 38.78 17.48 -73.54
C LYS B 130 39.44 18.80 -73.16
N ALA B 131 40.38 19.28 -73.97
CA ALA B 131 41.02 20.57 -73.71
C ALA B 131 39.99 21.70 -73.78
N LEU B 132 39.09 21.65 -74.76
CA LEU B 132 38.05 22.66 -74.86
C LEU B 132 37.13 22.63 -73.64
N ARG B 133 36.77 21.44 -73.18
CA ARG B 133 35.93 21.29 -72.00
C ARG B 133 36.68 21.62 -70.70
N LEU B 134 38.00 21.75 -70.75
CA LEU B 134 38.75 22.12 -69.55
C LEU B 134 38.38 23.53 -69.09
N LEU B 135 38.11 24.43 -70.03
CA LEU B 135 37.75 25.81 -69.72
C LEU B 135 36.44 26.17 -70.40
N LEU B 136 35.52 26.76 -69.63
CA LEU B 136 34.22 27.21 -70.15
C LEU B 136 33.44 26.08 -70.82
N SER B 137 33.40 24.92 -70.16
CA SER B 137 32.67 23.79 -70.70
C SER B 137 31.17 24.04 -70.71
N HIS B 138 30.64 24.57 -69.62
CA HIS B 138 29.21 24.83 -69.51
C HIS B 138 28.83 26.11 -70.25
N HIS B 141 28.57 28.69 -68.52
CA HIS B 141 29.87 29.11 -68.01
C HIS B 141 30.61 29.96 -69.03
N LEU B 142 30.04 30.09 -70.22
CA LEU B 142 30.63 30.88 -71.29
C LEU B 142 29.57 31.75 -71.95
N HIS B 143 30.00 32.91 -72.44
CA HIS B 143 29.11 33.82 -73.14
C HIS B 143 29.05 33.57 -74.65
N HIS B 144 29.87 32.67 -75.17
CA HIS B 144 29.88 32.36 -76.59
C HIS B 144 29.10 31.10 -76.94
N LEU B 145 28.86 30.21 -75.98
CA LEU B 145 28.02 29.05 -76.22
C LEU B 145 26.57 29.49 -76.35
N ARG B 146 25.77 28.64 -76.99
CA ARG B 146 24.37 28.95 -77.25
C ARG B 146 23.48 27.80 -76.79
N PHE B 147 22.25 28.15 -76.39
CA PHE B 147 21.26 27.12 -76.12
C PHE B 147 20.90 26.35 -77.38
N SER B 148 20.87 27.03 -78.53
CA SER B 148 20.78 26.33 -79.80
C SER B 148 22.01 25.45 -80.01
N ASP B 149 23.19 25.95 -79.64
CA ASP B 149 24.39 25.11 -79.67
C ASP B 149 24.29 23.97 -78.68
N TRP B 150 23.62 24.20 -77.54
CA TRP B 150 23.41 23.11 -76.59
C TRP B 150 22.51 22.02 -77.16
N GLN B 151 21.44 22.41 -77.85
CA GLN B 151 20.59 21.44 -78.52
C GLN B 151 21.34 20.71 -79.62
N SER B 152 22.20 21.44 -80.35
CA SER B 152 23.04 20.79 -81.36
C SER B 152 23.98 19.78 -80.73
N LEU B 153 24.54 20.11 -79.56
CA LEU B 153 25.42 19.17 -78.86
C LEU B 153 24.66 17.95 -78.38
N VAL B 154 23.43 18.14 -77.91
CA VAL B 154 22.61 17.00 -77.47
C VAL B 154 22.32 16.08 -78.65
N SER B 155 21.93 16.66 -79.79
CA SER B 155 21.70 15.87 -80.99
C SER B 155 22.99 15.20 -81.46
N TYR B 156 24.12 15.87 -81.30
CA TYR B 156 25.41 15.28 -81.66
C TYR B 156 25.72 14.08 -80.78
N CYS B 157 25.45 14.19 -79.48
CA CYS B 157 25.65 13.05 -78.58
C CYS B 157 24.74 11.89 -78.97
N CYS B 158 23.49 12.18 -79.28
CA CYS B 158 22.57 11.11 -79.70
C CYS B 158 23.06 10.44 -80.97
N GLN B 159 23.47 11.23 -81.97
CA GLN B 159 23.95 10.66 -83.23
C GLN B 159 25.25 9.88 -83.04
N ALA B 160 26.16 10.37 -82.20
CA ALA B 160 27.41 9.66 -81.96
C ALA B 160 27.16 8.33 -81.25
N ILE B 161 26.25 8.32 -80.28
CA ILE B 161 25.91 7.07 -79.61
C ILE B 161 25.24 6.11 -80.59
N GLU B 162 24.44 6.64 -81.52
CA GLU B 162 23.87 5.80 -82.57
C GLU B 162 24.96 5.22 -83.45
N LYS B 163 25.97 6.02 -83.79
CA LYS B 163 27.07 5.54 -84.63
C LYS B 163 28.13 4.79 -83.83
N LEU B 164 28.11 4.89 -82.51
CA LEU B 164 29.08 4.18 -81.70
C LEU B 164 28.87 2.67 -81.79
N SER B 165 29.98 1.94 -81.91
CA SER B 165 29.95 0.48 -82.04
C SER B 165 29.09 0.03 -83.21
N LYS B 200 37.24 3.16 -77.49
CA LYS B 200 38.41 3.62 -76.75
C LYS B 200 38.43 5.14 -76.62
N GLN B 201 39.20 5.78 -77.49
CA GLN B 201 39.28 7.24 -77.48
C GLN B 201 37.93 7.87 -77.85
N GLU B 202 37.23 7.27 -78.80
CA GLU B 202 35.91 7.78 -79.17
C GLU B 202 34.93 7.66 -78.02
N VAL B 203 35.06 6.60 -77.20
CA VAL B 203 34.20 6.47 -76.03
C VAL B 203 34.46 7.61 -75.05
N VAL B 204 35.72 7.95 -74.82
CA VAL B 204 36.05 9.07 -73.94
C VAL B 204 35.53 10.37 -74.53
N GLU B 205 35.62 10.53 -75.84
CA GLU B 205 35.09 11.73 -76.48
C GLU B 205 33.57 11.84 -76.29
N LEU B 206 32.86 10.72 -76.44
CA LEU B 206 31.42 10.72 -76.21
C LEU B 206 31.09 11.04 -74.75
N ILE B 207 31.89 10.51 -73.83
CA ILE B 207 31.69 10.80 -72.41
C ILE B 207 31.88 12.29 -72.15
N TYR B 208 32.91 12.88 -72.74
CA TYR B 208 33.16 14.31 -72.57
C TYR B 208 32.02 15.13 -73.18
N VAL B 209 31.51 14.70 -74.34
CA VAL B 209 30.40 15.41 -74.96
C VAL B 209 29.16 15.35 -74.08
N MET B 210 28.88 14.18 -73.51
CA MET B 210 27.75 14.05 -72.60
C MET B 210 27.92 14.92 -71.36
N ARG B 211 29.14 14.95 -70.82
CA ARG B 211 29.41 15.80 -69.66
C ARG B 211 29.20 17.28 -69.99
N SER B 212 29.66 17.71 -71.16
CA SER B 212 29.47 19.09 -71.58
C SER B 212 27.98 19.41 -71.77
N LEU B 213 27.24 18.48 -72.38
CA LEU B 213 25.81 18.68 -72.57
C LEU B 213 25.08 18.78 -71.23
N VAL B 214 25.46 17.95 -70.27
CA VAL B 214 24.88 18.04 -68.93
C VAL B 214 25.25 19.36 -68.29
N GLN B 215 26.48 19.83 -68.53
CA GLN B 215 26.90 21.12 -68.00
C GLN B 215 26.09 22.26 -68.59
N TRP B 216 25.59 22.09 -69.81
CA TRP B 216 24.73 23.10 -70.44
C TRP B 216 23.37 23.07 -69.74
N TYR B 217 23.15 24.03 -68.84
CA TYR B 217 21.91 24.08 -68.08
C TYR B 217 20.70 24.37 -68.94
N ALA B 218 20.90 24.89 -70.15
CA ALA B 218 19.80 25.24 -71.05
C ALA B 218 19.55 24.08 -72.01
N ALA B 219 18.43 23.38 -71.79
CA ALA B 219 18.02 22.27 -72.64
C ALA B 219 16.59 21.88 -72.34
N PRO B 220 15.77 21.59 -73.35
CA PRO B 220 14.39 21.14 -73.10
C PRO B 220 14.39 19.76 -72.46
N ILE B 221 13.73 19.64 -71.31
CA ILE B 221 13.79 18.42 -70.52
C ILE B 221 13.21 17.24 -71.30
N ASN B 222 12.04 17.44 -71.91
CA ASN B 222 11.41 16.37 -72.68
C ASN B 222 12.24 16.01 -73.91
N PHE B 223 12.72 17.02 -74.64
CA PHE B 223 13.56 16.76 -75.80
C PHE B 223 14.87 16.11 -75.39
N VAL B 224 15.45 16.54 -74.27
CA VAL B 224 16.69 15.93 -73.79
C VAL B 224 16.45 14.46 -73.44
N SER B 225 15.33 14.16 -72.78
CA SER B 225 15.03 12.78 -72.44
C SER B 225 14.81 11.93 -73.69
N GLU B 226 14.11 12.47 -74.68
CA GLU B 226 13.89 11.73 -75.93
C GLU B 226 15.20 11.45 -76.64
N GLN B 227 16.07 12.46 -76.74
CA GLN B 227 17.37 12.26 -77.37
C GLN B 227 18.21 11.27 -76.59
N LEU B 228 18.15 11.34 -75.25
CA LEU B 228 18.91 10.42 -74.42
C LEU B 228 18.44 8.98 -74.62
N LEU B 229 17.12 8.78 -74.75
CA LEU B 229 16.60 7.44 -75.00
C LEU B 229 17.01 6.95 -76.39
N LYS B 230 16.95 7.83 -77.40
CA LYS B 230 17.36 7.43 -78.74
C LYS B 230 18.82 7.03 -78.77
N PHE B 231 19.68 7.78 -78.06
CA PHE B 231 21.08 7.41 -77.95
C PHE B 231 21.25 6.12 -77.14
N PHE B 232 20.50 5.97 -76.06
CA PHE B 232 20.62 4.83 -75.17
C PHE B 232 20.20 3.53 -75.84
N GLU B 233 19.35 3.59 -76.86
CA GLU B 233 19.06 2.40 -77.64
C GLU B 233 20.34 1.76 -78.16
N PHE B 234 21.10 2.50 -78.97
CA PHE B 234 22.36 2.00 -79.49
C PHE B 234 23.41 1.85 -78.40
N PHE B 235 23.32 2.64 -77.33
CA PHE B 235 24.26 2.50 -76.22
C PHE B 235 24.10 1.15 -75.53
N PHE B 236 22.85 0.72 -75.30
CA PHE B 236 22.57 -0.58 -74.72
C PHE B 236 22.66 -1.71 -75.73
N TYR B 237 22.71 -1.40 -77.02
CA TYR B 237 23.06 -2.42 -78.00
C TYR B 237 24.41 -3.03 -77.69
N ALA B 238 25.35 -2.22 -77.19
CA ALA B 238 26.66 -2.68 -76.69
C ALA B 238 27.06 -1.73 -75.57
N TYR B 239 26.78 -2.12 -74.33
CA TYR B 239 26.94 -1.25 -73.18
C TYR B 239 27.97 -1.83 -72.21
N THR B 240 28.64 -0.93 -71.48
CA THR B 240 29.60 -1.30 -70.44
C THR B 240 29.41 -0.34 -69.28
N GLU B 241 28.60 -0.74 -68.30
CA GLU B 241 28.28 0.14 -67.19
C GLU B 241 29.51 0.46 -66.34
N GLU B 242 30.36 -0.55 -66.11
CA GLU B 242 31.55 -0.34 -65.29
C GLU B 242 32.52 0.63 -65.93
N THR B 243 32.52 0.71 -67.27
CA THR B 243 33.40 1.64 -67.95
C THR B 243 32.99 3.08 -67.66
N ASP B 244 33.99 3.92 -67.37
CA ASP B 244 33.72 5.32 -67.06
C ASP B 244 33.21 6.10 -68.27
N ALA B 245 33.49 5.62 -69.48
CA ALA B 245 32.98 6.30 -70.67
C ALA B 245 31.46 6.28 -70.71
N HIS B 246 30.86 5.15 -70.38
CA HIS B 246 29.40 5.08 -70.29
C HIS B 246 28.87 5.73 -69.02
N LEU B 247 29.72 5.93 -68.01
CA LEU B 247 29.29 6.61 -66.80
C LEU B 247 28.82 8.03 -67.07
N PRO B 248 29.52 8.85 -67.87
CA PRO B 248 28.97 10.16 -68.22
C PRO B 248 27.66 10.08 -68.98
N ALA B 249 27.51 9.05 -69.83
CA ALA B 249 26.23 8.86 -70.52
C ALA B 249 25.13 8.53 -69.54
N LEU B 250 25.42 7.69 -68.54
CA LEU B 250 24.44 7.37 -67.51
C LEU B 250 24.09 8.61 -66.69
N GLN B 251 25.09 9.45 -66.41
CA GLN B 251 24.84 10.69 -65.67
C GLN B 251 23.96 11.63 -66.48
N CYS B 252 24.21 11.74 -67.78
CA CYS B 252 23.35 12.57 -68.63
C CYS B 252 21.93 12.03 -68.69
N LEU B 253 21.79 10.70 -68.78
CA LEU B 253 20.46 10.09 -68.76
C LEU B 253 19.75 10.36 -67.45
N PHE B 254 20.48 10.28 -66.33
CA PHE B 254 19.89 10.56 -65.03
C PHE B 254 19.48 12.03 -64.92
N GLN B 255 20.30 12.94 -65.44
CA GLN B 255 19.94 14.36 -65.43
C GLN B 255 18.68 14.60 -66.26
N LEU B 256 18.57 13.94 -67.41
CA LEU B 256 17.36 14.06 -68.22
C LEU B 256 16.15 13.49 -67.49
N CYS B 257 16.32 12.35 -66.81
CA CYS B 257 15.20 11.70 -66.15
C CYS B 257 14.80 12.41 -64.85
N ALA B 258 15.69 13.24 -64.29
CA ALA B 258 15.32 13.98 -63.09
C ALA B 258 14.13 14.91 -63.34
N TYR B 259 14.14 15.60 -64.47
CA TYR B 259 13.00 16.40 -64.90
C TYR B 259 12.08 15.66 -65.86
N ALA B 260 12.47 14.46 -66.30
CA ALA B 260 11.66 13.68 -67.22
C ALA B 260 10.70 12.72 -66.52
N ILE B 261 10.74 12.65 -65.19
CA ILE B 261 9.71 11.90 -64.47
C ILE B 261 8.33 12.48 -64.75
N PRO B 262 8.13 13.80 -64.76
CA PRO B 262 6.82 14.34 -65.12
C PRO B 262 6.62 14.44 -66.63
N ASN B 263 7.68 14.70 -67.38
CA ASN B 263 7.60 14.99 -68.80
C ASN B 263 8.24 13.88 -69.62
N CYS B 264 7.50 13.36 -70.60
CA CYS B 264 7.96 12.30 -71.49
C CYS B 264 8.35 11.04 -70.68
N ASN B 265 7.32 10.48 -70.05
CA ASN B 265 7.50 9.32 -69.17
C ASN B 265 7.74 8.01 -69.93
N ASP B 266 7.53 7.98 -71.25
CA ASP B 266 7.75 6.74 -72.00
C ASP B 266 9.24 6.49 -72.22
N TYR B 267 9.95 7.48 -72.77
CA TYR B 267 11.38 7.38 -72.89
C TYR B 267 12.04 7.26 -71.52
N SER B 268 11.48 7.95 -70.52
CA SER B 268 11.98 7.83 -69.16
C SER B 268 11.81 6.41 -68.64
N ALA B 269 10.68 5.77 -68.93
CA ALA B 269 10.47 4.39 -68.49
C ALA B 269 11.42 3.44 -69.20
N SER B 270 11.67 3.66 -70.50
CA SER B 270 12.63 2.83 -71.22
C SER B 270 14.02 2.98 -70.61
N VAL B 271 14.43 4.21 -70.31
CA VAL B 271 15.72 4.45 -69.68
C VAL B 271 15.78 3.83 -68.29
N VAL B 272 14.66 3.86 -67.57
CA VAL B 272 14.61 3.27 -66.23
C VAL B 272 14.77 1.75 -66.31
N LEU B 273 14.14 1.12 -67.29
CA LEU B 273 14.31 -0.32 -67.47
C LEU B 273 15.75 -0.66 -67.83
N LEU B 274 16.36 0.13 -68.72
CA LEU B 274 17.76 -0.08 -69.07
C LEU B 274 18.65 0.09 -67.85
N VAL B 275 18.37 1.10 -67.03
CA VAL B 275 19.17 1.35 -65.84
C VAL B 275 19.00 0.22 -64.83
N PHE B 276 17.79 -0.33 -64.72
CA PHE B 276 17.57 -1.47 -63.84
C PHE B 276 18.37 -2.69 -64.31
N LYS B 277 18.37 -2.94 -65.62
CA LYS B 277 19.18 -4.04 -66.15
C LYS B 277 20.67 -3.82 -65.87
N ILE B 278 21.14 -2.59 -66.07
CA ILE B 278 22.55 -2.29 -65.82
C ILE B 278 22.87 -2.44 -64.33
N LEU B 279 21.94 -2.04 -63.47
CA LEU B 279 22.14 -2.19 -62.03
C LEU B 279 22.21 -3.66 -61.64
N ILE B 280 21.38 -4.51 -62.25
CA ILE B 280 21.45 -5.94 -61.99
C ILE B 280 22.80 -6.49 -62.45
N ASN B 281 23.26 -6.08 -63.63
CA ASN B 281 24.55 -6.52 -64.13
C ASN B 281 25.69 -6.11 -63.19
N SER B 282 25.65 -4.86 -62.70
CA SER B 282 26.67 -4.39 -61.77
C SER B 282 26.59 -5.15 -60.43
N ASP B 283 25.37 -5.43 -59.96
CA ASP B 283 25.20 -6.18 -58.73
C ASP B 283 25.73 -7.60 -58.87
N LYS B 284 25.73 -8.15 -60.08
CA LYS B 284 26.38 -9.44 -60.31
C LYS B 284 27.87 -9.37 -59.96
N TRP B 285 28.51 -8.23 -60.20
CA TRP B 285 29.89 -8.05 -59.82
C TRP B 285 30.02 -7.88 -58.31
N LYS B 286 31.23 -8.16 -57.80
CA LYS B 286 31.48 -8.13 -56.37
C LYS B 286 32.09 -6.81 -55.89
N ARG B 287 32.23 -5.82 -56.77
CA ARG B 287 32.83 -4.55 -56.38
C ARG B 287 31.84 -3.73 -55.55
N LEU B 288 32.32 -3.20 -54.42
CA LEU B 288 31.48 -2.35 -53.59
C LEU B 288 31.11 -1.07 -54.30
N ASP B 289 32.08 -0.46 -55.00
CA ASP B 289 31.78 0.76 -55.76
C ASP B 289 30.76 0.49 -56.85
N LEU B 290 30.81 -0.69 -57.47
CA LEU B 290 29.80 -1.06 -58.46
C LEU B 290 28.41 -1.13 -57.83
N ARG B 291 28.32 -1.72 -56.62
CA ARG B 291 27.04 -1.79 -55.94
C ARG B 291 26.53 -0.39 -55.60
N LEU B 292 27.41 0.49 -55.12
CA LEU B 292 27.00 1.86 -54.81
C LEU B 292 26.52 2.59 -56.05
N GLN B 293 27.25 2.44 -57.16
CA GLN B 293 26.84 3.10 -58.41
C GLN B 293 25.52 2.55 -58.91
N LEU B 294 25.30 1.24 -58.79
CA LEU B 294 24.02 0.65 -59.20
C LEU B 294 22.88 1.18 -58.35
N ILE B 295 23.10 1.28 -57.04
CA ILE B 295 22.06 1.80 -56.15
C ILE B 295 21.76 3.25 -56.50
N GLN B 296 22.80 4.05 -56.76
CA GLN B 296 22.59 5.45 -57.13
C GLN B 296 21.83 5.57 -58.45
N CYS B 297 22.17 4.74 -59.43
CA CYS B 297 21.50 4.78 -60.72
C CYS B 297 20.03 4.37 -60.58
N LEU B 298 19.75 3.37 -59.75
CA LEU B 298 18.37 2.99 -59.48
C LEU B 298 17.61 4.13 -58.80
N ALA B 299 18.27 4.80 -57.84
CA ALA B 299 17.66 5.94 -57.18
C ALA B 299 17.56 7.16 -58.09
N ILE B 300 18.27 7.16 -59.21
CA ILE B 300 18.24 8.28 -60.14
C ILE B 300 17.02 8.19 -61.03
N TYR B 302 14.54 7.85 -57.93
CA TYR B 302 13.94 6.55 -57.63
C TYR B 302 12.48 6.54 -58.07
N PRO B 303 11.90 7.72 -58.28
CA PRO B 303 10.51 7.78 -58.76
C PRO B 303 10.31 7.05 -60.08
N LEU B 304 11.30 7.12 -60.97
CA LEU B 304 11.23 6.34 -62.21
C LEU B 304 11.22 4.85 -61.92
N TRP B 305 12.05 4.42 -60.97
CA TRP B 305 12.07 3.00 -60.58
C TRP B 305 10.73 2.59 -59.98
N SER B 306 10.14 3.45 -59.14
CA SER B 306 8.83 3.14 -58.56
C SER B 306 7.76 3.04 -59.63
N ASN B 307 7.78 3.96 -60.61
CA ASN B 307 6.82 3.90 -61.71
C ASN B 307 7.00 2.63 -62.53
N SER B 308 8.25 2.24 -62.79
CA SER B 308 8.51 1.02 -63.53
C SER B 308 8.02 -0.21 -62.77
N GLU B 309 8.24 -0.23 -61.46
CA GLU B 309 7.74 -1.33 -60.64
C GLU B 309 6.22 -1.39 -60.65
N THR B 310 5.57 -0.23 -60.57
CA THR B 310 4.12 -0.19 -60.67
C THR B 310 3.64 -0.58 -62.06
N TRP B 311 4.44 -0.30 -63.09
CA TRP B 311 4.11 -0.65 -64.46
C TRP B 311 4.82 -1.91 -64.93
N ASP B 312 5.42 -2.67 -64.02
CA ASP B 312 6.10 -3.90 -64.40
C ASP B 312 5.09 -4.94 -64.89
N PRO B 313 5.53 -5.86 -65.75
CA PRO B 313 4.58 -6.83 -66.30
C PRO B 313 3.89 -7.69 -65.25
N HIS B 314 4.59 -8.07 -64.19
CA HIS B 314 4.01 -8.92 -63.15
C HIS B 314 4.86 -8.80 -61.90
N ARG B 315 4.34 -9.38 -60.80
CA ARG B 315 5.07 -9.40 -59.55
C ARG B 315 6.35 -10.22 -59.63
N SER B 316 6.46 -11.11 -60.62
CA SER B 316 7.71 -11.85 -60.83
C SER B 316 8.85 -10.91 -61.19
N ILE B 317 8.54 -9.82 -61.90
CA ILE B 317 9.56 -8.80 -62.19
C ILE B 317 10.02 -8.15 -60.89
N ARG B 318 9.08 -7.89 -59.97
CA ARG B 318 9.45 -7.34 -58.67
C ARG B 318 10.31 -8.32 -57.89
N SER B 319 10.00 -9.61 -57.96
CA SER B 319 10.82 -10.61 -57.30
C SER B 319 12.22 -10.67 -57.91
N PHE B 320 12.31 -10.54 -59.23
CA PHE B 320 13.62 -10.50 -59.89
C PHE B 320 14.42 -9.28 -59.46
N ASN B 321 13.75 -8.13 -59.33
CA ASN B 321 14.43 -6.93 -58.84
C ASN B 321 14.91 -7.12 -57.41
N LEU B 322 14.10 -7.77 -56.58
CA LEU B 322 14.53 -8.07 -55.21
C LEU B 322 15.73 -9.00 -55.21
N ASP B 323 15.75 -9.98 -56.11
CA ASP B 323 16.91 -10.88 -56.21
C ASP B 323 18.15 -10.13 -56.66
N LEU B 324 18.01 -9.22 -57.61
CA LEU B 324 19.14 -8.41 -58.05
C LEU B 324 19.67 -7.55 -56.91
N LEU B 325 18.77 -6.96 -56.12
CA LEU B 325 19.20 -6.18 -54.97
C LEU B 325 19.85 -7.07 -53.91
N ASN B 326 19.40 -8.32 -53.77
CA ASN B 326 20.05 -9.26 -52.88
C ASN B 326 21.48 -9.56 -53.35
N SER B 327 21.66 -9.71 -54.66
CA SER B 327 23.00 -9.88 -55.21
C SER B 327 23.85 -8.63 -54.93
N SER B 328 23.25 -7.46 -55.03
CA SER B 328 23.97 -6.22 -54.71
C SER B 328 24.40 -6.20 -53.24
N PHE B 329 23.51 -6.64 -52.35
CA PHE B 329 23.85 -6.70 -50.92
C PHE B 329 24.96 -7.73 -50.68
N PHE B 330 24.91 -8.87 -51.37
CA PHE B 330 25.98 -9.86 -51.25
C PHE B 330 27.31 -9.29 -51.72
N SER B 331 27.29 -8.51 -52.81
CA SER B 331 28.50 -7.83 -53.24
C SER B 331 28.98 -6.83 -52.20
N LEU B 332 28.05 -6.10 -51.58
CA LEU B 332 28.39 -5.17 -50.52
C LEU B 332 28.87 -5.87 -49.25
N LYS B 333 28.65 -7.18 -49.14
CA LYS B 333 29.18 -7.93 -48.01
C LYS B 333 30.70 -8.08 -48.06
N ASN B 334 31.33 -7.72 -49.18
CA ASN B 334 32.78 -7.81 -49.30
C ASN B 334 33.48 -6.80 -48.41
N PHE B 335 34.79 -6.98 -48.25
CA PHE B 335 35.57 -6.12 -47.36
C PHE B 335 35.64 -4.67 -47.85
N LEU B 336 35.37 -4.43 -49.13
CA LEU B 336 35.44 -3.07 -49.66
C LEU B 336 34.27 -2.20 -49.21
N ASN B 337 33.25 -2.78 -48.58
CA ASN B 337 32.09 -2.03 -48.11
C ASN B 337 31.87 -2.28 -46.62
N PHE B 338 31.25 -1.32 -45.96
CA PHE B 338 31.02 -1.38 -44.52
C PHE B 338 29.85 -2.33 -44.22
N PHE B 339 29.48 -2.39 -42.94
CA PHE B 339 28.39 -3.25 -42.52
C PHE B 339 27.06 -2.74 -43.05
N GLY B 340 26.18 -3.68 -43.40
CA GLY B 340 24.89 -3.35 -43.96
C GLY B 340 23.76 -3.14 -42.97
N LYS B 341 24.05 -3.16 -41.67
CA LYS B 341 23.01 -2.97 -40.67
C LYS B 341 22.41 -1.58 -40.75
N ARG B 342 23.25 -0.56 -40.95
CA ARG B 342 22.82 0.81 -41.20
C ARG B 342 21.95 1.35 -40.06
N SER B 343 22.56 1.49 -38.88
CA SER B 343 21.92 2.08 -37.72
C SER B 343 22.87 3.05 -37.05
N SER B 344 22.32 3.82 -36.11
CA SER B 344 23.08 4.83 -35.37
C SER B 344 23.75 5.82 -36.32
N LEU B 345 22.99 6.27 -37.32
CA LEU B 345 23.53 7.19 -38.32
C LEU B 345 23.94 8.50 -37.67
N SER B 346 25.03 9.08 -38.16
CA SER B 346 25.56 10.31 -37.58
C SER B 346 24.59 11.47 -37.85
N LEU B 347 24.29 12.22 -36.79
CA LEU B 347 23.39 13.38 -36.87
C LEU B 347 22.03 12.99 -37.45
N ALA B 348 21.54 11.82 -37.06
CA ALA B 348 20.24 11.31 -37.53
C ALA B 348 19.14 11.90 -36.66
N ASN B 349 18.48 12.94 -37.16
CA ASN B 349 17.37 13.59 -36.45
C ASN B 349 16.07 12.98 -36.97
N PHE B 350 15.48 12.09 -36.17
CA PHE B 350 14.32 11.34 -36.61
C PHE B 350 13.10 12.25 -36.73
N ARG B 351 12.35 12.08 -37.82
CA ARG B 351 11.11 12.78 -38.09
C ARG B 351 11.27 14.30 -38.04
N PHE B 352 12.50 14.81 -38.19
CA PHE B 352 12.77 16.23 -38.04
C PHE B 352 12.76 16.97 -39.37
N HIS B 353 13.65 16.60 -40.30
CA HIS B 353 13.86 17.41 -41.50
C HIS B 353 13.47 16.72 -42.79
N THR B 354 14.11 15.61 -43.15
CA THR B 354 13.96 15.05 -44.49
C THR B 354 14.63 13.69 -44.53
N VAL B 355 14.67 13.11 -45.75
CA VAL B 355 15.37 11.85 -46.05
C VAL B 355 14.68 10.68 -45.37
N GLU B 356 13.41 10.85 -45.01
CA GLU B 356 12.64 9.72 -44.48
C GLU B 356 12.31 8.72 -45.57
N PRO B 357 11.52 9.06 -46.59
CA PRO B 357 11.18 8.09 -47.65
C PRO B 357 11.99 8.22 -48.93
N LYS B 358 12.90 9.20 -49.04
CA LYS B 358 13.72 9.48 -50.21
C LYS B 358 12.89 9.91 -51.42
N ASN B 359 11.58 10.10 -51.26
CA ASN B 359 10.72 10.57 -52.32
C ASN B 359 9.80 11.63 -51.76
N ASN B 360 9.62 12.73 -52.51
CA ASN B 360 8.78 13.82 -52.05
C ASN B 360 7.32 13.39 -51.92
N ILE B 361 6.84 12.58 -52.87
CA ILE B 361 5.45 12.16 -52.85
C ILE B 361 5.16 11.32 -51.63
N ALA B 362 6.05 10.37 -51.30
CA ALA B 362 5.82 9.49 -50.16
C ALA B 362 5.83 10.28 -48.85
N LYS B 363 6.90 11.05 -48.61
CA LYS B 363 7.02 11.92 -47.44
C LYS B 363 6.71 11.16 -46.15
N LEU B 364 7.26 9.96 -46.03
CA LEU B 364 6.98 9.11 -44.88
C LEU B 364 7.60 9.70 -43.61
N TYR B 365 7.36 9.02 -42.50
CA TYR B 365 7.88 9.44 -41.21
C TYR B 365 9.27 8.83 -40.99
N ASP B 366 9.82 9.00 -39.78
CA ASP B 366 11.13 8.50 -39.40
C ASP B 366 12.22 9.06 -40.31
N PRO B 367 12.52 10.35 -40.23
CA PRO B 367 13.58 10.90 -41.08
C PRO B 367 14.97 10.50 -40.63
N ARG B 368 15.60 9.60 -41.37
CA ARG B 368 16.97 9.18 -41.08
C ARG B 368 17.93 10.12 -41.78
N LEU B 369 18.85 10.72 -41.02
CA LEU B 369 19.79 11.69 -41.54
C LEU B 369 21.21 11.15 -41.42
N HIS B 370 22.01 11.40 -42.46
CA HIS B 370 23.39 10.97 -42.51
C HIS B 370 24.31 12.19 -42.50
N LEU B 371 25.44 12.08 -41.80
CA LEU B 371 26.40 13.18 -41.69
C LEU B 371 27.76 12.82 -42.27
N PHE B 372 27.86 11.73 -43.03
CA PHE B 372 29.12 11.31 -43.64
C PHE B 372 30.22 11.10 -42.59
N PHE B 373 29.84 10.55 -41.44
CA PHE B 373 30.78 10.32 -40.36
C PHE B 373 30.55 8.96 -39.71
N PHE B 381 25.31 8.30 -41.05
CA PHE B 381 26.56 8.47 -41.78
C PHE B 381 26.40 8.08 -43.25
N GLU B 382 26.87 8.96 -44.14
CA GLU B 382 26.77 8.69 -45.57
C GLU B 382 27.56 7.44 -45.96
N SER B 383 28.67 7.19 -45.27
CA SER B 383 29.43 5.96 -45.53
C SER B 383 28.58 4.73 -45.26
N TYR B 384 27.82 4.74 -44.17
CA TYR B 384 26.84 3.68 -43.93
C TYR B 384 25.59 3.87 -44.79
N PHE B 385 25.28 5.11 -45.17
CA PHE B 385 24.08 5.37 -45.96
C PHE B 385 24.20 4.82 -47.38
N ILE B 386 25.41 4.63 -47.89
CA ILE B 386 25.56 4.00 -49.21
C ILE B 386 25.02 2.57 -49.17
N TYR B 387 25.47 1.79 -48.19
CA TYR B 387 24.93 0.44 -48.02
C TYR B 387 23.47 0.48 -47.62
N PHE B 388 23.05 1.50 -46.88
CA PHE B 388 21.64 1.64 -46.54
C PHE B 388 20.77 1.79 -47.79
N PHE B 389 21.22 2.61 -48.74
CA PHE B 389 20.49 2.76 -50.00
C PHE B 389 20.57 1.50 -50.84
N LEU B 390 21.72 0.81 -50.81
CA LEU B 390 21.83 -0.47 -51.51
C LEU B 390 20.81 -1.47 -50.98
N ALA B 391 20.58 -1.47 -49.67
CA ALA B 391 19.57 -2.35 -49.09
C ALA B 391 18.16 -1.86 -49.38
N LYS B 392 17.96 -0.54 -49.32
CA LYS B 392 16.66 0.06 -49.60
C LYS B 392 16.25 -0.09 -51.06
N LEU B 393 17.19 -0.47 -51.94
CA LEU B 393 16.82 -0.79 -53.31
C LEU B 393 15.75 -1.87 -53.37
N ILE B 394 15.74 -2.77 -52.39
CA ILE B 394 14.66 -3.74 -52.25
C ILE B 394 13.86 -3.55 -50.97
N LEU B 395 14.38 -2.79 -49.99
CA LEU B 395 13.63 -2.58 -48.76
C LEU B 395 12.52 -1.55 -48.93
N LEU B 396 12.72 -0.54 -49.78
CA LEU B 396 11.71 0.51 -49.92
C LEU B 396 10.40 -0.05 -50.48
N LYS B 397 10.50 -0.96 -51.45
CA LYS B 397 9.33 -1.59 -52.06
C LYS B 397 9.29 -3.05 -51.65
N LYS B 398 8.14 -3.48 -51.11
CA LYS B 398 8.00 -4.86 -50.67
C LYS B 398 8.08 -5.86 -51.82
N THR B 399 7.84 -5.41 -53.05
CA THR B 399 7.94 -6.25 -54.25
C THR B 399 7.02 -7.47 -54.15
N SER B 417 3.74 -0.93 -50.61
CA SER B 417 4.71 -1.90 -50.15
C SER B 417 4.11 -2.84 -49.11
N GLN B 418 3.31 -3.80 -49.58
CA GLN B 418 2.66 -4.77 -48.70
C GLN B 418 3.71 -5.71 -48.14
N ILE B 419 4.20 -5.40 -46.95
CA ILE B 419 5.29 -6.15 -46.33
C ILE B 419 4.78 -7.01 -45.17
N GLU B 420 3.48 -7.26 -45.09
CA GLU B 420 2.96 -8.14 -44.05
C GLU B 420 3.33 -9.59 -44.32
N GLU B 421 2.87 -10.13 -45.45
CA GLU B 421 3.29 -11.47 -45.85
C GLU B 421 4.78 -11.52 -46.14
N LEU B 422 5.36 -10.42 -46.62
CA LEU B 422 6.81 -10.37 -46.83
C LEU B 422 7.55 -10.53 -45.51
N LEU B 423 7.09 -9.85 -44.45
CA LEU B 423 7.71 -10.03 -43.14
C LEU B 423 7.46 -11.42 -42.60
N LEU B 424 6.29 -11.98 -42.85
CA LEU B 424 5.98 -13.33 -42.38
C LEU B 424 6.90 -14.36 -43.02
N GLN B 425 7.16 -14.22 -44.32
CA GLN B 425 7.94 -15.21 -45.06
C GLN B 425 9.44 -14.96 -45.03
N ALA B 426 9.88 -13.74 -44.74
CA ALA B 426 11.30 -13.39 -44.76
C ALA B 426 11.95 -13.45 -43.39
N GLU B 427 11.23 -13.89 -42.35
CA GLU B 427 11.76 -13.96 -41.00
C GLU B 427 12.68 -15.16 -40.86
N LEU B 428 13.85 -15.06 -41.50
CA LEU B 428 14.87 -16.10 -41.44
C LEU B 428 15.92 -15.86 -40.37
N ALA B 429 15.81 -14.77 -39.61
CA ALA B 429 16.70 -14.39 -38.53
C ALA B 429 18.15 -14.17 -39.00
N ASN B 430 18.36 -14.02 -40.31
CA ASN B 430 19.69 -13.74 -40.82
C ASN B 430 20.07 -12.28 -40.58
N ILE B 431 21.38 -12.03 -40.47
CA ILE B 431 21.86 -10.68 -40.20
C ILE B 431 21.52 -9.75 -41.37
N SER B 432 21.81 -10.20 -42.60
CA SER B 432 21.48 -9.40 -43.77
C SER B 432 19.97 -9.25 -43.92
N ALA B 433 19.23 -10.33 -43.67
CA ALA B 433 17.77 -10.25 -43.70
C ALA B 433 17.25 -9.29 -42.64
N SER B 434 17.85 -9.32 -41.44
CA SER B 434 17.45 -8.38 -40.40
C SER B 434 17.71 -6.95 -40.81
N SER B 435 18.87 -6.69 -41.42
CA SER B 435 19.18 -5.33 -41.87
C SER B 435 18.21 -4.87 -42.95
N PHE B 436 17.91 -5.75 -43.91
CA PHE B 436 16.95 -5.39 -44.96
C PHE B 436 15.57 -5.11 -44.38
N SER B 437 15.12 -5.94 -43.44
CA SER B 437 13.82 -5.71 -42.81
C SER B 437 13.82 -4.40 -42.03
N LEU B 438 14.91 -4.09 -41.34
CA LEU B 438 15.00 -2.83 -40.61
C LEU B 438 14.93 -1.64 -41.55
N GLN B 439 15.63 -1.72 -42.69
CA GLN B 439 15.56 -0.65 -43.67
C GLN B 439 14.16 -0.53 -44.27
N LEU B 440 13.46 -1.65 -44.43
CA LEU B 440 12.13 -1.63 -45.04
C LEU B 440 11.08 -1.06 -44.08
N MET B 441 11.18 -1.40 -42.80
CA MET B 441 10.05 -1.21 -41.88
C MET B 441 9.67 0.26 -41.76
N VAL B 442 10.65 1.15 -41.62
CA VAL B 442 10.37 2.55 -41.31
C VAL B 442 9.50 3.19 -42.39
N ILE B 443 9.56 2.68 -43.62
CA ILE B 443 8.79 3.25 -44.72
C ILE B 443 7.65 2.35 -45.18
N ILE B 444 7.66 1.06 -44.82
CA ILE B 444 6.64 0.13 -45.30
C ILE B 444 5.76 -0.38 -44.17
N THR B 445 5.85 0.22 -42.98
CA THR B 445 5.01 -0.24 -41.88
C THR B 445 3.52 -0.06 -42.19
N ALA B 446 3.12 1.15 -42.61
CA ALA B 446 1.72 1.39 -42.92
C ALA B 446 1.27 0.58 -44.13
N ILE B 447 2.11 0.51 -45.16
CA ILE B 447 1.73 -0.21 -46.38
C ILE B 447 1.57 -1.69 -46.10
N SER B 448 2.38 -2.25 -45.20
CA SER B 448 2.25 -3.67 -44.86
C SER B 448 0.91 -3.96 -44.19
N ASP B 449 0.48 -3.07 -43.30
CA ASP B 449 -0.75 -3.27 -42.52
C ASP B 449 -0.70 -4.59 -41.74
N ASN B 450 0.47 -4.90 -41.21
CA ASN B 450 0.64 -6.12 -40.45
C ASN B 450 -0.07 -6.01 -39.10
N LEU B 451 -0.29 -7.16 -38.48
CA LEU B 451 -0.93 -7.20 -37.18
C LEU B 451 0.00 -6.64 -36.10
N THR B 452 -0.60 -6.18 -35.00
CA THR B 452 0.19 -5.71 -33.87
C THR B 452 1.05 -6.82 -33.29
N ASN B 453 0.59 -8.08 -33.40
CA ASN B 453 1.42 -9.20 -32.98
C ASN B 453 2.70 -9.29 -33.81
N ASP B 454 2.61 -9.00 -35.10
CA ASP B 454 3.81 -8.99 -35.94
C ASP B 454 4.78 -7.91 -35.51
N ASP B 455 4.27 -6.73 -35.16
CA ASP B 455 5.13 -5.66 -34.67
C ASP B 455 5.78 -6.04 -33.34
N LEU B 456 5.01 -6.66 -32.45
CA LEU B 456 5.57 -7.10 -31.17
C LEU B 456 6.64 -8.16 -31.38
N LEU B 457 6.41 -9.09 -32.31
CA LEU B 457 7.40 -10.11 -32.62
C LEU B 457 8.67 -9.49 -33.21
N SER B 458 8.50 -8.48 -34.07
CA SER B 458 9.66 -7.77 -34.61
C SER B 458 10.44 -7.07 -33.50
N ILE B 459 9.73 -6.46 -32.55
CA ILE B 459 10.38 -5.80 -31.42
C ILE B 459 11.13 -6.82 -30.57
N GLN B 460 10.52 -7.98 -30.35
CA GLN B 460 11.18 -9.04 -29.57
C GLN B 460 12.42 -9.56 -30.29
N LYS B 461 12.33 -9.73 -31.61
CA LYS B 461 13.50 -10.14 -32.38
C LYS B 461 14.60 -9.10 -32.31
N MET B 462 14.23 -7.82 -32.35
CA MET B 462 15.20 -6.75 -32.19
C MET B 462 15.87 -6.80 -30.82
N SER B 463 15.09 -7.04 -29.77
CA SER B 463 15.66 -7.17 -28.44
C SER B 463 16.63 -8.34 -28.38
N LEU B 464 16.25 -9.48 -28.96
CA LEU B 464 17.12 -10.66 -28.96
C LEU B 464 18.41 -10.40 -29.72
N ASN B 465 18.32 -9.75 -30.88
CA ASN B 465 19.51 -9.47 -31.67
C ASN B 465 20.40 -8.43 -31.00
N PHE B 466 19.81 -7.46 -30.30
CA PHE B 466 20.60 -6.50 -29.56
C PHE B 466 21.29 -7.15 -28.37
N THR B 467 20.65 -8.13 -27.74
CA THR B 467 21.30 -8.89 -26.68
C THR B 467 22.48 -9.70 -27.21
N GLU B 468 22.51 -10.01 -28.50
CA GLU B 468 23.64 -10.71 -29.09
C GLU B 468 24.86 -9.81 -29.11
N LYS B 469 26.03 -10.40 -28.80
CA LYS B 469 27.26 -9.62 -28.73
C LYS B 469 27.75 -9.18 -30.11
N LYS B 470 27.22 -9.75 -31.18
CA LYS B 470 27.65 -9.37 -32.52
C LYS B 470 27.29 -7.92 -32.80
N ASN B 471 28.27 -7.17 -33.33
CA ASN B 471 28.03 -5.76 -33.65
C ASN B 471 27.03 -5.62 -34.78
N GLU B 472 27.14 -6.45 -35.81
CA GLU B 472 26.24 -6.35 -36.96
C GLU B 472 24.80 -6.68 -36.57
N LEU B 473 24.61 -7.77 -35.82
CA LEU B 473 23.27 -8.15 -35.40
C LEU B 473 22.67 -7.10 -34.47
N GLN B 474 23.46 -6.60 -33.52
CA GLN B 474 22.97 -5.57 -32.61
C GLN B 474 22.61 -4.29 -33.37
N SER B 475 23.43 -3.92 -34.36
CA SER B 475 23.14 -2.71 -35.13
C SER B 475 21.88 -2.88 -35.99
N TRP B 476 21.71 -4.05 -36.60
CA TRP B 476 20.48 -4.30 -37.34
C TRP B 476 19.27 -4.25 -36.42
N SER B 477 19.40 -4.79 -35.21
CA SER B 477 18.33 -4.71 -34.23
C SER B 477 18.03 -3.26 -33.85
N PHE B 478 19.08 -2.45 -33.69
CA PHE B 478 18.89 -1.05 -33.37
C PHE B 478 18.19 -0.31 -34.51
N PHE B 479 18.53 -0.64 -35.75
CA PHE B 479 17.84 -0.04 -36.89
C PHE B 479 16.37 -0.43 -36.93
N ILE B 480 16.08 -1.71 -36.63
CA ILE B 480 14.69 -2.15 -36.59
C ILE B 480 13.93 -1.44 -35.47
N LEU B 481 14.57 -1.27 -34.32
CA LEU B 481 13.95 -0.54 -33.21
C LEU B 481 13.70 0.92 -33.57
N PHE B 482 14.64 1.53 -34.29
CA PHE B 482 14.44 2.90 -34.75
C PHE B 482 13.27 3.00 -35.71
N ASN B 483 13.14 2.02 -36.61
CA ASN B 483 11.99 1.98 -37.50
C ASN B 483 10.69 1.80 -36.72
N ILE B 484 10.73 0.99 -35.66
CA ILE B 484 9.53 0.74 -34.87
C ILE B 484 9.13 1.98 -34.08
N CYS B 485 10.12 2.71 -33.53
CA CYS B 485 9.81 3.88 -32.71
C CYS B 485 9.08 4.94 -33.52
N TYR B 486 9.53 5.18 -34.75
CA TYR B 486 8.84 6.07 -35.69
C TYR B 486 8.41 5.19 -36.85
N ASN B 487 7.26 4.55 -36.72
CA ASN B 487 6.74 3.60 -37.70
C ASN B 487 5.53 4.19 -38.39
N LYS B 488 5.43 3.96 -39.71
CA LYS B 488 4.26 4.41 -40.45
C LYS B 488 2.99 3.71 -39.98
N ALA B 489 3.11 2.55 -39.36
CA ALA B 489 1.98 1.85 -38.76
C ALA B 489 2.03 1.99 -37.24
N TYR B 490 0.86 1.89 -36.63
CA TYR B 490 0.72 2.05 -35.18
C TYR B 490 1.22 0.77 -34.50
N SER B 491 2.33 0.88 -33.78
CA SER B 491 2.86 -0.27 -33.05
C SER B 491 2.00 -0.57 -31.83
N SER B 492 2.10 -1.81 -31.37
CA SER B 492 1.36 -2.22 -30.19
C SER B 492 1.89 -1.52 -28.95
N MET B 493 1.01 -1.33 -27.97
CA MET B 493 1.41 -0.69 -26.72
C MET B 493 2.49 -1.50 -26.01
N LEU B 494 2.34 -2.83 -26.01
CA LEU B 494 3.39 -3.69 -25.46
C LEU B 494 4.68 -3.55 -26.26
N THR B 495 4.57 -3.48 -27.59
CA THR B 495 5.76 -3.26 -28.42
C THR B 495 6.38 -1.90 -28.13
N THR B 496 5.55 -0.88 -27.92
CA THR B 496 6.08 0.44 -27.57
C THR B 496 6.81 0.41 -26.23
N SER B 497 6.25 -0.30 -25.25
CA SER B 497 6.93 -0.43 -23.95
C SER B 497 8.25 -1.19 -24.09
N CYS B 498 8.26 -2.23 -24.92
CA CYS B 498 9.49 -2.97 -25.15
C CYS B 498 10.55 -2.09 -25.81
N LYS B 499 10.14 -1.27 -26.78
CA LYS B 499 11.07 -0.34 -27.41
C LYS B 499 11.57 0.69 -26.41
N LYS B 500 10.70 1.14 -25.51
CA LYS B 500 11.12 2.06 -24.46
C LYS B 500 12.15 1.42 -23.54
N GLU B 501 11.94 0.15 -23.20
CA GLU B 501 12.92 -0.56 -22.38
C GLU B 501 14.25 -0.72 -23.11
N ILE B 502 14.19 -1.02 -24.41
CA ILE B 502 15.42 -1.12 -25.20
C ILE B 502 16.14 0.21 -25.24
N LEU B 503 15.40 1.31 -25.39
CA LEU B 503 16.00 2.63 -25.36
C LEU B 503 16.60 2.95 -24.00
N ALA B 504 15.95 2.50 -22.92
CA ALA B 504 16.51 2.68 -21.59
C ALA B 504 17.82 1.91 -21.44
N ALA B 505 17.87 0.68 -21.96
CA ALA B 505 19.11 -0.08 -21.93
C ALA B 505 20.20 0.61 -22.75
N ALA B 506 19.83 1.17 -23.90
CA ALA B 506 20.79 1.92 -24.71
C ALA B 506 21.31 3.15 -23.96
N SER B 507 20.42 3.85 -23.25
CA SER B 507 20.84 5.01 -22.47
C SER B 507 21.77 4.59 -21.34
N ARG B 508 21.49 3.45 -20.70
CA ARG B 508 22.38 2.94 -19.66
C ARG B 508 23.75 2.60 -20.24
N GLY B 509 23.78 1.98 -21.42
CA GLY B 509 25.04 1.72 -22.09
C GLY B 509 25.74 2.97 -22.59
N LEU B 510 24.99 4.06 -22.74
CA LEU B 510 25.58 5.34 -23.15
C LEU B 510 26.48 5.94 -22.08
N LEU B 511 26.48 5.38 -20.86
CA LEU B 511 27.46 5.79 -19.86
C LEU B 511 28.87 5.60 -20.38
N ASN B 512 29.09 4.56 -21.18
CA ASN B 512 30.34 4.37 -21.89
C ASN B 512 30.28 5.07 -23.24
N SER B 513 31.40 5.70 -23.63
CA SER B 513 31.41 6.48 -24.86
C SER B 513 31.23 5.59 -26.09
N VAL B 514 31.70 4.35 -26.04
CA VAL B 514 31.53 3.44 -27.17
C VAL B 514 30.06 3.14 -27.41
N THR B 515 29.32 2.88 -26.33
CA THR B 515 27.89 2.60 -26.44
C THR B 515 27.06 3.70 -25.79
N PRO B 517 27.02 7.45 -27.85
CA PRO B 517 26.76 8.07 -29.16
C PRO B 517 25.95 7.16 -30.08
N VAL B 518 26.42 5.93 -30.28
CA VAL B 518 25.71 4.98 -31.12
C VAL B 518 24.35 4.66 -30.54
N CYS B 519 24.28 4.47 -29.22
CA CYS B 519 23.02 4.13 -28.57
C CYS B 519 21.99 5.24 -28.72
N TYR B 520 22.42 6.50 -28.53
CA TYR B 520 21.48 7.62 -28.65
C TYR B 520 21.08 7.84 -30.10
N GLN B 521 22.03 7.71 -31.03
CA GLN B 521 21.69 7.85 -32.45
C GLN B 521 20.72 6.77 -32.88
N ILE B 522 20.92 5.54 -32.41
CA ILE B 522 19.98 4.47 -32.68
C ILE B 522 18.67 4.77 -31.95
N LEU B 523 17.55 4.63 -32.67
CA LEU B 523 16.22 4.92 -32.14
C LEU B 523 16.14 6.36 -31.64
N THR B 524 16.48 7.28 -32.54
CA THR B 524 16.43 8.71 -32.20
C THR B 524 15.01 9.15 -31.86
N TYR B 525 14.03 8.69 -32.64
CA TYR B 525 12.64 8.98 -32.32
C TYR B 525 12.24 8.38 -30.98
N PHE B 526 12.82 7.23 -30.63
CA PHE B 526 12.63 6.68 -29.28
C PHE B 526 13.44 7.48 -28.26
N ASN B 527 14.68 7.82 -28.59
CA ASN B 527 15.49 8.62 -27.68
C ASN B 527 14.86 9.99 -27.45
N MET B 528 14.35 10.61 -28.52
CA MET B 528 13.58 11.83 -28.39
C MET B 528 12.14 11.51 -27.99
N TYR B 529 11.38 12.56 -27.67
CA TYR B 529 9.97 12.40 -27.34
C TYR B 529 9.19 12.13 -28.62
N ARG B 530 8.92 10.87 -28.90
CA ARG B 530 8.15 10.53 -30.08
C ARG B 530 6.72 11.05 -29.95
N PRO B 531 6.11 11.53 -31.02
CA PRO B 531 4.76 12.08 -30.92
C PRO B 531 3.74 11.00 -30.56
N LEU B 532 2.68 11.44 -29.88
CA LEU B 532 1.52 10.65 -29.49
C LEU B 532 1.84 9.56 -28.46
N CYS B 533 3.10 9.41 -28.05
CA CYS B 533 3.43 8.46 -27.01
C CYS B 533 2.92 8.96 -25.66
N PHE B 534 2.49 8.03 -24.82
CA PHE B 534 1.99 8.39 -23.49
C PHE B 534 3.10 9.07 -22.70
N ALA B 535 2.76 10.22 -22.10
CA ALA B 535 3.78 10.97 -21.35
C ALA B 535 4.19 10.23 -20.08
N SER B 536 3.24 9.56 -19.43
CA SER B 536 3.59 8.78 -18.25
C SER B 536 4.55 7.66 -18.59
N ILE B 537 4.34 6.99 -19.73
CA ILE B 537 5.22 5.92 -20.15
C ILE B 537 6.61 6.45 -20.47
N PHE B 538 6.71 7.71 -20.92
CA PHE B 538 8.01 8.28 -21.24
C PHE B 538 8.95 8.32 -20.04
N PRO B 539 8.54 8.79 -18.87
CA PRO B 539 9.44 8.76 -17.71
C PRO B 539 9.84 7.37 -17.28
N PHE B 540 9.03 6.35 -17.59
CA PHE B 540 9.43 4.98 -17.29
C PHE B 540 10.72 4.62 -18.02
N ILE B 541 10.81 4.96 -19.30
CA ILE B 541 12.04 4.74 -20.05
C ILE B 541 13.13 5.70 -19.60
N LYS B 542 12.76 6.97 -19.33
CA LYS B 542 13.74 8.00 -19.03
C LYS B 542 14.36 7.85 -17.64
N GLN B 543 13.75 7.07 -16.74
CA GLN B 543 14.29 6.94 -15.40
C GLN B 543 15.62 6.21 -15.41
N GLN B 544 15.82 5.29 -16.37
CA GLN B 544 17.12 4.65 -16.52
C GLN B 544 18.18 5.68 -16.85
N PHE B 545 17.88 6.63 -17.73
CA PHE B 545 18.73 7.78 -17.96
C PHE B 545 18.53 8.78 -16.83
N ILE B 546 19.27 9.89 -16.90
CA ILE B 546 19.19 10.96 -15.91
C ILE B 546 19.44 10.42 -14.52
N LEU B 547 20.24 9.35 -14.43
CA LEU B 547 20.61 8.74 -13.16
C LEU B 547 22.03 9.11 -12.72
N PHE B 548 22.59 10.17 -13.31
CA PHE B 548 23.93 10.68 -13.02
C PHE B 548 25.01 9.76 -13.56
N ASN B 549 24.61 8.60 -14.08
CA ASN B 549 25.54 7.67 -14.73
C ASN B 549 25.18 7.40 -16.17
N ASP B 550 23.91 7.09 -16.45
CA ASP B 550 23.51 6.76 -17.82
C ASP B 550 23.65 7.96 -18.74
N TYR B 551 23.29 9.16 -18.26
CA TYR B 551 23.40 10.35 -19.08
C TYR B 551 24.86 10.65 -19.40
N SER B 552 25.09 11.14 -20.61
CA SER B 552 26.44 11.44 -21.07
C SER B 552 26.36 12.51 -22.15
N PRO B 553 27.45 13.24 -22.40
CA PRO B 553 27.44 14.22 -23.49
C PRO B 553 27.64 13.60 -24.87
N MET B 554 28.20 12.40 -24.95
CA MET B 554 28.49 11.77 -26.23
C MET B 554 27.23 11.41 -27.01
N LEU B 555 26.05 11.49 -26.39
CA LEU B 555 24.80 11.18 -27.04
C LEU B 555 24.59 12.07 -28.28
N SER B 556 23.65 11.64 -29.12
CA SER B 556 23.40 12.37 -30.37
C SER B 556 22.91 13.78 -30.08
N TYR B 557 23.24 14.69 -30.99
CA TYR B 557 22.90 16.10 -30.82
C TYR B 557 21.38 16.29 -30.78
N GLU B 558 20.96 17.30 -30.01
CA GLU B 558 19.58 17.71 -29.82
C GLU B 558 18.75 16.70 -29.04
N ALA B 559 19.31 15.55 -28.67
CA ALA B 559 18.59 14.62 -27.81
C ALA B 559 18.29 15.24 -26.46
N ILE B 560 19.29 15.93 -25.88
CA ILE B 560 19.07 16.65 -24.63
C ILE B 560 18.05 17.75 -24.84
N ASP B 561 18.09 18.43 -25.98
CA ASP B 561 17.10 19.45 -26.29
C ASP B 561 15.71 18.84 -26.40
N TYR B 562 15.61 17.67 -27.02
CA TYR B 562 14.31 17.00 -27.12
C TYR B 562 13.79 16.63 -25.74
N TRP B 563 14.66 16.11 -24.87
CA TRP B 563 14.24 15.78 -23.51
C TRP B 563 13.81 17.02 -22.75
N LYS B 564 14.52 18.14 -22.94
CA LYS B 564 14.13 19.39 -22.29
C LYS B 564 12.77 19.85 -22.77
N SER B 565 12.51 19.73 -24.07
CA SER B 565 11.20 20.08 -24.61
C SER B 565 10.12 19.18 -24.02
N LEU B 566 10.40 17.89 -23.90
CA LEU B 566 9.45 16.95 -23.32
C LEU B 566 9.29 17.18 -21.83
N ILE B 568 10.18 19.86 -20.52
CA ILE B 568 9.86 20.98 -19.64
C ILE B 568 9.10 22.04 -20.40
N LEU B 569 9.08 21.93 -21.72
CA LEU B 569 8.33 22.86 -22.55
C LEU B 569 6.87 22.43 -22.67
N LEU B 570 6.64 21.19 -23.10
CA LEU B 570 5.27 20.68 -23.21
C LEU B 570 4.78 20.16 -21.86
N ASN B 571 5.45 19.15 -21.31
CA ASN B 571 4.99 18.54 -20.07
C ASN B 571 5.28 19.40 -18.86
N GLU B 572 6.17 20.38 -18.97
CA GLU B 572 6.55 21.27 -17.87
C GLU B 572 7.08 20.46 -16.68
N ASN B 573 7.79 19.36 -16.98
CA ASN B 573 8.35 18.49 -15.95
C ASN B 573 9.61 19.15 -15.41
N LEU B 574 9.42 20.07 -14.46
CA LEU B 574 10.52 20.77 -13.83
C LEU B 574 10.54 20.63 -12.31
N PHE B 575 9.52 20.03 -11.71
CA PHE B 575 9.48 19.80 -10.27
C PHE B 575 10.16 18.47 -9.99
N VAL B 576 11.42 18.55 -9.52
CA VAL B 576 12.25 17.38 -9.26
C VAL B 576 12.47 16.60 -10.55
N GLY B 577 12.34 17.28 -11.69
CA GLY B 577 12.65 16.66 -12.96
C GLY B 577 13.56 17.51 -13.83
N GLN B 578 13.61 18.80 -13.54
CA GLN B 578 14.44 19.74 -14.30
C GLN B 578 14.99 20.80 -13.37
N SER B 579 16.12 21.38 -13.77
CA SER B 579 16.87 22.39 -13.02
C SER B 579 17.50 21.78 -11.77
N SER B 580 17.17 20.52 -11.48
CA SER B 580 17.80 19.77 -10.40
C SER B 580 18.15 18.39 -10.91
N PHE B 581 17.47 17.95 -11.97
CA PHE B 581 17.74 16.68 -12.64
C PHE B 581 18.23 16.88 -14.06
N LYS B 582 17.46 17.59 -14.89
CA LYS B 582 17.92 17.86 -16.25
C LYS B 582 19.16 18.74 -16.26
N SER B 583 19.16 19.79 -15.43
CA SER B 583 20.35 20.65 -15.35
C SER B 583 21.53 19.90 -14.74
N VAL B 584 21.26 19.04 -13.75
CA VAL B 584 22.33 18.24 -13.18
C VAL B 584 22.92 17.30 -14.24
N PHE B 585 22.05 16.68 -15.04
CA PHE B 585 22.53 15.80 -16.11
C PHE B 585 23.33 16.59 -17.13
N LEU B 586 22.87 17.79 -17.48
CA LEU B 586 23.60 18.62 -18.42
C LEU B 586 24.97 19.00 -17.89
N LYS B 587 25.05 19.37 -16.60
CA LYS B 587 26.34 19.71 -16.00
C LYS B 587 27.27 18.51 -15.95
N TRP B 588 26.74 17.34 -15.60
CA TRP B 588 27.57 16.13 -15.57
C TRP B 588 28.07 15.79 -16.96
N LEU B 589 27.23 15.95 -17.98
CA LEU B 589 27.67 15.73 -19.35
C LEU B 589 28.73 16.73 -19.76
N LYS B 590 28.57 18.00 -19.38
CA LYS B 590 29.53 19.02 -19.76
C LYS B 590 30.86 18.85 -19.06
N TRP B 591 30.86 18.27 -17.86
CA TRP B 591 32.10 18.09 -17.11
C TRP B 591 32.82 16.81 -17.54
N HIS B 592 32.12 15.69 -17.49
CA HIS B 592 32.70 14.39 -17.84
C HIS B 592 32.40 14.07 -19.30
N LEU B 593 33.43 13.64 -20.03
CA LEU B 593 33.39 13.32 -21.46
C LEU B 593 33.21 14.55 -22.34
N TYR B 594 33.02 15.73 -21.75
CA TYR B 594 33.02 16.99 -22.49
C TYR B 594 34.08 17.90 -21.88
N HIS B 595 34.86 18.55 -22.75
CA HIS B 595 36.04 19.32 -22.39
C HIS B 595 37.14 18.39 -21.91
N LEU B 596 36.84 17.10 -21.80
CA LEU B 596 37.81 16.03 -21.55
C LEU B 596 37.40 14.89 -22.48
N PHE B 597 37.90 14.93 -23.71
CA PHE B 597 37.45 14.02 -24.75
C PHE B 597 38.32 12.76 -24.78
N SER B 598 37.67 11.61 -24.83
CA SER B 598 38.40 10.37 -25.03
C SER B 598 39.10 10.35 -26.38
N LYS B 599 38.43 10.84 -27.42
CA LYS B 599 39.00 10.97 -28.75
C LYS B 599 38.81 12.42 -29.21
N GLU B 600 39.91 13.06 -29.59
CA GLU B 600 39.82 14.45 -30.06
C GLU B 600 39.11 14.54 -31.41
N GLY B 601 39.18 13.48 -32.22
CA GLY B 601 38.55 13.49 -33.52
C GLY B 601 37.05 13.30 -33.46
N GLU B 602 36.44 13.40 -34.64
CA GLU B 602 35.02 13.21 -34.91
C GLU B 602 34.14 14.29 -34.29
N LEU B 603 34.72 15.24 -33.54
CA LEU B 603 33.99 16.32 -32.91
C LEU B 603 32.79 15.81 -32.10
N PRO B 604 32.97 14.77 -31.29
CA PRO B 604 31.85 14.22 -30.51
C PRO B 604 31.36 15.23 -29.48
N PHE B 605 30.13 15.73 -29.67
CA PHE B 605 29.54 16.74 -28.80
C PHE B 605 30.44 17.96 -28.68
N PHE B 606 31.07 18.34 -29.79
CA PHE B 606 31.97 19.49 -29.79
C PHE B 606 31.20 20.78 -29.52
N SER B 607 31.84 21.68 -28.77
CA SER B 607 31.23 22.96 -28.44
C SER B 607 31.36 23.99 -29.55
N PHE B 608 32.08 23.66 -30.64
CA PHE B 608 32.21 24.61 -31.74
C PHE B 608 30.86 24.90 -32.38
N THR B 609 30.01 23.88 -32.52
CA THR B 609 28.67 24.10 -33.05
C THR B 609 27.86 24.96 -32.09
N ASP B 610 27.08 25.88 -32.65
CA ASP B 610 26.29 26.82 -31.85
C ASP B 610 24.97 26.23 -31.40
N SER B 611 24.67 24.98 -31.76
CA SER B 611 23.39 24.38 -31.38
C SER B 611 23.26 24.27 -29.86
N SER B 612 24.34 23.87 -29.18
CA SER B 612 24.31 23.79 -27.72
C SER B 612 24.10 25.17 -27.10
N ILE B 613 24.81 26.18 -27.63
CA ILE B 613 24.67 27.53 -27.10
C ILE B 613 23.25 28.06 -27.34
N ILE B 614 22.71 27.80 -28.54
CA ILE B 614 21.35 28.26 -28.84
C ILE B 614 20.34 27.58 -27.92
N ILE B 615 20.50 26.27 -27.70
CA ILE B 615 19.59 25.55 -26.83
C ILE B 615 19.67 26.09 -25.40
N PHE B 616 20.88 26.33 -24.92
CA PHE B 616 21.04 26.87 -23.56
C PHE B 616 20.41 28.25 -23.44
N ASP B 617 20.61 29.10 -24.45
CA ASP B 617 20.03 30.44 -24.41
C ASP B 617 18.50 30.38 -24.43
N LEU B 618 17.94 29.51 -25.27
CA LEU B 618 16.49 29.37 -25.33
C LEU B 618 15.93 28.84 -24.02
N LEU B 619 16.63 27.87 -23.40
CA LEU B 619 16.17 27.35 -22.12
C LEU B 619 16.24 28.41 -21.03
N MET B 620 17.32 29.18 -21.00
CA MET B 620 17.47 30.22 -19.97
C MET B 620 16.43 31.31 -20.14
N MET B 621 16.17 31.74 -21.38
CA MET B 621 15.19 32.80 -21.62
C MET B 621 13.78 32.33 -21.30
N ILE B 622 13.44 31.10 -21.68
CA ILE B 622 12.08 30.58 -21.47
C ILE B 622 11.84 30.14 -20.04
N PHE B 623 12.78 30.37 -19.13
CA PHE B 623 12.68 29.87 -17.76
C PHE B 623 11.57 30.62 -17.02
N TYR B 624 10.43 29.96 -16.86
CA TYR B 624 9.34 30.42 -16.02
C TYR B 624 8.84 31.81 -16.44
N ARG B 625 8.29 31.85 -17.65
CA ARG B 625 7.65 33.05 -18.19
C ARG B 625 6.85 32.66 -19.43
N PRO B 626 5.75 33.37 -19.72
CA PRO B 626 4.91 32.99 -20.85
C PRO B 626 5.50 33.46 -22.17
N LEU B 627 5.66 32.52 -23.11
CA LEU B 627 6.14 32.80 -24.46
C LEU B 627 7.45 33.58 -24.43
N SER B 628 8.34 33.19 -23.52
CA SER B 628 9.61 33.87 -23.33
C SER B 628 10.79 33.07 -23.85
N LEU B 629 10.57 32.17 -24.81
CA LEU B 629 11.66 31.38 -25.36
C LEU B 629 12.76 32.27 -25.93
N SER B 630 12.37 33.41 -26.51
CA SER B 630 13.27 34.43 -27.03
C SER B 630 14.21 33.91 -28.11
N TYR B 631 13.95 32.71 -28.64
CA TYR B 631 14.70 32.20 -29.78
C TYR B 631 14.08 32.67 -31.09
N ILE B 632 13.87 33.97 -31.20
CA ILE B 632 13.23 34.56 -32.37
C ILE B 632 14.30 34.89 -33.40
N THR B 633 14.19 34.29 -34.58
CA THR B 633 15.12 34.51 -35.69
C THR B 633 16.56 34.21 -35.26
N THR B 634 16.78 32.91 -34.97
CA THR B 634 18.10 32.44 -34.58
C THR B 634 19.16 32.72 -35.64
N GLU B 635 18.74 32.93 -36.90
CA GLU B 635 19.62 33.36 -37.98
C GLU B 635 20.67 32.29 -38.31
N ILE B 636 20.20 31.04 -38.43
CA ILE B 636 21.06 29.99 -38.97
C ILE B 636 21.40 30.31 -40.43
N ARG B 637 20.40 30.73 -41.20
CA ARG B 637 20.59 31.21 -42.58
C ARG B 637 21.24 30.16 -43.47
N SER B 638 20.99 28.88 -43.18
CA SER B 638 21.56 27.76 -43.91
C SER B 638 23.08 27.91 -44.04
N PRO B 639 23.77 28.30 -42.97
CA PRO B 639 25.22 28.45 -43.06
C PRO B 639 25.95 27.14 -42.79
N PHE B 640 25.22 26.17 -42.25
CA PHE B 640 25.83 24.88 -41.94
C PHE B 640 26.27 24.16 -43.20
N GLU B 641 25.44 24.18 -44.25
CA GLU B 641 25.70 23.44 -45.48
C GLU B 641 25.98 21.97 -45.19
N ARG B 642 25.09 21.37 -44.39
CA ARG B 642 25.28 20.01 -43.91
C ARG B 642 25.13 18.96 -45.00
N ASN B 643 24.64 19.35 -46.18
CA ASN B 643 24.50 18.39 -47.27
C ASN B 643 25.86 17.84 -47.68
N LEU B 644 25.93 16.53 -47.89
CA LEU B 644 27.15 15.84 -48.24
C LEU B 644 27.04 15.27 -49.65
N PHE B 645 28.07 14.53 -50.06
CA PHE B 645 28.09 13.91 -51.37
C PHE B 645 27.15 12.70 -51.41
N HIS B 646 26.80 12.30 -52.64
CA HIS B 646 25.95 11.16 -52.95
C HIS B 646 24.50 11.34 -52.48
N LEU B 647 24.12 12.54 -52.06
CA LEU B 647 22.73 12.81 -51.71
C LEU B 647 21.86 13.13 -52.92
N LYS B 648 22.47 13.42 -54.07
CA LYS B 648 21.70 13.75 -55.26
C LYS B 648 20.91 12.54 -55.76
N GLU B 649 21.47 11.34 -55.62
CA GLU B 649 20.76 10.14 -56.04
C GLU B 649 19.48 9.95 -55.22
N ALA B 650 19.65 9.95 -53.89
CA ALA B 650 18.52 9.73 -53.00
C ALA B 650 17.63 10.91 -53.16
N TRP B 651 18.25 12.05 -53.44
CA TRP B 651 17.46 13.21 -53.73
C TRP B 651 16.76 12.74 -54.96
N PRO B 653 14.47 11.17 -56.71
CA PRO B 653 13.03 10.85 -56.65
C PRO B 653 12.19 12.02 -56.18
N VAL B 654 12.72 12.85 -55.28
CA VAL B 654 12.00 14.03 -54.80
C VAL B 654 12.18 15.24 -55.70
N THR B 655 13.08 15.18 -56.68
CA THR B 655 13.32 16.33 -57.53
C THR B 655 12.11 16.68 -58.38
N LEU B 656 11.47 15.67 -58.97
CA LEU B 656 10.31 15.89 -59.83
C LEU B 656 9.05 15.82 -58.98
N ARG B 657 8.61 16.97 -58.48
CA ARG B 657 7.43 17.02 -57.64
C ARG B 657 6.15 16.83 -58.45
N PHE B 658 6.19 17.10 -59.74
CA PHE B 658 5.00 16.97 -60.58
C PHE B 658 4.72 15.50 -60.86
N PRO B 659 3.54 14.99 -60.53
CA PRO B 659 3.23 13.58 -60.81
C PRO B 659 2.64 13.40 -62.20
N TYR B 660 2.87 12.21 -62.75
CA TYR B 660 2.42 11.87 -64.09
C TYR B 660 0.94 11.49 -64.03
N THR B 661 0.08 12.44 -64.42
CA THR B 661 -1.37 12.22 -64.46
C THR B 661 -1.90 11.71 -63.12
N THR B 662 -1.51 12.39 -62.05
CA THR B 662 -1.93 12.03 -60.70
C THR B 662 -2.28 13.28 -59.93
N ASP B 663 -3.12 13.11 -58.90
CA ASP B 663 -3.54 14.21 -58.06
C ASP B 663 -2.37 14.82 -57.30
N SER B 678 7.78 35.77 -11.54
CA SER B 678 8.40 36.01 -12.84
C SER B 678 9.87 35.62 -12.83
N ASN B 679 10.65 36.21 -13.73
CA ASN B 679 12.07 35.94 -13.78
C ASN B 679 12.76 36.48 -12.52
N HIS B 680 13.78 35.76 -12.05
CA HIS B 680 14.50 36.11 -10.85
C HIS B 680 15.98 36.29 -11.17
N THR B 681 16.62 37.24 -10.48
CA THR B 681 18.04 37.46 -10.65
C THR B 681 18.87 36.28 -10.18
N ILE B 682 18.31 35.43 -9.32
CA ILE B 682 19.03 34.24 -8.87
C ILE B 682 19.28 33.30 -10.05
N ASP B 683 18.30 33.18 -10.95
CA ASP B 683 18.49 32.35 -12.13
C ASP B 683 19.59 32.90 -13.02
N CYS B 684 19.63 34.22 -13.19
CA CYS B 684 20.68 34.84 -14.00
C CYS B 684 22.06 34.62 -13.37
N ASP B 685 22.14 34.75 -12.04
CA ASP B 685 23.41 34.50 -11.35
C ASP B 685 23.85 33.05 -11.50
N SER B 686 22.89 32.12 -11.40
CA SER B 686 23.22 30.71 -11.59
C SER B 686 23.69 30.45 -13.02
N LEU B 687 23.05 31.08 -14.00
CA LEU B 687 23.49 30.94 -15.39
C LEU B 687 24.89 31.49 -15.58
N GLN B 688 25.19 32.63 -14.97
CA GLN B 688 26.53 33.19 -15.06
C GLN B 688 27.56 32.27 -14.40
N ASN B 689 27.21 31.67 -13.26
CA ASN B 689 28.12 30.73 -12.61
C ASN B 689 28.33 29.49 -13.48
N VAL B 690 27.28 29.02 -14.14
CA VAL B 690 27.41 27.87 -15.04
C VAL B 690 28.31 28.23 -16.22
N ILE B 691 28.17 29.45 -16.74
CA ILE B 691 29.03 29.90 -17.83
C ILE B 691 30.48 29.95 -17.38
N LYS B 692 30.73 30.46 -16.17
CA LYS B 692 32.08 30.50 -15.64
C LYS B 692 32.66 29.10 -15.46
N MET B 693 31.84 28.17 -14.96
CA MET B 693 32.29 26.79 -14.80
C MET B 693 32.62 26.15 -16.15
N LEU B 694 31.80 26.42 -17.16
CA LEU B 694 32.09 25.93 -18.51
C LEU B 694 33.37 26.54 -19.04
N GLU B 695 33.60 27.82 -18.77
CA GLU B 695 34.85 28.46 -19.19
C GLU B 695 36.04 27.83 -18.50
N SER B 696 35.88 27.40 -17.24
CA SER B 696 36.95 26.70 -16.55
C SER B 696 37.30 25.39 -17.24
N SER B 697 36.29 24.66 -17.69
CA SER B 697 36.50 23.39 -18.39
C SER B 697 36.89 23.68 -19.83
N ILE B 698 38.19 23.62 -20.12
CA ILE B 698 38.67 23.94 -21.45
C ILE B 698 38.27 22.83 -22.41
N ASP B 699 37.61 23.20 -23.50
CA ASP B 699 37.16 22.23 -24.50
C ASP B 699 37.77 22.51 -25.87
N ILE B 701 39.99 24.23 -29.71
CA ILE B 701 40.31 25.54 -30.23
C ILE B 701 39.04 26.26 -30.66
N SER B 702 38.38 25.71 -31.69
CA SER B 702 37.11 26.29 -32.14
C SER B 702 36.05 26.20 -31.06
N SER B 703 36.02 25.09 -30.33
CA SER B 703 35.07 24.94 -29.22
C SER B 703 35.34 25.98 -28.14
N ALA B 704 36.61 26.21 -27.81
CA ALA B 704 36.95 27.23 -26.82
C ALA B 704 36.56 28.62 -27.31
N SER B 705 36.77 28.89 -28.60
CA SER B 705 36.37 30.20 -29.14
C SER B 705 34.85 30.38 -29.07
N TYR B 706 34.10 29.33 -29.39
CA TYR B 706 32.65 29.40 -29.29
C TYR B 706 32.21 29.62 -27.84
N ASP B 707 32.86 28.94 -26.90
CA ASP B 707 32.55 29.15 -25.49
C ASP B 707 32.85 30.57 -25.06
N LYS B 708 33.97 31.13 -25.52
CA LYS B 708 34.30 32.52 -25.21
C LYS B 708 33.27 33.48 -25.79
N ASP B 709 32.82 33.22 -27.02
CA ASP B 709 31.78 34.05 -27.61
C ASP B 709 30.48 33.95 -26.82
N GLU B 710 30.13 32.74 -26.37
CA GLU B 710 28.94 32.58 -25.54
C GLU B 710 29.07 33.33 -24.23
N LEU B 711 30.24 33.30 -23.60
CA LEU B 711 30.47 34.04 -22.37
C LEU B 711 30.37 35.54 -22.61
N ASP B 712 30.92 36.02 -23.72
CA ASP B 712 30.83 37.44 -24.05
C ASP B 712 29.38 37.85 -24.27
N LYS B 713 28.59 37.01 -24.94
CA LYS B 713 27.18 37.31 -25.12
C LYS B 713 26.46 37.33 -23.77
N GLU B 714 26.76 36.37 -22.89
CA GLU B 714 26.13 36.34 -21.59
C GLU B 714 26.53 37.53 -20.74
N THR B 715 27.70 38.10 -20.99
CA THR B 715 28.12 39.30 -20.26
C THR B 715 27.16 40.46 -20.43
N PRO B 716 26.68 40.79 -21.64
CA PRO B 716 25.75 41.91 -21.83
C PRO B 716 24.37 41.44 -22.28
N PHE B 758 41.23 39.37 -22.68
CA PHE B 758 40.39 38.55 -21.80
C PHE B 758 40.30 37.12 -22.33
N PRO B 759 39.23 36.41 -21.93
CA PRO B 759 39.06 35.04 -22.42
C PRO B 759 38.96 34.94 -23.93
N GLU B 760 38.37 35.95 -24.58
CA GLU B 760 38.33 35.98 -26.03
C GLU B 760 39.73 36.06 -26.62
N VAL B 761 40.61 36.85 -25.99
CA VAL B 761 41.99 36.94 -26.45
C VAL B 761 42.70 35.60 -26.30
N LEU B 762 42.44 34.91 -25.19
CA LEU B 762 43.03 33.59 -24.98
C LEU B 762 42.54 32.58 -26.02
N SER B 763 41.24 32.62 -26.33
CA SER B 763 40.71 31.74 -27.38
C SER B 763 41.32 32.07 -28.73
N PHE B 764 41.51 33.37 -29.01
CA PHE B 764 42.15 33.76 -30.26
C PHE B 764 43.59 33.28 -30.34
N VAL B 765 44.31 33.34 -29.22
CA VAL B 765 45.69 32.84 -29.19
C VAL B 765 45.71 31.33 -29.42
N LYS B 766 44.76 30.61 -28.79
CA LYS B 766 44.67 29.17 -29.01
C LYS B 766 44.39 28.85 -30.47
N SER B 767 43.49 29.62 -31.10
CA SER B 767 43.20 29.41 -32.51
C SER B 767 44.41 29.72 -33.38
N ASN B 768 45.13 30.80 -33.08
CA ASN B 768 46.32 31.16 -33.84
C ASN B 768 47.43 30.13 -33.68
N HIS B 769 47.43 29.42 -32.55
CA HIS B 769 48.40 28.33 -32.37
C HIS B 769 48.22 27.25 -33.44
N SER B 770 47.01 27.08 -33.95
CA SER B 770 46.71 26.11 -34.99
C SER B 770 45.92 26.77 -36.12
N TYR B 771 46.32 27.99 -36.49
CA TYR B 771 45.63 28.70 -37.56
C TYR B 771 46.04 28.21 -38.95
N ASP B 772 47.11 27.42 -39.03
CA ASP B 772 47.56 26.91 -40.33
C ASP B 772 46.52 26.01 -41.01
N PRO B 773 45.84 25.12 -40.31
CA PRO B 773 44.98 24.14 -41.01
C PRO B 773 43.85 24.81 -41.78
N ILE B 774 43.51 24.20 -42.92
CA ILE B 774 42.43 24.72 -43.76
C ILE B 774 41.08 24.49 -43.09
N ILE B 775 40.89 23.32 -42.48
CA ILE B 775 39.63 23.03 -41.79
C ILE B 775 39.43 24.00 -40.63
N ASN B 776 40.49 24.27 -39.88
CA ASN B 776 40.41 25.25 -38.80
C ASN B 776 40.09 26.63 -39.34
N CYS B 777 40.64 26.99 -40.50
CA CYS B 777 40.33 28.27 -41.11
C CYS B 777 38.87 28.35 -41.52
N ILE B 778 38.33 27.27 -42.07
CA ILE B 778 36.91 27.24 -42.42
C ILE B 778 36.03 27.35 -41.19
N SER B 779 36.43 26.67 -40.10
CA SER B 779 35.69 26.78 -38.85
C SER B 779 35.73 28.20 -38.30
N THR B 780 36.89 28.86 -38.39
CA THR B 780 37.00 30.24 -37.94
C THR B 780 36.14 31.17 -38.79
N ASN B 781 36.10 30.93 -40.10
CA ASN B 781 35.24 31.72 -40.96
C ASN B 781 33.77 31.53 -40.63
N LEU B 782 33.37 30.27 -40.35
CA LEU B 782 32.00 30.01 -39.93
C LEU B 782 31.69 30.71 -38.60
N GLN B 783 32.64 30.69 -37.67
CA GLN B 783 32.43 31.38 -36.40
C GLN B 783 32.31 32.89 -36.61
N PHE B 784 33.09 33.45 -37.53
CA PHE B 784 32.97 34.87 -37.84
C PHE B 784 31.61 35.18 -38.45
N THR B 785 31.13 34.30 -39.33
CA THR B 785 29.79 34.48 -39.88
C THR B 785 28.73 34.44 -38.80
N ILE B 786 28.88 33.51 -37.85
CA ILE B 786 27.92 33.43 -36.74
C ILE B 786 27.98 34.70 -35.89
N SER B 787 29.19 35.21 -35.64
CA SER B 787 29.34 36.44 -34.87
C SER B 787 28.70 37.62 -35.59
N ASP B 788 28.83 37.67 -36.92
CA ASP B 788 28.11 38.69 -37.68
C ASP B 788 26.61 38.50 -37.56
N GLU B 789 26.14 37.25 -37.56
CA GLU B 789 24.74 36.92 -37.40
C GLU B 789 24.24 37.32 -36.02
N PRO B 790 25.13 37.40 -35.02
CA PRO B 790 24.67 37.81 -33.68
C PRO B 790 24.02 39.18 -33.65
N LYS B 791 24.45 40.10 -34.51
CA LYS B 791 23.76 41.37 -34.64
C LYS B 791 22.37 41.21 -35.26
N HIS B 792 22.11 40.09 -35.91
CA HIS B 792 20.81 39.80 -36.51
C HIS B 792 20.16 38.56 -35.92
N LEU B 793 20.57 38.15 -34.72
CA LEU B 793 20.02 36.99 -34.05
C LEU B 793 19.36 37.40 -32.74
N ARG B 794 18.29 36.69 -32.41
CA ARG B 794 17.51 36.96 -31.19
C ARG B 794 17.04 38.41 -31.12
N ASP B 800 12.16 41.80 -32.61
CA ASP B 800 12.73 40.85 -33.55
C ASP B 800 14.25 40.78 -33.39
N LEU B 801 14.91 40.19 -34.37
CA LEU B 801 16.36 40.04 -34.35
C LEU B 801 17.08 40.96 -35.32
N ILE B 802 16.42 41.43 -36.37
CA ILE B 802 17.05 42.39 -37.28
C ILE B 802 17.35 43.68 -36.54
N ARG B 803 16.41 44.15 -35.72
CA ARG B 803 16.59 45.33 -34.90
C ARG B 803 16.17 45.02 -33.47
N SER B 804 16.81 45.71 -32.51
CA SER B 804 16.55 45.51 -31.08
C SER B 804 16.76 44.05 -30.70
N THR B 805 17.77 43.42 -31.27
CA THR B 805 18.04 42.01 -31.03
C THR B 805 18.64 41.81 -29.64
N HIS B 806 18.28 40.69 -29.01
CA HIS B 806 18.88 40.34 -27.74
C HIS B 806 20.37 40.03 -27.89
N PHE B 807 20.73 39.29 -28.94
CA PHE B 807 22.13 38.93 -29.13
C PHE B 807 22.97 40.10 -29.62
N ARG B 808 22.36 41.05 -30.33
CA ARG B 808 23.09 42.23 -30.77
C ARG B 808 23.61 43.04 -29.59
N ASP B 809 22.76 43.23 -28.58
CA ASP B 809 23.21 43.88 -27.35
C ASP B 809 24.03 42.95 -26.48
N SER B 810 23.78 41.64 -26.56
CA SER B 810 24.52 40.68 -25.75
C SER B 810 26.00 40.64 -26.16
N ASN B 811 26.28 40.69 -27.46
CA ASN B 811 27.65 40.62 -27.95
C ASN B 811 28.15 42.03 -28.22
N PRO B 812 29.09 42.55 -27.43
CA PRO B 812 29.63 43.88 -27.71
C PRO B 812 30.91 43.82 -28.55
N LEU B 813 31.05 44.79 -29.44
CA LEU B 813 32.24 44.90 -30.26
C LEU B 813 33.44 45.47 -29.51
N LYS B 814 33.23 46.00 -28.31
CA LYS B 814 34.32 46.57 -27.54
C LYS B 814 35.27 45.48 -27.07
N THR B 815 36.56 45.83 -26.99
CA THR B 815 37.63 44.95 -26.56
C THR B 815 37.74 43.69 -27.43
N LEU B 816 37.20 43.73 -28.64
CA LEU B 816 37.29 42.60 -29.55
C LEU B 816 38.49 42.69 -30.48
N VAL B 817 39.24 43.79 -30.44
CA VAL B 817 40.39 43.93 -31.33
C VAL B 817 41.47 42.93 -30.96
N LEU B 818 41.68 42.70 -29.66
CA LEU B 818 42.68 41.72 -29.23
C LEU B 818 42.32 40.32 -29.71
N TYR B 819 41.03 39.95 -29.60
CA TYR B 819 40.58 38.64 -30.07
C TYR B 819 40.47 38.57 -31.59
N ILE B 820 40.41 39.72 -32.28
CA ILE B 820 40.31 39.73 -33.73
C ILE B 820 41.67 39.85 -34.42
N MET B 821 42.72 40.19 -33.68
CA MET B 821 44.05 40.29 -34.29
C MET B 821 44.51 38.94 -34.82
N ASP B 822 44.32 37.88 -34.03
CA ASP B 822 44.70 36.54 -34.48
C ASP B 822 43.84 36.10 -35.67
N MET B 823 42.54 36.42 -35.64
CA MET B 823 41.67 36.08 -36.76
C MET B 823 42.10 36.79 -38.04
N ALA B 824 42.46 38.07 -37.93
CA ALA B 824 42.93 38.80 -39.10
C ALA B 824 44.25 38.26 -39.61
N SER B 825 45.16 37.89 -38.69
CA SER B 825 46.43 37.30 -39.09
C SER B 825 46.22 35.99 -39.83
N LYS B 826 45.32 35.14 -39.33
CA LYS B 826 45.00 33.90 -40.03
C LYS B 826 44.29 34.17 -41.35
N ASN B 827 43.56 35.28 -41.44
CA ASN B 827 42.85 35.61 -42.68
C ASN B 827 43.81 35.87 -43.83
N VAL B 828 45.05 36.26 -43.52
CA VAL B 828 46.05 36.46 -44.57
C VAL B 828 46.37 35.11 -45.20
N PHE B 829 46.57 35.13 -46.53
CA PHE B 829 46.89 33.89 -47.24
C PHE B 829 48.22 33.31 -46.78
N ILE B 830 49.12 34.15 -46.29
CA ILE B 830 50.42 33.68 -45.80
C ILE B 830 50.24 33.02 -44.43
N ILE B 855 38.56 29.47 -65.88
CA ILE B 855 37.44 28.86 -66.57
C ILE B 855 36.13 29.51 -66.16
N ARG B 856 35.24 28.73 -65.56
CA ARG B 856 33.94 29.24 -65.15
C ARG B 856 34.07 30.16 -63.94
N ASN B 857 33.05 31.00 -63.75
CA ASN B 857 32.98 31.89 -62.60
C ASN B 857 32.28 31.25 -61.40
N HIS B 858 31.97 29.95 -61.49
CA HIS B 858 31.46 29.19 -60.36
C HIS B 858 32.35 27.96 -60.17
N GLN B 859 32.62 27.63 -58.90
CA GLN B 859 33.52 26.51 -58.62
C GLN B 859 32.96 25.21 -59.18
N ILE B 860 31.67 24.97 -59.00
CA ILE B 860 31.00 23.79 -59.55
C ILE B 860 29.60 24.20 -60.01
N LEU B 861 29.16 23.60 -61.11
CA LEU B 861 27.81 23.87 -61.61
C LEU B 861 26.76 23.43 -60.61
N GLY B 862 26.95 22.26 -60.00
CA GLY B 862 26.06 21.75 -58.99
C GLY B 862 26.48 22.16 -57.60
N LEU B 863 26.13 21.33 -56.62
CA LEU B 863 26.49 21.57 -55.22
C LEU B 863 27.99 21.37 -55.08
N MET B 864 28.74 22.47 -54.99
CA MET B 864 30.19 22.39 -54.88
C MET B 864 30.59 21.79 -53.54
N GLU B 865 31.64 20.97 -53.58
CA GLU B 865 32.17 20.36 -52.36
C GLU B 865 32.83 21.44 -51.51
N GLY B 866 32.18 21.81 -50.41
CA GLY B 866 32.71 22.83 -49.51
C GLY B 866 32.74 24.23 -50.08
N SER B 867 31.70 24.61 -50.84
CA SER B 867 31.56 26.01 -51.23
C SER B 867 31.25 26.90 -50.04
N LEU B 868 30.70 26.32 -48.98
CA LEU B 868 30.50 27.07 -47.74
C LEU B 868 31.83 27.59 -47.19
N GLU B 869 32.93 26.92 -47.49
CA GLU B 869 34.24 27.42 -47.07
C GLU B 869 34.54 28.77 -47.70
N GLN B 870 34.39 28.88 -49.02
CA GLN B 870 34.63 30.15 -49.69
C GLN B 870 33.60 31.19 -49.28
N ILE B 871 32.34 30.78 -49.12
CA ILE B 871 31.30 31.73 -48.71
C ILE B 871 31.63 32.30 -47.34
N ARG B 872 32.04 31.45 -46.40
CA ARG B 872 32.38 31.89 -45.06
C ARG B 872 33.68 32.69 -45.06
N ASN B 873 34.60 32.40 -45.99
CA ASN B 873 35.80 33.23 -46.10
C ASN B 873 35.46 34.65 -46.53
N THR B 874 34.58 34.78 -47.52
CA THR B 874 34.13 36.12 -47.93
C THR B 874 33.37 36.80 -46.80
N ASP B 875 32.52 36.05 -46.10
CA ASP B 875 31.79 36.61 -44.96
C ASP B 875 32.74 37.05 -43.85
N LEU B 876 33.83 36.31 -43.64
CA LEU B 876 34.79 36.68 -42.61
C LEU B 876 35.59 37.91 -43.02
N PHE B 877 35.89 38.06 -44.31
CA PHE B 877 36.50 39.29 -44.78
C PHE B 877 35.57 40.49 -44.55
N ILE B 878 34.28 40.30 -44.85
CA ILE B 878 33.31 41.37 -44.61
C ILE B 878 33.20 41.67 -43.13
N LEU B 879 33.23 40.64 -42.28
CA LEU B 879 33.14 40.83 -40.85
C LEU B 879 34.36 41.56 -40.31
N GLN B 880 35.55 41.25 -40.84
CA GLN B 880 36.75 41.98 -40.45
C GLN B 880 36.65 43.44 -40.84
N LYS B 881 36.14 43.71 -42.05
CA LYS B 881 35.95 45.09 -42.47
C LYS B 881 34.97 45.82 -41.56
N TYR B 882 33.88 45.15 -41.19
CA TYR B 882 32.88 45.78 -40.33
C TYR B 882 33.43 46.02 -38.93
N ILE B 883 34.15 45.04 -38.37
CA ILE B 883 34.75 45.20 -37.05
C ILE B 883 35.83 46.26 -37.04
N ASP B 884 36.47 46.50 -38.18
CA ASP B 884 37.45 47.59 -38.26
C ASP B 884 36.78 48.94 -38.00
N TYR B 885 35.59 49.14 -38.55
CA TYR B 885 34.85 50.38 -38.32
C TYR B 885 33.70 50.16 -37.35
N HIS B 891 34.50 51.95 -49.33
CA HIS B 891 34.31 50.58 -49.84
C HIS B 891 35.17 50.34 -51.08
N ASP B 892 35.78 51.41 -51.58
CA ASP B 892 36.62 51.30 -52.77
C ASP B 892 37.86 50.45 -52.50
N SER B 893 38.34 50.43 -51.26
CA SER B 893 39.48 49.58 -50.92
C SER B 893 39.15 48.11 -51.10
N LEU B 894 37.95 47.70 -50.68
CA LEU B 894 37.53 46.32 -50.88
C LEU B 894 37.44 45.97 -52.35
N ILE B 895 36.90 46.89 -53.16
CA ILE B 895 36.81 46.65 -54.61
C ILE B 895 38.20 46.50 -55.22
N ASN B 896 39.13 47.38 -54.83
CA ASN B 896 40.50 47.28 -55.34
C ASN B 896 41.16 45.98 -54.92
N ILE B 897 40.94 45.55 -53.67
CA ILE B 897 41.52 44.30 -53.20
C ILE B 897 40.95 43.12 -53.98
N LEU B 898 39.64 43.13 -54.22
CA LEU B 898 39.02 42.06 -55.00
C LEU B 898 39.55 42.05 -56.42
N HIS B 899 39.72 43.23 -57.02
CA HIS B 899 40.26 43.30 -58.38
C HIS B 899 41.68 42.75 -58.43
N LEU B 900 42.51 43.08 -57.43
CA LEU B 900 43.85 42.53 -57.37
C LEU B 900 43.86 41.06 -57.00
N TYR B 901 42.83 40.57 -56.33
CA TYR B 901 42.79 39.18 -55.91
C TYR B 901 42.54 38.27 -57.11
N PRO B 902 42.84 36.98 -56.97
CA PRO B 902 42.60 36.04 -58.07
C PRO B 902 41.11 35.90 -58.35
N ILE B 903 40.79 35.60 -59.61
CA ILE B 903 39.39 35.51 -60.02
C ILE B 903 38.71 34.30 -59.38
N GLU B 904 39.44 33.19 -59.26
CA GLU B 904 38.83 31.97 -58.74
C GLU B 904 38.41 32.11 -57.29
N THR B 905 39.10 32.93 -56.50
CA THR B 905 38.75 33.09 -55.09
C THR B 905 37.35 33.67 -54.94
N PHE B 906 37.03 34.72 -55.71
CA PHE B 906 35.68 35.27 -55.70
C PHE B 906 34.70 34.41 -56.47
N CYS B 907 35.19 33.65 -57.47
CA CYS B 907 34.31 32.82 -58.29
C CYS B 907 33.84 31.58 -57.56
N PHE B 908 34.57 31.15 -56.53
CA PHE B 908 34.19 29.92 -55.82
C PHE B 908 32.83 30.06 -55.15
N GLY B 909 32.57 31.20 -54.52
CA GLY B 909 31.32 31.43 -53.81
C GLY B 909 30.66 32.71 -54.25
N MET B 910 29.32 32.72 -54.19
CA MET B 910 28.55 33.90 -54.55
C MET B 910 28.61 35.00 -53.50
N SER B 911 29.08 34.69 -52.29
CA SER B 911 29.13 35.68 -51.22
C SER B 911 29.96 36.90 -51.59
N ALA B 912 30.99 36.74 -52.42
CA ALA B 912 31.75 37.89 -52.88
C ALA B 912 30.87 38.90 -53.59
N ILE B 913 29.95 38.40 -54.44
CA ILE B 913 28.97 39.29 -55.05
C ILE B 913 28.13 39.98 -53.98
N GLY B 914 27.74 39.25 -52.94
CA GLY B 914 27.08 39.87 -51.81
C GLY B 914 27.94 40.94 -51.17
N ALA B 915 29.25 40.71 -51.10
CA ALA B 915 30.17 41.74 -50.65
C ALA B 915 30.10 42.96 -51.56
N TYR B 916 30.03 42.73 -52.87
CA TYR B 916 29.80 43.83 -53.79
C TYR B 916 28.46 44.52 -53.51
N PHE B 917 27.46 43.74 -53.09
CA PHE B 917 26.20 44.34 -52.66
C PHE B 917 26.36 45.07 -51.34
N LEU B 918 27.32 44.66 -50.51
CA LEU B 918 27.58 45.35 -49.26
C LEU B 918 28.06 46.78 -49.49
N ASP B 919 28.87 46.99 -50.51
CA ASP B 919 29.34 48.33 -50.85
C ASP B 919 28.16 49.20 -51.29
N VAL B 920 28.29 50.50 -51.04
CA VAL B 920 27.21 51.43 -51.31
C VAL B 920 27.22 51.80 -52.79
N ALA B 921 26.54 50.99 -53.60
CA ALA B 921 26.43 51.29 -55.03
C ALA B 921 25.45 52.43 -55.29
N ARG B 922 24.32 52.43 -54.59
CA ARG B 922 23.33 53.50 -54.78
C ARG B 922 23.84 54.81 -54.19
N THR B 923 24.35 54.77 -52.96
CA THR B 923 24.85 55.99 -52.33
C THR B 923 26.05 56.55 -53.06
N SER B 924 26.97 55.69 -53.49
CA SER B 924 28.17 56.08 -54.21
C SER B 924 28.19 55.31 -55.54
N GLU B 925 27.64 55.94 -56.58
CA GLU B 925 27.60 55.34 -57.91
C GLU B 925 29.00 55.11 -58.44
N PRO B 926 29.99 55.90 -57.98
CA PRO B 926 31.37 55.65 -58.40
C PRO B 926 31.88 54.26 -58.05
N ILE B 927 31.49 53.73 -56.89
CA ILE B 927 31.90 52.38 -56.51
C ILE B 927 31.31 51.36 -57.47
N PHE B 928 30.03 51.51 -57.82
CA PHE B 928 29.41 50.60 -58.76
C PHE B 928 30.06 50.70 -60.14
N TYR B 929 30.38 51.92 -60.57
CA TYR B 929 31.05 52.09 -61.86
C TYR B 929 32.43 51.44 -61.85
N LYS B 930 33.17 51.58 -60.74
CA LYS B 930 34.47 50.93 -60.63
C LYS B 930 34.33 49.41 -60.66
N CYS B 931 33.32 48.87 -59.99
CA CYS B 931 33.09 47.43 -60.00
C CYS B 931 32.76 46.96 -61.42
N LEU B 932 31.92 47.71 -62.13
CA LEU B 932 31.58 47.34 -63.50
C LEU B 932 32.80 47.40 -64.41
N GLU B 933 33.65 48.42 -64.23
CA GLU B 933 34.87 48.52 -65.03
C GLU B 933 35.81 47.36 -64.73
N ILE B 934 35.93 46.97 -63.46
CA ILE B 934 36.77 45.84 -63.09
C ILE B 934 36.24 44.56 -63.71
N LEU B 935 34.92 44.37 -63.69
CA LEU B 935 34.32 43.18 -64.31
C LEU B 935 34.57 43.17 -65.81
N ALA B 936 34.45 44.34 -66.46
CA ALA B 936 34.72 44.41 -67.89
C ALA B 936 36.18 44.10 -68.20
N GLN B 937 37.09 44.61 -67.38
CA GLN B 937 38.51 44.31 -67.57
C GLN B 937 38.79 42.83 -67.38
N LYS B 938 38.15 42.21 -66.38
CA LYS B 938 38.31 40.77 -66.17
C LYS B 938 37.78 39.98 -67.35
N ILE B 939 36.64 40.40 -67.91
CA ILE B 939 36.09 39.75 -69.09
C ILE B 939 37.04 39.88 -70.27
N LEU B 940 37.61 41.07 -70.46
CA LEU B 940 38.54 41.27 -71.56
C LEU B 940 39.80 40.43 -71.40
N MET B 941 40.34 40.36 -70.18
CA MET B 941 41.55 39.57 -69.94
C MET B 941 41.27 38.09 -70.08
N ASN B 942 40.20 37.61 -69.43
CA ASN B 942 39.77 36.22 -69.54
C ASN B 942 38.28 36.22 -69.84
N TYR B 943 37.91 35.79 -71.04
CA TYR B 943 36.51 35.84 -71.46
C TYR B 943 35.64 34.94 -70.58
N ASP B 944 36.12 33.73 -70.28
CA ASP B 944 35.32 32.79 -69.52
C ASP B 944 35.21 33.18 -68.05
N TYR B 945 36.18 33.95 -67.54
CA TYR B 945 36.17 34.31 -66.12
C TYR B 945 34.93 35.12 -65.77
N GLU B 946 34.57 36.09 -66.62
CA GLU B 946 33.38 36.90 -66.41
C GLU B 946 32.26 36.57 -67.38
N ARG B 947 32.43 35.55 -68.22
CA ARG B 947 31.40 35.13 -69.17
C ARG B 947 30.46 34.08 -68.61
N ASP B 948 30.72 33.56 -67.43
CA ASP B 948 29.84 32.54 -66.87
C ASP B 948 28.52 33.14 -66.42
N GLU B 949 27.43 32.42 -66.69
CA GLU B 949 26.11 32.91 -66.34
C GLU B 949 25.90 33.00 -64.83
N VAL B 950 26.65 32.24 -64.04
CA VAL B 950 26.46 32.25 -62.59
C VAL B 950 26.82 33.61 -62.01
N TYR B 951 27.99 34.14 -62.36
CA TYR B 951 28.43 35.41 -61.81
C TYR B 951 27.55 36.56 -62.31
N LEU B 952 27.20 36.54 -63.60
CA LEU B 952 26.34 37.58 -64.13
C LEU B 952 24.96 37.55 -63.47
N MET B 953 24.41 36.35 -63.27
CA MET B 953 23.13 36.23 -62.59
C MET B 953 23.22 36.71 -61.15
N ILE B 954 24.31 36.40 -60.46
CA ILE B 954 24.48 36.85 -59.09
C ILE B 954 24.55 38.37 -59.03
N PHE B 955 25.30 38.98 -59.95
CA PHE B 955 25.40 40.43 -59.99
C PHE B 955 24.04 41.07 -60.30
N ILE B 956 23.29 40.48 -61.24
CA ILE B 956 21.97 41.01 -61.58
C ILE B 956 21.03 40.90 -60.39
N LYS B 957 21.08 39.77 -59.68
CA LYS B 957 20.23 39.61 -58.50
C LYS B 957 20.61 40.60 -57.41
N ILE B 958 21.90 40.85 -57.23
CA ILE B 958 22.34 41.83 -56.24
C ILE B 958 21.84 43.22 -56.63
N PHE B 959 21.93 43.57 -57.91
CA PHE B 959 21.43 44.87 -58.36
C PHE B 959 19.93 44.99 -58.15
N GLN B 960 19.19 43.93 -58.45
CA GLN B 960 17.74 43.95 -58.25
C GLN B 960 17.38 44.09 -56.78
N LYS B 961 18.12 43.39 -55.91
CA LYS B 961 17.88 43.51 -54.47
C LYS B 961 18.18 44.92 -53.99
N CYS B 962 19.26 45.52 -54.49
CA CYS B 962 19.58 46.90 -54.12
C CYS B 962 18.50 47.85 -54.59
N VAL B 963 17.98 47.64 -55.81
CA VAL B 963 16.90 48.50 -56.31
C VAL B 963 15.66 48.36 -55.46
N HIS B 964 15.31 47.13 -55.07
CA HIS B 964 14.12 46.91 -54.25
C HIS B 964 14.30 47.49 -52.85
N SER B 965 15.51 47.43 -52.29
CA SER B 965 15.72 47.87 -50.93
C SER B 965 15.64 49.39 -50.81
N LYS B 966 16.28 50.11 -51.72
CA LYS B 966 16.34 51.56 -51.68
C LYS B 966 15.98 52.15 -53.03
N LEU B 967 15.25 53.26 -53.00
CA LEU B 967 14.89 53.95 -54.24
C LEU B 967 16.09 54.60 -54.91
N GLN B 968 17.18 54.82 -54.16
CA GLN B 968 18.38 55.41 -54.76
C GLN B 968 18.95 54.50 -55.84
N PHE B 969 18.98 53.19 -55.59
CA PHE B 969 19.41 52.25 -56.61
C PHE B 969 18.40 52.21 -57.76
N THR B 970 18.90 51.79 -58.93
CA THR B 970 18.22 51.81 -60.22
C THR B 970 18.00 53.24 -60.73
N ASP B 971 18.40 54.25 -59.96
CA ASP B 971 18.41 55.63 -60.41
C ASP B 971 19.85 56.11 -60.50
N ALA B 972 20.15 56.90 -61.53
CA ALA B 972 21.51 57.34 -61.84
C ALA B 972 22.45 56.16 -62.09
N THR B 973 21.90 55.03 -62.55
CA THR B 973 22.67 53.84 -62.87
C THR B 973 22.66 53.58 -64.38
N LEU B 974 22.79 54.66 -65.17
CA LEU B 974 22.79 54.52 -66.61
C LEU B 974 23.97 53.70 -67.09
N LYS B 975 25.15 53.91 -66.50
CA LYS B 975 26.30 53.09 -66.84
C LYS B 975 26.08 51.63 -66.47
N LEU B 976 25.48 51.39 -65.30
CA LEU B 976 25.16 50.02 -64.89
C LEU B 976 24.16 49.38 -65.84
N ILE B 977 23.15 50.14 -66.27
CA ILE B 977 22.17 49.61 -67.20
C ILE B 977 22.82 49.31 -68.55
N VAL B 978 23.74 50.17 -68.98
CA VAL B 978 24.45 49.93 -70.24
C VAL B 978 25.30 48.66 -70.15
N LYS B 979 25.98 48.47 -69.01
CA LYS B 979 26.77 47.26 -68.82
C LYS B 979 25.88 46.02 -68.79
N ILE B 980 24.71 46.14 -68.16
CA ILE B 980 23.77 45.02 -68.13
C ILE B 980 23.29 44.68 -69.53
N THR B 981 23.01 45.71 -70.35
CA THR B 981 22.61 45.48 -71.73
C THR B 981 23.72 44.84 -72.53
N LYS B 982 24.96 45.28 -72.31
CA LYS B 982 26.10 44.67 -73.00
C LYS B 982 26.26 43.21 -72.61
N PHE B 983 26.03 42.89 -71.34
CA PHE B 983 26.03 41.50 -70.91
C PHE B 983 24.90 40.73 -71.59
N ILE B 984 23.73 41.36 -71.72
CA ILE B 984 22.62 40.74 -72.46
C ILE B 984 22.97 40.62 -73.93
N GLU B 985 23.85 41.50 -74.44
CA GLU B 985 24.27 41.43 -75.83
C GLU B 985 25.16 40.24 -76.14
N LYS B 986 25.61 39.51 -75.12
CA LYS B 986 26.46 38.35 -75.34
C LYS B 986 25.69 37.27 -76.10
N VAL B 987 26.44 36.42 -76.78
CA VAL B 987 25.84 35.37 -77.61
C VAL B 987 25.02 34.41 -76.75
N PHE B 988 25.56 34.03 -75.60
CA PHE B 988 24.82 33.13 -74.70
C PHE B 988 23.56 33.79 -74.18
N ILE B 989 23.65 35.06 -73.79
CA ILE B 989 22.48 35.77 -73.27
C ILE B 989 21.42 35.92 -74.34
N GLU B 990 21.84 36.26 -75.56
CA GLU B 990 20.88 36.37 -76.66
C GLU B 990 20.24 35.03 -76.99
N THR B 991 21.03 33.96 -76.95
CA THR B 991 20.53 32.62 -77.23
C THR B 991 19.97 31.91 -76.00
N LYS B 992 20.00 32.57 -74.83
CA LYS B 992 19.50 31.99 -73.59
C LYS B 992 20.20 30.68 -73.25
N PHE B 993 21.52 30.66 -73.43
CA PHE B 993 22.31 29.47 -73.10
C PHE B 993 22.44 29.25 -71.60
N SER B 994 22.05 30.21 -70.78
CA SER B 994 22.12 30.07 -69.33
C SER B 994 21.20 28.97 -68.82
N LEU B 996 19.04 26.80 -67.96
CA LEU B 996 17.63 27.13 -68.07
C LEU B 996 17.10 27.66 -66.75
N SER B 997 17.53 27.04 -65.65
CA SER B 997 17.11 27.50 -64.33
C SER B 997 17.60 28.92 -64.06
N GLY B 998 18.84 29.22 -64.44
CA GLY B 998 19.35 30.57 -64.26
C GLY B 998 18.61 31.59 -65.11
N ARG B 999 18.34 31.24 -66.37
CA ARG B 999 17.59 32.15 -67.24
C ARG B 999 16.17 32.36 -66.72
N GLN B 1000 15.53 31.28 -66.25
CA GLN B 1000 14.19 31.42 -65.69
C GLN B 1000 14.21 32.30 -64.44
N THR B 1001 15.21 32.12 -63.58
CA THR B 1001 15.32 32.96 -62.40
C THR B 1001 15.56 34.42 -62.76
N PHE B 1002 16.37 34.67 -63.79
CA PHE B 1002 16.61 36.04 -64.23
C PHE B 1002 15.34 36.66 -64.78
N LEU B 1003 14.57 35.91 -65.56
CA LEU B 1003 13.30 36.42 -66.07
C LEU B 1003 12.32 36.70 -64.93
N LYS B 1004 12.28 35.81 -63.93
CA LYS B 1004 11.41 36.03 -62.79
C LYS B 1004 11.81 37.28 -62.01
N PHE B 1005 13.11 37.47 -61.82
CA PHE B 1005 13.58 38.67 -61.11
C PHE B 1005 13.27 39.93 -61.89
N ILE B 1006 13.41 39.88 -63.22
CA ILE B 1006 13.08 41.04 -64.05
C ILE B 1006 11.59 41.34 -63.94
N PHE B 1007 10.75 40.31 -63.97
CA PHE B 1007 9.30 40.51 -63.85
C PHE B 1007 8.95 41.09 -62.48
N GLN B 1008 9.59 40.61 -61.42
CA GLN B 1008 9.32 41.14 -60.09
C GLN B 1008 9.74 42.60 -59.97
N LEU B 1009 10.88 42.95 -60.56
CA LEU B 1009 11.38 44.32 -60.52
C LEU B 1009 10.54 45.23 -61.41
N HIS B 1014 7.71 47.50 -64.69
CA HIS B 1014 7.68 48.88 -64.21
C HIS B 1014 8.90 49.65 -64.71
N VAL B 1015 10.01 48.96 -64.88
CA VAL B 1015 11.25 49.56 -65.34
C VAL B 1015 11.56 49.07 -66.75
N TYR B 1016 12.42 49.80 -67.45
CA TYR B 1016 12.79 49.47 -68.82
C TYR B 1016 13.85 48.38 -68.82
N SER B 1017 13.59 47.31 -69.56
CA SER B 1017 14.50 46.18 -69.64
C SER B 1017 14.22 45.43 -70.94
N LYS B 1018 14.96 44.34 -71.14
CA LYS B 1018 14.81 43.50 -72.32
C LYS B 1018 13.80 42.38 -72.14
N PHE B 1019 13.13 42.30 -71.01
CA PHE B 1019 12.16 41.25 -70.72
C PHE B 1019 10.76 41.83 -70.65
N ASP B 1020 9.79 41.08 -71.18
CA ASP B 1020 8.39 41.49 -71.20
C ASP B 1020 7.51 40.35 -70.73
N TYR B 1021 6.27 40.69 -70.38
CA TYR B 1021 5.33 39.68 -69.89
C TYR B 1021 5.04 38.65 -70.97
N GLN B 1022 4.80 39.09 -72.20
CA GLN B 1022 4.60 38.16 -73.31
C GLN B 1022 5.88 37.37 -73.57
N LYS B 1023 7.03 38.04 -73.52
CA LYS B 1023 8.31 37.34 -73.67
C LYS B 1023 8.51 36.34 -72.54
N LEU B 1024 8.12 36.71 -71.31
CA LEU B 1024 8.23 35.79 -70.19
C LEU B 1024 7.35 34.56 -70.40
N ILE B 1025 6.13 34.75 -70.90
CA ILE B 1025 5.24 33.62 -71.18
C ILE B 1025 5.82 32.74 -72.28
N SER B 1026 6.38 33.35 -73.32
CA SER B 1026 6.99 32.58 -74.39
C SER B 1026 8.18 31.77 -73.88
N LEU B 1027 8.99 32.37 -73.01
CA LEU B 1027 10.12 31.64 -72.43
C LEU B 1027 9.63 30.50 -71.54
N THR B 1028 8.55 30.72 -70.78
CA THR B 1028 7.99 29.66 -69.95
C THR B 1028 7.51 28.50 -70.81
N LEU B 1029 6.84 28.80 -71.91
CA LEU B 1029 6.35 27.73 -72.79
C LEU B 1029 7.50 27.05 -73.53
N LYS B 1030 8.60 27.77 -73.76
CA LYS B 1030 9.72 27.18 -74.49
C LYS B 1030 10.39 26.07 -73.69
N ASP B 1031 10.52 26.25 -72.38
CA ASP B 1031 11.21 25.27 -71.55
C ASP B 1031 10.34 24.03 -71.36
N SER B 1032 10.89 22.87 -71.70
CA SER B 1032 10.17 21.61 -71.54
C SER B 1032 10.17 21.14 -70.09
N ASP B 1033 11.02 21.70 -69.24
CA ASP B 1033 11.01 21.34 -67.83
C ASP B 1033 9.75 21.88 -67.17
N VAL B 1034 9.04 21.01 -66.45
CA VAL B 1034 7.79 21.42 -65.82
C VAL B 1034 8.04 22.42 -64.70
N CYS B 1035 9.10 22.20 -63.93
CA CYS B 1035 9.39 23.08 -62.79
C CYS B 1035 9.72 24.49 -63.25
N VAL B 1036 10.53 24.61 -64.31
CA VAL B 1036 10.91 25.94 -64.79
C VAL B 1036 9.70 26.68 -65.34
N ILE B 1037 8.86 25.98 -66.11
CA ILE B 1037 7.66 26.60 -66.65
C ILE B 1037 6.71 27.03 -65.53
N TYR B 1038 6.55 26.18 -64.52
CA TYR B 1038 5.68 26.52 -63.40
C TYR B 1038 6.22 27.73 -62.63
N ASN B 1039 7.54 27.79 -62.43
CA ASN B 1039 8.13 28.92 -61.73
C ASN B 1039 7.94 30.21 -62.52
N PHE B 1040 8.14 30.15 -63.85
CA PHE B 1040 7.94 31.34 -64.67
C PHE B 1040 6.48 31.78 -64.67
N VAL B 1041 5.56 30.81 -64.68
CA VAL B 1041 4.14 31.15 -64.60
C VAL B 1041 3.80 31.80 -63.27
N ASP B 1042 4.38 31.29 -62.18
CA ASP B 1042 4.17 31.90 -60.87
C ASP B 1042 4.74 33.31 -60.84
N ASP B 1043 5.90 33.52 -61.48
CA ASP B 1043 6.48 34.86 -61.56
C ASP B 1043 5.57 35.81 -62.33
N LEU B 1044 5.00 35.33 -63.45
CA LEU B 1044 4.06 36.16 -64.21
C LEU B 1044 2.82 36.47 -63.40
N VAL B 1045 2.32 35.50 -62.63
CA VAL B 1045 1.14 35.72 -61.80
C VAL B 1045 1.45 36.74 -60.71
N ILE B 1046 2.65 36.68 -60.13
CA ILE B 1046 3.07 37.69 -59.17
C ILE B 1046 3.12 39.06 -59.85
N PHE B 1047 3.62 39.11 -61.08
CA PHE B 1047 3.57 40.34 -61.86
C PHE B 1047 2.14 40.75 -62.19
N LEU B 1048 1.20 39.81 -62.16
CA LEU B 1048 -0.19 40.14 -62.38
C LEU B 1048 -0.76 40.85 -61.15
N LYS B 1049 -1.97 41.39 -61.32
CA LYS B 1049 -2.70 42.18 -60.33
C LYS B 1049 -2.02 43.51 -60.03
N LYS B 1050 -0.93 43.84 -60.71
CA LYS B 1050 -0.25 45.12 -60.54
C LYS B 1050 -0.08 45.87 -61.85
N CYS B 1051 -0.48 45.28 -62.97
CA CYS B 1051 -0.35 45.93 -64.27
C CYS B 1051 -1.38 45.32 -65.21
N ASP B 1052 -1.58 45.98 -66.35
CA ASP B 1052 -2.54 45.49 -67.34
C ASP B 1052 -2.08 44.14 -67.89
N LYS B 1053 -2.93 43.13 -67.74
CA LYS B 1053 -2.63 41.78 -68.18
C LYS B 1053 -3.43 41.38 -69.41
N THR B 1054 -3.87 42.36 -70.21
CA THR B 1054 -4.66 42.05 -71.40
C THR B 1054 -3.85 41.22 -72.40
N LEU B 1055 -2.57 41.57 -72.57
CA LEU B 1055 -1.74 40.86 -73.54
C LEU B 1055 -1.57 39.39 -73.16
N ILE B 1056 -1.63 39.08 -71.87
CA ILE B 1056 -1.49 37.70 -71.43
C ILE B 1056 -2.86 37.02 -71.31
N GLU B 1057 -3.85 37.73 -70.77
CA GLU B 1057 -5.16 37.13 -70.58
C GLU B 1057 -5.84 36.82 -71.91
N GLY B 1058 -5.68 37.69 -72.91
CA GLY B 1058 -6.25 37.42 -74.21
C GLY B 1058 -5.62 36.22 -74.90
N PHE B 1059 -4.30 36.09 -74.76
CA PHE B 1059 -3.58 34.96 -75.35
C PHE B 1059 -3.74 33.67 -74.56
N VAL B 1060 -4.20 33.75 -73.32
CA VAL B 1060 -4.40 32.54 -72.52
C VAL B 1060 -5.43 31.62 -73.16
N LEU B 1061 -6.53 32.19 -73.67
CA LEU B 1061 -7.60 31.37 -74.24
C LEU B 1061 -7.12 30.49 -75.39
N PRO B 1062 -6.32 30.95 -76.34
CA PRO B 1062 -5.86 30.08 -77.42
C PRO B 1062 -4.51 29.41 -77.16
N ILE B 1063 -3.89 29.65 -76.01
CA ILE B 1063 -2.59 29.05 -75.73
C ILE B 1063 -2.72 27.55 -75.54
N LEU B 1064 -3.81 27.09 -74.93
CA LEU B 1064 -4.00 25.69 -74.61
C LEU B 1064 -4.88 25.02 -75.65
N SER B 1065 -4.39 23.94 -76.25
CA SER B 1065 -5.13 23.18 -77.24
C SER B 1065 -4.80 21.70 -77.09
N ILE B 1066 -5.67 20.86 -77.64
CA ILE B 1066 -5.53 19.42 -77.47
C ILE B 1066 -4.31 18.94 -78.24
N LYS B 1067 -3.46 18.15 -77.57
CA LYS B 1067 -2.28 17.56 -78.21
C LYS B 1067 -1.98 16.25 -77.50
N ILE B 1068 -2.44 15.14 -78.09
CA ILE B 1068 -2.21 13.83 -77.49
C ILE B 1068 -0.74 13.44 -77.61
N GLU B 1069 -0.12 13.74 -78.76
CA GLU B 1069 1.29 13.41 -78.95
C GLU B 1069 2.17 14.17 -77.97
N LYS B 1070 1.88 15.46 -77.76
CA LYS B 1070 2.62 16.21 -76.75
C LYS B 1070 2.31 15.74 -75.35
N SER B 1071 1.09 15.26 -75.11
CA SER B 1071 0.73 14.71 -73.81
C SER B 1071 1.52 13.43 -73.53
N LEU B 1072 1.82 12.64 -74.56
CA LEU B 1072 2.70 11.49 -74.38
C LEU B 1072 4.08 11.95 -73.94
N TYR B 1073 4.60 13.02 -74.55
CA TYR B 1073 5.80 13.67 -74.06
C TYR B 1073 5.53 14.55 -72.84
N LYS B 1074 4.26 14.72 -72.47
CA LYS B 1074 3.82 15.48 -71.31
C LYS B 1074 4.19 16.96 -71.38
N GLY B 1075 4.66 17.43 -72.54
CA GLY B 1075 4.74 18.86 -72.76
C GLY B 1075 3.36 19.49 -72.74
N PHE B 1076 2.38 18.80 -73.31
CA PHE B 1076 0.99 19.23 -73.19
C PHE B 1076 0.52 19.16 -71.74
N CYS B 1077 1.07 18.24 -70.95
CA CYS B 1077 0.76 18.21 -69.53
C CYS B 1077 1.25 19.48 -68.83
N TYR B 1078 2.46 19.91 -69.15
CA TYR B 1078 2.96 21.18 -68.61
C TYR B 1078 2.14 22.35 -69.11
N LEU B 1079 1.71 22.31 -70.37
CA LEU B 1079 0.84 23.36 -70.88
C LEU B 1079 -0.49 23.40 -70.13
N TYR B 1080 -1.04 22.23 -69.82
CA TYR B 1080 -2.27 22.17 -69.04
C TYR B 1080 -2.06 22.68 -67.62
N LEU B 1081 -0.90 22.40 -67.04
CA LEU B 1081 -0.58 22.95 -65.72
C LEU B 1081 -0.51 24.47 -65.78
N THR B 1082 0.11 25.02 -66.83
CA THR B 1082 0.16 26.47 -67.00
C THR B 1082 -1.24 27.04 -67.20
N LEU B 1083 -2.09 26.32 -67.93
CA LEU B 1083 -3.47 26.77 -68.12
C LEU B 1083 -4.23 26.77 -66.80
N LYS B 1084 -4.00 25.76 -65.96
CA LYS B 1084 -4.62 25.73 -64.64
C LYS B 1084 -4.13 26.89 -63.79
N VAL B 1085 -2.84 27.20 -63.86
CA VAL B 1085 -2.31 28.33 -63.12
C VAL B 1085 -2.94 29.63 -63.60
N PHE B 1086 -3.09 29.80 -64.92
CA PHE B 1086 -3.75 30.98 -65.45
C PHE B 1086 -5.22 31.04 -65.04
N LEU B 1087 -5.86 29.88 -64.91
CA LEU B 1087 -7.21 29.83 -64.37
C LEU B 1087 -7.23 30.31 -62.92
N SER B 1088 -6.22 29.93 -62.14
CA SER B 1088 -6.07 30.47 -60.79
C SER B 1088 -5.79 31.96 -60.84
N ILE B 1089 -5.19 32.45 -61.92
CA ILE B 1089 -4.99 33.89 -62.09
C ILE B 1089 -6.34 34.56 -62.35
N SER B 1090 -6.44 35.81 -61.91
CA SER B 1090 -7.73 36.51 -61.95
C SER B 1090 -8.18 36.78 -63.38
N SER B 1091 -7.28 37.34 -64.20
CA SER B 1091 -7.67 37.88 -65.49
C SER B 1091 -8.19 36.80 -66.43
N ASN B 1092 -9.36 37.05 -67.02
CA ASN B 1092 -9.95 36.20 -68.05
C ASN B 1092 -10.12 34.76 -67.56
N ARG B 1093 -10.93 34.60 -66.52
CA ARG B 1093 -11.23 33.27 -66.01
C ARG B 1093 -12.01 32.45 -67.04
N SER B 1094 -12.96 33.08 -67.74
CA SER B 1094 -13.70 32.38 -68.77
C SER B 1094 -12.79 31.96 -69.91
N ALA B 1095 -11.87 32.82 -70.31
CA ALA B 1095 -10.91 32.47 -71.35
C ALA B 1095 -10.01 31.33 -70.91
N LEU B 1096 -9.58 31.34 -69.65
CA LEU B 1096 -8.76 30.26 -69.13
C LEU B 1096 -9.53 28.94 -69.12
N LEU B 1097 -10.81 28.99 -68.72
CA LEU B 1097 -11.63 27.77 -68.74
C LEU B 1097 -11.80 27.25 -70.16
N TYR B 1098 -12.01 28.16 -71.12
CA TYR B 1098 -12.12 27.74 -72.51
C TYR B 1098 -10.82 27.11 -73.00
N GLN B 1099 -9.68 27.69 -72.62
CA GLN B 1099 -8.39 27.13 -72.99
C GLN B 1099 -8.21 25.74 -72.39
N LEU B 1100 -8.59 25.56 -71.12
CA LEU B 1100 -8.48 24.26 -70.48
C LEU B 1100 -9.37 23.24 -71.17
N LEU B 1101 -10.59 23.64 -71.54
CA LEU B 1101 -11.48 22.73 -72.26
C LEU B 1101 -10.91 22.35 -73.60
N LYS B 1102 -10.33 23.31 -74.32
CA LYS B 1102 -9.72 23.02 -75.62
C LYS B 1102 -8.54 22.07 -75.47
N LEU B 1103 -7.71 22.28 -74.45
CA LEU B 1103 -6.59 21.38 -74.21
C LEU B 1103 -7.06 20.00 -73.81
N ALA B 1104 -8.09 19.92 -72.97
CA ALA B 1104 -8.60 18.63 -72.51
C ALA B 1104 -9.34 17.92 -73.64
N ASN B 1105 -9.39 16.60 -73.53
CA ASN B 1105 -10.09 15.76 -74.51
C ASN B 1105 -11.54 15.53 -74.15
N SER B 1106 -12.02 16.12 -73.05
CA SER B 1106 -13.40 15.95 -72.56
C SER B 1106 -13.73 14.49 -72.28
N TYR B 1107 -12.72 13.67 -72.01
CA TYR B 1107 -12.92 12.26 -71.75
C TYR B 1107 -11.70 11.73 -71.01
N GLU B 1108 -11.83 10.51 -70.48
CA GLU B 1108 -10.76 9.84 -69.74
C GLU B 1108 -10.30 10.69 -68.56
N THR B 1109 -11.26 11.24 -67.81
CA THR B 1109 -10.93 12.02 -66.63
C THR B 1109 -10.22 11.17 -65.58
N SER B 1110 -10.66 9.92 -65.40
CA SER B 1110 -9.98 9.02 -64.48
C SER B 1110 -8.55 8.72 -64.95
N THR B 1111 -8.36 8.62 -66.27
CA THR B 1111 -7.01 8.42 -66.80
C THR B 1111 -6.12 9.61 -66.47
N ILE B 1112 -6.65 10.83 -66.59
CA ILE B 1112 -5.92 12.01 -66.14
C ILE B 1112 -5.76 11.98 -64.63
N PHE B 1113 -6.77 11.48 -63.92
CA PHE B 1113 -6.72 11.32 -62.46
C PHE B 1113 -6.39 12.64 -61.77
N GLU B 1114 -6.97 13.72 -62.27
CA GLU B 1114 -6.73 15.06 -61.75
C GLU B 1114 -5.25 15.39 -61.78
N PRO B 1115 -4.62 15.39 -62.96
CA PRO B 1115 -3.18 15.64 -63.03
C PRO B 1115 -2.81 17.00 -62.45
N LEU B 1116 -1.70 17.04 -61.73
CA LEU B 1116 -1.24 18.24 -61.03
C LEU B 1116 -2.33 18.79 -60.11
N LEU B 1117 -3.02 17.88 -59.41
CA LEU B 1117 -4.12 18.22 -58.51
C LEU B 1117 -5.19 19.02 -59.24
N SER B 1124 -11.72 17.90 -63.75
CA SER B 1124 -11.75 17.91 -62.29
C SER B 1124 -13.02 17.25 -61.77
N ALA B 1125 -13.31 17.46 -60.49
CA ALA B 1125 -14.43 16.75 -59.86
C ALA B 1125 -15.76 17.46 -60.10
N ASN B 1126 -15.92 18.67 -59.54
CA ASN B 1126 -17.22 19.33 -59.55
C ASN B 1126 -17.20 20.68 -60.27
N ILE B 1127 -16.32 21.59 -59.87
CA ILE B 1127 -16.37 22.97 -60.33
C ILE B 1127 -15.26 23.27 -61.33
N LYS B 1128 -14.04 22.81 -61.06
CA LYS B 1128 -12.95 23.01 -62.00
C LYS B 1128 -13.02 22.05 -63.18
N GLN B 1129 -13.98 21.13 -63.19
CA GLN B 1129 -14.11 20.17 -64.27
C GLN B 1129 -14.44 20.86 -65.58
N LEU B 1130 -14.13 20.17 -66.68
CA LEU B 1130 -14.42 20.72 -68.00
C LEU B 1130 -15.91 20.96 -68.20
N PHE B 1131 -16.76 20.14 -67.58
CA PHE B 1131 -18.20 20.34 -67.71
C PHE B 1131 -18.62 21.66 -67.08
N ARG B 1132 -18.20 21.91 -65.84
CA ARG B 1132 -18.54 23.17 -65.19
C ARG B 1132 -17.83 24.35 -65.84
N ILE B 1133 -16.62 24.14 -66.36
CA ILE B 1133 -15.91 25.21 -67.05
C ILE B 1133 -16.68 25.61 -68.30
N TYR B 1134 -17.16 24.64 -69.08
CA TYR B 1134 -17.96 24.95 -70.26
C TYR B 1134 -19.30 25.56 -69.88
N ARG B 1135 -19.88 25.13 -68.75
CA ARG B 1135 -21.13 25.73 -68.29
C ARG B 1135 -20.94 27.20 -67.96
N LEU B 1136 -19.84 27.55 -67.28
CA LEU B 1136 -19.61 28.93 -66.91
C LEU B 1136 -19.11 29.75 -68.10
N GLU B 1137 -18.30 29.14 -68.97
CA GLU B 1137 -17.69 29.85 -70.09
C GLU B 1137 -18.00 29.11 -71.39
N ILE B 1138 -18.58 29.82 -72.35
CA ILE B 1138 -18.88 29.27 -73.67
C ILE B 1138 -18.04 30.02 -74.69
N PHE B 1139 -17.32 29.28 -75.53
CA PHE B 1139 -16.43 29.86 -76.53
C PHE B 1139 -16.86 29.41 -77.92
N TRP B 1140 -16.88 30.35 -78.86
CA TRP B 1140 -17.25 30.09 -80.24
C TRP B 1140 -16.06 30.35 -81.14
N SER B 1141 -15.77 29.39 -82.02
CA SER B 1141 -14.67 29.57 -82.97
C SER B 1141 -14.95 30.73 -83.92
N PHE B 1142 -16.20 30.85 -84.39
CA PHE B 1142 -16.61 31.92 -85.29
C PHE B 1142 -15.75 31.99 -86.55
N SER B 1167 -20.37 11.37 -76.72
CA SER B 1167 -21.63 10.63 -76.81
C SER B 1167 -22.81 11.49 -76.40
N ASP B 1168 -23.42 11.16 -75.26
CA ASP B 1168 -24.53 11.96 -74.74
C ASP B 1168 -24.06 13.36 -74.38
N PHE B 1169 -22.91 13.47 -73.73
CA PHE B 1169 -22.34 14.79 -73.44
C PHE B 1169 -21.99 15.52 -74.74
N LEU B 1170 -21.61 14.78 -75.78
CA LEU B 1170 -21.35 15.42 -77.07
C LEU B 1170 -22.61 16.09 -77.61
N LYS B 1171 -23.75 15.41 -77.51
CA LYS B 1171 -25.01 16.02 -77.96
C LYS B 1171 -25.42 17.17 -77.05
N GLU B 1172 -25.18 17.03 -75.74
CA GLU B 1172 -25.52 18.11 -74.82
C GLU B 1172 -24.73 19.37 -75.15
N ASN B 1173 -23.44 19.23 -75.47
CA ASN B 1173 -22.65 20.38 -75.90
C ASN B 1173 -23.08 20.85 -77.28
N SER B 1174 -23.44 19.93 -78.17
CA SER B 1174 -23.82 20.29 -79.53
C SER B 1174 -25.11 21.08 -79.58
N ASP B 1175 -25.98 20.93 -78.57
CA ASP B 1175 -27.19 21.75 -78.52
C ASP B 1175 -26.82 23.23 -78.41
N GLU B 1176 -25.98 23.57 -77.43
CA GLU B 1176 -25.51 24.95 -77.33
C GLU B 1176 -24.66 25.35 -78.52
N ILE B 1177 -23.93 24.38 -79.10
CA ILE B 1177 -23.10 24.68 -80.27
C ILE B 1177 -23.97 25.14 -81.44
N ILE B 1178 -25.03 24.38 -81.74
CA ILE B 1178 -25.91 24.75 -82.84
C ILE B 1178 -26.68 26.01 -82.51
N LEU B 1179 -27.00 26.24 -81.23
CA LEU B 1179 -27.57 27.52 -80.84
C LEU B 1179 -26.63 28.67 -81.19
N VAL B 1180 -25.33 28.48 -80.94
CA VAL B 1180 -24.35 29.51 -81.26
C VAL B 1180 -24.25 29.71 -82.77
N LEU B 1181 -24.20 28.61 -83.53
CA LEU B 1181 -24.05 28.74 -84.99
C LEU B 1181 -25.26 29.43 -85.60
N ILE B 1182 -26.48 29.08 -85.17
CA ILE B 1182 -27.64 29.79 -85.68
C ILE B 1182 -27.63 31.23 -85.15
N LEU B 1183 -26.99 31.47 -84.01
CA LEU B 1183 -26.75 32.82 -83.54
C LEU B 1183 -25.60 33.51 -84.25
N THR B 1184 -24.83 32.77 -85.06
CA THR B 1184 -23.72 33.33 -85.80
C THR B 1184 -24.13 33.65 -87.23
N LYS B 1185 -23.19 34.23 -87.99
CA LYS B 1185 -23.48 34.64 -89.35
C LYS B 1185 -23.56 33.46 -90.31
N ASN B 1186 -22.81 32.38 -90.05
CA ASN B 1186 -22.76 31.23 -90.96
C ASN B 1186 -24.06 30.44 -90.81
N ILE B 1187 -25.10 30.94 -91.48
CA ILE B 1187 -26.40 30.27 -91.43
C ILE B 1187 -26.36 28.97 -92.22
N THR B 1188 -25.72 28.98 -93.40
CA THR B 1188 -25.70 27.77 -94.22
C THR B 1188 -24.82 26.68 -93.58
N LEU B 1189 -23.72 27.08 -92.93
CA LEU B 1189 -22.91 26.11 -92.20
C LEU B 1189 -23.70 25.50 -91.05
N ALA B 1190 -24.48 26.31 -90.33
CA ALA B 1190 -25.32 25.78 -89.27
C ALA B 1190 -26.37 24.83 -89.83
N LYS B 1191 -26.96 25.18 -90.98
CA LYS B 1191 -27.94 24.29 -91.59
C LYS B 1191 -27.32 22.96 -92.00
N LEU B 1192 -26.13 22.99 -92.59
CA LEU B 1192 -25.44 21.76 -92.95
C LEU B 1192 -25.12 20.92 -91.72
N ILE B 1193 -24.66 21.57 -90.65
CA ILE B 1193 -24.36 20.84 -89.41
C ILE B 1193 -25.61 20.20 -88.85
N THR B 1194 -26.72 20.95 -88.83
CA THR B 1194 -27.98 20.40 -88.35
C THR B 1194 -28.45 19.23 -89.18
N SER B 1195 -28.29 19.32 -90.51
CA SER B 1195 -28.57 18.17 -91.37
C SER B 1195 -27.70 16.99 -91.00
N ARG B 1196 -26.44 17.24 -90.63
CA ARG B 1196 -25.56 16.19 -90.15
C ARG B 1196 -25.76 15.88 -88.66
N MET B 1197 -26.53 16.70 -87.94
CA MET B 1197 -26.74 16.50 -86.52
C MET B 1197 -27.98 15.68 -86.19
N SER B 1198 -28.69 15.19 -87.21
CA SER B 1198 -29.90 14.39 -87.01
C SER B 1198 -30.97 15.17 -86.25
N VAL B 1199 -30.96 16.50 -86.37
CA VAL B 1199 -31.92 17.37 -85.71
C VAL B 1199 -32.44 18.37 -86.73
N ASP B 1200 -33.76 18.54 -86.78
CA ASP B 1200 -34.35 19.49 -87.71
C ASP B 1200 -33.98 20.92 -87.33
N PHE B 1201 -33.71 21.73 -88.36
CA PHE B 1201 -33.35 23.12 -88.10
C PHE B 1201 -34.49 23.89 -87.45
N SER B 1202 -35.71 23.69 -87.95
CA SER B 1202 -36.86 24.38 -87.37
C SER B 1202 -37.17 23.89 -85.96
N GLU B 1203 -36.86 22.63 -85.68
CA GLU B 1203 -37.11 22.09 -84.33
C GLU B 1203 -36.34 22.86 -83.28
N LYS B 1204 -35.07 23.17 -83.55
CA LYS B 1204 -34.31 24.03 -82.65
C LYS B 1204 -34.68 25.50 -82.80
N TYR B 1205 -35.05 25.91 -84.02
CA TYR B 1205 -35.39 27.31 -84.25
C TYR B 1205 -36.59 27.74 -83.42
N THR B 1206 -37.54 26.82 -83.18
CA THR B 1206 -38.73 27.15 -82.41
C THR B 1206 -38.39 27.74 -81.05
N GLN B 1207 -37.31 27.26 -80.43
CA GLN B 1207 -36.86 27.80 -79.15
C GLN B 1207 -35.70 28.78 -79.27
N LEU B 1208 -34.99 28.77 -80.40
CA LEU B 1208 -33.86 29.67 -80.60
C LEU B 1208 -34.24 30.98 -81.27
N ILE B 1209 -35.51 31.18 -81.61
CA ILE B 1209 -36.01 32.44 -82.14
C ILE B 1209 -35.65 33.62 -81.26
N PRO B 1210 -35.80 33.55 -79.92
CA PRO B 1210 -35.37 34.68 -79.09
C PRO B 1210 -33.91 35.06 -79.27
N VAL B 1211 -33.02 34.08 -79.36
CA VAL B 1211 -31.62 34.40 -79.63
C VAL B 1211 -31.46 34.97 -81.03
N ILE B 1212 -32.28 34.51 -81.97
CA ILE B 1212 -32.24 35.04 -83.34
C ILE B 1212 -32.54 36.53 -83.33
N THR B 1213 -33.63 36.93 -82.69
CA THR B 1213 -33.97 38.35 -82.65
C THR B 1213 -32.99 39.12 -81.78
N THR B 1214 -32.42 38.49 -80.75
CA THR B 1214 -31.43 39.15 -79.92
C THR B 1214 -30.21 39.55 -80.74
N TYR B 1215 -29.64 38.61 -81.51
CA TYR B 1215 -28.44 38.99 -82.23
C TYR B 1215 -28.74 39.75 -83.51
N THR B 1216 -29.99 39.72 -84.00
CA THR B 1216 -30.35 40.67 -85.05
C THR B 1216 -30.41 42.10 -84.51
N HIS B 1217 -30.92 42.27 -83.29
CA HIS B 1217 -30.83 43.57 -82.63
C HIS B 1217 -29.37 43.95 -82.40
N LEU B 1218 -28.54 42.97 -82.04
CA LEU B 1218 -27.12 43.25 -81.84
C LEU B 1218 -26.45 43.70 -83.13
N SER B 1219 -26.79 43.07 -84.25
CA SER B 1219 -26.13 43.40 -85.51
C SER B 1219 -26.42 44.84 -85.93
N GLU B 1220 -27.67 45.27 -85.84
CA GLU B 1220 -28.01 46.65 -86.17
C GLU B 1220 -27.47 47.59 -85.10
N VAL B 1221 -26.98 48.75 -85.54
CA VAL B 1221 -26.37 49.73 -84.65
C VAL B 1221 -26.98 51.10 -84.93
N GLU B 1222 -27.26 51.83 -83.87
CA GLU B 1222 -27.89 53.16 -83.94
C GLU B 1222 -29.20 53.12 -84.72
N ASN B 1223 -30.15 52.37 -84.18
CA ASN B 1223 -31.47 52.26 -84.78
C ASN B 1223 -32.51 51.87 -83.74
N VAL B 1239 -48.55 31.17 -73.12
CA VAL B 1239 -47.85 32.42 -72.84
C VAL B 1239 -46.54 32.13 -72.11
N GLU B 1240 -46.46 30.93 -71.51
CA GLU B 1240 -45.26 30.56 -70.79
C GLU B 1240 -44.07 30.34 -71.73
N LEU B 1241 -44.34 29.80 -72.94
CA LEU B 1241 -43.27 29.61 -73.89
C LEU B 1241 -42.67 30.93 -74.35
N LEU B 1242 -43.52 31.93 -74.60
CA LEU B 1242 -43.02 33.24 -74.97
C LEU B 1242 -42.26 33.90 -73.82
N ASN B 1243 -42.73 33.71 -72.59
CA ASN B 1243 -42.02 34.24 -71.43
C ASN B 1243 -40.64 33.61 -71.29
N ARG B 1244 -40.55 32.29 -71.49
CA ARG B 1244 -39.25 31.62 -71.46
C ARG B 1244 -38.35 32.10 -72.59
N SER B 1245 -38.93 32.33 -73.77
CA SER B 1245 -38.14 32.86 -74.88
C SER B 1245 -37.56 34.23 -74.55
N LYS B 1246 -38.39 35.12 -74.00
CA LYS B 1246 -37.88 36.44 -73.63
C LYS B 1246 -36.88 36.35 -72.49
N ALA B 1247 -37.04 35.37 -71.59
CA ALA B 1247 -36.04 35.14 -70.56
C ALA B 1247 -34.71 34.73 -71.17
N PHE B 1248 -34.74 33.84 -72.17
CA PHE B 1248 -33.51 33.42 -72.82
C PHE B 1248 -32.87 34.60 -73.55
N LEU B 1249 -33.70 35.47 -74.15
CA LEU B 1249 -33.18 36.67 -74.79
C LEU B 1249 -32.52 37.60 -73.77
N PHE B 1250 -33.14 37.79 -72.61
CA PHE B 1250 -32.54 38.62 -71.58
C PHE B 1250 -31.24 38.02 -71.08
N CYS B 1251 -31.18 36.69 -70.93
CA CYS B 1251 -29.95 36.03 -70.51
C CYS B 1251 -28.86 36.20 -71.56
N LEU B 1252 -29.20 36.07 -72.84
CA LEU B 1252 -28.23 36.28 -73.91
C LEU B 1252 -27.76 37.73 -73.95
N GLU B 1253 -28.62 38.67 -73.57
CA GLU B 1253 -28.17 40.04 -73.36
C GLU B 1253 -27.18 40.10 -72.20
N MET B 1254 -27.47 39.34 -71.13
CA MET B 1254 -26.61 39.35 -69.95
C MET B 1254 -25.28 38.65 -70.22
N LEU B 1255 -25.33 37.47 -70.84
CA LEU B 1255 -24.15 36.64 -71.04
C LEU B 1255 -23.93 36.40 -72.51
N LYS B 1256 -22.65 36.33 -72.91
CA LYS B 1256 -22.16 36.16 -74.28
C LYS B 1256 -22.35 37.40 -75.14
N GLU B 1257 -22.99 38.45 -74.62
CA GLU B 1257 -23.12 39.71 -75.31
C GLU B 1257 -22.53 40.88 -74.54
N VAL B 1258 -22.72 40.91 -73.22
CA VAL B 1258 -22.12 41.95 -72.40
C VAL B 1258 -20.59 41.85 -72.51
N LYS B 1259 -19.94 43.01 -72.46
CA LYS B 1259 -18.50 43.07 -72.66
C LYS B 1259 -17.78 42.25 -71.60
N GLU B 1260 -16.84 41.42 -72.04
CA GLU B 1260 -15.99 40.70 -71.09
C GLU B 1260 -15.11 41.66 -70.31
N LEU B 1261 -14.84 42.83 -70.87
CA LEU B 1261 -14.17 43.93 -70.17
C LEU B 1261 -15.15 45.10 -70.17
N GLY B 1262 -16.03 45.14 -69.16
CA GLY B 1262 -17.04 46.17 -69.07
C GLY B 1262 -16.51 47.39 -68.35
N SER B 1263 -16.64 48.56 -68.99
CA SER B 1263 -16.21 49.80 -68.38
C SER B 1263 -17.08 50.12 -67.16
N THR B 1264 -16.44 50.69 -66.13
CA THR B 1264 -17.17 51.06 -64.93
C THR B 1264 -18.23 52.12 -65.23
N PHE B 1265 -17.87 53.11 -66.03
CA PHE B 1265 -18.84 54.16 -66.40
C PHE B 1265 -19.92 53.56 -67.30
N LYS B 1266 -21.15 54.01 -67.06
CA LYS B 1266 -22.31 53.54 -67.81
C LYS B 1266 -22.93 54.70 -68.59
N SER B 1267 -23.96 54.38 -69.37
CA SER B 1267 -24.65 55.39 -70.15
C SER B 1267 -25.41 56.35 -69.23
N ILE B 1268 -25.43 57.62 -69.62
CA ILE B 1268 -26.11 58.66 -68.86
C ILE B 1268 -27.44 58.96 -69.54
N SER B 1269 -27.96 57.99 -70.30
CA SER B 1269 -29.19 58.21 -71.05
C SER B 1269 -30.36 58.52 -70.13
N SER B 1270 -30.47 57.81 -69.02
CA SER B 1270 -31.56 57.99 -68.06
C SER B 1270 -31.04 58.64 -66.80
N THR B 1271 -31.75 59.67 -66.31
CA THR B 1271 -31.40 60.28 -65.04
C THR B 1271 -31.58 59.29 -63.89
N SER B 1272 -32.61 58.44 -63.98
CA SER B 1272 -32.76 57.38 -62.98
C SER B 1272 -31.59 56.42 -63.03
N PHE B 1273 -31.07 56.15 -64.23
CA PHE B 1273 -29.88 55.33 -64.35
C PHE B 1273 -28.71 55.96 -63.62
N LYS B 1274 -28.55 57.28 -63.73
CA LYS B 1274 -27.55 57.97 -62.92
C LYS B 1274 -27.84 57.83 -61.44
N VAL B 1275 -29.11 57.81 -61.06
CA VAL B 1275 -29.47 57.64 -59.65
C VAL B 1275 -28.98 56.29 -59.13
N TYR B 1276 -29.29 55.21 -59.87
CA TYR B 1276 -28.83 53.91 -59.41
C TYR B 1276 -27.32 53.76 -59.50
N SER B 1277 -26.69 54.43 -60.48
CA SER B 1277 -25.24 54.44 -60.54
C SER B 1277 -24.65 55.09 -59.29
N GLN B 1278 -25.27 56.17 -58.81
CA GLN B 1278 -24.86 56.76 -57.54
C GLN B 1278 -25.08 55.79 -56.40
N LEU B 1279 -26.23 55.10 -56.41
CA LEU B 1279 -26.53 54.16 -55.32
C LEU B 1279 -25.54 52.99 -55.29
N THR B 1280 -24.90 52.69 -56.41
CA THR B 1280 -23.89 51.65 -56.44
C THR B 1280 -22.47 52.20 -56.49
N ILE B 1281 -22.28 53.50 -56.25
CA ILE B 1281 -20.95 54.10 -56.30
C ILE B 1281 -20.62 54.91 -55.05
N PHE B 1282 -21.57 55.14 -54.15
CA PHE B 1282 -21.27 55.95 -52.98
C PHE B 1282 -20.49 55.20 -51.92
N ALA B 1283 -20.48 53.86 -51.97
CA ALA B 1283 -19.83 53.04 -50.95
C ALA B 1283 -18.84 52.10 -51.62
N ASN B 1284 -17.56 52.28 -51.30
CA ASN B 1284 -16.50 51.34 -51.70
C ASN B 1284 -16.47 51.12 -53.20
N ARG B 1285 -16.62 52.19 -53.96
CA ARG B 1285 -16.62 52.12 -55.41
C ARG B 1285 -15.24 52.47 -55.96
N VAL B 1286 -14.72 51.62 -56.83
CA VAL B 1286 -13.50 51.90 -57.58
C VAL B 1286 -13.89 52.04 -59.04
N SER B 1287 -13.59 53.20 -59.62
CA SER B 1287 -14.01 53.51 -60.98
C SER B 1287 -12.94 53.10 -61.98
N PHE B 1288 -13.32 53.14 -63.26
CA PHE B 1288 -12.42 52.82 -64.37
C PHE B 1288 -11.80 51.43 -64.23
N ASN B 1289 -12.63 50.47 -63.82
CA ASN B 1289 -12.18 49.08 -63.68
C ASN B 1289 -12.27 48.39 -65.03
N ASN B 1290 -11.12 48.04 -65.60
CA ASN B 1290 -11.06 47.39 -66.89
C ASN B 1290 -10.75 45.90 -66.73
N SER B 1291 -10.84 45.19 -67.85
CA SER B 1291 -10.58 43.75 -67.88
C SER B 1291 -9.85 43.45 -69.18
N THR B 1292 -9.80 42.16 -69.55
CA THR B 1292 -8.93 41.72 -70.63
C THR B 1292 -9.46 42.13 -72.01
N ALA B 1293 -10.62 41.62 -72.39
CA ALA B 1293 -11.10 41.76 -73.76
C ALA B 1293 -12.54 42.25 -73.78
N ILE B 1294 -12.89 42.98 -74.84
CA ILE B 1294 -14.22 43.53 -75.05
C ILE B 1294 -14.82 42.87 -76.28
N PRO B 1295 -15.79 41.96 -76.12
CA PRO B 1295 -16.44 41.41 -77.32
C PRO B 1295 -17.38 42.39 -77.99
N PHE B 1296 -18.19 43.11 -77.20
CA PHE B 1296 -19.09 44.13 -77.72
C PHE B 1296 -19.40 45.10 -76.60
N PHE B 1297 -19.53 46.38 -76.95
CA PHE B 1297 -19.69 47.44 -75.97
C PHE B 1297 -20.79 48.40 -76.40
N SER B 1298 -21.33 49.11 -75.41
CA SER B 1298 -22.34 50.15 -75.60
C SER B 1298 -23.57 49.59 -76.32
N THR B 1299 -24.21 48.63 -75.68
CA THR B 1299 -25.44 48.03 -76.18
C THR B 1299 -26.62 48.77 -75.54
N LYS B 1300 -27.19 49.73 -76.28
CA LYS B 1300 -28.35 50.46 -75.80
C LYS B 1300 -29.63 49.62 -75.89
N SER B 1301 -29.64 48.59 -76.73
CA SER B 1301 -30.85 47.81 -76.99
C SER B 1301 -31.45 47.21 -75.72
N VAL B 1302 -30.63 46.96 -74.70
CA VAL B 1302 -31.14 46.40 -73.46
C VAL B 1302 -32.22 47.30 -72.88
N LEU B 1303 -32.02 48.62 -72.95
CA LEU B 1303 -33.05 49.54 -72.46
C LEU B 1303 -34.35 49.32 -73.22
N TRP B 1304 -34.27 49.17 -74.55
CA TRP B 1304 -35.46 48.88 -75.33
C TRP B 1304 -36.14 47.62 -74.84
N TYR B 1305 -35.34 46.60 -74.48
CA TYR B 1305 -35.92 45.38 -73.93
C TYR B 1305 -36.68 45.67 -72.65
N CYS B 1306 -36.13 46.53 -71.79
CA CYS B 1306 -36.83 46.93 -70.58
C CYS B 1306 -38.16 47.59 -70.91
N ASN B 1307 -38.23 48.30 -72.04
CA ASN B 1307 -39.50 48.85 -72.50
C ASN B 1307 -40.39 47.79 -73.13
N ARG B 1308 -39.79 46.81 -73.81
CA ARG B 1308 -40.60 45.84 -74.55
C ARG B 1308 -41.29 44.86 -73.60
N LEU B 1309 -40.57 44.35 -72.61
CA LEU B 1309 -41.12 43.31 -71.75
C LEU B 1309 -42.36 43.78 -71.00
N PHE B 1310 -42.35 45.04 -70.54
CA PHE B 1310 -43.50 45.57 -69.82
C PHE B 1310 -44.74 45.61 -70.71
N GLN B 1311 -44.57 45.71 -72.02
CA GLN B 1311 -45.68 45.78 -72.96
C GLN B 1311 -45.84 44.51 -73.78
N GLU B 1312 -45.15 43.43 -73.42
CA GLU B 1312 -45.19 42.19 -74.19
C GLU B 1312 -46.11 41.18 -73.51
N LEU B 1313 -47.09 40.67 -74.28
CA LEU B 1313 -48.01 39.63 -73.82
C LEU B 1313 -48.71 40.05 -72.52
N GLU B 1314 -49.25 41.27 -72.52
CA GLU B 1314 -49.96 41.82 -71.37
C GLU B 1314 -49.08 41.82 -70.12
N GLY B 1315 -47.82 42.22 -70.28
CA GLY B 1315 -46.89 42.27 -69.19
C GLY B 1315 -46.11 41.00 -68.93
N PHE B 1316 -46.41 39.92 -69.65
CA PHE B 1316 -45.68 38.68 -69.46
C PHE B 1316 -44.23 38.87 -69.88
N SER B 1317 -43.35 38.08 -69.26
CA SER B 1317 -41.89 38.13 -69.36
C SER B 1317 -41.31 39.39 -68.71
N SER B 1318 -42.14 40.28 -68.18
CA SER B 1318 -41.70 41.38 -67.35
C SER B 1318 -42.02 41.15 -65.87
N ILE B 1319 -42.48 39.95 -65.53
CA ILE B 1319 -42.82 39.59 -64.16
C ILE B 1319 -41.54 39.66 -63.33
N PRO B 1320 -41.62 39.95 -62.03
CA PRO B 1320 -40.42 39.78 -61.19
C PRO B 1320 -39.88 38.36 -61.21
N SER B 1321 -40.75 37.36 -61.41
CA SER B 1321 -40.31 35.97 -61.37
C SER B 1321 -39.31 35.67 -62.49
N VAL B 1322 -39.59 36.13 -63.71
CA VAL B 1322 -38.72 35.79 -64.83
C VAL B 1322 -37.37 36.47 -64.69
N ILE B 1323 -37.35 37.73 -64.23
CA ILE B 1323 -36.07 38.38 -64.00
C ILE B 1323 -35.33 37.74 -62.84
N ASP B 1324 -36.07 37.21 -61.86
CA ASP B 1324 -35.44 36.45 -60.78
C ASP B 1324 -34.74 35.21 -61.33
N LEU B 1325 -35.41 34.49 -62.22
CA LEU B 1325 -34.79 33.33 -62.85
C LEU B 1325 -33.56 33.73 -63.65
N VAL B 1326 -33.64 34.85 -64.38
CA VAL B 1326 -32.51 35.30 -65.19
C VAL B 1326 -31.32 35.64 -64.29
N LEU B 1327 -31.56 36.38 -63.21
CA LEU B 1327 -30.47 36.78 -62.34
C LEU B 1327 -29.87 35.59 -61.59
N ARG B 1328 -30.72 34.66 -61.16
CA ARG B 1328 -30.19 33.44 -60.53
C ARG B 1328 -29.39 32.62 -61.52
N ARG B 1329 -29.85 32.55 -62.78
CA ARG B 1329 -29.13 31.82 -63.81
C ARG B 1329 -27.76 32.42 -64.04
N LEU B 1330 -27.68 33.75 -64.12
CA LEU B 1330 -26.38 34.38 -64.36
C LEU B 1330 -25.48 34.26 -63.13
N ALA B 1331 -26.06 34.36 -61.93
CA ALA B 1331 -25.25 34.22 -60.72
C ALA B 1331 -24.69 32.82 -60.57
N ILE B 1332 -25.49 31.79 -60.89
CA ILE B 1332 -24.97 30.42 -60.86
C ILE B 1332 -23.96 30.21 -61.98
N GLN B 1333 -24.19 30.80 -63.15
CA GLN B 1333 -23.19 30.78 -64.20
C GLN B 1333 -21.86 31.35 -63.70
N LEU B 1334 -21.93 32.33 -62.79
CA LEU B 1334 -20.74 32.73 -62.05
C LEU B 1334 -20.46 31.67 -60.99
N HIS B 1335 -19.65 30.68 -61.34
CA HIS B 1335 -19.32 29.65 -60.37
C HIS B 1335 -18.55 30.24 -59.20
N PHE B 1336 -18.81 29.70 -58.01
CA PHE B 1336 -18.19 30.22 -56.81
C PHE B 1336 -16.68 30.02 -56.78
N ALA B 1337 -16.14 29.18 -57.66
CA ALA B 1337 -14.70 28.96 -57.74
C ALA B 1337 -14.04 29.75 -58.87
N THR B 1338 -14.77 30.63 -59.53
CA THR B 1338 -14.21 31.42 -60.61
C THR B 1338 -13.22 32.45 -60.09
N ASP B 1339 -12.39 32.96 -60.99
CA ASP B 1339 -11.33 33.88 -60.61
C ASP B 1339 -11.91 35.26 -60.30
N GLU B 1340 -11.01 36.18 -59.93
CA GLU B 1340 -11.44 37.49 -59.44
C GLU B 1340 -11.96 38.37 -60.57
N GLU B 1341 -11.25 38.41 -61.70
CA GLU B 1341 -11.63 39.34 -62.77
C GLU B 1341 -12.97 38.98 -63.38
N LEU B 1342 -13.22 37.69 -63.64
CA LEU B 1342 -14.51 37.29 -64.18
C LEU B 1342 -15.63 37.56 -63.17
N GLN B 1343 -15.34 37.36 -61.88
CA GLN B 1343 -16.33 37.67 -60.85
C GLN B 1343 -16.67 39.15 -60.85
N VAL B 1344 -15.66 40.02 -60.96
CA VAL B 1344 -15.91 41.45 -61.00
C VAL B 1344 -16.69 41.82 -62.25
N THR B 1345 -16.36 41.20 -63.39
CA THR B 1345 -17.07 41.50 -64.62
C THR B 1345 -18.54 41.10 -64.52
N ILE B 1346 -18.81 39.90 -63.99
CA ILE B 1346 -20.18 39.44 -63.83
C ILE B 1346 -20.93 40.33 -62.84
N SER B 1347 -20.22 40.81 -61.80
CA SER B 1347 -20.84 41.70 -60.83
C SER B 1347 -21.21 43.03 -61.46
N PHE B 1348 -20.32 43.57 -62.30
CA PHE B 1348 -20.66 44.80 -63.01
C PHE B 1348 -21.85 44.57 -63.93
N ARG B 1349 -21.90 43.41 -64.59
CA ARG B 1349 -23.05 43.08 -65.42
C ARG B 1349 -24.34 43.07 -64.61
N LEU B 1350 -24.37 42.35 -63.49
CA LEU B 1350 -25.65 42.23 -62.79
C LEU B 1350 -26.02 43.53 -62.09
N CYS B 1351 -25.03 44.33 -61.69
CA CYS B 1351 -25.33 45.67 -61.19
C CYS B 1351 -25.97 46.53 -62.27
N ALA B 1352 -25.45 46.45 -63.49
CA ALA B 1352 -26.06 47.17 -64.60
C ALA B 1352 -27.48 46.67 -64.87
N PHE B 1353 -27.72 45.37 -64.68
CA PHE B 1353 -29.06 44.84 -64.90
C PHE B 1353 -30.02 45.31 -63.82
N LEU B 1354 -29.57 45.34 -62.56
CA LEU B 1354 -30.40 45.93 -61.50
C LEU B 1354 -30.62 47.42 -61.72
N CYS B 1355 -29.71 48.09 -62.42
CA CYS B 1355 -29.98 49.47 -62.82
C CYS B 1355 -31.17 49.54 -63.76
N PHE B 1356 -31.24 48.63 -64.73
CA PHE B 1356 -32.39 48.55 -65.61
C PHE B 1356 -33.62 47.96 -64.93
N SER B 1357 -33.47 47.43 -63.73
CA SER B 1357 -34.58 46.82 -63.01
C SER B 1357 -35.58 47.88 -62.56
N ASP B 1358 -36.83 47.48 -62.47
CA ASP B 1358 -37.95 48.33 -62.09
C ASP B 1358 -38.17 48.27 -60.58
N PRO B 1359 -39.03 49.15 -60.05
CA PRO B 1359 -39.37 49.07 -58.62
C PRO B 1359 -39.96 47.72 -58.20
N PHE B 1360 -40.57 46.97 -59.11
CA PHE B 1360 -41.16 45.69 -58.75
C PHE B 1360 -40.13 44.69 -58.22
N ILE B 1361 -38.85 44.90 -58.52
CA ILE B 1361 -37.80 44.03 -57.98
C ILE B 1361 -37.55 44.28 -56.50
N THR B 1362 -38.28 45.20 -55.90
CA THR B 1362 -38.16 45.51 -54.48
C THR B 1362 -38.98 44.57 -53.59
N SER B 1363 -39.65 43.58 -54.18
CA SER B 1363 -40.39 42.60 -53.39
C SER B 1363 -39.44 41.75 -52.56
N ASN B 1364 -40.00 41.07 -51.56
CA ASN B 1364 -39.18 40.42 -50.54
C ASN B 1364 -38.27 39.35 -51.14
N TYR B 1365 -38.83 38.44 -51.94
CA TYR B 1365 -38.04 37.35 -52.48
C TYR B 1365 -37.00 37.85 -53.48
N LEU B 1366 -37.39 38.78 -54.35
CA LEU B 1366 -36.47 39.30 -55.35
C LEU B 1366 -35.28 39.98 -54.69
N VAL B 1367 -35.56 40.93 -53.79
CA VAL B 1367 -34.49 41.63 -53.12
C VAL B 1367 -33.68 40.67 -52.25
N MET B 1368 -34.32 39.64 -51.69
CA MET B 1368 -33.61 38.68 -50.85
C MET B 1368 -32.58 37.89 -51.65
N ILE B 1369 -32.98 37.40 -52.83
CA ILE B 1369 -32.00 36.72 -53.69
C ILE B 1369 -30.93 37.71 -54.12
N VAL B 1370 -31.31 38.99 -54.28
CA VAL B 1370 -30.32 40.00 -54.66
C VAL B 1370 -29.27 40.16 -53.57
N LEU B 1371 -29.68 40.25 -52.31
CA LEU B 1371 -28.68 40.41 -51.24
C LEU B 1371 -27.90 39.13 -51.03
N ARG B 1372 -28.50 37.96 -51.30
CA ARG B 1372 -27.72 36.74 -51.25
C ARG B 1372 -26.60 36.75 -52.27
N ILE B 1373 -26.90 37.18 -53.50
CA ILE B 1373 -25.86 37.30 -54.52
C ILE B 1373 -24.85 38.37 -54.13
N ALA B 1374 -25.31 39.45 -53.49
CA ALA B 1374 -24.40 40.51 -53.06
C ALA B 1374 -23.43 40.00 -51.99
N ARG B 1375 -23.93 39.19 -51.06
CA ARG B 1375 -23.05 38.58 -50.06
C ARG B 1375 -22.07 37.62 -50.71
N GLN B 1376 -22.52 36.89 -51.73
CA GLN B 1376 -21.60 36.04 -52.48
C GLN B 1376 -20.48 36.87 -53.10
N LEU B 1377 -20.83 38.02 -53.68
CA LEU B 1377 -19.81 38.92 -54.22
C LEU B 1377 -18.89 39.43 -53.11
N LEU B 1378 -19.47 39.78 -51.96
CA LEU B 1378 -18.69 40.26 -50.82
C LEU B 1378 -17.67 39.22 -50.38
N SER B 1379 -18.02 37.95 -50.47
CA SER B 1379 -17.05 36.89 -50.15
C SER B 1379 -15.84 36.96 -51.07
N ILE B 1380 -16.05 37.29 -52.34
CA ILE B 1380 -14.94 37.50 -53.26
C ILE B 1380 -14.19 38.77 -52.83
N PRO B 1381 -12.86 38.72 -52.67
CA PRO B 1381 -12.14 39.87 -52.11
C PRO B 1381 -12.15 41.08 -53.03
N CYS B 1382 -11.75 40.89 -54.30
CA CYS B 1382 -11.68 42.01 -55.22
C CYS B 1382 -13.05 42.64 -55.45
N THR B 1383 -14.08 41.81 -55.60
CA THR B 1383 -15.42 42.28 -55.87
C THR B 1383 -16.16 42.68 -54.61
N GLN B 1384 -15.54 42.50 -53.43
CA GLN B 1384 -16.17 42.95 -52.20
C GLN B 1384 -16.42 44.44 -52.21
N SER B 1385 -15.54 45.21 -52.86
CA SER B 1385 -15.75 46.66 -52.97
C SER B 1385 -17.07 46.97 -53.67
N LEU B 1386 -17.30 46.34 -54.82
CA LEU B 1386 -18.55 46.57 -55.54
C LEU B 1386 -19.74 46.06 -54.74
N GLY B 1387 -19.60 44.88 -54.12
CA GLY B 1387 -20.72 44.30 -53.39
C GLY B 1387 -21.17 45.16 -52.23
N LEU B 1388 -20.21 45.77 -51.53
CA LEU B 1388 -20.55 46.64 -50.41
C LEU B 1388 -21.44 47.79 -50.88
N GLY B 1389 -21.11 48.40 -52.01
CA GLY B 1389 -21.95 49.45 -52.55
C GLY B 1389 -23.31 48.95 -53.01
N ILE B 1390 -23.33 47.82 -53.73
CA ILE B 1390 -24.59 47.35 -54.29
C ILE B 1390 -25.53 46.84 -53.21
N ALA B 1391 -25.02 46.52 -52.02
CA ALA B 1391 -25.90 46.03 -50.96
C ALA B 1391 -26.87 47.13 -50.48
N ARG B 1392 -26.36 48.34 -50.27
CA ARG B 1392 -27.06 49.32 -49.44
C ARG B 1392 -28.45 49.64 -49.98
N PHE B 1393 -28.56 49.85 -51.29
CA PHE B 1393 -29.86 50.17 -51.88
C PHE B 1393 -30.84 49.01 -51.68
N HIS B 1394 -30.34 47.78 -51.76
CA HIS B 1394 -31.22 46.62 -51.59
C HIS B 1394 -31.64 46.45 -50.13
N LEU B 1395 -30.77 46.75 -49.17
CA LEU B 1395 -31.23 46.85 -47.78
C LEU B 1395 -32.30 47.92 -47.63
N LYS B 1396 -32.12 49.08 -48.28
CA LYS B 1396 -33.12 50.13 -48.15
C LYS B 1396 -34.46 49.70 -48.73
N LYS B 1397 -34.43 48.94 -49.83
CA LYS B 1397 -35.67 48.45 -50.42
C LYS B 1397 -36.30 47.33 -49.60
N PHE B 1398 -35.47 46.49 -48.97
CA PHE B 1398 -35.98 45.35 -48.22
C PHE B 1398 -36.55 45.75 -46.86
N LYS B 1399 -35.98 46.76 -46.20
CA LYS B 1399 -36.40 47.06 -44.84
C LYS B 1399 -37.88 47.36 -44.69
N PRO B 1400 -38.56 48.11 -45.57
CA PRO B 1400 -40.01 48.26 -45.38
C PRO B 1400 -40.76 46.97 -45.62
N THR B 1401 -40.30 46.15 -46.57
CA THR B 1401 -40.97 44.88 -46.84
C THR B 1401 -40.66 43.84 -45.77
N ASP B 1402 -39.49 43.94 -45.13
CA ASP B 1402 -39.12 42.99 -44.09
C ASP B 1402 -39.95 43.13 -42.82
N PHE B 1403 -40.71 44.21 -42.69
CA PHE B 1403 -41.54 44.39 -41.50
C PHE B 1403 -42.65 43.35 -41.44
N PHE B 1406 -38.42 39.94 -40.95
CA PHE B 1406 -37.48 40.59 -40.02
C PHE B 1406 -36.45 39.62 -39.50
N PHE B 1407 -36.82 38.35 -39.32
CA PHE B 1407 -35.86 37.33 -38.94
C PHE B 1407 -34.78 37.17 -40.01
N GLN B 1408 -35.20 37.16 -41.28
CA GLN B 1408 -34.23 37.07 -42.38
C GLN B 1408 -33.32 38.29 -42.39
N LEU B 1409 -33.88 39.48 -42.18
CA LEU B 1409 -33.07 40.69 -42.15
C LEU B 1409 -32.07 40.65 -41.01
N ALA B 1410 -32.50 40.23 -39.83
CA ALA B 1410 -31.59 40.14 -38.68
C ALA B 1410 -30.50 39.11 -38.93
N GLU B 1411 -30.85 37.97 -39.51
CA GLU B 1411 -29.86 36.94 -39.80
C GLU B 1411 -28.84 37.44 -40.83
N PHE B 1412 -29.31 38.14 -41.85
CA PHE B 1412 -28.39 38.68 -42.84
C PHE B 1412 -27.64 39.90 -42.35
N CYS B 1413 -28.05 40.47 -41.21
CA CYS B 1413 -27.34 41.62 -40.67
C CYS B 1413 -25.91 41.26 -40.30
N MET B 1414 -25.66 40.00 -39.96
CA MET B 1414 -24.30 39.53 -39.65
C MET B 1414 -23.54 39.20 -40.93
N ASP B 1415 -23.36 40.23 -41.75
CA ASP B 1415 -22.62 40.12 -43.00
C ASP B 1415 -21.52 41.17 -43.10
N PHE B 1416 -21.15 41.78 -41.98
CA PHE B 1416 -20.23 42.91 -41.98
C PHE B 1416 -18.79 42.44 -42.25
N LEU B 1417 -17.95 43.41 -42.60
CA LEU B 1417 -16.54 43.17 -42.86
C LEU B 1417 -15.67 43.47 -41.65
N GLY B 1418 -16.27 43.76 -40.49
CA GLY B 1418 -15.48 44.05 -39.30
C GLY B 1418 -14.53 42.93 -38.94
N PHE B 1419 -14.85 41.70 -39.36
CA PHE B 1419 -13.93 40.58 -39.31
C PHE B 1419 -13.56 40.19 -40.73
N CYS B 1420 -12.26 40.02 -40.97
CA CYS B 1420 -11.74 39.65 -42.29
C CYS B 1420 -12.20 40.63 -43.37
N LYS B 1427 -8.18 50.20 -48.10
CA LYS B 1427 -9.58 50.38 -48.44
C LYS B 1427 -10.42 50.61 -47.20
N MET B 1428 -9.75 50.79 -46.06
CA MET B 1428 -10.46 50.91 -44.79
C MET B 1428 -11.33 52.16 -44.73
N GLU B 1429 -10.97 53.21 -45.47
CA GLU B 1429 -11.80 54.41 -45.48
C GLU B 1429 -13.15 54.15 -46.13
N ALA B 1430 -13.17 53.36 -47.20
CA ALA B 1430 -14.43 52.99 -47.84
C ALA B 1430 -15.28 52.15 -46.89
N ILE B 1431 -14.65 51.24 -46.14
CA ILE B 1431 -15.39 50.45 -45.17
C ILE B 1431 -15.93 51.34 -44.07
N GLN B 1432 -15.17 52.37 -43.68
CA GLN B 1432 -15.67 53.31 -42.68
C GLN B 1432 -16.87 54.09 -43.20
N ASP B 1433 -16.83 54.52 -44.46
CA ASP B 1433 -17.98 55.20 -45.04
C ASP B 1433 -19.21 54.29 -45.08
N PHE B 1434 -19.01 53.04 -45.50
CA PHE B 1434 -20.11 52.10 -45.49
C PHE B 1434 -20.59 51.83 -44.07
N TYR B 1435 -19.70 51.90 -43.09
CA TYR B 1435 -20.10 51.71 -41.70
C TYR B 1435 -20.95 52.87 -41.20
N THR B 1436 -20.61 54.09 -41.62
CA THR B 1436 -21.46 55.24 -41.30
C THR B 1436 -22.83 55.08 -41.96
N TRP B 1437 -22.86 54.64 -43.22
CA TRP B 1437 -24.13 54.40 -43.89
C TRP B 1437 -24.93 53.33 -43.15
N PHE B 1438 -24.26 52.26 -42.71
CA PHE B 1438 -24.94 51.20 -41.99
C PHE B 1438 -25.41 51.66 -40.62
N ASP B 1439 -24.68 52.57 -39.98
CA ASP B 1439 -25.15 53.14 -38.73
C ASP B 1439 -26.44 53.93 -38.94
N GLY B 1440 -26.48 54.73 -40.00
CA GLY B 1440 -27.72 55.40 -40.35
C GLY B 1440 -28.85 54.41 -40.62
N TYR B 1441 -28.54 53.35 -41.36
CA TYR B 1441 -29.54 52.35 -41.70
C TYR B 1441 -30.09 51.64 -40.46
N VAL B 1442 -29.19 51.27 -39.53
CA VAL B 1442 -29.63 50.55 -38.35
C VAL B 1442 -30.37 51.49 -37.40
N THR B 1443 -30.03 52.77 -37.38
CA THR B 1443 -30.84 53.71 -36.63
C THR B 1443 -32.24 53.83 -37.23
N ALA B 1444 -32.32 53.80 -38.56
CA ALA B 1444 -33.62 53.80 -39.23
C ALA B 1444 -34.42 52.57 -38.85
N LEU B 1445 -33.78 51.40 -38.80
CA LEU B 1445 -34.46 50.19 -38.36
C LEU B 1445 -34.84 50.26 -36.89
N LEU B 1446 -34.04 50.94 -36.08
CA LEU B 1446 -34.22 50.96 -34.63
C LEU B 1446 -35.35 51.89 -34.21
N ASN B 1447 -35.57 52.99 -34.93
CA ASN B 1447 -36.49 54.01 -34.45
C ASN B 1447 -37.86 53.44 -34.12
N PHE B 1448 -38.31 52.44 -34.88
CA PHE B 1448 -39.57 51.78 -34.56
C PHE B 1448 -39.37 50.55 -33.67
N GLU B 1449 -38.37 49.72 -33.99
CA GLU B 1449 -38.05 48.52 -33.21
C GLU B 1449 -39.28 47.64 -33.01
N TYR B 1450 -39.95 47.33 -34.12
CA TYR B 1450 -41.16 46.52 -34.05
C TYR B 1450 -40.86 45.11 -33.55
N GLU B 1451 -39.87 44.46 -34.16
CA GLU B 1451 -39.52 43.10 -33.73
C GLU B 1451 -38.51 43.13 -32.59
N GLY B 1452 -37.47 43.95 -32.70
CA GLY B 1452 -36.47 44.07 -31.67
C GLY B 1452 -35.44 42.98 -31.65
N TYR B 1453 -35.51 42.02 -32.57
CA TYR B 1453 -34.57 40.90 -32.61
C TYR B 1453 -33.33 41.19 -33.45
N GLY B 1454 -33.21 42.40 -34.00
CA GLY B 1454 -32.04 42.72 -34.80
C GLY B 1454 -30.75 42.68 -34.00
N PHE B 1455 -30.75 43.32 -32.83
CA PHE B 1455 -29.55 43.48 -32.00
C PHE B 1455 -28.40 44.03 -32.84
N LEU B 1456 -28.70 45.06 -33.64
CA LEU B 1456 -27.76 45.56 -34.62
C LEU B 1456 -26.96 46.77 -34.15
N ARG B 1457 -27.45 47.53 -33.18
CA ARG B 1457 -26.73 48.73 -32.74
C ARG B 1457 -25.38 48.36 -32.16
N CYS B 1458 -25.35 47.44 -31.19
CA CYS B 1458 -24.09 47.02 -30.61
C CYS B 1458 -23.22 46.29 -31.63
N GLN B 1459 -23.85 45.50 -32.50
CA GLN B 1459 -23.10 44.75 -33.50
C GLN B 1459 -22.36 45.70 -34.44
N ILE B 1460 -23.00 46.78 -34.86
CA ILE B 1460 -22.33 47.73 -35.74
C ILE B 1460 -21.37 48.62 -34.96
N ASN B 1461 -21.67 48.91 -33.69
CA ASN B 1461 -20.75 49.73 -32.90
C ASN B 1461 -19.43 49.03 -32.69
N PHE B 1462 -19.46 47.72 -32.41
CA PHE B 1462 -18.22 46.99 -32.14
C PHE B 1462 -17.29 47.00 -33.34
N VAL B 1463 -17.83 46.77 -34.54
CA VAL B 1463 -16.99 46.74 -35.73
C VAL B 1463 -16.58 48.15 -36.14
N ARG B 1464 -17.46 49.14 -35.92
CA ARG B 1464 -17.13 50.53 -36.24
C ARG B 1464 -16.02 51.07 -35.35
N SER B 1465 -15.70 50.37 -34.25
CA SER B 1465 -14.73 50.79 -33.25
C SER B 1465 -15.19 52.02 -32.47
N VAL B 1466 -16.48 52.27 -32.44
CA VAL B 1466 -17.06 53.29 -31.57
C VAL B 1466 -17.45 52.63 -30.26
N MET B 1467 -17.08 53.27 -29.14
CA MET B 1467 -17.34 52.69 -27.82
C MET B 1467 -18.84 52.63 -27.61
N THR B 1468 -19.40 51.43 -27.71
CA THR B 1468 -20.83 51.23 -27.47
C THR B 1468 -21.14 51.54 -26.01
N THR B 1469 -22.32 52.11 -25.77
CA THR B 1469 -22.68 52.46 -24.41
C THR B 1469 -23.14 51.22 -23.65
N LYS B 1470 -23.01 51.29 -22.32
CA LYS B 1470 -23.44 50.17 -21.49
C LYS B 1470 -24.94 49.92 -21.64
N ASN B 1471 -25.73 50.99 -21.64
CA ASN B 1471 -27.19 50.83 -21.62
C ASN B 1471 -27.66 49.98 -22.80
N GLU B 1472 -27.26 50.35 -24.02
CA GLU B 1472 -27.62 49.53 -25.17
C GLU B 1472 -26.96 48.15 -25.09
N TRP B 1473 -25.83 48.05 -24.40
CA TRP B 1473 -25.17 46.76 -24.26
C TRP B 1473 -26.00 45.78 -23.45
N ILE B 1474 -26.84 46.27 -22.53
CA ILE B 1474 -27.82 45.36 -21.93
C ILE B 1474 -29.16 45.38 -22.65
N GLU B 1475 -29.51 46.44 -23.38
CA GLU B 1475 -30.76 46.44 -24.13
C GLU B 1475 -30.73 45.44 -25.27
N VAL B 1476 -29.55 45.18 -25.84
CA VAL B 1476 -29.41 44.12 -26.83
C VAL B 1476 -29.75 42.78 -26.21
N SER B 1477 -29.28 42.56 -24.98
CA SER B 1477 -29.45 41.26 -24.32
C SER B 1477 -30.88 41.08 -23.84
N ASN B 1478 -31.49 42.13 -23.27
CA ASN B 1478 -32.82 41.98 -22.66
C ASN B 1478 -33.88 41.65 -23.70
N LYS B 1479 -33.62 41.93 -24.97
CA LYS B 1479 -34.45 41.50 -26.08
C LYS B 1479 -33.95 40.21 -26.71
N LEU B 1480 -32.92 39.58 -26.14
CA LEU B 1480 -32.21 38.48 -26.77
C LEU B 1480 -32.51 37.12 -26.16
N PHE B 1481 -32.66 37.02 -24.84
CA PHE B 1481 -32.69 35.68 -24.25
C PHE B 1481 -34.03 34.99 -24.46
N GLU B 1482 -35.12 35.75 -24.63
CA GLU B 1482 -36.45 35.19 -24.50
C GLU B 1482 -36.83 34.32 -25.70
N ARG B 1483 -36.91 34.93 -26.89
CA ARG B 1483 -37.45 34.25 -28.05
C ARG B 1483 -36.33 33.58 -28.86
N GLY B 1484 -36.71 33.02 -30.01
CA GLY B 1484 -35.78 32.29 -30.84
C GLY B 1484 -34.89 33.17 -31.70
N HIS B 1485 -33.98 33.89 -31.07
CA HIS B 1485 -33.00 34.72 -31.75
C HIS B 1485 -31.71 33.94 -32.00
N PHE B 1486 -30.64 34.66 -32.34
CA PHE B 1486 -29.40 34.01 -32.73
C PHE B 1486 -28.83 33.11 -31.65
N LEU B 1487 -29.19 33.33 -30.38
CA LEU B 1487 -28.84 32.38 -29.35
C LEU B 1487 -29.49 31.03 -29.58
N LYS B 1488 -30.64 31.01 -30.25
CA LYS B 1488 -31.26 29.78 -30.72
C LYS B 1488 -30.92 29.47 -32.17
N ARG B 1489 -30.13 30.31 -32.82
CA ARG B 1489 -29.73 30.15 -34.22
C ARG B 1489 -28.23 29.94 -34.34
N ILE B 1490 -27.67 29.05 -33.53
CA ILE B 1490 -26.24 28.80 -33.50
C ILE B 1490 -25.89 27.49 -34.18
N ALA B 1491 -26.74 26.98 -35.07
CA ALA B 1491 -26.51 25.68 -35.68
C ALA B 1491 -25.22 25.66 -36.50
N MET B 1492 -25.00 26.71 -37.29
CA MET B 1492 -23.78 26.83 -38.07
C MET B 1492 -22.63 27.35 -37.21
N ASN B 1493 -21.48 27.53 -37.83
CA ASN B 1493 -20.24 27.85 -37.13
C ASN B 1493 -19.64 29.19 -37.52
N ASN B 1494 -19.73 29.60 -38.78
CA ASN B 1494 -19.15 30.86 -39.19
C ASN B 1494 -19.76 32.05 -38.48
N TYR B 1495 -21.01 31.92 -38.01
CA TYR B 1495 -21.65 33.00 -37.27
C TYR B 1495 -20.94 33.27 -35.94
N LEU B 1496 -20.41 32.22 -35.31
CA LEU B 1496 -20.03 32.33 -33.90
C LEU B 1496 -18.97 33.39 -33.66
N CYS B 1497 -17.98 33.50 -34.55
CA CYS B 1497 -17.03 34.59 -34.45
C CYS B 1497 -17.75 35.93 -34.59
N LEU B 1498 -18.65 36.04 -35.56
CA LEU B 1498 -19.44 37.24 -35.76
C LEU B 1498 -20.62 37.35 -34.82
N TYR B 1499 -20.93 36.28 -34.08
CA TYR B 1499 -22.09 36.29 -33.18
C TYR B 1499 -21.81 37.18 -31.99
N PHE B 1500 -22.72 37.14 -31.02
CA PHE B 1500 -22.57 38.00 -29.85
C PHE B 1500 -21.57 37.38 -28.88
N TRP B 1501 -20.37 37.09 -29.37
CA TRP B 1501 -19.22 36.77 -28.55
C TRP B 1501 -18.08 37.76 -28.77
N GLN B 1502 -17.75 38.05 -30.03
CA GLN B 1502 -16.79 39.12 -30.30
C GLN B 1502 -17.33 40.46 -29.83
N VAL B 1503 -18.61 40.72 -30.08
CA VAL B 1503 -19.25 41.92 -29.53
C VAL B 1503 -19.25 41.85 -28.01
N LEU B 1504 -19.50 40.67 -27.46
CA LEU B 1504 -19.38 40.49 -26.01
C LEU B 1504 -17.93 40.62 -25.55
N ASP B 1505 -16.97 40.21 -26.40
CA ASP B 1505 -15.56 40.37 -26.06
C ASP B 1505 -15.19 41.84 -25.93
N ALA B 1506 -15.65 42.67 -26.86
CA ALA B 1506 -15.37 44.10 -26.78
C ALA B 1506 -16.16 44.78 -25.67
N CYS B 1507 -17.21 44.15 -25.17
CA CYS B 1507 -18.00 44.75 -24.11
C CYS B 1507 -17.19 44.84 -22.83
N PRO B 1508 -17.33 45.93 -22.07
CA PRO B 1508 -16.57 46.06 -20.82
C PRO B 1508 -16.97 45.00 -19.80
N ARG B 1509 -16.01 44.66 -18.94
CA ARG B 1509 -16.22 43.57 -17.98
C ARG B 1509 -17.36 43.87 -17.03
N ASN B 1510 -17.48 45.13 -16.57
CA ASN B 1510 -18.60 45.49 -15.71
C ASN B 1510 -19.92 45.31 -16.44
N VAL B 1511 -19.99 45.79 -17.69
CA VAL B 1511 -21.19 45.59 -18.49
C VAL B 1511 -21.38 44.12 -18.81
N LEU B 1512 -20.29 43.39 -19.02
CA LEU B 1512 -20.38 41.95 -19.26
C LEU B 1512 -21.07 41.25 -18.09
N HIS B 1513 -20.69 41.60 -16.87
CA HIS B 1513 -21.36 41.04 -15.70
C HIS B 1513 -22.79 41.54 -15.57
N SER B 1514 -23.04 42.77 -16.02
CA SER B 1514 -24.41 43.29 -16.03
C SER B 1514 -25.29 42.50 -16.99
N LEU B 1515 -24.69 41.90 -18.02
CA LEU B 1515 -25.45 41.13 -19.00
C LEU B 1515 -26.05 39.89 -18.36
N SER B 1516 -27.24 39.51 -18.81
CA SER B 1516 -27.96 38.39 -18.22
C SER B 1516 -27.21 37.08 -18.46
N LEU B 1517 -27.36 36.16 -17.50
CA LEU B 1517 -26.60 34.91 -17.49
C LEU B 1517 -27.18 33.85 -18.42
N GLU B 1518 -28.35 34.09 -19.01
CA GLU B 1518 -28.93 33.11 -19.93
C GLU B 1518 -27.98 32.82 -21.09
N ILE B 1519 -27.26 33.85 -21.54
CA ILE B 1519 -26.27 33.67 -22.60
C ILE B 1519 -25.29 32.56 -22.23
N TRP B 1520 -24.92 32.49 -20.95
CA TRP B 1520 -24.05 31.44 -20.46
C TRP B 1520 -24.81 30.32 -19.76
N LYS B 1521 -26.12 30.45 -19.57
CA LYS B 1521 -26.90 29.38 -18.97
C LYS B 1521 -26.88 28.14 -19.86
N CYS B 1522 -27.05 28.31 -21.16
CA CYS B 1522 -26.95 27.24 -22.15
C CYS B 1522 -25.66 27.49 -22.91
N TYR B 1523 -24.56 26.97 -22.39
CA TYR B 1523 -23.24 27.27 -22.90
C TYR B 1523 -22.68 26.18 -23.79
N LYS B 1524 -22.99 24.91 -23.51
CA LYS B 1524 -22.54 23.82 -24.37
C LYS B 1524 -23.21 23.87 -25.73
N ALA B 1525 -24.38 24.50 -25.84
CA ALA B 1525 -25.04 24.64 -27.12
C ALA B 1525 -24.27 25.57 -28.05
N TYR B 1526 -23.49 26.49 -27.49
CA TYR B 1526 -22.73 27.44 -28.29
C TYR B 1526 -21.69 26.71 -29.13
N ASP B 1527 -21.86 26.72 -30.44
CA ASP B 1527 -20.88 26.11 -31.32
C ASP B 1527 -19.53 26.81 -31.16
N ILE B 1528 -18.45 26.03 -31.29
CA ILE B 1528 -17.12 26.59 -31.16
C ILE B 1528 -16.25 26.10 -32.30
N THR B 1529 -16.88 25.56 -33.35
CA THR B 1529 -16.12 24.96 -34.43
C THR B 1529 -15.19 25.96 -35.08
N GLU B 1530 -15.70 27.16 -35.37
CA GLU B 1530 -14.88 28.27 -35.86
C GLU B 1530 -14.82 29.29 -34.72
N PHE B 1531 -13.64 29.40 -34.09
CA PHE B 1531 -13.51 30.23 -32.91
C PHE B 1531 -12.03 30.48 -32.67
N PRO B 1532 -11.58 31.72 -32.57
CA PRO B 1532 -10.14 31.97 -32.41
C PRO B 1532 -9.68 31.67 -31.00
N ASP B 1533 -8.36 31.42 -30.87
CA ASP B 1533 -7.81 31.01 -29.59
C ASP B 1533 -7.98 32.07 -28.52
N SER B 1534 -7.74 33.33 -28.86
CA SER B 1534 -7.90 34.40 -27.87
C SER B 1534 -9.36 34.54 -27.45
N LEU B 1535 -10.28 34.49 -28.41
CA LEU B 1535 -11.69 34.58 -28.06
C LEU B 1535 -12.16 33.32 -27.36
N LYS B 1536 -11.58 32.16 -27.67
CA LYS B 1536 -11.90 30.95 -26.92
C LYS B 1536 -11.45 31.08 -25.47
N LEU B 1537 -10.28 31.65 -25.24
CA LEU B 1537 -9.82 31.91 -23.88
C LEU B 1537 -10.75 32.90 -23.18
N PHE B 1538 -11.22 33.91 -23.91
CA PHE B 1538 -12.19 34.83 -23.33
C PHE B 1538 -13.48 34.09 -22.96
N PHE B 1539 -13.91 33.16 -23.81
CA PHE B 1539 -15.09 32.35 -23.50
C PHE B 1539 -14.86 31.53 -22.23
N SER B 1540 -13.67 30.95 -22.10
CA SER B 1540 -13.34 30.19 -20.89
C SER B 1540 -13.39 31.08 -19.66
N ASP B 1541 -12.82 32.28 -19.75
CA ASP B 1541 -12.84 33.21 -18.62
C ASP B 1541 -14.27 33.60 -18.24
N ILE B 1542 -15.09 33.91 -19.25
CA ILE B 1542 -16.46 34.31 -19.00
C ILE B 1542 -17.23 33.17 -18.36
N MET B 1543 -17.04 31.95 -18.86
CA MET B 1543 -17.75 30.80 -18.31
C MET B 1543 -17.30 30.51 -16.87
N GLY B 1544 -16.00 30.65 -16.60
CA GLY B 1544 -15.54 30.48 -15.24
C GLY B 1544 -16.16 31.49 -14.29
N TRP B 1545 -16.19 32.76 -14.71
CA TRP B 1545 -16.81 33.78 -13.88
C TRP B 1545 -18.28 33.49 -13.66
N ASN B 1546 -18.98 33.06 -14.72
CA ASN B 1546 -20.41 32.77 -14.60
C ASN B 1546 -20.66 31.57 -13.69
N PHE B 1547 -19.82 30.54 -13.77
CA PHE B 1547 -19.98 29.40 -12.89
C PHE B 1547 -19.73 29.77 -11.44
N PHE B 1548 -18.75 30.64 -11.19
CA PHE B 1548 -18.42 31.00 -9.82
C PHE B 1548 -19.59 31.71 -9.12
N LYS B 1549 -20.37 32.48 -9.86
CA LYS B 1549 -21.51 33.22 -9.30
C LYS B 1549 -22.81 32.62 -9.82
N SER B 1550 -23.62 32.07 -8.89
CA SER B 1550 -24.92 31.50 -9.17
C SER B 1550 -24.84 30.34 -10.17
N PRO B 1551 -24.33 29.17 -9.76
CA PRO B 1551 -24.27 28.04 -10.68
C PRO B 1551 -25.64 27.66 -11.21
N GLU B 1552 -25.67 27.23 -12.46
CA GLU B 1552 -26.91 27.11 -13.24
C GLU B 1552 -27.06 25.71 -13.82
N ILE B 1553 -26.74 24.68 -13.03
CA ILE B 1553 -26.75 23.32 -13.56
C ILE B 1553 -28.17 22.84 -13.82
N ALA B 1554 -29.10 23.16 -12.92
CA ALA B 1554 -30.48 22.71 -13.08
C ALA B 1554 -31.10 23.30 -14.35
N ASP B 1555 -31.95 22.50 -14.99
CA ASP B 1555 -32.51 22.87 -16.29
C ASP B 1555 -33.92 22.30 -16.41
N LEU B 1556 -34.54 22.54 -17.57
CA LEU B 1556 -35.90 22.10 -17.85
C LEU B 1556 -35.92 20.63 -18.25
N ASN B 1557 -37.12 20.06 -18.34
CA ASN B 1557 -37.26 18.63 -18.59
C ASN B 1557 -37.11 18.28 -20.07
N HIS B 1558 -38.02 18.76 -20.91
CA HIS B 1558 -38.01 18.44 -22.33
C HIS B 1558 -39.03 19.34 -23.02
N TYR B 1559 -39.27 19.10 -24.31
CA TYR B 1559 -40.13 19.97 -25.10
C TYR B 1559 -41.52 19.37 -25.27
N ILE B 1560 -42.35 20.04 -26.06
CA ILE B 1560 -43.79 19.75 -26.20
C ILE B 1560 -44.00 18.44 -26.96
N PRO B 1561 -45.12 17.72 -26.73
CA PRO B 1561 -45.40 16.51 -27.52
C PRO B 1561 -45.50 16.79 -29.01
N LYS B 1562 -45.59 15.73 -29.82
CA LYS B 1562 -45.45 15.86 -31.26
C LYS B 1562 -46.70 15.47 -32.04
N THR B 1563 -47.71 14.87 -31.41
CA THR B 1563 -48.90 14.41 -32.11
C THR B 1563 -49.48 15.51 -33.00
N ASP B 1564 -50.05 15.10 -34.13
CA ASP B 1564 -50.35 16.04 -35.21
C ASP B 1564 -51.47 17.05 -34.95
N PRO B 1565 -52.49 16.76 -34.13
CA PRO B 1565 -53.55 17.76 -33.94
C PRO B 1565 -53.05 18.96 -33.13
N ARG B 1566 -53.69 20.10 -33.39
CA ARG B 1566 -53.46 21.30 -32.61
C ARG B 1566 -54.73 21.83 -31.96
N LEU B 1567 -55.85 21.15 -32.12
CA LEU B 1567 -57.13 21.59 -31.56
C LEU B 1567 -57.75 20.49 -30.72
N CYS B 1568 -59.01 20.67 -30.32
CA CYS B 1568 -59.66 19.70 -29.43
C CYS B 1568 -59.88 18.36 -30.12
N ASP B 1569 -60.68 18.36 -31.18
CA ASP B 1569 -61.09 17.12 -31.86
C ASP B 1569 -60.94 17.23 -33.37
N THR B 1570 -59.79 17.71 -33.82
CA THR B 1570 -59.54 17.81 -35.26
C THR B 1570 -59.57 16.44 -35.93
N LYS B 1571 -58.64 15.57 -35.54
CA LYS B 1571 -58.36 14.23 -36.09
C LYS B 1571 -58.90 13.91 -37.48
N THR B 1572 -59.06 12.62 -37.75
CA THR B 1572 -59.54 12.10 -39.03
C THR B 1572 -58.60 12.40 -40.19
N TYR B 1573 -59.03 12.00 -41.39
CA TYR B 1573 -58.21 12.14 -42.59
C TYR B 1573 -57.85 13.59 -42.89
N GLU B 1574 -58.75 14.54 -42.61
CA GLU B 1574 -58.47 15.93 -42.86
C GLU B 1574 -57.23 16.36 -42.08
N GLU B 1575 -57.27 16.13 -40.77
CA GLU B 1575 -56.12 16.49 -39.93
C GLU B 1575 -54.87 15.76 -40.37
N SER B 1576 -55.00 14.46 -40.66
CA SER B 1576 -53.82 13.71 -41.08
C SER B 1576 -53.17 14.33 -42.30
N LYS B 1577 -53.87 14.29 -43.45
CA LYS B 1577 -53.24 14.73 -44.70
C LYS B 1577 -52.81 16.17 -44.61
N LEU B 1578 -53.59 17.02 -43.94
CA LEU B 1578 -53.21 18.41 -43.74
C LEU B 1578 -51.89 18.48 -43.02
N ILE B 1579 -51.71 17.65 -41.98
CA ILE B 1579 -50.45 17.69 -41.22
C ILE B 1579 -49.27 17.26 -42.07
N ILE B 1580 -49.37 16.10 -42.75
CA ILE B 1580 -48.19 15.68 -43.52
C ILE B 1580 -47.83 16.70 -44.59
N TRP B 1581 -48.82 17.19 -45.35
CA TRP B 1581 -48.49 18.08 -46.46
C TRP B 1581 -48.03 19.45 -45.95
N LYS B 1582 -48.67 19.98 -44.90
CA LYS B 1582 -48.23 21.25 -44.34
C LYS B 1582 -46.82 21.13 -43.78
N LEU B 1583 -46.49 20.00 -43.15
CA LEU B 1583 -45.17 19.85 -42.57
C LEU B 1583 -44.11 19.70 -43.65
N ILE B 1584 -44.43 18.99 -44.74
CA ILE B 1584 -43.51 18.94 -45.87
C ILE B 1584 -43.26 20.35 -46.41
N CYS B 1585 -44.32 21.15 -46.54
CA CYS B 1585 -44.15 22.51 -47.05
C CYS B 1585 -43.32 23.37 -46.09
N GLN B 1586 -43.55 23.24 -44.79
CA GLN B 1586 -42.77 24.01 -43.81
C GLN B 1586 -41.31 23.61 -43.86
N LYS B 1587 -41.01 22.31 -43.98
CA LYS B 1587 -39.63 21.89 -44.10
C LYS B 1587 -39.00 22.43 -45.36
N ALA B 1588 -39.74 22.43 -46.47
CA ALA B 1588 -39.22 22.98 -47.71
C ALA B 1588 -38.89 24.47 -47.56
N CYS B 1589 -39.77 25.22 -46.88
CA CYS B 1589 -39.52 26.64 -46.67
C CYS B 1589 -38.29 26.86 -45.79
N SER B 1590 -38.22 26.15 -44.66
CA SER B 1590 -37.08 26.31 -43.76
C SER B 1590 -35.79 25.92 -44.44
N LEU B 1591 -35.86 24.99 -45.39
CA LEU B 1591 -34.66 24.59 -46.13
C LEU B 1591 -34.28 25.66 -47.14
N LEU B 1592 -35.27 26.26 -47.81
CA LEU B 1592 -34.99 27.30 -48.79
C LEU B 1592 -34.55 28.59 -48.13
N PHE B 1593 -34.73 28.71 -46.82
CA PHE B 1593 -34.43 29.98 -46.16
C PHE B 1593 -32.95 30.16 -45.82
N LYS B 1594 -32.19 29.07 -45.64
CA LYS B 1594 -30.93 29.13 -44.91
C LYS B 1594 -29.73 28.51 -45.65
N TYR B 1595 -29.79 28.35 -46.97
CA TYR B 1595 -28.71 27.64 -47.64
C TYR B 1595 -28.12 28.51 -48.74
N ASP B 1596 -27.02 28.04 -49.32
CA ASP B 1596 -26.23 28.78 -50.29
C ASP B 1596 -26.94 28.82 -51.64
N ILE B 1597 -26.46 29.71 -52.51
CA ILE B 1597 -27.26 30.21 -53.63
C ILE B 1597 -27.68 29.10 -54.57
N LEU B 1598 -26.75 28.20 -54.92
CA LEU B 1598 -27.02 27.21 -55.96
C LEU B 1598 -28.12 26.25 -55.52
N LEU B 1599 -27.88 25.50 -54.45
CA LEU B 1599 -28.87 24.55 -53.99
C LEU B 1599 -30.11 25.27 -53.49
N ASP B 1600 -29.97 26.52 -53.01
CA ASP B 1600 -31.14 27.27 -52.59
C ASP B 1600 -32.06 27.55 -53.78
N SER B 1601 -31.48 27.93 -54.92
CA SER B 1601 -32.29 28.15 -56.11
C SER B 1601 -32.92 26.84 -56.59
N PHE B 1602 -32.15 25.75 -56.57
CA PHE B 1602 -32.71 24.46 -56.98
C PHE B 1602 -33.89 24.09 -56.07
N ILE B 1603 -33.73 24.25 -54.76
CA ILE B 1603 -34.78 23.90 -53.82
C ILE B 1603 -35.96 24.85 -53.94
N GLU B 1604 -35.69 26.12 -54.26
CA GLU B 1604 -36.78 27.08 -54.45
C GLU B 1604 -37.65 26.69 -55.64
N ASP B 1605 -37.01 26.29 -56.75
CA ASP B 1605 -37.81 25.80 -57.87
C ASP B 1605 -38.47 24.45 -57.55
N CYS B 1606 -37.87 23.66 -56.67
CA CYS B 1606 -38.50 22.41 -56.25
C CYS B 1606 -39.80 22.67 -55.50
N ILE B 1607 -39.75 23.54 -54.50
CA ILE B 1607 -40.98 23.87 -53.77
C ILE B 1607 -41.93 24.63 -54.68
N ARG B 1608 -41.40 25.34 -55.69
CA ARG B 1608 -42.24 25.92 -56.72
C ARG B 1608 -43.04 24.86 -57.44
N MET B 1609 -42.42 23.71 -57.73
CA MET B 1609 -43.12 22.62 -58.39
C MET B 1609 -44.23 22.05 -57.53
N PHE B 1610 -44.24 22.32 -56.23
CA PHE B 1610 -45.32 21.88 -55.35
C PHE B 1610 -46.63 22.60 -55.69
N GLN B 1617 -46.98 22.89 -58.77
CA GLN B 1617 -47.53 23.29 -60.05
C GLN B 1617 -48.90 23.95 -59.86
N GLU B 1618 -49.79 23.28 -59.15
CA GLU B 1618 -51.12 23.77 -58.87
C GLU B 1618 -51.32 23.89 -57.37
N LEU B 1619 -52.26 24.73 -56.97
CA LEU B 1619 -52.57 24.91 -55.56
C LEU B 1619 -53.18 23.64 -55.00
N ARG B 1620 -52.45 22.97 -54.11
CA ARG B 1620 -52.92 21.77 -53.44
C ARG B 1620 -53.37 22.05 -52.00
N LYS B 1621 -53.75 23.30 -51.71
CA LYS B 1621 -54.09 23.78 -50.38
C LYS B 1621 -52.94 23.63 -49.39
N PHE B 1622 -51.74 23.32 -49.87
CA PHE B 1622 -50.56 23.21 -49.03
C PHE B 1622 -49.62 24.40 -49.17
N LEU B 1623 -49.79 25.20 -50.22
CA LEU B 1623 -48.94 26.37 -50.43
C LEU B 1623 -49.39 27.60 -49.67
N ASN B 1624 -50.65 27.65 -49.23
CA ASN B 1624 -51.14 28.81 -48.51
C ASN B 1624 -50.66 28.86 -47.06
N PHE B 1625 -50.18 27.73 -46.53
CA PHE B 1625 -49.62 27.75 -45.18
C PHE B 1625 -48.38 28.64 -45.08
N PRO B 1626 -47.40 28.59 -46.02
CA PRO B 1626 -46.37 29.64 -46.04
C PRO B 1626 -46.94 30.98 -46.46
N LYS B 1627 -46.09 32.00 -46.57
CA LYS B 1627 -46.55 33.34 -46.91
C LYS B 1627 -47.10 33.38 -48.33
N ASP B 1628 -47.94 34.38 -48.58
CA ASP B 1628 -48.53 34.55 -49.91
C ASP B 1628 -47.56 35.17 -50.91
N SER B 1629 -46.48 35.79 -50.43
CA SER B 1629 -45.54 36.43 -51.34
C SER B 1629 -44.86 35.42 -52.25
N ILE B 1630 -44.46 34.27 -51.69
CA ILE B 1630 -43.81 33.24 -52.51
C ILE B 1630 -44.80 32.65 -53.50
N ILE B 1631 -46.07 32.51 -53.10
CA ILE B 1631 -47.10 32.05 -54.03
C ILE B 1631 -47.24 33.02 -55.20
N TYR B 1632 -47.38 34.30 -54.90
CA TYR B 1632 -47.56 35.28 -55.97
C TYR B 1632 -46.33 35.38 -56.85
N ASP B 1633 -45.13 35.23 -56.28
CA ASP B 1633 -43.93 35.18 -57.10
C ASP B 1633 -43.80 33.83 -57.80
N SER B 1634 -44.12 32.74 -57.11
CA SER B 1634 -43.88 31.39 -57.62
C SER B 1634 -45.14 30.53 -57.46
N ASP B 1635 -46.02 30.59 -58.45
CA ASP B 1635 -47.18 29.70 -58.55
C ASP B 1635 -47.90 29.92 -59.87
N THR B 1638 -49.59 29.90 -63.91
CA THR B 1638 -48.99 31.22 -63.99
C THR B 1638 -47.48 31.16 -63.72
N LEU B 1639 -47.04 30.05 -63.14
CA LEU B 1639 -45.63 29.87 -62.86
C LEU B 1639 -44.85 29.61 -64.16
N VAL B 1640 -43.53 29.69 -64.06
CA VAL B 1640 -42.68 29.49 -65.23
C VAL B 1640 -42.73 28.01 -65.63
N SER B 1641 -43.01 27.76 -66.91
CA SER B 1641 -42.99 26.39 -67.40
C SER B 1641 -41.60 25.80 -67.35
N GLU B 1642 -40.59 26.60 -67.67
CA GLU B 1642 -39.20 26.12 -67.62
C GLU B 1642 -38.80 25.81 -66.18
N GLU B 1643 -38.07 24.72 -66.02
CA GLU B 1643 -37.54 24.33 -64.71
C GLU B 1643 -36.36 25.22 -64.38
N GLY B 1644 -36.61 26.27 -63.58
CA GLY B 1644 -35.59 27.25 -63.28
C GLY B 1644 -34.52 26.82 -62.31
N SER B 1645 -34.56 25.57 -61.84
CA SER B 1645 -33.55 25.08 -60.91
C SER B 1645 -32.16 25.11 -61.55
N PHE B 1646 -32.05 24.58 -62.76
CA PHE B 1646 -30.77 24.49 -63.45
C PHE B 1646 -30.97 24.75 -64.94
N GLN B 1647 -29.90 25.21 -65.58
CA GLN B 1647 -29.89 25.42 -67.02
C GLN B 1647 -29.41 24.20 -67.79
N TRP B 1648 -29.57 23.01 -67.22
CA TRP B 1648 -29.06 21.74 -67.76
C TRP B 1648 -27.55 21.72 -67.88
N VAL B 1649 -26.86 22.70 -67.29
CA VAL B 1649 -25.40 22.76 -67.33
C VAL B 1649 -24.86 22.99 -65.93
N LYS B 1650 -25.74 23.37 -65.01
CA LYS B 1650 -25.35 23.69 -63.64
C LYS B 1650 -25.92 22.68 -62.65
N LEU B 1651 -26.03 21.42 -63.05
CA LEU B 1651 -26.53 20.38 -62.17
C LEU B 1651 -25.48 20.01 -61.13
N GLN B 1652 -25.97 19.61 -59.96
CA GLN B 1652 -25.06 19.17 -58.91
C GLN B 1652 -24.47 17.81 -59.27
N PRO B 1653 -23.18 17.59 -58.95
CA PRO B 1653 -22.60 16.25 -59.18
C PRO B 1653 -23.24 15.16 -58.34
N THR B 1654 -23.86 15.50 -57.21
CA THR B 1654 -24.52 14.54 -56.32
C THR B 1654 -23.55 13.45 -55.87
N ASN B 1655 -22.52 13.87 -55.13
CA ASN B 1655 -21.46 12.99 -54.69
C ASN B 1655 -21.16 13.22 -53.22
N PHE B 1656 -20.51 12.22 -52.61
CA PHE B 1656 -19.99 12.29 -51.25
C PHE B 1656 -21.11 12.54 -50.23
N ASP B 1657 -21.99 11.55 -50.12
CA ASP B 1657 -23.04 11.60 -49.11
C ASP B 1657 -22.46 11.34 -47.73
N SER B 1658 -23.25 11.65 -46.70
CA SER B 1658 -22.80 11.50 -45.32
C SER B 1658 -22.79 10.02 -44.92
N LEU B 1659 -22.37 9.76 -43.69
CA LEU B 1659 -22.36 8.40 -43.18
C LEU B 1659 -23.77 7.89 -42.89
N SER B 1660 -24.65 8.77 -42.43
CA SER B 1660 -26.04 8.39 -42.17
C SER B 1660 -26.90 8.52 -43.42
N ASN B 1661 -26.45 7.91 -44.51
CA ASN B 1661 -27.22 7.87 -45.75
C ASN B 1661 -28.28 6.78 -45.75
N TRP B 1662 -28.32 5.95 -44.71
CA TRP B 1662 -29.31 4.88 -44.65
C TRP B 1662 -30.73 5.43 -44.65
N THR B 1663 -30.96 6.50 -43.88
CA THR B 1663 -32.31 7.07 -43.82
C THR B 1663 -32.71 7.69 -45.16
N LYS B 1664 -31.77 8.34 -45.84
CA LYS B 1664 -32.07 8.89 -47.16
C LYS B 1664 -32.37 7.78 -48.16
N GLU B 1665 -31.58 6.70 -48.13
CA GLU B 1665 -31.84 5.59 -49.04
C GLU B 1665 -33.18 4.92 -48.74
N GLU B 1666 -33.52 4.78 -47.47
CA GLU B 1666 -34.82 4.21 -47.11
C GLU B 1666 -35.95 5.08 -47.61
N THR B 1667 -35.84 6.40 -47.41
CA THR B 1667 -36.88 7.31 -47.88
C THR B 1667 -37.00 7.26 -49.39
N LEU B 1668 -35.86 7.17 -50.10
CA LEU B 1668 -35.90 7.04 -51.55
C LEU B 1668 -36.52 5.73 -51.99
N LYS B 1669 -36.33 4.66 -51.21
CA LYS B 1669 -36.92 3.38 -51.55
C LYS B 1669 -38.42 3.35 -51.26
N LEU B 1670 -38.90 4.13 -50.29
CA LEU B 1670 -40.30 3.98 -49.90
C LEU B 1670 -41.24 4.96 -50.59
N LEU B 1671 -40.82 6.21 -50.80
CA LEU B 1671 -41.79 7.26 -51.11
C LEU B 1671 -42.59 6.95 -52.36
N ASN B 1672 -42.08 6.12 -53.26
CA ASN B 1672 -42.75 5.83 -54.52
C ASN B 1672 -43.90 4.84 -54.33
N MET B 1673 -44.75 5.10 -53.34
CA MET B 1673 -45.94 4.29 -53.08
C MET B 1673 -47.22 5.10 -53.22
N MET B 1674 -47.28 6.28 -52.61
CA MET B 1674 -48.43 7.18 -52.72
C MET B 1674 -47.89 8.54 -53.15
N GLY B 1675 -47.73 8.74 -54.45
CA GLY B 1675 -47.12 9.94 -54.96
C GLY B 1675 -48.07 11.03 -55.39
N LYS B 1676 -48.30 12.03 -54.52
CA LYS B 1676 -49.02 13.22 -54.95
C LYS B 1676 -48.13 14.11 -55.80
N SER B 1677 -46.87 14.28 -55.41
CA SER B 1677 -45.90 15.06 -56.16
C SER B 1677 -44.56 14.32 -56.15
N SER B 1678 -43.90 14.32 -57.29
CA SER B 1678 -42.63 13.60 -57.44
C SER B 1678 -41.42 14.47 -57.14
N THR B 1679 -41.60 15.72 -56.73
CA THR B 1679 -40.50 16.62 -56.46
C THR B 1679 -39.83 16.36 -55.12
N THR B 1680 -40.46 15.57 -54.24
CA THR B 1680 -39.82 15.22 -52.98
C THR B 1680 -38.54 14.42 -53.23
N HIS B 1681 -38.57 13.51 -54.20
CA HIS B 1681 -37.37 12.78 -54.58
C HIS B 1681 -36.29 13.72 -55.10
N SER B 1682 -36.69 14.76 -55.83
CA SER B 1682 -35.73 15.75 -56.28
C SER B 1682 -35.11 16.49 -55.11
N LEU B 1683 -35.91 16.83 -54.10
CA LEU B 1683 -35.36 17.46 -52.90
C LEU B 1683 -34.38 16.52 -52.20
N LYS B 1684 -34.70 15.22 -52.17
CA LYS B 1684 -33.80 14.27 -51.52
C LYS B 1684 -32.49 14.11 -52.30
N LEU B 1685 -32.55 14.15 -53.63
CA LEU B 1685 -31.30 14.10 -54.40
C LEU B 1685 -30.49 15.38 -54.22
N LEU B 1686 -31.19 16.52 -54.08
CA LEU B 1686 -30.51 17.76 -53.75
C LEU B 1686 -29.76 17.63 -52.42
N SER B 1687 -30.41 17.02 -51.44
CA SER B 1687 -29.72 16.75 -50.18
C SER B 1687 -28.56 15.79 -50.39
N THR B 1688 -28.73 14.81 -51.27
CA THR B 1688 -27.65 13.88 -51.59
C THR B 1688 -26.46 14.58 -52.24
N TYR B 1689 -26.67 15.75 -52.83
CA TYR B 1689 -25.55 16.52 -53.37
C TYR B 1689 -24.56 16.88 -52.28
N MET B 1690 -25.00 17.62 -51.27
CA MET B 1690 -24.12 17.98 -50.17
C MET B 1690 -23.90 16.77 -49.27
N VAL B 1691 -22.85 16.84 -48.43
CA VAL B 1691 -22.45 15.68 -47.64
C VAL B 1691 -23.48 15.40 -46.56
N GLY B 1692 -23.64 16.32 -45.62
CA GLY B 1692 -24.57 16.12 -44.52
C GLY B 1692 -26.02 16.41 -44.83
N PHE B 1693 -26.28 17.06 -45.97
CA PHE B 1693 -27.66 17.36 -46.36
C PHE B 1693 -28.45 16.08 -46.56
N SER B 1694 -27.81 15.05 -47.12
CA SER B 1694 -28.50 13.78 -47.36
C SER B 1694 -29.00 13.17 -46.06
N THR B 1695 -28.18 13.18 -45.02
CA THR B 1695 -28.59 12.65 -43.71
C THR B 1695 -29.45 13.64 -42.93
N SER B 1696 -29.47 14.92 -43.30
CA SER B 1696 -30.25 15.92 -42.60
C SER B 1696 -31.68 16.02 -43.10
N ILE B 1697 -31.90 15.86 -44.41
CA ILE B 1697 -33.23 16.07 -44.97
C ILE B 1697 -34.20 14.99 -44.52
N ILE B 1698 -33.73 13.73 -44.41
CA ILE B 1698 -34.63 12.62 -44.17
C ILE B 1698 -35.20 12.64 -42.75
N GLN B 1699 -34.45 13.17 -41.78
CA GLN B 1699 -34.87 13.12 -40.39
C GLN B 1699 -36.16 13.90 -40.14
N TYR B 1700 -36.57 14.77 -41.07
CA TYR B 1700 -37.81 15.50 -40.95
C TYR B 1700 -38.93 14.96 -41.82
N ILE B 1701 -38.62 14.28 -42.91
CA ILE B 1701 -39.65 13.82 -43.84
C ILE B 1701 -40.02 12.36 -43.64
N ILE B 1702 -39.11 11.54 -43.12
CA ILE B 1702 -39.36 10.10 -43.11
C ILE B 1702 -40.51 9.76 -42.18
N HIS B 1703 -40.58 10.40 -41.01
CA HIS B 1703 -41.69 10.12 -40.10
C HIS B 1703 -43.03 10.53 -40.70
N LEU B 1704 -43.09 11.72 -41.31
CA LEU B 1704 -44.34 12.19 -41.88
C LEU B 1704 -44.80 11.31 -43.03
N ILE B 1705 -43.87 10.91 -43.91
CA ILE B 1705 -44.26 10.06 -45.02
C ILE B 1705 -44.63 8.66 -44.52
N LEU B 1706 -44.02 8.20 -43.43
CA LEU B 1706 -44.42 6.92 -42.86
C LEU B 1706 -45.83 6.98 -42.27
N LEU B 1707 -46.15 8.09 -41.60
CA LEU B 1707 -47.51 8.27 -41.11
C LEU B 1707 -48.51 8.33 -42.26
N GLU B 1708 -48.12 8.98 -43.36
CA GLU B 1708 -48.98 9.04 -44.53
C GLU B 1708 -49.20 7.66 -45.14
N PHE B 1709 -48.15 6.83 -45.18
CA PHE B 1709 -48.22 5.58 -45.92
C PHE B 1709 -49.25 4.64 -45.33
N ASP B 1710 -49.30 4.51 -44.01
CA ASP B 1710 -50.21 3.56 -43.40
C ASP B 1710 -51.66 3.98 -43.62
N PHE B 1711 -52.49 2.99 -43.94
CA PHE B 1711 -53.85 3.21 -44.45
C PHE B 1711 -53.83 4.15 -45.65
N ASN B 1712 -52.98 3.81 -46.63
CA ASN B 1712 -52.95 4.56 -47.87
C ASN B 1712 -54.28 4.45 -48.61
N GLY B 1713 -54.87 3.25 -48.60
CA GLY B 1713 -56.17 3.03 -49.19
C GLY B 1713 -57.08 2.23 -48.27
N ASN B 1714 -57.57 1.10 -48.76
CA ASN B 1714 -58.37 0.19 -47.94
C ASN B 1714 -57.47 -0.80 -47.21
N ASN B 1715 -56.65 -1.55 -47.96
CA ASN B 1715 -55.71 -2.50 -47.37
C ASN B 1715 -54.57 -2.69 -48.36
N LYS B 1716 -53.35 -2.38 -47.95
CA LYS B 1716 -52.20 -2.40 -48.82
C LYS B 1716 -51.14 -3.36 -48.28
N LYS B 1717 -50.01 -3.40 -48.98
CA LYS B 1717 -48.87 -4.23 -48.59
C LYS B 1717 -47.80 -3.47 -47.85
N GLN B 1718 -47.64 -2.17 -48.12
CA GLN B 1718 -46.58 -1.40 -47.47
C GLN B 1718 -46.83 -1.22 -45.98
N LYS B 1719 -48.08 -1.34 -45.52
CA LYS B 1719 -48.38 -1.10 -44.12
C LYS B 1719 -47.72 -2.10 -43.18
N GLU B 1720 -47.23 -3.22 -43.71
CA GLU B 1720 -46.41 -4.14 -42.92
C GLU B 1720 -44.95 -4.16 -43.36
N TYR B 1721 -44.67 -3.89 -44.64
CA TYR B 1721 -43.28 -3.79 -45.08
C TYR B 1721 -42.57 -2.63 -44.39
N VAL B 1722 -43.28 -1.56 -44.06
CA VAL B 1722 -42.65 -0.44 -43.39
C VAL B 1722 -42.22 -0.83 -41.98
N THR B 1723 -43.04 -1.60 -41.27
CA THR B 1723 -42.62 -2.06 -39.95
C THR B 1723 -41.53 -3.12 -40.06
N GLN B 1724 -41.54 -3.90 -41.16
CA GLN B 1724 -40.46 -4.85 -41.38
C GLN B 1724 -39.12 -4.14 -41.54
N LEU B 1725 -39.09 -3.08 -42.34
CA LEU B 1725 -37.85 -2.35 -42.54
C LEU B 1725 -37.44 -1.59 -41.28
N ILE B 1726 -38.42 -1.06 -40.54
CA ILE B 1726 -38.10 -0.36 -39.30
C ILE B 1726 -37.45 -1.31 -38.30
N LEU B 1727 -38.03 -2.51 -38.14
CA LEU B 1727 -37.47 -3.48 -37.21
C LEU B 1727 -36.13 -4.01 -37.70
N SER B 1728 -35.94 -4.14 -39.01
CA SER B 1728 -34.64 -4.53 -39.53
C SER B 1728 -33.59 -3.47 -39.23
N GLY B 1729 -33.96 -2.20 -39.34
CA GLY B 1729 -33.02 -1.12 -39.04
C GLY B 1729 -32.78 -0.88 -37.57
N LEU B 1730 -33.70 -1.32 -36.71
CA LEU B 1730 -33.53 -1.09 -35.27
C LEU B 1730 -32.30 -1.81 -34.74
N LEU B 1731 -32.28 -3.14 -34.82
CA LEU B 1731 -31.15 -3.92 -34.32
C LEU B 1731 -30.08 -4.05 -35.41
N ASN B 1732 -29.60 -2.90 -35.85
CA ASN B 1732 -28.61 -2.81 -36.90
C ASN B 1732 -27.22 -2.62 -36.30
N LYS B 1733 -26.22 -3.16 -36.99
CA LYS B 1733 -24.84 -3.12 -36.54
C LYS B 1733 -24.09 -1.95 -37.17
N ASN B 1734 -22.97 -1.61 -36.55
CA ASN B 1734 -21.93 -0.67 -37.00
C ASN B 1734 -22.33 0.80 -36.86
N THR B 1735 -23.54 1.12 -36.41
CA THR B 1735 -23.89 2.52 -36.17
C THR B 1735 -25.00 2.60 -35.14
N ASN B 1736 -24.95 3.65 -34.32
CA ASN B 1736 -25.96 3.90 -33.31
C ASN B 1736 -26.91 5.04 -33.66
N SER B 1737 -26.51 5.92 -34.59
CA SER B 1737 -27.37 7.01 -34.99
C SER B 1737 -28.64 6.49 -35.68
N ILE B 1738 -28.49 5.47 -36.52
CA ILE B 1738 -29.64 4.89 -37.20
C ILE B 1738 -30.62 4.31 -36.19
N ARG B 1739 -30.09 3.68 -35.13
CA ARG B 1739 -30.96 3.16 -34.08
C ARG B 1739 -31.72 4.28 -33.38
N LYS B 1740 -31.04 5.40 -33.10
CA LYS B 1740 -31.73 6.52 -32.49
C LYS B 1740 -32.82 7.06 -33.39
N THR B 1741 -32.54 7.18 -34.69
CA THR B 1741 -33.55 7.70 -35.61
C THR B 1741 -34.74 6.75 -35.72
N CYS B 1742 -34.48 5.45 -35.78
CA CYS B 1742 -35.58 4.49 -35.87
C CYS B 1742 -36.43 4.51 -34.61
N MET B 1743 -35.80 4.57 -33.44
CA MET B 1743 -36.56 4.68 -32.20
C MET B 1743 -37.36 5.97 -32.16
N ASN B 1744 -36.77 7.06 -32.65
CA ASN B 1744 -37.45 8.34 -32.67
C ASN B 1744 -38.70 8.27 -33.55
N ILE B 1745 -38.57 7.69 -34.74
CA ILE B 1745 -39.72 7.64 -35.64
C ILE B 1745 -40.78 6.69 -35.11
N LEU B 1746 -40.35 5.59 -34.47
CA LEU B 1746 -41.32 4.68 -33.84
C LEU B 1746 -42.12 5.40 -32.76
N LEU B 1747 -41.43 6.14 -31.89
CA LEU B 1747 -42.11 6.90 -30.86
C LEU B 1747 -43.01 7.98 -31.45
N TYR B 1748 -42.54 8.63 -32.51
CA TYR B 1748 -43.31 9.70 -33.14
C TYR B 1748 -44.60 9.17 -33.75
N LEU B 1749 -44.53 8.02 -34.43
CA LEU B 1749 -45.74 7.36 -34.89
C LEU B 1749 -46.60 6.89 -33.73
N ARG B 1750 -45.98 6.49 -32.63
CA ARG B 1750 -46.71 6.03 -31.46
C ARG B 1750 -47.57 7.14 -30.87
N ARG B 1751 -47.04 8.36 -30.82
CA ARG B 1751 -47.79 9.45 -30.19
C ARG B 1751 -49.02 9.82 -31.01
N GLN B 1752 -48.91 9.81 -32.34
CA GLN B 1752 -50.04 10.15 -33.18
C GLN B 1752 -51.15 9.11 -33.08
N LEU B 1753 -52.39 9.56 -33.26
CA LEU B 1753 -53.54 8.67 -33.18
C LEU B 1753 -53.60 7.81 -34.43
N GLY B 1754 -53.36 6.51 -34.28
CA GLY B 1754 -53.50 5.60 -35.40
C GLY B 1754 -54.94 5.52 -35.87
N HIS B 1755 -55.09 5.27 -37.17
CA HIS B 1755 -56.43 5.22 -37.75
C HIS B 1755 -57.21 4.04 -37.18
N HIS B 1756 -58.50 4.28 -36.93
CA HIS B 1756 -59.45 3.30 -36.40
C HIS B 1756 -58.86 2.45 -35.28
N ALA B 1757 -58.13 3.08 -34.37
CA ALA B 1757 -57.52 2.38 -33.23
C ALA B 1757 -58.34 2.64 -31.98
N LEU B 1758 -58.88 1.58 -31.40
CA LEU B 1758 -59.73 1.72 -30.21
C LEU B 1758 -58.90 2.13 -29.00
N ASN B 1759 -57.77 1.46 -28.78
CA ASN B 1759 -56.99 1.69 -27.57
C ASN B 1759 -55.78 2.56 -27.88
N PRO B 1760 -55.49 3.55 -27.03
CA PRO B 1760 -54.25 4.32 -27.23
C PRO B 1760 -53.01 3.44 -27.21
N PHE B 1761 -52.97 2.42 -26.35
CA PHE B 1761 -51.86 1.48 -26.44
C PHE B 1761 -51.93 0.66 -27.72
N GLU B 1762 -53.14 0.33 -28.19
CA GLU B 1762 -53.26 -0.27 -29.51
C GLU B 1762 -52.71 0.67 -30.57
N ALA B 1763 -52.89 1.98 -30.39
CA ALA B 1763 -52.26 2.94 -31.27
C ALA B 1763 -50.74 2.87 -31.17
N ASN B 1764 -50.22 2.58 -29.98
CA ASN B 1764 -48.78 2.36 -29.84
C ASN B 1764 -48.33 1.18 -30.69
N TYR B 1765 -49.10 0.09 -30.68
CA TYR B 1765 -48.82 -1.08 -31.50
C TYR B 1765 -49.54 -1.03 -32.84
N TRP B 1766 -50.20 0.10 -33.15
CA TRP B 1766 -50.86 0.25 -34.44
C TRP B 1766 -49.89 0.07 -35.60
N VAL B 1767 -48.62 0.34 -35.38
CA VAL B 1767 -47.54 -0.23 -36.18
C VAL B 1767 -47.04 -1.47 -35.46
N PRO B 1768 -47.01 -2.64 -36.10
CA PRO B 1768 -46.67 -3.86 -35.37
C PRO B 1768 -45.19 -3.97 -35.08
N ILE B 1769 -44.83 -3.75 -33.81
CA ILE B 1769 -43.43 -3.78 -33.37
C ILE B 1769 -43.34 -4.57 -32.08
N ASN B 1770 -42.12 -5.00 -31.76
CA ASN B 1770 -41.80 -5.67 -30.51
C ASN B 1770 -41.02 -4.71 -29.62
N TYR B 1771 -41.48 -4.55 -28.38
CA TYR B 1771 -40.88 -3.57 -27.49
C TYR B 1771 -39.58 -4.04 -26.85
N SER B 1772 -39.36 -5.35 -26.75
CA SER B 1772 -38.13 -5.84 -26.13
C SER B 1772 -36.90 -5.47 -26.96
N VAL B 1773 -36.95 -5.74 -28.26
CA VAL B 1773 -35.80 -5.46 -29.11
C VAL B 1773 -35.57 -3.96 -29.22
N ALA B 1774 -36.65 -3.18 -29.31
CA ALA B 1774 -36.51 -1.72 -29.34
C ALA B 1774 -35.89 -1.20 -28.04
N ALA B 1775 -36.31 -1.76 -26.90
CA ALA B 1775 -35.74 -1.35 -25.63
C ALA B 1775 -34.26 -1.72 -25.53
N SER B 1776 -33.89 -2.90 -26.03
CA SER B 1776 -32.49 -3.28 -26.02
C SER B 1776 -31.67 -2.33 -26.89
N THR B 1777 -32.19 -1.98 -28.07
CA THR B 1777 -31.49 -1.02 -28.92
C THR B 1777 -31.38 0.34 -28.25
N ALA B 1778 -32.42 0.74 -27.50
CA ALA B 1778 -32.40 2.01 -26.81
C ALA B 1778 -31.34 2.03 -25.71
N TYR B 1779 -31.30 0.97 -24.89
CA TYR B 1779 -30.28 0.89 -23.85
C TYR B 1779 -28.88 0.81 -24.45
N ASP B 1780 -28.75 0.20 -25.63
CA ASP B 1780 -27.49 0.27 -26.36
C ASP B 1780 -27.25 1.65 -26.95
N CYS B 1781 -28.29 2.47 -27.06
CA CYS B 1781 -28.17 3.85 -27.53
C CYS B 1781 -27.98 4.84 -26.38
N HIS B 1782 -27.85 4.35 -25.16
CA HIS B 1782 -27.49 5.10 -23.95
C HIS B 1782 -28.57 6.07 -23.49
N LEU B 1783 -29.67 6.23 -24.22
CA LEU B 1783 -30.76 7.09 -23.76
C LEU B 1783 -31.70 6.20 -22.95
N TYR B 1784 -31.52 6.20 -21.63
CA TYR B 1784 -32.09 5.16 -20.79
C TYR B 1784 -33.58 5.36 -20.53
N GLU B 1785 -34.07 6.61 -20.54
CA GLU B 1785 -35.50 6.83 -20.32
C GLU B 1785 -36.32 6.17 -21.43
N GLN B 1786 -35.80 6.21 -22.65
CA GLN B 1786 -36.47 5.56 -23.76
C GLN B 1786 -36.52 4.04 -23.58
N SER B 1787 -35.42 3.46 -23.09
CA SER B 1787 -35.41 2.03 -22.82
C SER B 1787 -36.44 1.67 -21.75
N LEU B 1788 -36.54 2.50 -20.71
CA LEU B 1788 -37.55 2.24 -19.69
C LEU B 1788 -38.96 2.37 -20.24
N LEU B 1789 -39.19 3.34 -21.12
CA LEU B 1789 -40.50 3.47 -21.74
C LEU B 1789 -40.84 2.25 -22.57
N PHE B 1790 -39.87 1.71 -23.31
CA PHE B 1790 -40.12 0.54 -24.12
C PHE B 1790 -40.37 -0.69 -23.26
N LEU B 1791 -39.64 -0.82 -22.15
CA LEU B 1791 -39.94 -1.88 -21.18
C LEU B 1791 -41.36 -1.75 -20.65
N THR B 1792 -41.79 -0.53 -20.34
CA THR B 1792 -43.15 -0.35 -19.84
C THR B 1792 -44.17 -0.73 -20.90
N ILE B 1793 -43.90 -0.38 -22.16
CA ILE B 1793 -44.78 -0.79 -23.25
C ILE B 1793 -44.92 -2.31 -23.27
N HIS B 1794 -43.78 -3.01 -23.27
CA HIS B 1794 -43.84 -4.46 -23.38
C HIS B 1794 -44.53 -5.08 -22.18
N ASN B 1795 -44.24 -4.58 -20.98
CA ASN B 1795 -44.87 -5.13 -19.78
C ASN B 1795 -46.38 -4.90 -19.80
N THR B 1796 -46.81 -3.71 -20.24
CA THR B 1796 -48.24 -3.46 -20.38
C THR B 1796 -48.87 -4.31 -21.47
N LYS B 1797 -48.08 -4.81 -22.42
CA LYS B 1797 -48.62 -5.67 -23.46
C LYS B 1797 -48.52 -7.15 -23.11
N THR B 1798 -47.30 -7.65 -22.90
CA THR B 1798 -47.08 -9.09 -22.77
C THR B 1798 -46.43 -9.52 -21.47
N ASP B 1799 -45.98 -8.61 -20.62
CA ASP B 1799 -45.28 -8.94 -19.38
C ASP B 1799 -44.05 -9.79 -19.67
N GLU B 1800 -43.12 -9.21 -20.44
CA GLU B 1800 -41.92 -9.88 -20.89
C GLU B 1800 -40.68 -9.05 -20.55
N LEU B 1801 -40.62 -8.52 -19.33
CA LEU B 1801 -39.50 -7.69 -18.93
C LEU B 1801 -38.27 -8.56 -18.70
N ASP B 1802 -37.14 -8.14 -19.29
CA ASP B 1802 -35.89 -8.87 -19.15
C ASP B 1802 -35.21 -8.43 -17.86
N ILE B 1803 -35.00 -9.38 -16.94
CA ILE B 1803 -34.45 -9.05 -15.64
C ILE B 1803 -33.05 -8.47 -15.77
N THR B 1804 -32.23 -9.07 -16.62
CA THR B 1804 -30.88 -8.55 -16.84
C THR B 1804 -30.93 -7.13 -17.41
N LEU B 1805 -31.77 -6.92 -18.42
CA LEU B 1805 -31.88 -5.59 -19.02
C LEU B 1805 -32.44 -4.58 -18.03
N LEU B 1806 -33.43 -4.98 -17.25
CA LEU B 1806 -34.01 -4.06 -16.27
C LEU B 1806 -32.98 -3.67 -15.21
N SER B 1807 -32.22 -4.64 -14.71
CA SER B 1807 -31.19 -4.32 -13.72
C SER B 1807 -30.12 -3.42 -14.31
N ASP B 1808 -29.67 -3.71 -15.53
CA ASP B 1808 -28.65 -2.88 -16.16
C ASP B 1808 -29.14 -1.46 -16.38
N ILE B 1809 -30.39 -1.31 -16.85
CA ILE B 1809 -30.95 0.02 -17.07
C ILE B 1809 -31.04 0.77 -15.75
N LEU B 1810 -31.55 0.11 -14.70
CA LEU B 1810 -31.65 0.75 -13.40
C LEU B 1810 -30.26 1.14 -12.87
N SER B 1811 -29.23 0.37 -13.23
CA SER B 1811 -27.88 0.72 -12.81
C SER B 1811 -27.38 1.98 -13.53
N GLN B 1812 -27.31 1.92 -14.86
CA GLN B 1812 -26.74 3.01 -15.64
C GLN B 1812 -27.63 4.26 -15.69
N LEU B 1813 -28.87 4.15 -15.24
CA LEU B 1813 -29.79 5.28 -15.33
C LEU B 1813 -29.29 6.43 -14.46
N PRO B 1814 -29.32 7.67 -14.96
CA PRO B 1814 -28.73 8.79 -14.19
C PRO B 1814 -29.51 9.18 -12.97
N CYS B 1815 -30.73 8.68 -12.77
CA CYS B 1815 -31.52 9.07 -11.62
C CYS B 1815 -30.82 8.62 -10.34
N PRO B 1816 -31.00 9.37 -9.24
CA PRO B 1816 -30.30 9.02 -8.00
C PRO B 1816 -30.82 7.76 -7.33
N ASP B 1817 -32.15 7.64 -7.20
CA ASP B 1817 -32.77 6.50 -6.54
C ASP B 1817 -33.09 5.38 -7.53
N ALA B 1818 -32.08 4.99 -8.30
CA ALA B 1818 -32.21 3.91 -9.27
C ALA B 1818 -31.32 2.75 -8.83
N TYR B 1819 -31.26 1.72 -9.68
CA TYR B 1819 -30.43 0.53 -9.46
C TYR B 1819 -30.99 -0.28 -8.29
N TYR B 1820 -31.98 0.26 -7.59
CA TYR B 1820 -32.71 -0.46 -6.56
C TYR B 1820 -34.09 -0.92 -7.05
N GLY B 1821 -34.37 -0.74 -8.34
CA GLY B 1821 -35.68 -1.13 -8.85
C GLY B 1821 -35.93 -2.62 -8.74
N ILE B 1822 -34.95 -3.43 -9.10
CA ILE B 1822 -35.06 -4.88 -9.00
C ILE B 1822 -34.22 -5.34 -7.83
N LYS B 1823 -34.66 -6.42 -7.18
CA LYS B 1823 -34.00 -6.97 -6.00
C LYS B 1823 -33.31 -8.26 -6.42
N ARG B 1824 -31.98 -8.19 -6.54
CA ARG B 1824 -31.20 -9.34 -6.93
C ARG B 1824 -31.14 -10.37 -5.80
N GLU B 1825 -30.74 -11.58 -6.15
CA GLU B 1825 -30.57 -12.64 -5.16
C GLU B 1825 -29.52 -12.24 -4.14
N THR B 1826 -29.91 -12.22 -2.87
CA THR B 1826 -29.11 -11.60 -1.81
C THR B 1826 -27.92 -12.48 -1.48
N SER B 1827 -26.81 -12.26 -2.16
CA SER B 1827 -25.54 -12.92 -1.86
C SER B 1827 -24.55 -11.88 -1.36
N PHE B 1828 -23.33 -12.33 -1.04
CA PHE B 1828 -22.30 -11.41 -0.59
C PHE B 1828 -21.93 -10.41 -1.68
N LYS B 1829 -21.82 -10.88 -2.92
CA LYS B 1829 -21.46 -9.99 -4.02
C LYS B 1829 -22.52 -8.92 -4.22
N ASN B 1830 -23.79 -9.29 -4.09
CA ASN B 1830 -24.86 -8.33 -4.30
C ASN B 1830 -24.83 -7.23 -3.24
N ILE B 1831 -24.61 -7.59 -1.98
CA ILE B 1831 -24.53 -6.54 -0.97
C ILE B 1831 -23.21 -5.77 -1.08
N LEU B 1832 -22.17 -6.38 -1.63
CA LEU B 1832 -20.94 -5.64 -1.90
C LEU B 1832 -21.20 -4.55 -2.93
N LEU B 1833 -21.90 -4.88 -4.02
CA LEU B 1833 -22.26 -3.87 -5.01
C LEU B 1833 -23.19 -2.83 -4.42
N LYS B 1834 -24.15 -3.25 -3.60
CA LYS B 1834 -25.05 -2.30 -2.97
C LYS B 1834 -24.30 -1.32 -2.09
N ALA B 1835 -23.30 -1.81 -1.34
CA ALA B 1835 -22.51 -0.93 -0.48
C ALA B 1835 -21.64 0.01 -1.30
N VAL B 1836 -20.99 -0.51 -2.36
CA VAL B 1836 -20.12 0.35 -3.15
C VAL B 1836 -20.94 1.40 -3.90
N HIS B 1837 -22.20 1.10 -4.23
CA HIS B 1837 -23.05 2.13 -4.82
C HIS B 1837 -23.53 3.12 -3.78
N GLU B 1838 -23.91 2.65 -2.60
CA GLU B 1838 -24.42 3.56 -1.57
C GLU B 1838 -23.28 4.35 -0.94
N LYS B 1839 -22.09 3.75 -0.80
CA LYS B 1839 -20.95 4.38 -0.15
C LYS B 1839 -21.31 4.71 1.31
N ARG B 1840 -21.53 3.64 2.07
CA ARG B 1840 -21.92 3.74 3.46
C ARG B 1840 -20.76 3.36 4.36
N SER B 1841 -20.64 4.05 5.50
CA SER B 1841 -19.57 3.80 6.45
C SER B 1841 -19.87 2.58 7.32
N PRO B 1842 -21.07 2.44 7.90
CA PRO B 1842 -21.38 1.19 8.60
C PRO B 1842 -21.43 0.03 7.62
N LEU B 1843 -20.77 -1.08 7.97
CA LEU B 1843 -20.60 -2.20 7.06
C LEU B 1843 -20.02 -1.73 5.73
N ALA B 1844 -18.96 -0.94 5.83
CA ALA B 1844 -18.39 -0.28 4.66
C ALA B 1844 -17.91 -1.29 3.63
N ILE B 1845 -17.90 -0.87 2.37
CA ILE B 1845 -17.43 -1.74 1.29
C ILE B 1845 -15.96 -2.09 1.46
N SER B 1846 -15.24 -1.35 2.31
CA SER B 1846 -13.85 -1.69 2.58
C SER B 1846 -13.74 -3.08 3.20
N TYR B 1847 -14.64 -3.42 4.13
CA TYR B 1847 -14.62 -4.74 4.72
C TYR B 1847 -14.90 -5.82 3.68
N LEU B 1848 -15.89 -5.59 2.82
CA LEU B 1848 -16.24 -6.58 1.80
C LEU B 1848 -15.10 -6.78 0.81
N ASP B 1849 -14.48 -5.68 0.37
CA ASP B 1849 -13.37 -5.81 -0.57
C ASP B 1849 -12.13 -6.41 0.09
N ALA B 1850 -11.93 -6.16 1.40
CA ALA B 1850 -10.86 -6.84 2.12
C ALA B 1850 -11.11 -8.34 2.16
N ALA B 1851 -12.35 -8.75 2.41
CA ALA B 1851 -12.69 -10.16 2.36
C ALA B 1851 -12.43 -10.74 0.98
N ASN B 1852 -12.81 -10.00 -0.06
CA ASN B 1852 -12.58 -10.48 -1.43
C ASN B 1852 -11.10 -10.65 -1.72
N MET B 1853 -10.29 -9.67 -1.34
CA MET B 1853 -8.86 -9.74 -1.61
C MET B 1853 -8.20 -10.87 -0.82
N TYR B 1854 -8.57 -11.03 0.46
CA TYR B 1854 -8.00 -12.10 1.26
C TYR B 1854 -8.41 -13.47 0.73
N ARG B 1855 -9.66 -13.61 0.30
CA ARG B 1855 -10.17 -14.88 -0.20
C ARG B 1855 -9.93 -15.05 -1.71
N SER B 1856 -9.32 -14.07 -2.37
CA SER B 1856 -8.94 -14.16 -3.78
C SER B 1856 -10.11 -14.52 -4.67
N ASN B 1857 -11.26 -13.90 -4.44
CA ASN B 1857 -12.44 -14.14 -5.26
C ASN B 1857 -12.36 -13.38 -6.58
N GLY B 1861 -14.56 -5.91 -11.84
CA GLY B 1861 -13.84 -4.69 -11.48
C GLY B 1861 -13.88 -4.41 -10.00
N THR B 1862 -13.52 -5.42 -9.19
CA THR B 1862 -13.52 -5.25 -7.75
C THR B 1862 -12.44 -4.26 -7.31
N LYS B 1863 -11.28 -4.29 -7.98
CA LYS B 1863 -10.20 -3.36 -7.63
C LYS B 1863 -10.63 -1.91 -7.81
N MET B 1864 -11.30 -1.62 -8.92
CA MET B 1864 -11.80 -0.27 -9.15
C MET B 1864 -12.83 0.12 -8.09
N MET B 1865 -13.70 -0.82 -7.71
CA MET B 1865 -14.68 -0.52 -6.68
C MET B 1865 -14.02 -0.21 -5.35
N PHE B 1866 -13.00 -0.99 -4.97
CA PHE B 1866 -12.29 -0.75 -3.71
C PHE B 1866 -11.60 0.60 -3.73
N SER B 1867 -10.90 0.91 -4.83
CA SER B 1867 -10.20 2.19 -4.91
C SER B 1867 -11.18 3.36 -4.87
N ASN B 1868 -12.30 3.22 -5.59
CA ASN B 1868 -13.32 4.27 -5.56
C ASN B 1868 -13.88 4.46 -4.17
N THR B 1869 -14.15 3.36 -3.46
CA THR B 1869 -14.68 3.49 -2.10
C THR B 1869 -13.67 4.15 -1.18
N LEU B 1870 -12.38 3.80 -1.32
CA LEU B 1870 -11.37 4.42 -0.48
C LEU B 1870 -11.26 5.92 -0.76
N ASN B 1871 -11.23 6.30 -2.05
CA ASN B 1871 -11.07 7.71 -2.38
C ASN B 1871 -12.32 8.51 -2.00
N ASN B 1872 -13.51 7.92 -2.15
CA ASN B 1872 -14.74 8.63 -1.83
C ASN B 1872 -15.00 8.68 -0.34
N ALA B 1873 -14.46 7.73 0.43
CA ALA B 1873 -14.68 7.73 1.86
C ALA B 1873 -13.85 8.82 2.54
N GLY B 1874 -12.63 9.05 2.06
CA GLY B 1874 -11.73 10.03 2.63
C GLY B 1874 -10.36 9.49 2.96
N PHE B 1875 -10.21 8.17 3.09
CA PHE B 1875 -8.93 7.59 3.46
C PHE B 1875 -7.97 7.65 2.28
N PHE B 1876 -7.56 8.87 1.90
CA PHE B 1876 -6.74 9.05 0.71
C PHE B 1876 -5.37 8.41 0.85
N SER B 1877 -4.83 8.35 2.06
CA SER B 1877 -3.52 7.73 2.26
C SER B 1877 -3.59 6.21 2.09
N LEU B 1878 -4.63 5.58 2.64
CA LEU B 1878 -4.83 4.16 2.40
C LEU B 1878 -5.04 3.90 0.91
N ASN B 1879 -5.77 4.79 0.24
CA ASN B 1879 -5.95 4.67 -1.19
C ASN B 1879 -4.61 4.75 -1.91
N GLU B 1880 -3.75 5.68 -1.50
CA GLU B 1880 -2.42 5.80 -2.12
C GLU B 1880 -1.60 4.55 -1.90
N PHE B 1881 -1.65 4.00 -0.68
CA PHE B 1881 -1.00 2.72 -0.40
C PHE B 1881 -1.49 1.65 -1.36
N TYR B 1882 -2.80 1.57 -1.55
CA TYR B 1882 -3.36 0.57 -2.45
C TYR B 1882 -2.84 0.77 -3.87
N ILE B 1883 -2.76 2.02 -4.33
CA ILE B 1883 -2.32 2.27 -5.70
C ILE B 1883 -0.86 1.87 -5.89
N ASP B 1884 0.05 2.26 -4.99
CA ASP B 1884 1.43 1.91 -5.30
C ASP B 1884 1.65 0.41 -5.05
N SER B 1885 0.84 -0.20 -4.19
CA SER B 1885 0.88 -1.65 -4.07
C SER B 1885 0.47 -2.32 -5.38
N LEU B 1886 -0.59 -1.82 -6.01
CA LEU B 1886 -1.00 -2.36 -7.30
C LEU B 1886 0.09 -2.14 -8.35
N LYS B 1887 0.71 -0.96 -8.33
CA LYS B 1887 1.81 -0.70 -9.24
C LYS B 1887 2.95 -1.69 -9.03
N ALA B 1888 3.17 -2.11 -7.77
CA ALA B 1888 4.14 -3.15 -7.51
C ALA B 1888 3.73 -4.48 -8.13
N ASN B 1889 2.42 -4.72 -8.27
CA ASN B 1889 1.90 -5.89 -8.95
C ASN B 1889 1.73 -5.67 -10.45
N ASP B 1890 2.08 -4.49 -10.95
CA ASP B 1890 2.02 -4.18 -12.38
C ASP B 1890 0.63 -4.48 -12.96
N ALA B 1891 -0.41 -4.12 -12.21
CA ALA B 1891 -1.78 -4.41 -12.61
C ALA B 1891 -2.59 -3.16 -12.94
N ILE B 1892 -2.32 -2.03 -12.30
CA ILE B 1892 -3.17 -0.86 -12.48
C ILE B 1892 -2.87 -0.12 -13.78
N ASP B 1893 -1.69 -0.33 -14.38
CA ASP B 1893 -1.32 0.34 -15.62
C ASP B 1893 -1.42 1.86 -15.46
N GLU B 1894 -0.50 2.39 -14.64
CA GLU B 1894 -0.68 3.70 -14.02
C GLU B 1894 -0.64 4.83 -15.05
N CYS B 1895 -1.63 4.85 -15.94
CA CYS B 1895 -1.96 6.01 -16.75
C CYS B 1895 -3.46 6.28 -16.68
N SER B 1896 -4.12 5.74 -15.67
CA SER B 1896 -5.57 5.81 -15.53
C SER B 1896 -5.96 7.00 -14.65
N ASN B 1897 -7.25 7.12 -14.37
CA ASN B 1897 -7.74 8.27 -13.60
C ASN B 1897 -7.40 8.13 -12.13
N GLU B 1898 -7.53 6.93 -11.56
CA GLU B 1898 -7.44 6.79 -10.11
C GLU B 1898 -6.02 7.03 -9.61
N VAL B 1899 -5.02 6.62 -10.40
CA VAL B 1899 -3.63 6.86 -10.01
C VAL B 1899 -3.39 8.35 -9.81
N TYR B 1900 -3.85 9.16 -10.76
CA TYR B 1900 -3.63 10.60 -10.66
C TYR B 1900 -4.56 11.25 -9.65
N ALA B 1901 -5.74 10.67 -9.41
CA ALA B 1901 -6.60 11.16 -8.35
C ALA B 1901 -5.96 10.96 -6.99
N SER B 1902 -5.17 9.91 -6.82
CA SER B 1902 -4.35 9.77 -5.62
C SER B 1902 -3.16 10.71 -5.65
N ALA B 1903 -2.53 10.86 -6.82
CA ALA B 1903 -1.29 11.63 -6.93
C ALA B 1903 -1.52 13.10 -6.57
N TRP B 1904 -2.49 13.75 -7.20
CA TRP B 1904 -2.69 15.17 -6.93
C TRP B 1904 -3.24 15.42 -5.54
N ARG B 1905 -3.85 14.42 -4.91
CA ARG B 1905 -4.37 14.59 -3.55
C ARG B 1905 -3.29 14.36 -2.50
N MET B 1906 -2.33 13.49 -2.77
CA MET B 1906 -1.22 13.24 -1.86
C MET B 1906 -0.02 14.14 -2.14
N GLN B 1907 -0.14 15.06 -3.09
CA GLN B 1907 0.91 16.05 -3.38
C GLN B 1907 2.23 15.40 -3.78
N LYS B 1908 2.17 14.21 -4.37
CA LYS B 1908 3.38 13.55 -4.84
C LYS B 1908 3.64 14.00 -6.27
N TRP B 1909 4.47 15.03 -6.42
CA TRP B 1909 4.76 15.59 -7.74
C TRP B 1909 6.00 14.92 -8.34
N ASP B 1910 5.93 13.60 -8.43
CA ASP B 1910 6.97 12.80 -9.07
C ASP B 1910 6.44 11.94 -10.20
N ILE B 1911 5.21 11.43 -10.09
CA ILE B 1911 4.63 10.66 -11.19
C ILE B 1911 4.49 11.56 -12.42
N PRO B 1912 4.97 11.14 -13.57
CA PRO B 1912 4.89 11.99 -14.77
C PRO B 1912 3.44 12.31 -15.10
N PRO B 1913 3.16 13.55 -15.51
CA PRO B 1913 1.79 13.90 -15.89
C PRO B 1913 1.43 13.30 -17.23
N LEU B 1914 0.13 13.12 -17.45
CA LEU B 1914 -0.36 12.63 -18.73
C LEU B 1914 -0.15 13.69 -19.81
N SER B 1915 -0.02 13.23 -21.05
CA SER B 1915 0.31 14.13 -22.15
C SER B 1915 -0.78 15.16 -22.36
N LEU B 1916 -0.36 16.37 -22.77
CA LEU B 1916 -1.31 17.45 -23.00
C LEU B 1916 -2.13 17.21 -24.28
N ASP B 1917 -1.50 16.67 -25.31
CA ASP B 1917 -2.23 16.36 -26.53
C ASP B 1917 -3.20 15.20 -26.31
N ASN B 1918 -2.79 14.20 -25.55
CA ASN B 1918 -3.65 13.06 -25.27
C ASN B 1918 -4.83 13.48 -24.41
N LYS B 1919 -6.00 12.92 -24.71
CA LYS B 1919 -7.21 13.27 -23.97
C LYS B 1919 -7.12 12.75 -22.54
N THR B 1920 -7.65 13.53 -21.61
CA THR B 1920 -7.54 13.24 -20.19
C THR B 1920 -8.92 13.27 -19.54
N THR B 1921 -9.03 12.58 -18.41
CA THR B 1921 -10.24 12.61 -17.59
C THR B 1921 -10.19 13.87 -16.73
N LYS B 1922 -11.05 13.95 -15.71
CA LYS B 1922 -11.01 15.09 -14.80
C LYS B 1922 -9.76 15.06 -13.92
N ASP B 1923 -9.45 13.89 -13.35
CA ASP B 1923 -8.39 13.84 -12.36
C ASP B 1923 -7.01 13.92 -12.99
N CYS B 1924 -6.82 13.30 -14.16
CA CYS B 1924 -5.55 13.45 -14.87
C CYS B 1924 -5.29 14.90 -15.23
N LEU B 1925 -6.33 15.59 -15.71
CA LEU B 1925 -6.22 17.02 -16.02
C LEU B 1925 -5.86 17.82 -14.78
N VAL B 1926 -6.54 17.55 -13.67
CA VAL B 1926 -6.27 18.30 -12.44
C VAL B 1926 -4.84 18.08 -11.98
N PHE B 1927 -4.35 16.84 -12.05
CA PHE B 1927 -2.98 16.59 -11.63
C PHE B 1927 -1.97 17.26 -12.56
N GLU B 1928 -2.23 17.26 -13.87
CA GLU B 1928 -1.31 17.93 -14.78
C GLU B 1928 -1.25 19.42 -14.49
N VAL B 1929 -2.41 20.05 -14.29
CA VAL B 1929 -2.45 21.47 -13.96
C VAL B 1929 -1.72 21.75 -12.65
N LEU B 1930 -1.91 20.87 -11.66
CA LEU B 1930 -1.27 21.10 -10.37
C LEU B 1930 0.24 20.86 -10.41
N HIS B 1931 0.70 19.92 -11.23
CA HIS B 1931 2.14 19.75 -11.42
C HIS B 1931 2.74 20.99 -12.07
N ALA B 1932 2.02 21.57 -13.04
CA ALA B 1932 2.48 22.83 -13.61
C ALA B 1932 2.53 23.93 -12.56
N VAL B 1933 1.53 23.99 -11.68
CA VAL B 1933 1.54 25.00 -10.63
C VAL B 1933 2.72 24.78 -9.68
N HIS B 1934 3.01 23.52 -9.35
CA HIS B 1934 4.15 23.23 -8.47
C HIS B 1934 5.46 23.67 -9.11
N ASN B 1935 5.66 23.35 -10.39
CA ASN B 1935 6.93 23.72 -11.01
C ASN B 1935 6.99 25.19 -11.39
N TYR B 1936 5.87 25.91 -11.35
CA TYR B 1936 5.89 27.36 -11.47
C TYR B 1936 5.90 28.08 -10.14
N ALA B 1937 5.72 27.35 -9.03
CA ALA B 1937 5.85 27.93 -7.70
C ALA B 1937 7.22 27.68 -7.09
N ILE B 1938 7.87 26.57 -7.47
CA ILE B 1938 9.25 26.35 -7.05
C ILE B 1938 10.15 27.42 -7.64
N TYR B 1939 9.95 27.75 -8.92
CA TYR B 1939 10.74 28.76 -9.61
C TYR B 1939 10.08 30.14 -9.61
N GLY B 1940 8.94 30.29 -8.93
CA GLY B 1940 8.35 31.60 -8.68
C GLY B 1940 7.99 32.40 -9.92
N ASN B 1941 6.99 31.95 -10.67
CA ASN B 1941 6.55 32.65 -11.87
C ASN B 1941 5.04 32.84 -11.82
N TYR B 1942 4.58 33.86 -12.54
CA TYR B 1942 3.15 34.11 -12.71
C TYR B 1942 2.73 34.14 -14.18
N LEU B 1943 3.64 33.87 -15.11
CA LEU B 1943 3.35 34.00 -16.53
C LEU B 1943 3.32 32.68 -17.27
N HIS B 1944 4.38 31.85 -17.15
CA HIS B 1944 4.35 30.55 -17.81
C HIS B 1944 3.20 29.70 -17.29
N LEU B 1945 2.82 29.89 -16.04
CA LEU B 1945 1.62 29.25 -15.51
C LEU B 1945 0.39 29.69 -16.29
N GLU B 1946 0.31 30.97 -16.65
CA GLU B 1946 -0.79 31.44 -17.49
C GLU B 1946 -0.79 30.73 -18.84
N GLU B 1947 0.39 30.56 -19.44
CA GLU B 1947 0.46 29.86 -20.71
C GLU B 1947 -0.03 28.43 -20.57
N TYR B 1948 0.38 27.74 -19.51
CA TYR B 1948 -0.05 26.36 -19.30
C TYR B 1948 -1.56 26.28 -19.13
N ILE B 1949 -2.12 27.15 -18.27
CA ILE B 1949 -3.55 27.10 -18.00
C ILE B 1949 -4.34 27.41 -19.26
N ASN B 1950 -3.91 28.40 -20.03
CA ASN B 1950 -4.65 28.76 -21.23
C ASN B 1950 -4.53 27.66 -22.30
N LYS B 1951 -3.35 27.08 -22.47
CA LYS B 1951 -3.20 25.98 -23.41
C LYS B 1951 -4.04 24.79 -23.00
N LYS B 1952 -4.26 24.61 -21.69
CA LYS B 1952 -5.14 23.54 -21.23
C LYS B 1952 -6.60 23.88 -21.51
N LEU B 1953 -7.01 25.12 -21.23
CA LEU B 1953 -8.40 25.52 -21.38
C LEU B 1953 -8.81 25.63 -22.85
N LEU B 1954 -7.84 25.73 -23.76
CA LEU B 1954 -8.19 25.82 -25.18
C LEU B 1954 -8.86 24.55 -25.69
N LEU B 1955 -8.41 23.39 -25.21
CA LEU B 1955 -8.74 22.11 -25.83
C LEU B 1955 -9.61 21.21 -24.93
N ILE B 1956 -10.64 21.79 -24.28
CA ILE B 1956 -11.50 21.03 -23.39
C ILE B 1956 -12.94 21.01 -23.86
N ASN B 1957 -13.45 22.10 -24.43
CA ASN B 1957 -14.88 22.27 -24.69
C ASN B 1957 -15.46 21.49 -25.86
N PRO B 1958 -14.74 21.28 -26.98
CA PRO B 1958 -15.42 20.74 -28.18
C PRO B 1958 -16.12 19.42 -27.96
N ASN B 1959 -15.59 18.54 -27.10
CA ASN B 1959 -16.28 17.29 -26.81
C ASN B 1959 -17.57 17.50 -26.05
N GLU B 1960 -17.81 18.70 -25.52
CA GLU B 1960 -19.01 19.03 -24.76
C GLU B 1960 -19.19 18.10 -23.56
N GLU B 1961 -18.09 17.89 -22.84
CA GLU B 1961 -18.16 17.08 -21.62
C GLU B 1961 -18.92 17.84 -20.54
N PRO B 1962 -19.77 17.16 -19.77
CA PRO B 1962 -20.55 17.85 -18.74
C PRO B 1962 -19.70 18.51 -17.67
N ASP B 1963 -18.55 17.94 -17.32
CA ASP B 1963 -17.71 18.49 -16.27
C ASP B 1963 -16.87 19.66 -16.72
N SER B 1964 -16.86 19.98 -18.02
CA SER B 1964 -15.97 21.01 -18.54
C SER B 1964 -16.16 22.34 -17.81
N LEU B 1965 -17.41 22.72 -17.54
CA LEU B 1965 -17.68 23.96 -16.82
C LEU B 1965 -16.89 24.00 -15.52
N LEU B 1966 -16.93 22.91 -14.74
CA LEU B 1966 -16.18 22.85 -13.50
C LEU B 1966 -14.71 23.17 -13.75
N PHE B 1967 -14.12 22.52 -14.75
CA PHE B 1967 -12.73 22.80 -15.10
C PHE B 1967 -12.52 24.28 -15.33
N TYR B 1968 -13.43 24.91 -16.07
CA TYR B 1968 -13.34 26.35 -16.30
C TYR B 1968 -13.21 27.09 -14.99
N ALA B 1969 -14.12 26.81 -14.06
CA ALA B 1969 -14.05 27.43 -12.74
C ALA B 1969 -12.66 27.26 -12.14
N LEU B 1970 -12.17 26.03 -12.15
CA LEU B 1970 -10.84 25.76 -11.62
C LEU B 1970 -9.82 26.69 -12.24
N ALA B 1971 -9.79 26.74 -13.58
CA ALA B 1971 -8.81 27.59 -14.26
C ALA B 1971 -8.89 29.01 -13.71
N TYR B 1972 -10.10 29.57 -13.67
CA TYR B 1972 -10.23 30.95 -13.25
C TYR B 1972 -9.75 31.12 -11.81
N ASP B 1973 -10.13 30.18 -10.93
CA ASP B 1973 -9.67 30.28 -9.55
C ASP B 1973 -8.16 30.26 -9.51
N LEU B 1974 -7.55 29.35 -10.27
CA LEU B 1974 -6.09 29.30 -10.33
C LEU B 1974 -5.53 30.64 -10.80
N LYS B 1975 -6.19 31.25 -11.77
CA LYS B 1975 -5.71 32.53 -12.30
C LYS B 1975 -5.63 33.56 -11.18
N PHE B 1976 -6.60 33.55 -10.27
CA PHE B 1976 -6.58 34.56 -9.22
C PHE B 1976 -5.57 34.24 -8.13
N LEU B 1977 -5.13 32.99 -8.02
CA LEU B 1977 -4.16 32.67 -6.97
C LEU B 1977 -2.76 33.12 -7.32
N ILE B 1978 -2.47 33.37 -8.60
CA ILE B 1978 -1.14 33.75 -9.05
C ILE B 1978 -1.13 35.12 -9.71
N ARG B 1979 -2.20 35.91 -9.55
CA ARG B 1979 -2.21 37.29 -10.00
C ARG B 1979 -2.23 38.27 -8.83
N CYS B 1980 -3.23 38.16 -7.96
CA CYS B 1980 -3.39 39.11 -6.87
C CYS B 1980 -2.26 38.97 -5.87
N ASN B 1981 -1.67 40.10 -5.49
CA ASN B 1981 -0.62 40.10 -4.48
C ASN B 1981 -1.16 39.87 -3.08
N GLN B 1982 -2.47 39.91 -2.90
CA GLN B 1982 -3.11 39.68 -1.61
C GLN B 1982 -4.55 39.24 -1.85
N SER B 1983 -5.05 38.40 -0.94
CA SER B 1983 -6.39 37.84 -1.03
C SER B 1983 -6.61 37.17 -2.38
N GLN B 1984 -5.85 36.10 -2.61
CA GLN B 1984 -5.76 35.46 -3.92
C GLN B 1984 -7.02 34.69 -4.31
N PHE B 1985 -7.97 34.50 -3.40
CA PHE B 1985 -9.13 33.67 -3.67
C PHE B 1985 -10.36 34.54 -3.96
N ASN B 1986 -11.27 33.98 -4.76
CA ASN B 1986 -12.50 34.66 -5.15
C ASN B 1986 -13.69 34.01 -4.46
N CYS B 1987 -14.55 34.86 -3.87
CA CYS B 1987 -15.88 34.52 -3.35
C CYS B 1987 -15.81 33.51 -2.21
N ASP B 1988 -14.61 33.07 -1.84
CA ASP B 1988 -14.38 32.24 -0.67
C ASP B 1988 -15.05 30.87 -0.76
N ILE B 1989 -15.79 30.61 -1.84
CA ILE B 1989 -16.42 29.32 -2.11
C ILE B 1989 -17.40 28.93 -1.00
N LEU B 1990 -16.95 29.04 0.26
CA LEU B 1990 -17.83 28.74 1.38
C LEU B 1990 -19.07 29.64 1.38
N GLN B 1991 -18.93 30.87 0.91
CA GLN B 1991 -20.10 31.75 0.80
C GLN B 1991 -21.03 31.30 -0.32
N LEU B 1992 -20.50 30.59 -1.32
CA LEU B 1992 -21.36 30.04 -2.37
C LEU B 1992 -22.33 29.02 -1.79
N LEU B 1993 -21.90 28.28 -0.77
CA LEU B 1993 -22.81 27.37 -0.08
C LEU B 1993 -23.56 28.05 1.05
N LYS B 1994 -23.04 29.15 1.59
CA LYS B 1994 -23.72 29.86 2.66
C LYS B 1994 -24.88 30.70 2.16
N GLU B 1995 -24.82 31.18 0.91
CA GLU B 1995 -25.89 32.04 0.39
C GLU B 1995 -27.22 31.30 0.34
N ASN B 1996 -27.20 30.05 -0.11
CA ASN B 1996 -28.40 29.23 -0.06
C ASN B 1996 -28.75 28.80 1.37
N LYS B 1997 -27.82 28.96 2.30
CA LYS B 1997 -28.01 28.61 3.71
C LYS B 1997 -28.34 27.14 3.91
N GLN B 1998 -27.92 26.31 2.97
CA GLN B 1998 -28.09 24.86 3.01
C GLN B 1998 -26.94 24.24 2.24
N MET B 1999 -27.06 22.97 1.88
CA MET B 1999 -26.18 22.40 0.88
C MET B 1999 -26.59 22.80 -0.52
N SER B 2000 -27.82 23.31 -0.69
CA SER B 2000 -28.38 23.86 -1.92
C SER B 2000 -28.67 22.76 -2.94
N SER B 2001 -28.22 21.54 -2.63
CA SER B 2001 -28.54 20.33 -3.38
C SER B 2001 -28.63 20.58 -4.87
N GLN B 2002 -27.54 21.09 -5.44
CA GLN B 2002 -27.55 21.35 -6.87
C GLN B 2002 -27.73 20.03 -7.62
N LEU B 2003 -26.71 19.17 -7.56
CA LEU B 2003 -26.77 17.77 -7.99
C LEU B 2003 -25.36 17.24 -7.75
N HIS B 2004 -25.21 15.91 -7.80
CA HIS B 2004 -23.91 15.30 -7.56
C HIS B 2004 -22.82 15.92 -8.42
N GLU B 2005 -23.05 16.05 -9.73
CA GLU B 2005 -22.00 16.53 -10.61
C GLU B 2005 -21.75 18.01 -10.46
N CYS B 2006 -22.69 18.74 -9.84
CA CYS B 2006 -22.52 20.17 -9.61
C CYS B 2006 -21.77 20.49 -8.34
N PHE B 2007 -21.57 19.51 -7.45
CA PHE B 2007 -20.81 19.69 -6.21
C PHE B 2007 -19.78 18.56 -6.12
N GLN B 2008 -18.55 18.86 -6.52
CA GLN B 2008 -17.46 17.89 -6.41
C GLN B 2008 -16.09 18.52 -6.63
N LEU B 2009 -15.15 18.23 -5.74
CA LEU B 2009 -13.70 18.20 -5.98
C LEU B 2009 -13.04 19.57 -6.10
N LEU B 2010 -13.77 20.69 -6.01
CA LEU B 2010 -13.14 21.99 -6.15
C LEU B 2010 -12.31 22.36 -4.93
N LEU B 2011 -12.86 22.14 -3.73
CA LEU B 2011 -12.20 22.60 -2.51
C LEU B 2011 -10.86 21.92 -2.31
N GLU B 2012 -10.76 20.65 -2.71
CA GLU B 2012 -9.49 19.94 -2.55
C GLU B 2012 -8.40 20.54 -3.43
N ILE B 2013 -8.75 20.95 -4.65
CA ILE B 2013 -7.76 21.61 -5.49
C ILE B 2013 -7.40 22.97 -4.94
N ARG B 2014 -8.39 23.70 -4.39
CA ARG B 2014 -8.06 24.97 -3.75
C ARG B 2014 -7.08 24.76 -2.60
N ASN B 2015 -7.29 23.72 -1.81
CA ASN B 2015 -6.38 23.39 -0.72
C ASN B 2015 -4.98 23.09 -1.20
N VAL B 2016 -4.85 22.21 -2.20
CA VAL B 2016 -3.50 21.84 -2.64
C VAL B 2016 -2.81 23.02 -3.32
N LEU B 2017 -3.57 23.84 -4.05
CA LEU B 2017 -3.01 25.07 -4.60
C LEU B 2017 -2.49 25.98 -3.50
N LEU B 2018 -3.30 26.22 -2.47
CA LEU B 2018 -2.91 27.11 -1.39
C LEU B 2018 -1.64 26.60 -0.70
N SER B 2019 -1.58 25.30 -0.45
CA SER B 2019 -0.37 24.74 0.17
C SER B 2019 0.81 24.75 -0.78
N LEU B 2020 0.56 24.76 -2.09
CA LEU B 2020 1.63 24.89 -3.07
C LEU B 2020 2.12 26.32 -3.20
N LEU B 2021 1.33 27.30 -2.74
CA LEU B 2021 1.77 28.69 -2.78
C LEU B 2021 3.04 28.89 -1.96
N GLN B 2022 3.10 28.27 -0.79
CA GLN B 2022 4.25 28.37 0.10
C GLN B 2022 5.05 27.07 0.15
N SER B 2023 5.04 26.30 -0.94
CA SER B 2023 5.87 25.10 -0.99
C SER B 2023 7.34 25.45 -0.87
N HIS B 2024 7.77 26.51 -1.55
CA HIS B 2024 9.10 27.07 -1.42
C HIS B 2024 9.00 28.41 -0.73
N LYS B 2025 9.80 28.61 0.32
CA LYS B 2025 9.78 29.89 1.02
C LYS B 2025 10.23 31.02 0.12
N GLN B 2026 11.00 30.71 -0.94
CA GLN B 2026 11.27 31.70 -1.97
C GLN B 2026 10.02 32.08 -2.74
N LEU B 2027 8.97 31.24 -2.72
CA LEU B 2027 7.66 31.60 -3.23
C LEU B 2027 6.75 32.15 -2.15
N ASP B 2028 7.14 32.08 -0.88
CA ASP B 2028 6.41 32.76 0.18
C ASP B 2028 6.80 34.23 0.24
N LEU B 2029 8.06 34.50 0.57
CA LEU B 2029 8.65 35.84 0.57
C LEU B 2029 7.89 36.81 1.47
N SER B 2030 7.07 36.30 2.39
CA SER B 2030 6.29 37.15 3.28
C SER B 2030 5.79 36.30 4.44
N ASP B 2031 5.19 36.96 5.42
CA ASP B 2031 4.64 36.33 6.61
C ASP B 2031 3.12 36.36 6.63
N ASP B 2032 2.50 37.41 6.07
CA ASP B 2032 1.04 37.46 6.02
C ASP B 2032 0.46 36.33 5.19
N LEU B 2033 1.23 35.83 4.21
CA LEU B 2033 0.79 34.66 3.47
C LEU B 2033 0.71 33.43 4.37
N ALA B 2034 1.65 33.28 5.29
CA ALA B 2034 1.59 32.17 6.25
C ALA B 2034 0.41 32.29 7.18
N SER B 2035 -0.19 33.47 7.31
CA SER B 2035 -1.47 33.61 7.98
C SER B 2035 -2.63 33.38 7.04
N PHE B 2036 -2.44 33.61 5.74
CA PHE B 2036 -3.40 33.14 4.74
C PHE B 2036 -3.37 31.62 4.65
N ARG B 2037 -2.17 31.04 4.68
CA ARG B 2037 -1.93 29.60 4.77
C ARG B 2037 -2.92 28.90 5.68
N LYS B 2038 -3.18 29.51 6.83
CA LYS B 2038 -3.92 28.88 7.91
C LYS B 2038 -5.40 29.16 7.85
N TYR B 2039 -5.89 29.77 6.78
CA TYR B 2039 -7.33 29.90 6.64
C TYR B 2039 -7.91 28.74 5.85
N TYR B 2040 -7.64 27.55 6.39
CA TYR B 2040 -8.37 26.34 6.03
C TYR B 2040 -9.73 26.28 6.70
N ILE B 2041 -10.02 27.19 7.62
CA ILE B 2041 -11.29 27.15 8.33
C ILE B 2041 -12.45 27.33 7.36
N LEU B 2042 -12.31 28.26 6.42
CA LEU B 2042 -13.33 28.43 5.39
C LEU B 2042 -13.47 27.17 4.55
N GLU B 2043 -12.33 26.61 4.12
CA GLU B 2043 -12.34 25.42 3.27
C GLU B 2043 -13.00 24.24 3.97
N LEU B 2044 -12.83 24.15 5.28
CA LEU B 2044 -13.39 23.01 6.01
C LEU B 2044 -14.83 23.24 6.44
N LEU B 2045 -15.21 24.48 6.75
CA LEU B 2045 -16.63 24.77 6.91
C LEU B 2045 -17.38 24.54 5.61
N LYS B 2046 -16.67 24.59 4.47
CA LYS B 2046 -17.28 24.26 3.19
C LYS B 2046 -17.35 22.75 2.97
N ILE B 2047 -16.23 22.04 3.18
CA ILE B 2047 -16.19 20.61 2.88
C ILE B 2047 -17.06 19.82 3.86
N SER B 2048 -17.09 20.22 5.13
CA SER B 2048 -17.91 19.49 6.10
C SER B 2048 -19.40 19.76 5.90
N GLU B 2049 -19.77 21.02 5.70
CA GLU B 2049 -21.17 21.39 5.54
C GLU B 2049 -21.39 22.24 4.29
N LEU B 2052 -20.89 20.63 1.69
CA LEU B 2052 -20.16 19.39 1.47
C LEU B 2052 -19.82 19.24 0.00
N ILE B 2053 -19.12 20.24 -0.56
CA ILE B 2053 -18.87 20.26 -1.99
C ILE B 2053 -18.05 19.05 -2.42
N VAL B 2054 -16.98 18.74 -1.68
CA VAL B 2054 -16.21 17.54 -1.98
C VAL B 2054 -16.94 16.27 -1.59
N ASP B 2055 -18.05 16.38 -0.85
CA ASP B 2055 -18.92 15.25 -0.51
C ASP B 2055 -18.21 14.21 0.35
N ASN B 2056 -17.62 14.66 1.45
CA ASN B 2056 -16.99 13.77 2.41
C ASN B 2056 -16.85 14.49 3.74
N LEU B 2057 -16.37 13.76 4.74
CA LEU B 2057 -16.12 14.31 6.07
C LEU B 2057 -14.70 14.00 6.52
N GLN B 2058 -14.17 12.84 6.12
CA GLN B 2058 -12.82 12.47 6.51
C GLN B 2058 -11.79 13.46 5.97
N ASN B 2059 -12.03 13.99 4.77
CA ASN B 2059 -11.11 14.99 4.24
C ASN B 2059 -11.15 16.27 5.07
N ALA B 2060 -12.31 16.60 5.65
CA ALA B 2060 -12.38 17.76 6.54
C ALA B 2060 -11.46 17.57 7.76
N PHE B 2061 -11.52 16.40 8.38
CA PHE B 2061 -10.65 16.13 9.51
C PHE B 2061 -9.19 16.10 9.08
N SER B 2062 -8.90 15.55 7.90
CA SER B 2062 -7.51 15.50 7.44
C SER B 2062 -6.95 16.91 7.24
N VAL B 2063 -7.73 17.80 6.63
CA VAL B 2063 -7.26 19.16 6.45
C VAL B 2063 -7.20 19.92 7.77
N ALA B 2064 -8.07 19.59 8.72
CA ALA B 2064 -7.95 20.20 10.05
C ALA B 2064 -6.65 19.78 10.74
N MET B 2065 -6.29 18.49 10.59
CA MET B 2065 -4.99 18.04 11.09
C MET B 2065 -3.86 18.77 10.40
N LEU B 2066 -3.97 18.98 9.09
CA LEU B 2066 -2.94 19.72 8.36
C LEU B 2066 -2.82 21.15 8.89
N SER B 2067 -3.95 21.78 9.19
CA SER B 2067 -3.93 23.15 9.70
C SER B 2067 -3.30 23.22 11.09
N ASP B 2068 -3.62 22.25 11.96
CA ASP B 2068 -2.95 22.19 13.26
C ASP B 2068 -1.45 22.00 13.12
N ALA B 2069 -1.02 21.10 12.23
CA ALA B 2069 0.40 20.90 12.02
C ALA B 2069 1.06 22.17 11.50
N LEU B 2070 0.42 22.86 10.56
CA LEU B 2070 1.01 24.07 10.01
C LEU B 2070 1.06 25.19 11.04
N TYR B 2071 0.06 25.27 11.93
CA TYR B 2071 0.12 26.27 12.98
C TYR B 2071 1.25 25.99 13.96
N ARG B 2072 1.40 24.74 14.38
CA ARG B 2072 2.49 24.40 15.27
C ARG B 2072 3.85 24.47 14.57
N LYS B 2073 3.86 24.51 13.24
CA LYS B 2073 5.09 24.53 12.46
C LYS B 2073 5.54 25.93 12.07
N PHE B 2074 4.62 26.85 11.80
CA PHE B 2074 4.96 28.10 11.14
C PHE B 2074 5.23 29.24 12.12
N ASP B 2075 4.23 29.64 12.89
CA ASP B 2075 4.28 30.91 13.60
C ASP B 2075 4.03 30.70 15.09
N LEU B 2076 3.78 31.80 15.79
CA LEU B 2076 3.63 31.77 17.24
C LEU B 2076 2.48 30.86 17.65
N ALA B 2077 2.66 30.16 18.77
CA ALA B 2077 1.73 29.15 19.22
C ALA B 2077 0.66 29.68 20.16
N ASP B 2078 0.57 31.00 20.34
CA ASP B 2078 -0.43 31.62 21.20
C ASP B 2078 -1.05 32.81 20.47
N GLU B 2079 -2.21 32.60 19.85
CA GLU B 2079 -2.92 33.64 19.12
C GLU B 2079 -4.41 33.38 19.22
N ASN B 2080 -5.19 34.03 18.35
CA ASN B 2080 -6.60 33.70 18.17
C ASN B 2080 -6.81 32.71 17.04
N LEU B 2081 -5.88 32.67 16.09
CA LEU B 2081 -5.97 31.70 15.00
C LEU B 2081 -5.87 30.27 15.54
N LYS B 2082 -5.05 30.07 16.57
CA LYS B 2082 -4.98 28.76 17.21
C LYS B 2082 -6.35 28.35 17.76
N HIS B 2083 -7.02 29.28 18.44
CA HIS B 2083 -8.31 28.95 19.01
C HIS B 2083 -9.34 28.67 17.92
N ASP B 2084 -9.31 29.43 16.83
CA ASP B 2084 -10.27 29.19 15.75
C ASP B 2084 -10.03 27.85 15.10
N ILE B 2085 -8.76 27.48 14.90
CA ILE B 2085 -8.45 26.16 14.35
C ILE B 2085 -8.92 25.08 15.31
N ASP B 2086 -8.72 25.27 16.62
CA ASP B 2086 -9.19 24.30 17.60
C ASP B 2086 -10.71 24.17 17.54
N PHE B 2087 -11.41 25.28 17.38
CA PHE B 2087 -12.87 25.23 17.32
C PHE B 2087 -13.34 24.48 16.09
N LEU B 2088 -12.73 24.74 14.93
CA LEU B 2088 -13.13 24.02 13.73
C LEU B 2088 -12.84 22.53 13.86
N SER B 2089 -11.69 22.17 14.42
CA SER B 2089 -11.37 20.76 14.61
C SER B 2089 -12.34 20.11 15.58
N SER B 2090 -12.73 20.81 16.64
CA SER B 2090 -13.70 20.27 17.58
C SER B 2090 -15.04 20.05 16.92
N LYS B 2091 -15.46 20.98 16.06
CA LYS B 2091 -16.69 20.78 15.29
C LYS B 2091 -16.59 19.53 14.43
N ILE B 2092 -15.49 19.38 13.71
CA ILE B 2092 -15.33 18.23 12.82
C ILE B 2092 -15.35 16.93 13.63
N LEU B 2093 -14.75 16.95 14.81
CA LEU B 2093 -14.72 15.74 15.64
C LEU B 2093 -16.09 15.42 16.21
N TRP B 2094 -16.78 16.42 16.75
CA TRP B 2094 -18.09 16.17 17.36
C TRP B 2094 -19.09 15.68 16.32
N GLN B 2095 -19.02 16.20 15.09
CA GLN B 2095 -19.92 15.69 14.07
C GLN B 2095 -19.60 14.23 13.71
N ARG B 2096 -18.35 13.82 13.89
CA ARG B 2096 -18.00 12.41 13.78
C ARG B 2096 -18.53 11.58 14.93
N ASP B 2097 -19.07 12.24 15.96
CA ASP B 2097 -19.76 11.64 17.11
C ASP B 2097 -18.83 11.02 18.12
N GLU B 2098 -17.53 11.31 18.07
CA GLU B 2098 -16.64 11.05 19.21
C GLU B 2098 -16.74 12.27 20.13
N LYS B 2099 -17.86 12.33 20.84
CA LYS B 2099 -18.30 13.56 21.49
C LYS B 2099 -17.32 14.02 22.56
N ILE B 2100 -16.86 13.09 23.40
CA ILE B 2100 -16.04 13.47 24.55
C ILE B 2100 -14.69 14.02 24.09
N ASP B 2101 -14.14 13.46 23.01
CA ASP B 2101 -12.86 13.96 22.51
C ASP B 2101 -12.98 15.38 21.99
N ALA B 2102 -14.07 15.68 21.27
CA ALA B 2102 -14.29 17.05 20.81
C ALA B 2102 -14.53 18.00 21.99
N ILE B 2103 -15.26 17.54 23.00
CA ILE B 2103 -15.44 18.33 24.21
C ILE B 2103 -14.09 18.70 24.80
N GLY B 2104 -13.20 17.71 24.94
CA GLY B 2104 -11.90 17.98 25.51
C GLY B 2104 -11.07 18.91 24.65
N MET B 2105 -11.08 18.71 23.32
CA MET B 2105 -10.23 19.52 22.46
C MET B 2105 -10.68 20.96 22.41
N LEU B 2106 -11.99 21.21 22.46
CA LEU B 2106 -12.42 22.60 22.51
C LEU B 2106 -12.21 23.23 23.89
N SER B 2107 -12.38 22.45 24.95
CA SER B 2107 -12.20 23.01 26.29
C SER B 2107 -10.74 23.24 26.64
N GLU B 2108 -9.82 22.54 25.96
CA GLU B 2108 -8.41 22.79 26.20
C GLU B 2108 -8.00 24.19 25.76
N SER B 2109 -8.69 24.75 24.76
CA SER B 2109 -8.35 26.05 24.22
C SER B 2109 -9.31 27.16 24.62
N LEU B 2110 -10.52 26.82 25.02
CA LEU B 2110 -11.49 27.84 25.40
C LEU B 2110 -11.40 28.18 26.88
N SER B 2111 -11.53 27.18 27.75
CA SER B 2111 -11.37 27.38 29.19
C SER B 2111 -9.88 27.46 29.53
N LYS B 2112 -9.27 28.56 29.08
CA LYS B 2112 -7.84 28.74 29.16
C LYS B 2112 -7.54 30.22 29.15
N THR B 2113 -6.42 30.61 29.76
CA THR B 2113 -6.00 32.00 29.73
C THR B 2113 -5.43 32.35 28.36
N ASN B 2114 -6.30 32.38 27.35
CA ASN B 2114 -5.87 32.58 25.98
C ASN B 2114 -5.59 34.05 25.72
N SER B 2115 -5.06 34.33 24.53
CA SER B 2115 -4.72 35.69 24.12
C SER B 2115 -5.95 36.34 23.51
N SER B 2116 -6.35 37.49 24.06
CA SER B 2116 -7.52 38.23 23.60
C SER B 2116 -8.75 37.33 23.53
N ILE B 2117 -8.99 36.65 24.65
CA ILE B 2117 -10.00 35.59 24.72
C ILE B 2117 -11.37 36.24 24.89
N PHE B 2118 -12.09 36.40 23.78
CA PHE B 2118 -13.51 36.75 23.83
C PHE B 2118 -14.34 35.94 22.84
N PRO B 2119 -14.09 34.64 22.67
CA PRO B 2119 -14.79 33.89 21.61
C PRO B 2119 -16.17 33.49 22.07
N SER B 2120 -17.20 34.09 21.48
CA SER B 2120 -18.56 33.79 21.89
C SER B 2120 -19.09 32.53 21.20
N ILE B 2121 -18.77 32.37 19.92
CA ILE B 2121 -19.31 31.25 19.16
C ILE B 2121 -18.79 29.92 19.71
N SER B 2122 -17.48 29.85 19.98
CA SER B 2122 -16.93 28.63 20.55
C SER B 2122 -17.53 28.35 21.92
N TYR B 2123 -17.71 29.39 22.73
CA TYR B 2123 -18.28 29.19 24.06
C TYR B 2123 -19.69 28.64 23.98
N ALA B 2124 -20.51 29.19 23.08
CA ALA B 2124 -21.87 28.69 22.93
C ALA B 2124 -21.88 27.26 22.44
N TYR B 2125 -21.03 26.94 21.45
CA TYR B 2125 -21.00 25.59 20.93
C TYR B 2125 -20.56 24.58 21.98
N LEU B 2126 -19.55 24.94 22.77
CA LEU B 2126 -19.09 24.02 23.80
C LEU B 2126 -20.11 23.87 24.92
N GLY B 2127 -20.83 24.94 25.26
CA GLY B 2127 -21.91 24.80 26.22
C GLY B 2127 -22.99 23.86 25.73
N ASN B 2128 -23.38 23.99 24.46
CA ASN B 2128 -24.36 23.09 23.88
C ASN B 2128 -23.88 21.65 23.91
N TRP B 2129 -22.61 21.42 23.55
CA TRP B 2129 -22.08 20.05 23.58
C TRP B 2129 -22.02 19.49 24.99
N LEU B 2130 -21.58 20.30 25.95
CA LEU B 2130 -21.49 19.84 27.33
C LEU B 2130 -22.85 19.46 27.88
N TYR B 2131 -23.87 20.26 27.59
CA TYR B 2131 -25.20 19.84 28.01
C TYR B 2131 -25.72 18.68 27.19
N THR B 2132 -25.22 18.48 25.97
CA THR B 2132 -25.64 17.35 25.17
C THR B 2132 -25.17 16.03 25.76
N THR B 2133 -23.91 15.95 26.15
CA THR B 2133 -23.37 14.73 26.73
C THR B 2133 -23.33 14.75 28.25
N LYS B 2134 -23.89 15.78 28.88
CA LYS B 2134 -23.96 15.90 30.34
C LYS B 2134 -22.59 15.87 31.00
N SER B 2135 -21.52 16.17 30.25
CA SER B 2135 -20.17 16.09 30.78
C SER B 2135 -19.89 17.16 31.83
N GLU B 2136 -20.75 18.16 31.98
CA GLU B 2136 -20.54 19.23 32.95
C GLU B 2136 -21.87 19.59 33.60
N LYS B 2137 -21.77 20.20 34.78
CA LYS B 2137 -22.97 20.59 35.51
C LYS B 2137 -23.76 21.63 34.73
N THR B 2138 -25.08 21.62 34.93
CA THR B 2138 -25.94 22.57 34.24
C THR B 2138 -25.63 24.00 34.64
N GLU B 2139 -25.59 24.26 35.95
CA GLU B 2139 -25.30 25.61 36.42
C GLU B 2139 -23.90 26.05 36.01
N LEU B 2140 -22.92 25.15 36.13
CA LEU B 2140 -21.55 25.51 35.76
C LEU B 2140 -21.45 25.82 34.27
N VAL B 2141 -22.07 25.00 33.42
CA VAL B 2141 -21.98 25.28 31.98
C VAL B 2141 -22.71 26.56 31.63
N SER B 2142 -23.85 26.83 32.29
CA SER B 2142 -24.59 28.06 32.01
C SER B 2142 -23.83 29.30 32.48
N LYS B 2143 -23.05 29.17 33.56
CA LYS B 2143 -22.32 30.32 34.08
C LYS B 2143 -20.94 30.48 33.46
N ASN B 2144 -20.40 29.45 32.81
CA ASN B 2144 -19.04 29.52 32.32
C ASN B 2144 -18.89 29.43 30.81
N TYR B 2145 -19.89 28.92 30.09
CA TYR B 2145 -19.76 28.73 28.66
C TYR B 2145 -20.81 29.44 27.83
N PHE B 2146 -21.89 29.93 28.43
CA PHE B 2146 -22.88 30.70 27.70
C PHE B 2146 -22.92 32.16 28.11
N GLU B 2147 -22.76 32.45 29.39
CA GLU B 2147 -22.65 33.84 29.81
C GLU B 2147 -21.37 34.49 29.29
N LYS B 2148 -20.29 33.72 29.17
CA LYS B 2148 -19.08 34.24 28.54
C LYS B 2148 -19.34 34.62 27.10
N SER B 2149 -20.10 33.79 26.38
CA SER B 2149 -20.44 34.10 24.99
C SER B 2149 -21.28 35.36 24.90
N LEU B 2150 -22.27 35.51 25.80
CA LEU B 2150 -23.13 36.68 25.75
C LEU B 2150 -22.41 37.95 26.17
N SER B 2151 -21.45 37.85 27.08
CA SER B 2151 -20.68 39.02 27.49
C SER B 2151 -19.82 39.53 26.34
N HIS B 2152 -19.28 38.62 25.53
CA HIS B 2152 -18.45 38.98 24.39
C HIS B 2152 -19.27 39.17 23.12
N MET B 2153 -20.53 39.56 23.25
CA MET B 2153 -21.39 39.78 22.09
C MET B 2153 -21.12 41.19 21.54
N SER B 2154 -21.99 41.64 20.64
CA SER B 2154 -21.99 42.98 20.05
C SER B 2154 -20.79 43.25 19.15
N HIS B 2155 -19.93 42.26 18.88
CA HIS B 2155 -18.85 42.43 17.94
C HIS B 2155 -18.94 41.49 16.75
N LEU B 2156 -19.98 40.66 16.68
CA LEU B 2156 -20.19 39.73 15.57
C LEU B 2156 -21.63 39.80 15.10
N ASN B 2157 -22.12 41.01 14.84
CA ASN B 2157 -23.49 41.22 14.40
C ASN B 2157 -23.63 40.63 12.99
N ALA B 2158 -24.16 39.41 12.93
CA ALA B 2158 -24.25 38.66 11.67
C ALA B 2158 -25.24 37.52 11.89
N LYS B 2159 -25.22 36.55 10.98
CA LYS B 2159 -26.00 35.34 11.17
C LYS B 2159 -25.47 34.50 12.32
N GLU B 2160 -24.15 34.50 12.53
CA GLU B 2160 -23.58 33.77 13.65
C GLU B 2160 -24.09 34.28 14.98
N LYS B 2161 -24.41 35.57 15.06
CA LYS B 2161 -24.98 36.14 16.27
C LYS B 2161 -26.29 35.46 16.64
N ALA B 2162 -27.20 35.38 15.66
CA ALA B 2162 -28.46 34.68 15.87
C ALA B 2162 -28.22 33.21 16.18
N LYS B 2163 -27.26 32.59 15.48
CA LYS B 2163 -26.93 31.20 15.78
C LYS B 2163 -26.56 31.03 17.24
N ILE B 2164 -25.83 31.99 17.80
CA ILE B 2164 -25.41 31.88 19.19
C ILE B 2164 -26.60 32.01 20.14
N TYR B 2165 -27.40 33.07 19.99
CA TYR B 2165 -28.54 33.13 20.91
C TYR B 2165 -29.46 31.94 20.75
N CYS B 2166 -29.48 31.34 19.58
CA CYS B 2166 -30.54 30.39 19.30
C CYS B 2166 -30.12 28.96 19.63
N MET B 2167 -28.80 28.66 19.52
CA MET B 2167 -28.26 27.48 20.18
C MET B 2167 -28.37 27.60 21.70
N PHE B 2168 -28.20 28.82 22.23
CA PHE B 2168 -28.44 29.02 23.66
C PHE B 2168 -29.88 28.71 24.03
N ALA B 2169 -30.83 29.18 23.21
CA ALA B 2169 -32.24 28.88 23.47
C ALA B 2169 -32.51 27.39 23.35
N GLN B 2170 -31.84 26.72 22.40
CA GLN B 2170 -31.99 25.27 22.26
C GLN B 2170 -31.50 24.55 23.52
N PHE B 2171 -30.33 24.94 24.02
CA PHE B 2171 -29.81 24.31 25.23
C PHE B 2171 -30.71 24.57 26.43
N CYS B 2172 -31.19 25.80 26.57
CA CYS B 2172 -32.07 26.11 27.69
C CYS B 2172 -33.41 25.38 27.58
N ASP B 2173 -33.90 25.18 26.35
CA ASP B 2173 -35.11 24.40 26.16
C ASP B 2173 -34.90 22.93 26.55
N ASN B 2174 -33.77 22.36 26.10
CA ASN B 2174 -33.44 21.00 26.53
C ASN B 2174 -33.33 20.91 28.05
N ASN B 2175 -32.85 21.98 28.69
CA ASN B 2175 -32.90 22.05 30.14
C ASN B 2175 -34.34 22.02 30.66
N TYR B 2176 -35.23 22.77 30.00
CA TYR B 2176 -36.61 22.83 30.48
C TYR B 2176 -37.41 21.60 30.09
N SER B 2177 -37.16 21.05 28.90
CA SER B 2177 -38.00 20.00 28.32
C SER B 2177 -37.60 18.61 28.78
N SER B 2178 -36.65 18.48 29.71
CA SER B 2178 -36.25 17.17 30.20
C SER B 2178 -37.42 16.48 30.89
N PRO B 2179 -37.74 15.24 30.53
CA PRO B 2179 -38.92 14.60 31.13
C PRO B 2179 -38.72 14.18 32.57
N ASP B 2180 -37.57 13.57 32.89
CA ASP B 2180 -37.38 13.05 34.24
C ASP B 2180 -37.32 14.16 35.27
N LEU B 2181 -36.49 15.18 35.01
CA LEU B 2181 -36.35 16.28 35.96
C LEU B 2181 -37.62 17.09 36.09
N THR B 2182 -38.38 17.24 34.99
CA THR B 2182 -39.67 17.92 35.12
C THR B 2182 -40.69 17.06 35.86
N GLU B 2183 -40.57 15.73 35.78
CA GLU B 2183 -41.44 14.88 36.58
C GLU B 2183 -41.15 15.04 38.07
N ASP B 2184 -39.86 15.01 38.44
CA ASP B 2184 -39.52 15.29 39.83
C ASP B 2184 -39.91 16.71 40.22
N PHE B 2185 -39.86 17.65 39.27
CA PHE B 2185 -40.28 19.02 39.54
C PHE B 2185 -41.77 19.08 39.88
N LYS B 2186 -42.59 18.33 39.13
CA LYS B 2186 -44.02 18.30 39.42
C LYS B 2186 -44.28 17.64 40.76
N ARG B 2187 -43.60 16.52 41.05
CA ARG B 2187 -43.75 15.89 42.35
C ARG B 2187 -43.32 16.84 43.47
N MET B 2188 -42.31 17.66 43.20
CA MET B 2188 -41.82 18.62 44.18
C MET B 2188 -42.81 19.75 44.40
N GLU B 2189 -43.45 20.25 43.33
CA GLU B 2189 -44.53 21.20 43.52
C GLU B 2189 -45.65 20.58 44.34
N LYS B 2190 -45.97 19.32 44.07
CA LYS B 2190 -47.01 18.65 44.84
C LYS B 2190 -46.66 18.57 46.31
N LEU B 2191 -45.42 18.19 46.64
CA LEU B 2191 -45.11 18.02 48.06
C LEU B 2191 -44.98 19.38 48.74
N TYR B 2192 -44.58 20.41 48.00
CA TYR B 2192 -44.58 21.76 48.56
C TYR B 2192 -45.99 22.21 48.90
N PHE B 2193 -46.94 21.98 47.98
CA PHE B 2193 -48.31 22.40 48.27
C PHE B 2193 -48.91 21.57 49.42
N GLU B 2194 -48.62 20.27 49.46
CA GLU B 2194 -49.16 19.47 50.55
C GLU B 2194 -48.49 19.79 51.88
N LYS B 2195 -47.23 20.23 51.87
CA LYS B 2195 -46.63 20.67 53.12
C LYS B 2195 -47.19 22.01 53.57
N LYS B 2196 -47.54 22.89 52.63
CA LYS B 2196 -48.27 24.10 53.03
C LYS B 2196 -49.60 23.74 53.68
N ASN B 2197 -50.31 22.78 53.08
CA ASN B 2197 -51.58 22.34 53.68
C ASN B 2197 -51.36 21.72 55.06
N ASP B 2198 -50.29 20.92 55.20
CA ASP B 2198 -50.01 20.30 56.50
C ASP B 2198 -49.62 21.35 57.53
N ILE B 2199 -48.92 22.40 57.12
CA ILE B 2199 -48.59 23.49 58.03
C ILE B 2199 -49.87 24.18 58.48
N GLN B 2200 -50.80 24.43 57.54
CA GLN B 2200 -52.09 25.00 57.92
C GLN B 2200 -52.82 24.11 58.91
N GLN B 2201 -52.81 22.79 58.67
CA GLN B 2201 -53.52 21.87 59.55
C GLN B 2201 -52.90 21.84 60.94
N LEU B 2202 -51.56 21.79 61.01
CA LEU B 2202 -50.88 21.65 62.29
C LEU B 2202 -50.88 22.94 63.09
N GLU B 2203 -50.84 24.09 62.42
CA GLU B 2203 -50.90 25.37 63.12
C GLU B 2203 -52.23 25.49 63.87
N ARG B 2204 -53.33 25.12 63.22
CA ARG B 2204 -54.69 25.11 63.77
C ARG B 2204 -54.96 26.23 64.78
N LEU B 2218 -47.83 18.55 70.58
CA LEU B 2218 -47.03 18.33 69.38
C LEU B 2218 -46.39 19.63 68.90
N LYS B 2219 -46.25 20.59 69.82
CA LYS B 2219 -45.63 21.86 69.49
C LYS B 2219 -44.17 21.69 69.11
N ASN B 2220 -43.45 20.82 69.83
CA ASN B 2220 -42.08 20.49 69.43
C ASN B 2220 -42.06 19.76 68.09
N HIS B 2221 -43.01 18.85 67.88
CA HIS B 2221 -43.16 18.23 66.57
C HIS B 2221 -43.48 19.28 65.52
N HIS B 2222 -44.29 20.27 65.87
CA HIS B 2222 -44.59 21.36 64.95
C HIS B 2222 -43.33 22.14 64.60
N SER B 2223 -42.45 22.37 65.58
CA SER B 2223 -41.21 23.09 65.31
C SER B 2223 -40.29 22.30 64.40
N ARG B 2224 -40.13 20.99 64.67
CA ARG B 2224 -39.29 20.18 63.79
C ARG B 2224 -39.86 20.12 62.39
N GLU B 2225 -41.19 20.01 62.28
CA GLU B 2225 -41.84 20.00 60.98
C GLU B 2225 -41.64 21.32 60.25
N MET B 2226 -41.74 22.44 60.97
CA MET B 2226 -41.59 23.74 60.33
C MET B 2226 -40.16 23.96 59.85
N SER B 2227 -39.17 23.47 60.61
CA SER B 2227 -37.80 23.51 60.11
C SER B 2227 -37.65 22.68 58.83
N SER B 2228 -38.16 21.45 58.86
CA SER B 2228 -38.03 20.58 57.69
C SER B 2228 -38.69 21.20 56.47
N PHE B 2229 -39.92 21.71 56.63
CA PHE B 2229 -40.60 22.22 55.44
C PHE B 2229 -40.21 23.65 55.10
N ILE B 2230 -39.52 24.39 55.98
CA ILE B 2230 -38.94 25.65 55.53
C ILE B 2230 -37.71 25.39 54.67
N ILE B 2231 -36.95 24.33 55.01
CA ILE B 2231 -35.89 23.91 54.09
C ILE B 2231 -36.48 23.46 52.77
N ASP B 2232 -37.56 22.67 52.83
CA ASP B 2232 -38.24 22.24 51.61
C ASP B 2232 -38.75 23.44 50.81
N GLU B 2233 -39.31 24.44 51.50
CA GLU B 2233 -39.85 25.61 50.83
C GLU B 2233 -38.75 26.43 50.16
N ARG B 2234 -37.62 26.62 50.83
CA ARG B 2234 -36.54 27.39 50.20
C ARG B 2234 -35.99 26.64 48.98
N GLU B 2235 -35.89 25.31 49.07
CA GLU B 2235 -35.52 24.54 47.89
C GLU B 2235 -36.55 24.72 46.78
N TYR B 2236 -37.84 24.77 47.16
CA TYR B 2236 -38.90 24.96 46.18
C TYR B 2236 -38.77 26.30 45.47
N LEU B 2237 -38.51 27.37 46.24
CA LEU B 2237 -38.33 28.68 45.63
C LEU B 2237 -37.12 28.68 44.70
N ARG B 2238 -36.01 28.07 45.13
CA ARG B 2238 -34.83 28.02 44.27
C ARG B 2238 -35.14 27.33 42.95
N MET B 2239 -35.77 26.16 43.00
CA MET B 2239 -36.01 25.42 41.77
C MET B 2239 -37.07 26.09 40.90
N SER B 2240 -38.11 26.67 41.50
CA SER B 2240 -39.12 27.36 40.71
C SER B 2240 -38.55 28.60 40.05
N THR B 2241 -37.70 29.36 40.75
CA THR B 2241 -37.05 30.51 40.15
C THR B 2241 -36.13 30.07 39.01
N PHE B 2242 -35.41 28.96 39.20
CA PHE B 2242 -34.57 28.46 38.13
C PHE B 2242 -35.40 28.09 36.90
N ARG B 2243 -36.54 27.42 37.12
CA ARG B 2243 -37.40 27.04 35.99
C ARG B 2243 -37.93 28.27 35.27
N SER B 2244 -38.41 29.26 36.02
CA SER B 2244 -38.92 30.48 35.41
C SER B 2244 -37.83 31.19 34.62
N LYS B 2245 -36.63 31.29 35.19
CA LYS B 2245 -35.54 31.96 34.50
C LYS B 2245 -35.17 31.24 33.21
N MET B 2246 -35.04 29.91 33.26
CA MET B 2246 -34.64 29.20 32.05
C MET B 2246 -35.71 29.29 30.98
N LEU B 2247 -36.99 29.17 31.36
CA LEU B 2247 -38.04 29.23 30.35
C LEU B 2247 -38.13 30.63 29.73
N THR B 2248 -38.11 31.68 30.55
CA THR B 2248 -38.18 33.03 30.00
C THR B 2248 -36.97 33.33 29.12
N GLN B 2249 -35.79 32.92 29.55
CA GLN B 2249 -34.58 33.18 28.76
C GLN B 2249 -34.63 32.42 27.44
N SER B 2250 -35.12 31.17 27.45
CA SER B 2250 -35.16 30.41 26.21
C SER B 2250 -36.20 30.97 25.25
N ILE B 2251 -37.34 31.43 25.76
CA ILE B 2251 -38.32 32.07 24.89
C ILE B 2251 -37.73 33.34 24.28
N THR B 2252 -37.08 34.16 25.10
CA THR B 2252 -36.51 35.41 24.61
C THR B 2252 -35.45 35.14 23.55
N HIS B 2253 -34.59 34.15 23.77
CA HIS B 2253 -33.55 33.86 22.79
C HIS B 2253 -34.09 33.15 21.56
N TYR B 2254 -35.22 32.45 21.67
CA TYR B 2254 -35.90 31.98 20.47
C TYR B 2254 -36.40 33.14 19.64
N LEU B 2255 -37.00 34.14 20.30
CA LEU B 2255 -37.46 35.33 19.60
C LEU B 2255 -36.28 36.04 18.92
N LYS B 2256 -35.14 36.10 19.60
CA LYS B 2256 -33.95 36.69 19.00
C LYS B 2256 -33.43 35.86 17.83
N CYS B 2257 -33.46 34.53 17.97
CA CYS B 2257 -33.02 33.64 16.90
C CYS B 2257 -33.87 33.85 15.65
N LEU B 2258 -35.15 34.18 15.83
CA LEU B 2258 -35.98 34.55 14.70
C LEU B 2258 -35.65 35.95 14.19
N SER B 2259 -35.48 36.92 15.10
CA SER B 2259 -35.37 38.32 14.70
C SER B 2259 -34.10 38.59 13.92
N GLU B 2260 -32.95 38.17 14.45
CA GLU B 2260 -31.69 38.52 13.79
C GLU B 2260 -31.58 37.87 12.42
N SER B 2261 -31.99 36.61 12.30
CA SER B 2261 -31.88 35.88 11.05
C SER B 2261 -33.22 35.26 10.70
N ASP B 2262 -33.68 35.50 9.47
CA ASP B 2262 -34.91 34.91 8.97
C ASP B 2262 -34.73 33.48 8.50
N GLU B 2263 -33.49 32.98 8.45
CA GLU B 2263 -33.26 31.61 8.00
C GLU B 2263 -33.91 30.60 8.91
N ASN B 2264 -33.79 30.80 10.22
CA ASN B 2264 -34.37 29.89 11.21
C ASN B 2264 -35.75 30.42 11.58
N ASP B 2265 -36.79 29.76 11.05
CA ASP B 2265 -38.16 30.23 11.17
C ASP B 2265 -39.05 29.32 11.99
N VAL B 2266 -38.95 28.01 11.79
CA VAL B 2266 -39.88 27.04 12.36
C VAL B 2266 -39.93 27.15 13.88
N LEU B 2267 -38.82 27.58 14.47
CA LEU B 2267 -38.73 27.65 15.93
C LEU B 2267 -39.78 28.56 16.54
N ILE B 2268 -40.34 29.51 15.78
CA ILE B 2268 -41.42 30.33 16.32
C ILE B 2268 -42.56 29.43 16.80
N SER B 2269 -42.95 28.44 15.98
CA SER B 2269 -43.92 27.47 16.44
C SER B 2269 -43.46 26.82 17.73
N ARG B 2270 -42.21 26.36 17.76
CA ARG B 2270 -41.65 25.85 19.00
C ARG B 2270 -41.75 26.89 20.10
N CYS B 2271 -41.33 28.13 19.80
CA CYS B 2271 -41.47 29.20 20.78
C CYS B 2271 -42.92 29.36 21.19
N CYS B 2272 -43.83 29.28 20.22
CA CYS B 2272 -45.25 29.36 20.53
C CYS B 2272 -45.64 28.28 21.54
N THR B 2273 -45.19 27.04 21.31
CA THR B 2273 -45.52 25.97 22.25
C THR B 2273 -44.93 26.25 23.62
N MET B 2274 -43.77 26.93 23.66
CA MET B 2274 -43.17 27.25 24.94
C MET B 2274 -43.73 28.54 25.52
N TRP B 2275 -44.59 29.25 24.80
CA TRP B 2275 -45.06 30.55 25.22
C TRP B 2275 -46.55 30.55 25.59
N LEU B 2276 -47.43 30.13 24.68
CA LEU B 2276 -48.85 30.18 25.03
C LEU B 2276 -49.28 29.02 25.93
N SER B 2277 -48.40 28.05 26.17
CA SER B 2277 -48.71 27.03 27.16
C SER B 2277 -48.86 27.65 28.54
N ASN B 2278 -47.99 28.59 28.88
CA ASN B 2278 -48.08 29.36 30.11
C ASN B 2278 -48.61 30.74 29.77
N SER B 2279 -49.86 31.01 30.14
CA SER B 2279 -50.52 32.28 29.85
C SER B 2279 -51.27 32.78 31.08
N HIS B 2280 -50.62 32.72 32.24
CA HIS B 2280 -51.24 33.07 33.50
C HIS B 2280 -50.62 34.29 34.16
N LEU B 2281 -49.29 34.39 34.15
CA LEU B 2281 -48.58 35.45 34.84
C LEU B 2281 -48.05 36.48 33.84
N ASP B 2282 -48.27 37.76 34.14
CA ASP B 2282 -47.86 38.83 33.24
C ASP B 2282 -46.36 39.07 33.26
N GLU B 2283 -45.68 38.70 34.35
CA GLU B 2283 -44.24 38.94 34.44
C GLU B 2283 -43.48 38.18 33.36
N LEU B 2284 -43.90 36.95 33.07
CA LEU B 2284 -43.32 36.24 31.94
C LEU B 2284 -43.59 36.97 30.63
N ASN B 2285 -44.82 37.47 30.46
CA ASN B 2285 -45.19 38.13 29.22
C ASN B 2285 -44.46 39.44 29.00
N ASN B 2286 -43.99 40.10 30.06
CA ASN B 2286 -43.33 41.40 29.90
C ASN B 2286 -42.02 41.27 29.13
N SER B 2287 -41.15 40.35 29.55
CA SER B 2287 -39.85 40.20 28.93
C SER B 2287 -39.93 39.62 27.53
N LEU B 2288 -41.08 39.11 27.13
CA LEU B 2288 -41.28 38.65 25.76
C LEU B 2288 -42.01 39.66 24.88
N GLN B 2289 -42.89 40.48 25.47
CA GLN B 2289 -43.50 41.57 24.72
C GLN B 2289 -42.51 42.70 24.48
N HIS B 2290 -41.48 42.82 25.31
CA HIS B 2290 -40.41 43.76 24.99
C HIS B 2290 -39.56 43.30 23.82
N TYR B 2291 -39.73 42.06 23.35
CA TYR B 2291 -38.95 41.52 22.24
C TYR B 2291 -39.77 41.30 20.98
N LEU B 2292 -40.94 40.66 21.08
CA LEU B 2292 -41.70 40.31 19.89
C LEU B 2292 -42.19 41.56 19.15
N GLN B 2293 -42.37 42.67 19.86
CA GLN B 2293 -42.77 43.91 19.20
C GLN B 2293 -41.72 44.35 18.19
N ASN B 2294 -40.46 43.99 18.42
CA ASN B 2294 -39.41 44.25 17.45
C ASN B 2294 -39.31 43.17 16.38
N LEU B 2295 -39.98 42.03 16.57
CA LEU B 2295 -39.92 40.96 15.60
C LEU B 2295 -40.62 41.37 14.31
N PRO B 2296 -40.02 41.09 13.15
CA PRO B 2296 -40.72 41.36 11.89
C PRO B 2296 -41.99 40.52 11.77
N CYS B 2297 -42.97 41.07 11.05
CA CYS B 2297 -44.23 40.36 10.87
C CYS B 2297 -44.05 39.07 10.10
N LYS B 2298 -43.01 38.99 9.25
CA LYS B 2298 -42.81 37.82 8.41
C LYS B 2298 -42.70 36.54 9.23
N LYS B 2299 -42.12 36.62 10.43
CA LYS B 2299 -41.94 35.44 11.25
C LYS B 2299 -43.25 34.92 11.83
N PHE B 2300 -44.29 35.74 11.88
CA PHE B 2300 -45.53 35.36 12.57
C PHE B 2300 -46.58 34.76 11.66
N ILE B 2301 -46.32 34.65 10.35
CA ILE B 2301 -47.33 34.15 9.42
C ILE B 2301 -47.46 32.62 9.44
N PRO B 2302 -46.40 31.81 9.58
CA PRO B 2302 -46.60 30.36 9.47
C PRO B 2302 -47.53 29.79 10.51
N VAL B 2303 -47.51 30.33 11.73
CA VAL B 2303 -48.35 29.86 12.81
C VAL B 2303 -49.57 30.75 13.03
N PHE B 2304 -49.84 31.66 12.09
CA PHE B 2304 -50.89 32.65 12.35
C PHE B 2304 -52.28 32.05 12.36
N TYR B 2305 -52.47 30.83 11.86
CA TYR B 2305 -53.77 30.17 12.06
C TYR B 2305 -54.01 29.91 13.53
N GLN B 2306 -53.06 29.26 14.19
CA GLN B 2306 -53.19 29.00 15.62
C GLN B 2306 -53.19 30.31 16.41
N LEU B 2307 -52.23 31.18 16.13
CA LEU B 2307 -52.15 32.46 16.83
C LEU B 2307 -53.44 33.25 16.69
N ALA B 2308 -54.05 33.21 15.49
CA ALA B 2308 -55.34 33.83 15.28
C ALA B 2308 -56.40 33.17 16.14
N ALA B 2309 -56.36 31.85 16.26
CA ALA B 2309 -57.28 31.16 17.16
C ALA B 2309 -57.06 31.56 18.62
N ARG B 2310 -55.89 32.09 18.96
CA ARG B 2310 -55.58 32.35 20.36
C ARG B 2310 -56.12 33.68 20.90
N LEU B 2311 -56.37 34.68 20.05
CA LEU B 2311 -56.75 35.97 20.61
C LEU B 2311 -58.13 35.91 21.27
N MET B 2312 -58.39 36.92 22.09
CA MET B 2312 -59.64 37.03 22.82
C MET B 2312 -59.86 38.50 23.17
N ASN B 2313 -61.09 38.83 23.55
CA ASN B 2313 -61.46 40.21 23.82
C ASN B 2313 -61.12 40.67 25.23
N GLU B 2314 -60.73 39.77 26.13
CA GLU B 2314 -60.39 40.17 27.49
C GLU B 2314 -59.07 40.93 27.49
N ASN B 2315 -58.90 41.78 28.51
CA ASN B 2315 -57.75 42.67 28.61
C ASN B 2315 -56.68 42.02 29.49
N SER B 2316 -55.55 41.67 28.87
CA SER B 2316 -54.40 41.14 29.60
C SER B 2316 -53.15 41.48 28.81
N LYS B 2317 -52.01 41.47 29.51
CA LYS B 2317 -50.74 41.80 28.86
C LYS B 2317 -50.42 40.81 27.74
N PHE B 2318 -50.67 39.52 27.98
CA PHE B 2318 -50.59 38.54 26.91
C PHE B 2318 -51.55 38.89 25.78
N GLN B 2319 -52.77 39.30 26.13
CA GLN B 2319 -53.72 39.73 25.12
C GLN B 2319 -53.24 40.96 24.37
N GLN B 2320 -52.61 41.90 25.09
CA GLN B 2320 -52.07 43.08 24.43
C GLN B 2320 -51.00 42.70 23.42
N SER B 2321 -50.08 41.81 23.80
CA SER B 2321 -49.04 41.37 22.89
C SER B 2321 -49.62 40.65 21.68
N LEU B 2322 -50.62 39.80 21.92
CA LEU B 2322 -51.25 39.08 20.81
C LEU B 2322 -51.96 40.04 19.86
N THR B 2323 -52.65 41.04 20.41
CA THR B 2323 -53.30 42.05 19.57
C THR B 2323 -52.28 42.83 18.76
N SER B 2324 -51.14 43.17 19.37
CA SER B 2324 -50.09 43.87 18.64
C SER B 2324 -49.55 43.01 17.50
N ILE B 2325 -49.34 41.71 17.76
CA ILE B 2325 -48.85 40.82 16.71
C ILE B 2325 -49.86 40.75 15.56
N CYS B 2326 -51.14 40.59 15.91
CA CYS B 2326 -52.17 40.48 14.89
C CYS B 2326 -52.27 41.76 14.06
N TYR B 2327 -52.22 42.92 14.73
CA TYR B 2327 -52.25 44.19 14.00
C TYR B 2327 -51.03 44.33 13.11
N ASN B 2328 -49.85 43.94 13.60
CA ASN B 2328 -48.65 44.07 12.80
C ASN B 2328 -48.74 43.23 11.53
N VAL B 2329 -49.20 42.00 11.65
CA VAL B 2329 -49.28 41.15 10.46
C VAL B 2329 -50.42 41.58 9.54
N GLY B 2330 -51.52 42.07 10.12
CA GLY B 2330 -52.65 42.49 9.31
C GLY B 2330 -52.44 43.81 8.61
N ARG B 2331 -51.54 44.64 9.13
CA ARG B 2331 -51.22 45.91 8.50
C ARG B 2331 -50.04 45.79 7.53
N ASN B 2332 -48.97 45.13 7.96
CA ASN B 2332 -47.80 45.00 7.09
C ASN B 2332 -48.07 44.08 5.92
N HIS B 2333 -48.73 42.95 6.16
CA HIS B 2333 -49.00 41.95 5.13
C HIS B 2333 -50.47 41.59 5.12
N PRO B 2334 -51.31 42.44 4.53
CA PRO B 2334 -52.69 42.09 4.38
C PRO B 2334 -52.93 40.74 3.71
N TYR B 2335 -52.12 40.38 2.73
CA TYR B 2335 -52.44 39.25 1.87
C TYR B 2335 -52.37 37.93 2.61
N HIS B 2336 -51.30 37.72 3.38
CA HIS B 2336 -51.10 36.43 4.02
C HIS B 2336 -51.83 36.29 5.36
N SER B 2337 -52.52 37.32 5.82
CA SER B 2337 -53.18 37.29 7.12
C SER B 2337 -54.66 37.58 7.06
N LEU B 2338 -55.11 38.36 6.08
CA LEU B 2338 -56.50 38.82 6.07
C LEU B 2338 -57.45 37.66 5.80
N HIS B 2339 -57.04 36.69 4.98
CA HIS B 2339 -57.92 35.57 4.70
C HIS B 2339 -58.13 34.71 5.95
N VAL B 2340 -57.07 34.49 6.73
CA VAL B 2340 -57.24 33.81 8.02
C VAL B 2340 -58.09 34.65 8.95
N LEU B 2341 -57.88 35.96 8.94
CA LEU B 2341 -58.61 36.85 9.83
C LEU B 2341 -60.11 36.75 9.56
N PHE B 2342 -60.49 36.83 8.29
CA PHE B 2342 -61.89 36.67 7.92
C PHE B 2342 -62.39 35.26 8.19
N SER B 2343 -61.54 34.25 7.95
CA SER B 2343 -61.92 32.88 8.26
C SER B 2343 -62.35 32.76 9.73
N LEU B 2344 -61.66 33.46 10.61
CA LEU B 2344 -62.00 33.42 12.02
C LEU B 2344 -63.04 34.47 12.42
N VAL B 2345 -63.43 35.35 11.51
CA VAL B 2345 -64.51 36.30 11.79
C VAL B 2345 -65.76 36.04 10.94
N SER B 2346 -65.69 35.15 9.95
CA SER B 2346 -66.78 35.04 8.97
C SER B 2346 -68.09 34.65 9.64
N ASN B 2347 -68.16 33.44 10.20
CA ASN B 2347 -69.39 32.94 10.79
C ASN B 2347 -69.12 32.56 12.24
N VAL B 2348 -69.73 33.28 13.16
CA VAL B 2348 -69.54 33.05 14.59
C VAL B 2348 -70.83 33.37 15.34
N PRO B 2349 -71.57 32.36 15.78
CA PRO B 2349 -72.81 32.60 16.52
C PRO B 2349 -72.56 33.20 17.90
N GLU B 2350 -73.61 33.80 18.45
CA GLU B 2350 -73.49 34.55 19.69
C GLU B 2350 -73.99 33.77 20.91
N ILE B 2351 -75.11 33.07 20.79
CA ILE B 2351 -75.75 32.45 21.96
C ILE B 2351 -74.85 31.38 22.55
N GLU B 2352 -74.37 30.47 21.71
CA GLU B 2352 -73.47 29.40 22.16
C GLU B 2352 -72.12 29.97 22.58
N ASN B 2353 -71.60 29.47 23.69
CA ASN B 2353 -70.38 30.01 24.30
C ASN B 2353 -69.20 29.15 23.91
N LEU B 2354 -68.14 29.79 23.40
CA LEU B 2354 -66.93 29.10 22.99
C LEU B 2354 -65.81 30.12 22.85
N ASP B 2355 -64.58 29.63 22.90
CA ASP B 2355 -63.43 30.50 22.61
C ASP B 2355 -63.48 31.02 21.18
N ALA B 2356 -64.25 30.38 20.30
CA ALA B 2356 -64.42 30.88 18.96
C ALA B 2356 -65.09 32.25 18.95
N GLY B 2357 -66.08 32.45 19.83
CA GLY B 2357 -66.73 33.75 19.89
C GLY B 2357 -65.81 34.86 20.35
N SER B 2358 -65.03 34.60 21.41
CA SER B 2358 -64.09 35.60 21.90
C SER B 2358 -63.00 35.88 20.86
N ARG B 2359 -62.49 34.83 20.21
CA ARG B 2359 -61.52 35.05 19.16
C ARG B 2359 -62.13 35.80 17.99
N TYR B 2360 -63.43 35.61 17.74
CA TYR B 2360 -64.11 36.38 16.71
C TYR B 2360 -64.18 37.86 17.08
N ARG B 2361 -64.52 38.16 18.32
CA ARG B 2361 -64.56 39.56 18.74
C ARG B 2361 -63.18 40.19 18.62
N ALA B 2362 -62.14 39.48 19.07
CA ALA B 2362 -60.79 40.02 18.99
C ALA B 2362 -60.35 40.21 17.54
N VAL B 2363 -60.65 39.23 16.68
CA VAL B 2363 -60.22 39.33 15.29
C VAL B 2363 -61.01 40.42 14.56
N LYS B 2364 -62.27 40.65 14.94
CA LYS B 2364 -63.01 41.77 14.37
C LYS B 2364 -62.41 43.10 14.80
N LYS B 2365 -61.98 43.20 16.06
CA LYS B 2365 -61.31 44.42 16.51
C LYS B 2365 -60.01 44.63 15.76
N ILE B 2366 -59.25 43.56 15.52
CA ILE B 2366 -58.01 43.67 14.76
C ILE B 2366 -58.29 44.10 13.33
N LEU B 2367 -59.37 43.56 12.74
CA LEU B 2367 -59.76 43.95 11.40
C LEU B 2367 -60.13 45.43 11.33
N ASP B 2368 -60.88 45.92 12.32
CA ASP B 2368 -61.22 47.34 12.36
C ASP B 2368 -59.97 48.20 12.50
N LEU B 2369 -59.02 47.76 13.34
CA LEU B 2369 -57.77 48.51 13.49
C LEU B 2369 -56.99 48.54 12.19
N LEU B 2370 -56.94 47.42 11.46
CA LEU B 2370 -56.23 47.39 10.20
C LEU B 2370 -56.96 48.16 9.11
N LYS B 2371 -58.29 48.32 9.26
CA LYS B 2371 -59.06 49.07 8.28
C LYS B 2371 -59.03 50.57 8.52
N VAL B 2372 -58.83 51.01 9.76
CA VAL B 2372 -58.73 52.43 10.04
C VAL B 2372 -57.53 53.03 9.32
N ASN B 2373 -56.39 52.35 9.38
CA ASN B 2373 -55.19 52.82 8.70
C ASN B 2373 -55.31 52.61 7.19
N SER B 2377 -56.34 51.00 4.52
CA SER B 2377 -57.78 51.21 4.65
C SER B 2377 -58.52 50.68 3.42
N ASN B 2378 -58.10 51.17 2.24
CA ASN B 2378 -58.75 50.75 1.00
C ASN B 2378 -58.53 49.26 0.74
N LEU B 2379 -57.30 48.78 0.92
CA LEU B 2379 -57.00 47.39 0.59
C LEU B 2379 -57.68 46.42 1.56
N VAL B 2380 -57.78 46.80 2.84
CA VAL B 2380 -58.40 45.92 3.81
C VAL B 2380 -59.88 45.71 3.48
N THR B 2381 -60.60 46.80 3.25
CA THR B 2381 -62.02 46.67 2.91
C THR B 2381 -62.20 46.05 1.52
N LYS B 2382 -61.24 46.25 0.62
CA LYS B 2382 -61.30 45.57 -0.66
C LYS B 2382 -61.21 44.06 -0.50
N LEU B 2383 -60.28 43.59 0.34
CA LEU B 2383 -60.18 42.16 0.60
C LEU B 2383 -61.41 41.64 1.31
N LEU B 2384 -61.98 42.42 2.22
CA LEU B 2384 -63.22 42.03 2.89
C LEU B 2384 -64.35 41.84 1.88
N CYS B 2385 -64.48 42.79 0.96
CA CYS B 2385 -65.52 42.68 -0.07
C CYS B 2385 -65.26 41.49 -0.98
N SER B 2386 -64.00 41.23 -1.32
CA SER B 2386 -63.67 40.07 -2.14
C SER B 2386 -64.06 38.78 -1.45
N PHE B 2387 -63.78 38.67 -0.15
CA PHE B 2387 -64.16 37.46 0.58
C PHE B 2387 -65.66 37.30 0.65
N GLU B 2388 -66.39 38.40 0.89
CA GLU B 2388 -67.84 38.31 0.93
C GLU B 2388 -68.40 37.87 -0.41
N ASN B 2389 -67.87 38.41 -1.51
CA ASN B 2389 -68.33 38.02 -2.84
C ASN B 2389 -68.03 36.55 -3.11
N TYR B 2390 -66.83 36.09 -2.74
CA TYR B 2390 -66.48 34.70 -2.97
C TYR B 2390 -67.36 33.74 -2.17
N VAL B 2391 -67.64 34.09 -0.91
CA VAL B 2391 -68.48 33.21 -0.10
C VAL B 2391 -69.93 33.21 -0.61
N SER B 2392 -70.43 34.36 -1.06
CA SER B 2392 -71.76 34.41 -1.63
C SER B 2392 -71.84 33.59 -2.91
N LEU B 2393 -70.79 33.65 -3.73
CA LEU B 2393 -70.73 32.81 -4.93
C LEU B 2393 -70.73 31.33 -4.56
N ALA B 2394 -69.95 30.95 -3.55
CA ALA B 2394 -69.90 29.55 -3.13
C ALA B 2394 -71.20 29.09 -2.51
N GLU B 2395 -72.04 30.02 -2.03
CA GLU B 2395 -73.28 29.63 -1.37
C GLU B 2395 -74.24 28.91 -2.31
N TRP B 2396 -74.37 29.39 -3.54
CA TRP B 2396 -75.37 28.88 -4.47
C TRP B 2396 -74.74 27.91 -5.47
N ASN B 2397 -75.59 27.06 -6.05
CA ASN B 2397 -75.15 26.07 -7.04
C ASN B 2397 -76.29 25.63 -7.95
N PRO B 2398 -76.14 25.75 -9.27
CA PRO B 2398 -77.08 25.14 -10.20
C PRO B 2398 -76.65 23.73 -10.58
N ARG B 2399 -77.43 23.11 -11.44
CA ARG B 2399 -77.21 21.73 -11.89
C ARG B 2399 -76.93 21.73 -13.39
N SER B 2400 -75.70 21.34 -13.75
CA SER B 2400 -75.31 21.24 -15.16
C SER B 2400 -73.98 20.52 -15.29
N LYS B 2401 -73.46 20.46 -16.52
CA LYS B 2401 -72.15 19.87 -16.78
C LYS B 2401 -71.64 20.42 -18.10
N VAL B 2402 -70.39 20.91 -18.08
CA VAL B 2402 -69.82 21.55 -19.25
C VAL B 2402 -68.31 21.35 -19.23
N ASP B 2403 -67.70 21.36 -20.41
CA ASP B 2403 -66.26 21.27 -20.58
C ASP B 2403 -65.91 21.90 -21.93
N SER B 2404 -64.67 21.67 -22.39
CA SER B 2404 -64.19 22.15 -23.67
C SER B 2404 -64.24 23.67 -23.77
N THR B 2405 -64.04 24.20 -24.97
CA THR B 2405 -63.97 25.64 -25.17
C THR B 2405 -65.34 26.28 -24.99
N SER B 2406 -65.35 27.45 -24.33
CA SER B 2406 -66.48 28.38 -24.28
C SER B 2406 -67.59 27.91 -23.36
N PHE B 2407 -68.16 28.86 -22.60
CA PHE B 2407 -69.31 28.64 -21.75
C PHE B 2407 -69.73 29.98 -21.14
N SER B 2408 -70.98 30.09 -20.68
CA SER B 2408 -71.46 31.33 -20.06
C SER B 2408 -72.49 30.97 -19.00
N ARG B 2409 -72.44 31.70 -17.89
CA ARG B 2409 -73.33 31.46 -16.77
C ARG B 2409 -73.30 32.59 -15.74
N PHE B 2410 -73.87 32.34 -14.57
CA PHE B 2410 -73.74 33.11 -13.33
C PHE B 2410 -74.81 34.20 -13.21
N PRO B 2411 -75.62 34.16 -12.16
CA PRO B 2411 -76.55 35.28 -11.90
C PRO B 2411 -75.97 36.30 -10.94
N GLY B 2412 -76.20 37.59 -11.21
CA GLY B 2412 -75.68 38.64 -10.36
C GLY B 2412 -74.16 38.64 -10.30
N TYR B 2413 -73.51 38.52 -11.46
CA TYR B 2413 -72.07 38.40 -11.51
C TYR B 2413 -71.38 39.68 -11.98
N LYS B 2414 -71.99 40.85 -11.77
CA LYS B 2414 -71.35 42.10 -12.20
C LYS B 2414 -70.06 42.34 -11.43
N TRP B 2415 -70.01 41.95 -10.15
CA TRP B 2415 -68.82 42.22 -9.35
C TRP B 2415 -67.61 41.45 -9.85
N PHE B 2416 -67.84 40.26 -10.43
CA PHE B 2416 -66.74 39.41 -10.84
C PHE B 2416 -66.16 39.78 -12.20
N LEU B 2417 -66.87 40.58 -13.01
CA LEU B 2417 -66.37 40.97 -14.31
C LEU B 2417 -65.66 42.32 -14.31
N LYS B 2418 -65.70 43.06 -13.20
CA LYS B 2418 -65.00 44.33 -13.09
C LYS B 2418 -64.32 44.45 -11.73
N ASP B 2419 -63.65 43.38 -11.29
CA ASP B 2419 -63.03 43.38 -9.97
C ASP B 2419 -62.01 44.50 -9.83
N ALA B 2420 -60.93 44.45 -10.61
CA ALA B 2420 -59.90 45.48 -10.53
C ALA B 2420 -60.37 46.81 -11.09
N ALA B 2421 -61.37 46.82 -11.96
CA ALA B 2421 -61.95 48.08 -12.42
C ALA B 2421 -62.60 48.83 -11.28
N ASN B 2422 -63.10 48.11 -10.27
CA ASN B 2422 -63.64 48.73 -9.06
C ASN B 2422 -62.64 48.68 -7.91
N TYR B 2423 -62.19 47.48 -7.54
CA TYR B 2423 -61.18 47.30 -6.50
C TYR B 2423 -60.00 46.54 -7.10
N GLY B 2424 -58.92 47.24 -7.38
CA GLY B 2424 -57.72 46.57 -7.86
C GLY B 2424 -57.19 45.61 -6.82
N LEU B 2425 -57.38 44.31 -7.05
CA LEU B 2425 -57.04 43.29 -6.08
C LEU B 2425 -56.59 42.05 -6.82
N PRO B 2426 -55.71 41.24 -6.23
CA PRO B 2426 -55.38 39.95 -6.82
C PRO B 2426 -56.47 38.93 -6.54
N PRO B 2427 -56.69 37.98 -7.45
CA PRO B 2427 -57.53 36.84 -7.09
C PRO B 2427 -56.92 36.08 -5.93
N ILE B 2428 -57.78 35.58 -5.04
CA ILE B 2428 -57.35 35.13 -3.72
C ILE B 2428 -56.47 33.89 -3.75
N THR B 2429 -56.18 33.33 -4.92
CA THR B 2429 -55.49 32.04 -4.97
C THR B 2429 -54.17 32.05 -5.75
N MET B 2430 -53.29 33.02 -5.48
CA MET B 2430 -51.90 32.91 -5.88
C MET B 2430 -51.00 32.90 -4.66
N ASN B 2431 -49.86 32.23 -4.78
CA ASN B 2431 -48.83 32.23 -3.75
C ASN B 2431 -48.09 33.56 -3.82
N VAL B 2432 -48.67 34.59 -3.19
CA VAL B 2432 -48.04 35.90 -3.19
C VAL B 2432 -46.79 35.86 -2.34
N LYS B 2433 -45.65 36.21 -2.93
CA LYS B 2433 -44.38 36.13 -2.23
C LYS B 2433 -44.32 37.15 -1.10
N VAL B 2434 -43.82 36.71 0.05
CA VAL B 2434 -43.72 37.57 1.22
C VAL B 2434 -42.53 38.52 1.05
N ASN B 2435 -42.76 39.80 1.29
CA ASN B 2435 -41.73 40.82 1.19
C ASN B 2435 -41.39 41.34 2.57
N ASP B 2436 -40.10 41.58 2.81
CA ASP B 2436 -39.64 42.00 4.12
C ASP B 2436 -40.25 43.35 4.51
N THR B 2437 -40.29 44.29 3.57
CA THR B 2437 -40.88 45.60 3.86
C THR B 2437 -42.37 45.48 4.14
N GLY B 2438 -43.07 44.67 3.36
CA GLY B 2438 -44.47 44.40 3.63
C GLY B 2438 -45.45 45.01 2.64
N ASP B 2439 -45.19 46.24 2.22
CA ASP B 2439 -46.08 46.96 1.31
C ASP B 2439 -45.51 46.90 -0.10
N TYR B 2440 -46.30 46.34 -1.02
CA TYR B 2440 -45.92 46.27 -2.42
C TYR B 2440 -47.14 46.54 -3.30
N SER B 2441 -46.91 47.28 -4.37
CA SER B 2441 -47.93 47.52 -5.38
C SER B 2441 -47.70 46.73 -6.65
N ASN B 2442 -46.65 45.90 -6.69
CA ASN B 2442 -46.29 45.14 -7.87
C ASN B 2442 -47.06 43.83 -7.99
N ILE B 2443 -47.92 43.52 -7.02
CA ILE B 2443 -48.70 42.27 -7.09
C ILE B 2443 -49.68 42.35 -8.25
N PRO B 2444 -49.92 41.27 -8.98
CA PRO B 2444 -50.85 41.34 -10.11
C PRO B 2444 -52.29 41.33 -9.64
N THR B 2445 -53.09 42.23 -10.22
CA THR B 2445 -54.51 42.33 -9.95
C THR B 2445 -55.28 42.02 -11.23
N VAL B 2446 -56.33 41.21 -11.11
CA VAL B 2446 -57.08 40.72 -12.25
C VAL B 2446 -58.54 41.15 -12.12
N SER B 2447 -59.08 41.67 -13.21
CA SER B 2447 -60.48 42.10 -13.29
C SER B 2447 -61.32 41.24 -14.21
N SER B 2448 -60.77 40.86 -15.36
CA SER B 2448 -61.52 40.07 -16.33
C SER B 2448 -61.68 38.64 -15.83
N PHE B 2449 -62.92 38.18 -15.73
CA PHE B 2449 -63.21 36.81 -15.32
C PHE B 2449 -63.98 36.12 -16.44
N ASP B 2450 -63.56 34.91 -16.80
CA ASP B 2450 -64.24 34.15 -17.82
C ASP B 2450 -65.65 33.81 -17.37
N ASP B 2451 -66.58 33.79 -18.33
CA ASP B 2451 -67.98 33.52 -18.02
C ASP B 2451 -68.26 32.03 -17.82
N THR B 2452 -67.26 31.18 -18.00
CA THR B 2452 -67.43 29.73 -17.93
C THR B 2452 -67.34 29.25 -16.49
N ILE B 2453 -68.18 28.26 -16.16
CA ILE B 2453 -68.15 27.56 -14.88
C ILE B 2453 -68.22 26.07 -15.17
N HIS B 2454 -67.10 25.46 -15.47
CA HIS B 2454 -67.17 24.07 -15.86
C HIS B 2454 -67.48 23.31 -14.62
N PHE B 2455 -68.48 23.77 -13.88
CA PHE B 2455 -68.71 23.13 -12.60
C PHE B 2455 -69.11 21.69 -12.73
N ALA B 2456 -68.49 20.86 -11.90
CA ALA B 2456 -68.81 19.45 -11.88
C ALA B 2456 -69.20 19.27 -10.46
N SER B 2457 -70.33 18.61 -10.20
CA SER B 2457 -70.75 18.57 -8.81
C SER B 2457 -70.65 17.25 -8.09
N GLY B 2458 -69.80 17.18 -7.08
CA GLY B 2458 -69.63 15.93 -6.39
C GLY B 2458 -70.63 15.92 -5.27
N ILE B 2459 -70.20 15.49 -4.11
CA ILE B 2459 -71.07 15.55 -2.95
C ILE B 2459 -71.26 17.02 -2.70
N ASN B 2460 -72.42 17.42 -2.19
CA ASN B 2460 -72.67 18.81 -1.84
C ASN B 2460 -72.43 19.78 -3.00
N ALA B 2461 -71.92 20.98 -2.73
CA ALA B 2461 -71.83 21.93 -3.84
C ALA B 2461 -70.44 22.30 -4.28
N PRO B 2462 -70.14 22.10 -5.56
CA PRO B 2462 -68.86 22.60 -6.06
C PRO B 2462 -69.05 23.55 -7.22
N LYS B 2463 -68.45 24.74 -7.19
CA LYS B 2463 -68.51 25.64 -8.34
C LYS B 2463 -67.08 26.02 -8.76
N VAL B 2464 -66.76 25.95 -10.05
CA VAL B 2464 -65.44 26.39 -10.48
C VAL B 2464 -65.53 27.77 -11.16
N ILE B 2465 -64.59 28.68 -10.87
CA ILE B 2465 -64.62 30.04 -11.40
C ILE B 2465 -63.21 30.41 -11.84
N THR B 2466 -63.03 30.64 -13.13
CA THR B 2466 -61.72 30.95 -13.68
C THR B 2466 -61.64 32.44 -14.00
N CYS B 2467 -60.61 33.11 -13.49
CA CYS B 2467 -60.37 34.51 -13.74
C CYS B 2467 -59.06 34.68 -14.50
N LEU B 2468 -58.91 35.84 -15.13
CA LEU B 2468 -57.68 36.15 -15.86
C LEU B 2468 -56.62 36.59 -14.87
N GLY B 2469 -55.53 37.16 -15.39
CA GLY B 2469 -54.48 37.68 -14.53
C GLY B 2469 -53.83 38.89 -15.15
N SER B 2470 -53.25 39.73 -14.30
CA SER B 2470 -52.57 40.92 -14.80
C SER B 2470 -51.40 40.54 -15.70
N ASN B 2471 -50.62 39.53 -15.31
CA ASN B 2471 -49.54 39.06 -16.16
C ASN B 2471 -50.06 38.40 -17.42
N GLY B 2472 -51.32 37.94 -17.40
CA GLY B 2472 -51.90 37.31 -18.57
C GLY B 2472 -52.17 35.82 -18.40
N HIS B 2473 -52.22 35.37 -17.14
CA HIS B 2473 -52.43 33.97 -16.82
C HIS B 2473 -53.73 33.82 -16.05
N THR B 2474 -54.48 32.77 -16.36
CA THR B 2474 -55.76 32.51 -15.71
C THR B 2474 -55.58 31.62 -14.50
N TYR B 2475 -56.33 31.92 -13.43
CA TYR B 2475 -56.33 31.16 -12.20
C TYR B 2475 -57.73 30.61 -11.97
N LYS B 2476 -57.82 29.33 -11.63
CA LYS B 2476 -59.08 28.64 -11.43
C LYS B 2476 -59.32 28.46 -9.94
N GLN B 2477 -60.48 28.90 -9.47
CA GLN B 2477 -60.85 28.86 -8.06
C GLN B 2477 -61.98 27.86 -7.88
N LEU B 2478 -61.74 26.83 -7.09
CA LEU B 2478 -62.76 25.83 -6.79
C LEU B 2478 -63.41 26.21 -5.48
N VAL B 2479 -64.64 26.70 -5.55
CA VAL B 2479 -65.40 27.07 -4.36
C VAL B 2479 -66.31 25.91 -4.00
N LYS B 2480 -66.38 25.60 -2.71
CA LYS B 2480 -67.13 24.46 -2.21
C LYS B 2480 -68.17 24.92 -1.20
N GLY B 2481 -69.42 24.55 -1.45
CA GLY B 2481 -70.49 24.84 -0.50
C GLY B 2481 -70.68 23.73 0.51
N GLY B 2482 -70.17 22.54 0.18
CA GLY B 2482 -70.24 21.43 1.10
C GLY B 2482 -69.29 21.59 2.27
N ASN B 2483 -69.65 20.99 3.40
CA ASN B 2483 -68.90 21.17 4.64
C ASN B 2483 -67.63 20.31 4.64
N ASP B 2484 -66.79 20.54 3.64
CA ASP B 2484 -65.45 19.98 3.65
C ASP B 2484 -64.61 20.67 4.72
N ASP B 2485 -63.78 19.89 5.41
CA ASP B 2485 -62.97 20.47 6.46
C ASP B 2485 -61.84 21.29 5.85
N LEU B 2486 -62.17 22.47 5.32
CA LEU B 2486 -61.18 23.28 4.63
C LEU B 2486 -60.21 23.94 5.59
N ARG B 2487 -60.62 24.20 6.83
CA ARG B 2487 -59.69 24.73 7.81
C ARG B 2487 -58.67 23.68 8.21
N GLN B 2488 -59.13 22.43 8.43
CA GLN B 2488 -58.19 21.34 8.65
C GLN B 2488 -57.29 21.14 7.46
N ASP B 2489 -57.84 21.28 6.25
CA ASP B 2489 -57.01 21.22 5.05
C ASP B 2489 -55.96 22.32 5.04
N ALA B 2490 -56.33 23.52 5.50
CA ALA B 2490 -55.40 24.65 5.48
C ALA B 2490 -54.26 24.43 6.46
N VAL B 2491 -54.58 24.03 7.69
CA VAL B 2491 -53.52 23.79 8.67
C VAL B 2491 -52.65 22.60 8.25
N MET B 2492 -53.28 21.59 7.62
CA MET B 2492 -52.48 20.48 7.07
C MET B 2492 -51.56 20.98 5.98
N GLU B 2493 -52.03 21.92 5.15
CA GLU B 2493 -51.18 22.48 4.11
C GLU B 2493 -50.04 23.29 4.71
N GLN B 2494 -50.28 23.97 5.83
CA GLN B 2494 -49.20 24.67 6.52
C GLN B 2494 -48.15 23.68 7.02
N VAL B 2495 -48.59 22.56 7.60
CA VAL B 2495 -47.66 21.52 8.01
C VAL B 2495 -46.90 20.98 6.80
N PHE B 2496 -47.60 20.81 5.68
CA PHE B 2496 -46.96 20.33 4.46
C PHE B 2496 -45.91 21.32 3.95
N GLU B 2497 -46.20 22.62 4.03
CA GLU B 2497 -45.24 23.63 3.61
C GLU B 2497 -44.00 23.62 4.50
N GLN B 2498 -44.20 23.51 5.82
CA GLN B 2498 -43.05 23.41 6.71
C GLN B 2498 -42.26 22.13 6.44
N VAL B 2499 -42.93 21.05 6.05
CA VAL B 2499 -42.22 19.82 5.69
C VAL B 2499 -41.44 20.03 4.41
N ASN B 2500 -41.99 20.77 3.45
CA ASN B 2500 -41.22 21.15 2.28
C ASN B 2500 -39.99 21.94 2.67
N GLY B 2501 -40.13 22.81 3.68
CA GLY B 2501 -38.97 23.54 4.18
C GLY B 2501 -37.93 22.62 4.79
N PHE B 2502 -38.37 21.63 5.56
CA PHE B 2502 -37.43 20.67 6.14
C PHE B 2502 -36.70 19.90 5.05
N LEU B 2503 -37.44 19.38 4.07
CA LEU B 2503 -36.81 18.71 2.94
C LEU B 2503 -35.93 19.66 2.13
N ARG B 2504 -36.18 20.96 2.23
CA ARG B 2504 -35.35 21.93 1.51
C ARG B 2504 -33.99 22.10 2.17
N SER B 2505 -33.94 22.14 3.49
CA SER B 2505 -32.68 22.39 4.20
C SER B 2505 -31.94 21.09 4.50
N TYR B 2506 -31.75 20.26 3.47
CA TYR B 2506 -31.01 19.02 3.63
C TYR B 2506 -30.41 18.64 2.29
N ARG B 2507 -29.44 17.74 2.34
CA ARG B 2507 -28.72 17.34 1.12
C ARG B 2507 -29.49 16.27 0.36
N LYS B 2508 -29.76 15.13 1.01
CA LYS B 2508 -30.41 14.02 0.32
C LYS B 2508 -31.86 14.32 0.00
N THR B 2509 -32.58 14.96 0.93
CA THR B 2509 -34.00 15.24 0.73
C THR B 2509 -34.25 16.45 -0.16
N SER B 2510 -33.23 16.97 -0.84
CA SER B 2510 -33.41 18.04 -1.81
C SER B 2510 -32.68 17.83 -3.13
N GLN B 2511 -31.66 16.96 -3.17
CA GLN B 2511 -31.12 16.54 -4.47
C GLN B 2511 -32.18 15.81 -5.28
N ARG B 2512 -32.98 14.99 -4.61
CA ARG B 2512 -34.14 14.38 -5.26
C ARG B 2512 -35.18 15.42 -5.65
N ASN B 2513 -35.12 16.62 -5.07
CA ASN B 2513 -36.15 17.64 -5.20
C ASN B 2513 -37.49 17.17 -4.67
N LEU B 2514 -37.47 16.19 -3.78
CA LEU B 2514 -38.71 15.68 -3.21
C LEU B 2514 -39.42 16.77 -2.40
N SER B 2515 -40.74 16.75 -2.46
CA SER B 2515 -41.55 17.72 -1.73
C SER B 2515 -43.00 17.25 -1.73
N MET B 2516 -43.61 17.21 -0.56
CA MET B 2516 -45.03 16.93 -0.47
C MET B 2516 -45.81 18.13 -1.00
N ARG B 2517 -46.36 18.00 -2.20
CA ARG B 2517 -46.90 19.14 -2.92
C ARG B 2517 -48.11 19.72 -2.21
N THR B 2518 -48.18 21.05 -2.17
CA THR B 2518 -49.23 21.77 -1.48
C THR B 2518 -50.03 22.59 -2.48
N TYR B 2519 -51.35 22.54 -2.36
CA TYR B 2519 -52.24 23.38 -3.13
C TYR B 2519 -52.84 24.42 -2.19
N LYS B 2520 -52.76 25.70 -2.59
CA LYS B 2520 -53.13 26.78 -1.70
C LYS B 2520 -54.60 26.67 -1.31
N VAL B 2521 -54.88 26.91 -0.03
CA VAL B 2521 -56.23 26.81 0.53
C VAL B 2521 -56.56 28.15 1.18
N ILE B 2522 -57.71 28.70 0.86
CA ILE B 2522 -58.15 29.96 1.44
C ILE B 2522 -59.56 29.79 2.00
N PRO B 2523 -59.72 29.14 3.14
CA PRO B 2523 -61.06 28.89 3.65
C PRO B 2523 -61.69 30.12 4.27
N LEU B 2524 -62.63 30.75 3.56
CA LEU B 2524 -63.36 31.87 4.15
C LEU B 2524 -64.30 31.37 5.25
N ALA B 2525 -64.93 30.23 5.03
CA ALA B 2525 -65.71 29.54 6.04
C ALA B 2525 -65.45 28.05 5.90
N LEU B 2526 -65.58 27.32 7.01
CA LEU B 2526 -65.35 25.88 6.96
C LEU B 2526 -66.34 25.20 6.02
N LYS B 2527 -67.61 25.59 6.09
CA LYS B 2527 -68.62 25.00 5.22
C LYS B 2527 -68.57 25.56 3.80
N THR B 2528 -68.13 26.80 3.63
CA THR B 2528 -68.20 27.47 2.33
C THR B 2528 -66.87 28.12 1.98
N GLY B 2529 -65.79 27.37 2.12
CA GLY B 2529 -64.47 27.87 1.76
C GLY B 2529 -64.23 27.82 0.26
N VAL B 2530 -63.09 28.38 -0.13
CA VAL B 2530 -62.65 28.40 -1.51
C VAL B 2530 -61.18 27.97 -1.56
N ILE B 2531 -60.85 27.10 -2.51
CA ILE B 2531 -59.49 26.62 -2.66
C ILE B 2531 -59.02 26.89 -4.08
N GLU B 2532 -57.74 26.67 -4.31
CA GLU B 2532 -57.14 26.89 -5.62
C GLU B 2532 -57.32 25.62 -6.44
N TRP B 2533 -58.22 25.68 -7.43
CA TRP B 2533 -58.31 24.60 -8.39
C TRP B 2533 -57.01 24.56 -9.16
N VAL B 2534 -56.17 23.57 -8.86
CA VAL B 2534 -54.80 23.54 -9.37
C VAL B 2534 -54.81 23.57 -10.89
N GLN B 2535 -53.71 24.04 -11.47
CA GLN B 2535 -53.55 24.06 -12.92
C GLN B 2535 -53.85 22.68 -13.50
N ASP B 2536 -54.16 22.65 -14.80
CA ASP B 2536 -54.88 21.56 -15.43
C ASP B 2536 -54.50 20.19 -14.88
N THR B 2537 -55.49 19.49 -14.34
CA THR B 2537 -55.30 18.20 -13.70
C THR B 2537 -56.53 17.34 -13.95
N ILE B 2538 -56.34 16.04 -13.87
CA ILE B 2538 -57.42 15.07 -13.94
C ILE B 2538 -57.37 14.19 -12.69
N PRO B 2539 -58.36 14.28 -11.82
CA PRO B 2539 -58.31 13.50 -10.57
C PRO B 2539 -58.26 12.02 -10.84
N LEU B 2540 -57.56 11.30 -9.95
CA LEU B 2540 -57.30 9.88 -10.15
C LEU B 2540 -58.61 9.08 -10.23
N GLY B 2541 -59.56 9.40 -9.35
CA GLY B 2541 -60.81 8.67 -9.36
C GLY B 2541 -61.64 8.92 -10.62
N GLU B 2542 -61.73 10.19 -11.04
CA GLU B 2542 -62.40 10.49 -12.29
C GLU B 2542 -61.62 9.94 -13.48
N TYR B 2543 -60.31 9.79 -13.34
CA TYR B 2543 -59.51 9.07 -14.32
C TYR B 2543 -59.59 7.57 -14.05
N LEU B 2544 -59.05 6.80 -14.99
CA LEU B 2544 -58.93 5.34 -14.93
C LEU B 2544 -60.28 4.66 -14.78
N ASP B 2545 -61.36 5.43 -14.79
CA ASP B 2545 -62.68 4.86 -15.05
C ASP B 2545 -62.95 4.83 -16.55
N SER B 2546 -62.58 5.89 -17.25
CA SER B 2546 -62.60 5.86 -18.70
C SER B 2546 -61.45 5.02 -19.25
N ALA B 2547 -60.28 5.10 -18.62
CA ALA B 2547 -59.15 4.31 -19.06
C ALA B 2547 -59.39 2.82 -18.84
N HIS B 2548 -60.11 2.46 -17.77
CA HIS B 2548 -60.44 1.05 -17.55
C HIS B 2548 -61.30 0.52 -18.67
N LYS B 2549 -62.30 1.29 -19.10
CA LYS B 2549 -63.18 0.84 -20.18
C LYS B 2549 -62.44 0.81 -21.52
N VAL B 2550 -61.65 1.84 -21.81
CA VAL B 2550 -61.00 1.92 -23.11
C VAL B 2550 -59.90 0.87 -23.23
N TYR B 2551 -59.14 0.67 -22.16
CA TYR B 2551 -58.00 -0.24 -22.23
C TYR B 2551 -58.42 -1.70 -22.04
N HIS B 2552 -59.38 -1.96 -21.15
CA HIS B 2552 -59.86 -3.31 -20.87
C HIS B 2552 -61.39 -3.30 -20.90
N PRO B 2553 -61.99 -3.35 -22.09
CA PRO B 2553 -63.45 -3.38 -22.17
C PRO B 2553 -64.02 -4.75 -21.84
N LYS B 2554 -63.27 -5.79 -22.17
CA LYS B 2554 -63.73 -7.16 -21.94
C LYS B 2554 -63.91 -7.46 -20.45
N GLU B 2555 -62.98 -6.97 -19.63
CA GLU B 2555 -63.04 -7.25 -18.21
C GLU B 2555 -64.22 -6.54 -17.57
N TRP B 2556 -64.49 -6.92 -16.32
CA TRP B 2556 -65.70 -6.46 -15.63
C TRP B 2556 -65.65 -4.97 -15.35
N SER B 2557 -66.84 -4.39 -15.19
CA SER B 2557 -66.97 -2.98 -14.87
C SER B 2557 -66.91 -2.76 -13.36
N LEU B 2558 -66.93 -1.50 -12.96
CA LEU B 2558 -66.95 -1.17 -11.55
C LEU B 2558 -68.27 -1.55 -10.89
N SER B 2559 -69.34 -1.69 -11.67
CA SER B 2559 -70.62 -2.10 -11.10
C SER B 2559 -70.56 -3.51 -10.54
N THR B 2560 -69.95 -4.43 -11.27
CA THR B 2560 -69.83 -5.81 -10.80
C THR B 2560 -68.97 -5.87 -9.54
N CYS B 2561 -67.85 -5.15 -9.53
CA CYS B 2561 -67.00 -5.11 -8.35
C CYS B 2561 -67.75 -4.54 -7.15
N ARG B 2562 -68.21 -3.31 -7.33
CA ARG B 2562 -68.77 -2.58 -6.18
C ARG B 2562 -69.71 -3.36 -5.32
N LYS B 2563 -70.93 -3.52 -5.78
CA LYS B 2563 -71.87 -4.17 -4.89
C LYS B 2563 -71.59 -5.71 -4.76
N LEU B 2564 -70.75 -6.29 -5.61
CA LEU B 2564 -70.37 -7.70 -5.37
C LEU B 2564 -69.65 -7.68 -4.05
N ILE B 2565 -68.80 -6.67 -3.83
CA ILE B 2565 -68.11 -6.53 -2.57
C ILE B 2565 -69.21 -6.18 -1.59
N ALA B 2566 -70.20 -5.46 -2.06
CA ALA B 2566 -71.37 -5.19 -1.24
C ALA B 2566 -71.93 -6.47 -0.64
N GLU B 2567 -72.00 -7.54 -1.44
CA GLU B 2567 -72.38 -8.83 -0.90
C GLU B 2567 -71.33 -9.39 0.05
N LYS B 2568 -70.09 -8.93 -0.07
CA LYS B 2568 -68.96 -9.37 0.74
C LYS B 2568 -68.97 -8.77 2.15
N GLN B 2569 -69.72 -7.69 2.37
CA GLN B 2569 -69.64 -6.96 3.65
C GLN B 2569 -69.99 -7.85 4.83
N MET B 2570 -71.05 -8.65 4.72
CA MET B 2570 -71.52 -9.47 5.83
C MET B 2570 -70.88 -10.85 5.87
N GLU B 2571 -69.95 -11.14 4.96
CA GLU B 2571 -69.33 -12.46 4.90
C GLU B 2571 -68.14 -12.55 5.84
N ASP B 2572 -67.55 -13.75 5.91
CA ASP B 2572 -66.43 -13.99 6.78
C ASP B 2572 -65.13 -13.63 6.07
N LEU B 2573 -64.01 -13.80 6.78
CA LEU B 2573 -62.72 -13.33 6.27
C LEU B 2573 -62.34 -14.07 4.98
N GLU B 2574 -62.45 -15.39 4.99
CA GLU B 2574 -62.02 -16.17 3.83
C GLU B 2574 -62.89 -15.85 2.62
N THR B 2575 -64.21 -15.68 2.82
CA THR B 2575 -65.08 -15.30 1.73
C THR B 2575 -64.71 -13.93 1.17
N ARG B 2576 -64.43 -12.98 2.07
CA ARG B 2576 -64.04 -11.64 1.63
C ARG B 2576 -62.79 -11.70 0.78
N LEU B 2577 -61.76 -12.42 1.25
CA LEU B 2577 -60.53 -12.53 0.50
C LEU B 2577 -60.75 -13.25 -0.83
N LYS B 2578 -61.59 -14.27 -0.84
CA LYS B 2578 -61.84 -15.03 -2.06
C LYS B 2578 -62.52 -14.18 -3.12
N VAL B 2579 -63.59 -13.47 -2.75
CA VAL B 2579 -64.29 -12.65 -3.73
C VAL B 2579 -63.42 -11.49 -4.18
N TYR B 2580 -62.61 -10.93 -3.26
CA TYR B 2580 -61.69 -9.88 -3.67
C TYR B 2580 -60.64 -10.42 -4.64
N ASP B 2581 -60.13 -11.62 -4.40
CA ASP B 2581 -59.16 -12.20 -5.32
C ASP B 2581 -59.78 -12.43 -6.69
N LEU B 2582 -61.03 -12.89 -6.71
CA LEU B 2582 -61.71 -13.07 -7.99
C LEU B 2582 -61.84 -11.75 -8.75
N VAL B 2583 -62.35 -10.72 -8.06
CA VAL B 2583 -62.59 -9.45 -8.75
C VAL B 2583 -61.27 -8.80 -9.16
N CYS B 2584 -60.22 -8.95 -8.34
CA CYS B 2584 -58.92 -8.40 -8.68
C CYS B 2584 -58.28 -9.17 -9.83
N ARG B 2585 -58.57 -10.46 -9.95
CA ARG B 2585 -58.14 -11.18 -11.13
C ARG B 2585 -58.88 -10.71 -12.37
N HIS B 2586 -60.16 -10.35 -12.22
CA HIS B 2586 -60.92 -9.87 -13.37
C HIS B 2586 -60.40 -8.54 -13.88
N TYR B 2587 -60.23 -7.56 -12.99
CA TYR B 2587 -59.91 -6.18 -13.36
C TYR B 2587 -58.40 -5.98 -13.27
N ARG B 2588 -57.70 -6.16 -14.38
CA ARG B 2588 -56.26 -5.94 -14.41
C ARG B 2588 -55.95 -4.46 -14.24
N PRO B 2589 -54.77 -4.12 -13.71
CA PRO B 2589 -54.42 -2.71 -13.51
C PRO B 2589 -54.33 -1.97 -14.84
N VAL B 2590 -54.76 -0.71 -14.82
CA VAL B 2590 -54.83 0.09 -16.04
C VAL B 2590 -54.19 1.47 -15.91
N PHE B 2591 -53.95 1.98 -14.70
CA PHE B 2591 -53.39 3.33 -14.57
C PHE B 2591 -51.97 3.43 -15.11
N ARG B 2592 -51.31 2.30 -15.36
CA ARG B 2592 -49.96 2.34 -15.89
C ARG B 2592 -49.90 3.00 -17.26
N HIS B 2593 -51.04 3.16 -17.93
CA HIS B 2593 -51.10 3.70 -19.28
C HIS B 2593 -51.32 5.21 -19.33
N PHE B 2594 -51.61 5.86 -18.22
CA PHE B 2594 -51.72 7.32 -18.22
C PHE B 2594 -50.41 7.94 -18.66
N PHE B 2595 -49.32 7.58 -17.99
CA PHE B 2595 -48.05 8.25 -18.24
C PHE B 2595 -47.53 7.95 -19.64
N LEU B 2596 -47.97 6.84 -20.24
CA LEU B 2596 -47.70 6.59 -21.64
C LEU B 2596 -48.71 7.33 -22.50
N GLU B 2597 -48.28 7.67 -23.72
CA GLU B 2597 -49.12 8.23 -24.77
C GLU B 2597 -49.81 9.53 -24.38
N SER B 2598 -49.40 10.16 -23.28
CA SER B 2598 -50.03 11.40 -22.85
C SER B 2598 -49.07 12.57 -22.77
N TYR B 2599 -47.92 12.40 -22.11
CA TYR B 2599 -47.08 13.57 -21.82
C TYR B 2599 -46.21 13.98 -22.99
N ALA B 2600 -45.25 13.14 -23.37
CA ALA B 2600 -44.24 13.53 -24.35
C ALA B 2600 -43.36 12.31 -24.65
N ASP B 2601 -42.27 12.56 -25.38
CA ASP B 2601 -41.20 11.61 -25.64
C ASP B 2601 -40.56 11.16 -24.32
N PRO B 2602 -39.72 10.12 -24.31
CA PRO B 2602 -39.49 9.37 -23.06
C PRO B 2602 -38.91 10.18 -21.92
N VAL B 2603 -38.05 11.17 -22.18
CA VAL B 2603 -37.39 11.86 -21.08
C VAL B 2603 -38.40 12.59 -20.21
N GLN B 2604 -39.33 13.30 -20.85
CA GLN B 2604 -40.39 13.97 -20.09
C GLN B 2604 -41.28 12.95 -19.40
N TRP B 2605 -41.56 11.83 -20.05
CA TRP B 2605 -42.38 10.80 -19.43
C TRP B 2605 -41.74 10.27 -18.16
N PHE B 2606 -40.43 10.00 -18.21
CA PHE B 2606 -39.74 9.46 -17.06
C PHE B 2606 -39.59 10.49 -15.96
N THR B 2607 -39.36 11.75 -16.33
CA THR B 2607 -39.33 12.79 -15.31
C THR B 2607 -40.69 12.89 -14.61
N THR B 2608 -41.77 12.80 -15.38
CA THR B 2608 -43.11 12.82 -14.79
C THR B 2608 -43.33 11.60 -13.91
N GLN B 2609 -42.86 10.43 -14.35
CA GLN B 2609 -43.08 9.20 -13.58
C GLN B 2609 -42.32 9.26 -12.25
N THR B 2610 -41.07 9.71 -12.26
CA THR B 2610 -40.33 9.86 -11.02
C THR B 2610 -40.91 10.96 -10.15
N ASN B 2611 -41.42 12.03 -10.76
CA ASN B 2611 -42.10 13.06 -9.97
C ASN B 2611 -43.31 12.48 -9.26
N TYR B 2612 -44.11 11.69 -9.97
CA TYR B 2612 -45.26 11.06 -9.34
C TYR B 2612 -44.83 10.11 -8.24
N ALA B 2613 -43.82 9.29 -8.51
CA ALA B 2613 -43.36 8.33 -7.51
C ALA B 2613 -42.90 9.05 -6.25
N ARG B 2614 -42.07 10.07 -6.40
CA ARG B 2614 -41.53 10.79 -5.25
C ARG B 2614 -42.64 11.52 -4.50
N SER B 2615 -43.53 12.21 -5.22
CA SER B 2615 -44.56 12.97 -4.55
C SER B 2615 -45.55 12.05 -3.83
N THR B 2616 -45.94 10.95 -4.47
CA THR B 2616 -46.87 10.03 -3.81
C THR B 2616 -46.20 9.31 -2.64
N ALA B 2617 -44.90 9.01 -2.75
CA ALA B 2617 -44.21 8.38 -1.63
C ALA B 2617 -44.14 9.32 -0.44
N VAL B 2618 -43.77 10.58 -0.68
CA VAL B 2618 -43.67 11.54 0.41
C VAL B 2618 -45.05 11.79 1.02
N ALA B 2619 -46.07 11.95 0.16
CA ALA B 2619 -47.41 12.19 0.66
C ALA B 2619 -47.93 10.99 1.46
N SER B 2620 -47.62 9.78 1.00
CA SER B 2620 -48.07 8.58 1.70
C SER B 2620 -47.39 8.44 3.05
N VAL B 2621 -46.07 8.64 3.08
CA VAL B 2621 -45.33 8.55 4.35
C VAL B 2621 -45.85 9.60 5.32
N LEU B 2622 -46.09 10.82 4.83
CA LEU B 2622 -46.59 11.88 5.70
C LEU B 2622 -48.01 11.58 6.19
N GLY B 2623 -48.86 11.06 5.31
CA GLY B 2623 -50.21 10.73 5.72
C GLY B 2623 -50.26 9.61 6.74
N HIS B 2624 -49.40 8.60 6.56
CA HIS B 2624 -49.28 7.56 7.57
C HIS B 2624 -48.77 8.14 8.88
N VAL B 2625 -47.80 9.06 8.82
CA VAL B 2625 -47.30 9.69 10.03
C VAL B 2625 -48.39 10.47 10.72
N LEU B 2626 -49.10 11.33 9.98
CA LEU B 2626 -50.16 12.15 10.54
C LEU B 2626 -51.54 11.49 10.46
N GLY B 2627 -51.60 10.21 10.09
CA GLY B 2627 -52.87 9.50 10.07
C GLY B 2627 -53.91 10.11 9.16
N LEU B 2628 -53.53 10.44 7.93
CA LEU B 2628 -54.47 11.04 6.99
C LEU B 2628 -55.59 10.06 6.65
N GLY B 2629 -56.77 10.61 6.37
CA GLY B 2629 -57.95 9.79 6.21
C GLY B 2629 -58.25 9.33 4.80
N ASP B 2630 -59.32 9.84 4.22
CA ASP B 2630 -59.79 9.35 2.92
C ASP B 2630 -58.68 9.44 1.88
N ARG B 2631 -58.50 8.36 1.13
CA ARG B 2631 -57.44 8.30 0.12
C ARG B 2631 -57.94 7.67 -1.17
N HIS B 2632 -59.22 7.83 -1.47
CA HIS B 2632 -59.77 7.36 -2.73
C HIS B 2632 -59.23 8.19 -3.89
N GLY B 2633 -59.43 7.69 -5.10
CA GLY B 2633 -59.00 8.43 -6.28
C GLY B 2633 -59.66 9.79 -6.41
N GLN B 2634 -60.85 9.95 -5.82
CA GLN B 2634 -61.53 11.24 -5.83
C GLN B 2634 -60.81 12.28 -4.98
N ASN B 2635 -59.83 11.88 -4.18
CA ASN B 2635 -59.05 12.81 -3.37
C ASN B 2635 -57.59 12.86 -3.81
N ILE B 2636 -57.30 12.49 -5.05
CA ILE B 2636 -55.94 12.49 -5.60
C ILE B 2636 -55.98 13.19 -6.95
N LEU B 2637 -55.10 14.17 -7.15
CA LEU B 2637 -55.00 14.87 -8.43
C LEU B 2637 -53.59 14.72 -8.97
N ILE B 2638 -53.47 14.14 -10.16
CA ILE B 2638 -52.19 14.03 -10.85
C ILE B 2638 -52.00 15.26 -11.71
N ASP B 2639 -50.78 15.83 -11.68
CA ASP B 2639 -50.55 17.13 -12.31
C ASP B 2639 -50.79 17.09 -13.80
N LYS B 2640 -49.94 16.35 -14.54
CA LYS B 2640 -49.89 16.14 -15.98
C LYS B 2640 -48.47 16.36 -16.49
N THR B 2641 -48.18 17.58 -16.97
CA THR B 2641 -46.89 17.89 -17.56
C THR B 2641 -45.73 17.79 -16.57
N SER B 2642 -46.01 17.77 -15.27
CA SER B 2642 -44.98 17.59 -14.25
C SER B 2642 -45.06 16.22 -13.59
N GLY B 2643 -46.25 15.79 -13.18
CA GLY B 2643 -46.43 14.48 -12.58
C GLY B 2643 -46.53 14.48 -11.07
N GLU B 2644 -46.19 15.58 -10.40
CA GLU B 2644 -46.31 15.63 -8.95
C GLU B 2644 -47.76 15.47 -8.53
N VAL B 2645 -47.99 14.64 -7.54
CA VAL B 2645 -49.34 14.35 -7.08
C VAL B 2645 -49.74 15.40 -6.06
N ILE B 2646 -51.05 15.63 -5.95
CA ILE B 2646 -51.61 16.60 -5.01
C ILE B 2646 -52.78 15.90 -4.32
N HIS B 2647 -52.62 15.61 -3.04
CA HIS B 2647 -53.71 15.06 -2.26
C HIS B 2647 -54.69 16.17 -1.90
N ILE B 2648 -55.98 15.91 -2.09
CA ILE B 2648 -57.02 16.89 -1.85
C ILE B 2648 -58.01 16.34 -0.83
N ASP B 2649 -58.69 17.26 -0.16
CA ASP B 2649 -59.74 16.93 0.81
C ASP B 2649 -59.22 15.99 1.90
N LEU B 2650 -58.19 16.46 2.61
CA LEU B 2650 -57.63 15.69 3.72
C LEU B 2650 -58.29 16.05 5.05
N GLY B 2651 -59.63 16.00 5.06
CA GLY B 2651 -60.36 16.36 6.26
C GLY B 2651 -60.13 15.39 7.40
N ILE B 2652 -60.16 14.10 7.12
CA ILE B 2652 -59.92 13.09 8.14
C ILE B 2652 -58.41 12.94 8.32
N ALA B 2653 -57.95 13.10 9.56
CA ALA B 2653 -56.53 13.06 9.85
C ALA B 2653 -56.32 12.53 11.26
N PHE B 2654 -55.05 12.27 11.59
CA PHE B 2654 -54.66 11.75 12.90
C PHE B 2654 -55.38 10.43 13.20
N GLU B 2655 -55.34 9.52 12.23
CA GLU B 2655 -55.95 8.19 12.34
C GLU B 2655 -57.45 8.31 12.63
N GLN B 2656 -58.15 8.89 11.67
CA GLN B 2656 -59.59 9.10 11.78
C GLN B 2656 -60.41 8.02 11.08
N GLY B 2657 -59.92 7.48 9.98
CA GLY B 2657 -60.71 6.51 9.23
C GLY B 2657 -60.95 5.23 9.99
N LYS B 2658 -59.79 4.53 9.74
CA LYS B 2658 -59.70 3.13 10.08
C LYS B 2658 -60.72 2.84 10.94
N LYS B 2659 -60.87 3.72 11.93
CA LYS B 2659 -61.89 3.54 12.94
C LYS B 2659 -63.29 3.96 12.52
N LEU B 2660 -63.63 3.77 11.26
CA LEU B 2660 -64.93 4.15 10.70
C LEU B 2660 -65.98 3.15 11.04
N PRO B 2661 -67.24 3.49 10.74
CA PRO B 2661 -68.22 2.46 10.98
C PRO B 2661 -67.77 1.32 10.11
N VAL B 2662 -67.28 1.57 8.90
CA VAL B 2662 -66.72 0.46 8.16
C VAL B 2662 -65.22 0.59 8.29
N PRO B 2663 -64.58 -0.43 8.85
CA PRO B 2663 -63.14 -0.41 9.10
C PRO B 2663 -62.21 -0.57 7.91
N GLU B 2664 -60.98 -0.07 8.05
CA GLU B 2664 -59.99 -0.28 7.00
C GLU B 2664 -58.75 -1.00 7.51
N CYS B 2665 -57.77 -1.22 6.64
CA CYS B 2665 -56.57 -1.91 6.97
C CYS B 2665 -55.38 -1.20 6.41
N VAL B 2666 -55.54 -0.53 5.27
CA VAL B 2666 -54.31 0.03 4.72
C VAL B 2666 -54.00 1.36 5.40
N PRO B 2667 -52.72 1.64 5.72
CA PRO B 2667 -52.39 2.91 6.36
C PRO B 2667 -52.43 4.09 5.39
N PHE B 2668 -51.89 3.89 4.18
CA PHE B 2668 -51.84 4.93 3.16
C PHE B 2668 -52.31 4.36 1.83
N ARG B 2669 -52.73 5.26 0.95
CA ARG B 2669 -53.26 4.87 -0.35
C ARG B 2669 -52.23 4.07 -1.14
N LEU B 2670 -52.50 2.79 -1.35
CA LEU B 2670 -51.70 1.98 -2.27
C LEU B 2670 -52.59 0.87 -2.82
N THR B 2671 -53.09 1.08 -4.02
CA THR B 2671 -53.86 0.08 -4.73
C THR B 2671 -52.93 -0.69 -5.67
N ARG B 2672 -53.52 -1.54 -6.52
CA ARG B 2672 -52.72 -2.18 -7.56
C ARG B 2672 -52.49 -1.24 -8.73
N ASP B 2673 -53.47 -0.41 -9.07
CA ASP B 2673 -53.31 0.53 -10.17
C ASP B 2673 -52.23 1.57 -9.85
N VAL B 2674 -52.20 2.05 -8.60
CA VAL B 2674 -51.22 3.07 -8.23
C VAL B 2674 -49.80 2.52 -8.37
N VAL B 2675 -49.56 1.31 -7.85
CA VAL B 2675 -48.23 0.73 -7.96
C VAL B 2675 -47.92 0.34 -9.40
N ASP B 2676 -48.96 0.06 -10.20
CA ASP B 2676 -48.74 -0.12 -11.63
C ASP B 2676 -48.26 1.16 -12.27
N GLY B 2677 -48.80 2.30 -11.83
CA GLY B 2677 -48.44 3.59 -12.40
C GLY B 2677 -47.07 4.08 -12.01
N MET B 2678 -46.48 3.53 -10.96
CA MET B 2678 -45.11 3.90 -10.60
C MET B 2678 -44.09 3.38 -11.61
N GLY B 2679 -44.52 2.53 -12.54
CA GLY B 2679 -43.65 2.02 -13.58
C GLY B 2679 -43.69 0.49 -13.61
N ILE B 2680 -42.84 -0.06 -14.46
CA ILE B 2680 -42.65 -1.51 -14.48
C ILE B 2680 -42.21 -1.99 -13.12
N THR B 2681 -41.23 -1.31 -12.55
CA THR B 2681 -40.89 -1.52 -11.15
C THR B 2681 -42.08 -1.17 -10.28
N GLY B 2682 -42.41 -2.05 -9.34
CA GLY B 2682 -43.46 -1.76 -8.39
C GLY B 2682 -42.97 -0.77 -7.35
N VAL B 2683 -43.41 -0.90 -6.11
CA VAL B 2683 -42.88 -0.06 -5.04
C VAL B 2683 -41.69 -0.81 -4.47
N GLU B 2684 -40.59 -0.78 -5.24
CA GLU B 2684 -39.29 -1.26 -4.75
C GLU B 2684 -38.24 -0.64 -5.64
N GLY B 2685 -37.59 0.42 -5.15
CA GLY B 2685 -36.74 1.22 -6.00
C GLY B 2685 -36.88 2.70 -5.67
N VAL B 2686 -37.27 3.51 -6.65
CA VAL B 2686 -37.37 4.95 -6.42
C VAL B 2686 -38.42 5.24 -5.36
N PHE B 2687 -39.53 4.49 -5.35
CA PHE B 2687 -40.55 4.72 -4.34
C PHE B 2687 -40.03 4.45 -2.94
N ARG B 2688 -39.43 3.26 -2.74
CA ARG B 2688 -38.97 2.91 -1.40
C ARG B 2688 -37.81 3.81 -0.97
N ARG B 2689 -36.91 4.14 -1.89
CA ARG B 2689 -35.81 5.04 -1.54
C ARG B 2689 -36.32 6.40 -1.13
N CYS B 2690 -37.27 6.94 -1.89
CA CYS B 2690 -37.85 8.24 -1.53
C CYS B 2690 -38.55 8.16 -0.18
N MET B 2691 -39.29 7.07 0.05
CA MET B 2691 -39.99 6.93 1.32
C MET B 2691 -39.02 6.84 2.49
N GLU B 2692 -37.91 6.10 2.32
CA GLU B 2692 -36.98 5.94 3.43
C GLU B 2692 -36.18 7.22 3.68
N PHE B 2693 -35.82 7.94 2.61
CA PHE B 2693 -35.18 9.24 2.80
C PHE B 2693 -36.13 10.21 3.49
N THR B 2694 -37.41 10.19 3.11
CA THR B 2694 -38.40 11.00 3.79
C THR B 2694 -38.50 10.61 5.26
N LEU B 2695 -38.50 9.32 5.56
CA LEU B 2695 -38.59 8.88 6.96
C LEU B 2695 -37.39 9.36 7.76
N GLU B 2696 -36.18 9.22 7.22
CA GLU B 2696 -35.00 9.61 7.98
C GLU B 2696 -34.93 11.13 8.13
N THR B 2697 -35.33 11.88 7.09
CA THR B 2697 -35.32 13.34 7.21
C THR B 2697 -36.36 13.81 8.20
N LEU B 2698 -37.53 13.17 8.21
CA LEU B 2698 -38.55 13.52 9.18
C LEU B 2698 -38.10 13.18 10.60
N ARG B 2699 -37.39 12.07 10.77
CA ARG B 2699 -36.86 11.73 12.09
C ARG B 2699 -35.78 12.72 12.53
N ARG B 2700 -34.90 13.12 11.62
CA ARG B 2700 -33.83 14.03 11.98
C ARG B 2700 -34.37 15.37 12.43
N GLU B 2701 -35.41 15.88 11.76
CA GLU B 2701 -36.10 17.10 12.18
C GLU B 2701 -37.36 16.77 12.96
N GLU B 2702 -37.34 15.69 13.75
CA GLU B 2702 -38.52 15.34 14.53
C GLU B 2702 -38.92 16.47 15.46
N ASP B 2703 -37.98 16.95 16.28
CA ASP B 2703 -38.30 17.89 17.36
C ASP B 2703 -39.11 19.07 16.84
N SER B 2704 -38.70 19.66 15.71
CA SER B 2704 -39.46 20.75 15.12
C SER B 2704 -40.84 20.28 14.69
N LEU B 2705 -40.93 19.07 14.12
CA LEU B 2705 -42.24 18.56 13.73
C LEU B 2705 -43.17 18.43 14.92
N LEU B 2706 -42.77 17.69 15.95
CA LEU B 2706 -43.65 17.55 17.10
C LEU B 2706 -43.93 18.89 17.77
N SER B 2707 -43.04 19.87 17.64
CA SER B 2707 -43.40 21.22 18.05
C SER B 2707 -44.58 21.75 17.23
N VAL B 2708 -44.53 21.56 15.92
CA VAL B 2708 -45.61 22.01 15.05
C VAL B 2708 -46.92 21.29 15.39
N LEU B 2709 -46.84 19.96 15.52
CA LEU B 2709 -48.04 19.21 15.89
C LEU B 2709 -48.53 19.58 17.28
N GLU B 2710 -47.65 19.96 18.20
CA GLU B 2710 -48.10 20.39 19.52
C GLU B 2710 -48.90 21.68 19.41
N VAL B 2711 -48.40 22.65 18.65
CA VAL B 2711 -49.15 23.89 18.53
C VAL B 2711 -50.46 23.63 17.79
N LEU B 2712 -50.50 22.61 16.92
CA LEU B 2712 -51.80 22.16 16.41
C LEU B 2712 -52.67 21.60 17.54
N ARG B 2713 -52.07 20.83 18.45
CA ARG B 2713 -52.86 20.22 19.53
C ARG B 2713 -53.57 21.27 20.36
N TYR B 2714 -52.83 22.28 20.80
CA TYR B 2714 -53.39 23.21 21.77
C TYR B 2714 -54.39 24.19 21.16
N ASP B 2715 -54.56 24.20 19.84
CA ASP B 2715 -55.63 25.03 19.32
C ASP B 2715 -56.84 24.17 18.96
N PRO B 2716 -58.06 24.68 19.16
CA PRO B 2716 -59.27 23.91 18.83
C PRO B 2716 -59.72 24.06 17.38
N LEU B 2717 -58.79 23.88 16.45
CA LEU B 2717 -59.09 23.96 15.03
C LEU B 2717 -58.84 22.65 14.30
N PHE B 2718 -57.67 22.04 14.49
CA PHE B 2718 -57.40 20.77 13.85
C PHE B 2718 -58.35 19.69 14.34
N SER B 2719 -58.87 18.90 13.40
CA SER B 2719 -59.76 17.80 13.72
C SER B 2719 -58.94 16.54 14.02
N TRP B 2720 -59.19 15.94 15.18
CA TRP B 2720 -58.48 14.76 15.64
C TRP B 2720 -59.42 13.56 15.73
N LEU B 2721 -60.25 13.37 14.71
CA LEU B 2721 -61.16 12.23 14.67
C LEU B 2721 -60.38 10.92 14.63
N GLY B 2763 -60.49 19.03 27.04
CA GLY B 2763 -59.64 18.21 27.89
C GLY B 2763 -58.85 17.18 27.11
N GLU B 2764 -58.88 15.93 27.58
CA GLU B 2764 -58.18 14.87 26.88
C GLU B 2764 -58.76 14.68 25.48
N SER B 2765 -57.88 14.45 24.52
CA SER B 2765 -58.27 14.31 23.13
C SER B 2765 -57.49 13.18 22.49
N GLU B 2766 -58.00 12.71 21.35
CA GLU B 2766 -57.27 11.73 20.54
C GLU B 2766 -55.99 12.31 19.97
N ALA B 2767 -55.81 13.64 20.03
CA ALA B 2767 -54.61 14.27 19.51
C ALA B 2767 -53.36 13.81 20.26
N GLU B 2768 -53.46 13.66 21.58
CA GLU B 2768 -52.30 13.26 22.37
C GLU B 2768 -51.82 11.86 21.97
N ARG B 2769 -52.75 10.90 21.94
CA ARG B 2769 -52.39 9.56 21.49
C ARG B 2769 -51.95 9.57 20.04
N ALA B 2770 -52.51 10.46 19.23
CA ALA B 2770 -52.14 10.54 17.82
C ALA B 2770 -50.69 10.97 17.66
N ILE B 2771 -50.26 11.99 18.40
CA ILE B 2771 -48.87 12.43 18.26
C ILE B 2771 -47.94 11.43 18.96
N LEU B 2772 -48.41 10.73 19.98
CA LEU B 2772 -47.61 9.63 20.53
C LEU B 2772 -47.37 8.56 19.47
N LYS B 2773 -48.41 8.21 18.72
CA LYS B 2773 -48.25 7.28 17.61
C LYS B 2773 -47.37 7.86 16.51
N VAL B 2774 -47.39 9.18 16.33
CA VAL B 2774 -46.48 9.82 15.39
C VAL B 2774 -45.04 9.59 15.82
N ARG B 2775 -44.76 9.83 17.10
CA ARG B 2775 -43.42 9.62 17.63
C ARG B 2775 -43.01 8.16 17.49
N GLN B 2776 -43.93 7.24 17.74
CA GLN B 2776 -43.64 5.82 17.57
C GLN B 2776 -43.35 5.49 16.11
N LYS B 2777 -44.08 6.11 15.18
CA LYS B 2777 -43.83 5.88 13.77
C LYS B 2777 -42.47 6.42 13.35
N LEU B 2778 -42.00 7.47 14.02
CA LEU B 2778 -40.67 8.02 13.79
C LEU B 2778 -39.64 7.48 14.78
N SER B 2779 -40.03 6.57 15.67
CA SER B 2779 -39.11 6.07 16.69
C SER B 2779 -37.94 5.33 16.04
N SER B 2780 -36.74 5.59 16.56
CA SER B 2780 -35.53 5.02 15.99
C SER B 2780 -35.26 3.59 16.45
N THR B 2781 -36.18 2.98 17.20
CA THR B 2781 -35.95 1.61 17.67
C THR B 2781 -35.80 0.66 16.50
N LEU B 2782 -36.65 0.79 15.49
CA LEU B 2782 -36.55 0.01 14.27
C LEU B 2782 -35.77 0.81 13.23
N SER B 2783 -34.95 0.10 12.45
CA SER B 2783 -34.24 0.76 11.36
C SER B 2783 -35.23 1.32 10.35
N VAL B 2784 -34.87 2.46 9.76
CA VAL B 2784 -35.78 3.12 8.83
C VAL B 2784 -36.04 2.25 7.61
N GLU B 2785 -35.01 1.52 7.16
CA GLU B 2785 -35.20 0.61 6.04
C GLU B 2785 -36.22 -0.48 6.38
N ALA B 2786 -36.12 -1.05 7.57
CA ALA B 2786 -37.10 -2.05 7.99
C ALA B 2786 -38.49 -1.44 8.09
N SER B 2787 -38.58 -0.19 8.56
CA SER B 2787 -39.89 0.46 8.67
C SER B 2787 -40.51 0.67 7.30
N VAL B 2788 -39.72 1.11 6.32
CA VAL B 2788 -40.27 1.31 4.98
C VAL B 2788 -40.64 -0.02 4.35
N GLY B 2789 -39.85 -1.08 4.60
CA GLY B 2789 -40.20 -2.40 4.09
C GLY B 2789 -41.52 -2.89 4.66
N GLU B 2790 -41.70 -2.74 5.98
CA GLU B 2790 -42.94 -3.19 6.59
C GLU B 2790 -44.12 -2.35 6.12
N LEU B 2791 -43.92 -1.04 5.90
CA LEU B 2791 -45.00 -0.21 5.40
C LEU B 2791 -45.41 -0.63 4.00
N ILE B 2792 -44.43 -0.88 3.12
CA ILE B 2792 -44.74 -1.31 1.76
C ILE B 2792 -45.48 -2.64 1.79
N ARG B 2793 -45.02 -3.58 2.62
CA ARG B 2793 -45.69 -4.88 2.70
C ARG B 2793 -47.11 -4.74 3.21
N ILE B 2794 -47.31 -3.95 4.28
CA ILE B 2794 -48.64 -3.82 4.86
C ILE B 2794 -49.59 -3.06 3.95
N ALA B 2795 -49.06 -2.24 3.04
CA ALA B 2795 -49.90 -1.51 2.11
C ALA B 2795 -50.01 -2.14 0.73
N GLN B 2796 -49.29 -3.23 0.47
CA GLN B 2796 -49.39 -3.90 -0.81
C GLN B 2796 -50.03 -5.27 -0.75
N ASP B 2797 -50.09 -5.89 0.44
CA ASP B 2797 -50.56 -7.26 0.55
C ASP B 2797 -52.05 -7.35 0.24
N PRO B 2798 -52.48 -8.33 -0.56
CA PRO B 2798 -53.92 -8.45 -0.88
C PRO B 2798 -54.78 -8.73 0.35
N SER B 2799 -54.23 -9.38 1.37
CA SER B 2799 -55.04 -9.73 2.54
C SER B 2799 -55.53 -8.47 3.25
N TYR B 2800 -54.69 -7.45 3.36
CA TYR B 2800 -55.14 -6.18 3.91
C TYR B 2800 -56.03 -5.44 2.93
N LEU B 2801 -55.72 -5.53 1.63
CA LEU B 2801 -56.45 -4.75 0.64
C LEU B 2801 -57.90 -5.20 0.50
N ALA B 2802 -58.17 -6.50 0.72
CA ALA B 2802 -59.51 -7.01 0.51
C ALA B 2802 -60.52 -6.32 1.42
N LEU B 2803 -60.18 -6.15 2.70
CA LEU B 2803 -61.12 -5.64 3.68
C LEU B 2803 -61.31 -4.13 3.60
N MET B 2804 -60.52 -3.43 2.77
CA MET B 2804 -60.53 -1.98 2.75
C MET B 2804 -61.92 -1.42 2.46
N PHE B 2805 -62.42 -1.61 1.24
CA PHE B 2805 -63.76 -1.15 0.86
C PHE B 2805 -64.03 -1.64 -0.56
N CYS B 2806 -65.23 -1.32 -1.05
CA CYS B 2806 -65.59 -1.63 -2.43
C CYS B 2806 -64.67 -0.89 -3.40
N GLY B 2807 -64.35 -1.56 -4.51
CA GLY B 2807 -63.35 -1.04 -5.42
C GLY B 2807 -61.96 -1.20 -4.84
N TRP B 2808 -61.14 -0.15 -4.94
CA TRP B 2808 -59.78 -0.17 -4.40
C TRP B 2808 -59.01 -1.37 -4.93
N SER B 2809 -59.14 -1.64 -6.23
CA SER B 2809 -58.50 -2.79 -6.85
C SER B 2809 -57.01 -2.55 -7.01
N ARG C 98 83.69 -48.39 1.96
CA ARG C 98 84.29 -47.81 3.16
C ARG C 98 83.25 -47.05 3.97
N GLU C 99 82.12 -47.70 4.24
CA GLU C 99 81.05 -47.06 4.99
C GLU C 99 81.48 -46.66 6.40
N PRO C 100 82.10 -47.54 7.19
CA PRO C 100 82.62 -47.08 8.49
C PRO C 100 83.68 -46.00 8.36
N HIS C 101 84.54 -46.11 7.36
CA HIS C 101 85.52 -45.05 7.09
C HIS C 101 84.80 -43.77 6.67
N ILE C 102 83.71 -43.91 5.91
CA ILE C 102 82.93 -42.73 5.52
C ILE C 102 82.34 -42.05 6.75
N LEU C 103 81.82 -42.84 7.70
CA LEU C 103 81.27 -42.26 8.92
C LEU C 103 82.35 -41.58 9.75
N ALA C 104 83.52 -42.21 9.88
CA ALA C 104 84.61 -41.61 10.64
C ALA C 104 85.07 -40.31 9.98
N LEU C 105 85.20 -40.31 8.65
CA LEU C 105 85.59 -39.10 7.94
C LEU C 105 84.52 -38.02 8.07
N LEU C 106 83.24 -38.39 8.07
CA LEU C 106 82.18 -37.41 8.26
C LEU C 106 82.24 -36.78 9.64
N ASP C 107 82.49 -37.59 10.67
CA ASP C 107 82.64 -37.04 12.01
C ASP C 107 83.84 -36.11 12.09
N ILE C 108 84.96 -36.50 11.49
CA ILE C 108 86.16 -35.66 11.49
C ILE C 108 85.89 -34.37 10.74
N ILE C 109 85.16 -34.44 9.63
CA ILE C 109 84.87 -33.25 8.84
C ILE C 109 83.94 -32.32 9.60
N LEU C 110 82.97 -32.87 10.33
CA LEU C 110 82.11 -32.04 11.17
C LEU C 110 82.92 -31.36 12.27
N ARG C 111 83.84 -32.09 12.89
CA ARG C 111 84.69 -31.49 13.91
C ARG C 111 85.56 -30.37 13.32
N HIS C 112 86.08 -30.58 12.10
CA HIS C 112 86.87 -29.54 11.45
C HIS C 112 86.03 -28.33 11.09
N THR C 113 84.81 -28.56 10.57
CA THR C 113 83.91 -27.45 10.25
C THR C 113 83.42 -26.73 11.49
N PHE C 114 83.52 -27.35 12.66
CA PHE C 114 83.25 -26.63 13.89
C PHE C 114 84.17 -25.43 14.04
N THR C 115 85.44 -25.59 13.67
CA THR C 115 86.39 -24.48 13.67
C THR C 115 86.31 -23.73 12.34
N ALA C 116 87.13 -22.69 12.22
CA ALA C 116 87.17 -21.88 11.00
C ALA C 116 88.04 -22.48 9.92
N ASN C 117 88.74 -23.59 10.20
CA ASN C 117 89.60 -24.29 9.26
C ASN C 117 90.79 -23.47 8.79
N GLY C 118 91.02 -22.30 9.40
CA GLY C 118 92.16 -21.49 9.02
C GLY C 118 92.04 -20.99 7.58
N SER C 119 93.13 -21.16 6.82
CA SER C 119 93.19 -20.73 5.44
C SER C 119 92.97 -21.86 4.45
N ILE C 120 92.51 -23.02 4.92
CA ILE C 120 92.32 -24.17 4.03
C ILE C 120 91.08 -23.93 3.17
N CYS C 121 91.26 -24.06 1.84
CA CYS C 121 90.13 -23.92 0.93
C CYS C 121 89.12 -25.04 1.11
N GLU C 122 89.59 -26.28 1.22
CA GLU C 122 88.76 -27.44 1.52
C GLU C 122 87.71 -27.68 0.43
N VAL C 123 88.13 -27.61 -0.83
CA VAL C 123 87.25 -27.94 -1.94
C VAL C 123 86.95 -29.43 -1.96
N VAL C 124 87.97 -30.26 -1.74
CA VAL C 124 87.76 -31.70 -1.62
C VAL C 124 86.85 -31.99 -0.43
N CYS C 125 86.98 -31.23 0.65
CA CYS C 125 86.05 -31.34 1.76
C CYS C 125 84.64 -30.96 1.34
N LEU C 126 84.50 -29.98 0.44
CA LEU C 126 83.18 -29.64 -0.09
C LEU C 126 82.58 -30.81 -0.86
N ASN C 127 83.38 -31.45 -1.71
CA ASN C 127 82.90 -32.61 -2.45
C ASN C 127 82.51 -33.75 -1.51
N PHE C 128 83.32 -33.98 -0.46
CA PHE C 128 83.00 -35.01 0.51
C PHE C 128 81.73 -34.68 1.28
N SER C 129 81.52 -33.40 1.61
CA SER C 129 80.30 -32.98 2.27
C SER C 129 79.08 -33.20 1.38
N LYS C 130 79.21 -32.89 0.09
CA LYS C 130 78.12 -33.15 -0.84
C LYS C 130 77.81 -34.64 -0.92
N ALA C 131 78.85 -35.47 -0.99
CA ALA C 131 78.65 -36.92 -1.04
C ALA C 131 77.97 -37.42 0.23
N LEU C 132 78.38 -36.90 1.39
CA LEU C 132 77.75 -37.29 2.66
C LEU C 132 76.30 -36.84 2.71
N ARG C 133 76.02 -35.64 2.20
CA ARG C 133 74.62 -35.18 2.12
C ARG C 133 73.80 -36.06 1.20
N LEU C 134 74.43 -36.64 0.17
CA LEU C 134 73.72 -37.56 -0.70
C LEU C 134 73.28 -38.82 0.04
N LEU C 135 74.13 -39.34 0.93
CA LEU C 135 73.85 -40.60 1.62
C LEU C 135 74.24 -40.48 3.08
N LEU C 136 73.24 -40.63 3.96
CA LEU C 136 73.44 -40.73 5.41
C LEU C 136 74.12 -39.47 5.96
N SER C 137 73.40 -38.35 5.85
CA SER C 137 73.85 -37.09 6.43
C SER C 137 73.11 -36.77 7.73
N HIS C 138 71.77 -36.73 7.67
CA HIS C 138 70.97 -36.37 8.83
C HIS C 138 70.98 -37.50 9.86
N SER C 139 70.70 -37.14 11.11
CA SER C 139 70.58 -38.14 12.17
C SER C 139 69.47 -39.14 11.89
N PRO C 140 68.26 -38.71 11.48
CA PRO C 140 67.25 -39.71 11.08
C PRO C 140 67.65 -40.52 9.86
N HIS C 141 68.57 -40.01 9.04
CA HIS C 141 68.99 -40.73 7.84
C HIS C 141 69.89 -41.92 8.15
N LEU C 142 70.70 -41.82 9.20
CA LEU C 142 71.66 -42.86 9.57
C LEU C 142 71.31 -43.43 10.92
N HIS C 143 71.26 -44.77 11.01
CA HIS C 143 70.96 -45.41 12.29
C HIS C 143 72.06 -45.14 13.31
N HIS C 144 73.31 -45.08 12.87
CA HIS C 144 74.41 -44.80 13.79
C HIS C 144 74.28 -43.40 14.38
N LEU C 145 73.91 -42.42 13.56
CA LEU C 145 73.73 -41.06 14.06
C LEU C 145 72.54 -40.99 14.99
N ARG C 146 72.65 -40.14 16.01
CA ARG C 146 71.66 -40.03 17.07
C ARG C 146 71.15 -38.60 17.20
N PHE C 147 70.08 -38.45 17.97
CA PHE C 147 69.60 -37.12 18.32
C PHE C 147 70.63 -36.38 19.18
N SER C 148 71.30 -37.11 20.08
CA SER C 148 72.43 -36.54 20.79
C SER C 148 73.56 -36.19 19.84
N ASP C 149 73.82 -37.07 18.86
CA ASP C 149 74.80 -36.77 17.84
C ASP C 149 74.37 -35.59 16.98
N TRP C 150 73.07 -35.49 16.70
CA TRP C 150 72.56 -34.34 15.94
C TRP C 150 72.76 -33.04 16.73
N GLN C 151 72.51 -33.07 18.03
CA GLN C 151 72.74 -31.89 18.85
C GLN C 151 74.22 -31.53 18.92
N SER C 152 75.09 -32.55 19.00
CA SER C 152 76.53 -32.29 18.97
C SER C 152 76.95 -31.66 17.65
N LEU C 153 76.39 -32.14 16.54
CA LEU C 153 76.69 -31.55 15.24
C LEU C 153 76.18 -30.12 15.15
N VAL C 154 75.00 -29.86 15.72
CA VAL C 154 74.46 -28.50 15.74
C VAL C 154 75.35 -27.57 16.56
N SER C 155 75.84 -28.07 17.71
CA SER C 155 76.75 -27.27 18.53
C SER C 155 78.06 -27.02 17.79
N TYR C 156 78.56 -28.02 17.07
CA TYR C 156 79.77 -27.84 16.28
C TYR C 156 79.56 -26.78 15.19
N CYS C 157 78.42 -26.83 14.51
CA CYS C 157 78.12 -25.83 13.50
C CYS C 157 78.01 -24.45 14.13
N CYS C 158 77.44 -24.37 15.33
CA CYS C 158 77.36 -23.11 16.04
C CYS C 158 78.75 -22.57 16.37
N GLN C 159 79.65 -23.45 16.79
CA GLN C 159 81.03 -23.06 17.10
C GLN C 159 81.76 -22.54 15.86
N ILE C 161 78.74 -21.21 12.99
CA ILE C 161 78.43 -19.97 12.29
C ILE C 161 79.19 -18.81 12.93
N GLU C 162 79.54 -18.97 14.21
CA GLU C 162 80.29 -17.93 14.91
C GLU C 162 81.66 -17.73 14.28
N LYS C 163 82.34 -18.83 13.93
CA LYS C 163 83.64 -18.73 13.28
C LYS C 163 83.50 -18.20 11.85
N LEU C 164 82.45 -18.61 11.15
CA LEU C 164 82.24 -18.14 9.78
C LEU C 164 81.83 -16.67 9.77
N SER C 165 82.27 -15.96 8.73
CA SER C 165 81.96 -14.54 8.58
C SER C 165 82.01 -14.14 7.11
N LYS C 200 81.94 -19.31 -0.41
CA LYS C 200 82.72 -20.22 -1.24
C LYS C 200 82.01 -21.55 -1.39
N GLN C 201 82.53 -22.40 -2.29
CA GLN C 201 81.94 -23.72 -2.49
C GLN C 201 82.06 -24.58 -1.23
N GLU C 202 83.22 -24.51 -0.57
CA GLU C 202 83.39 -25.27 0.68
C GLU C 202 82.44 -24.77 1.75
N VAL C 203 82.28 -23.45 1.87
CA VAL C 203 81.34 -22.91 2.85
C VAL C 203 79.92 -23.32 2.49
N VAL C 204 79.60 -23.35 1.20
CA VAL C 204 78.26 -23.75 0.76
C VAL C 204 78.00 -25.21 1.15
N GLU C 205 78.97 -26.09 0.92
CA GLU C 205 78.80 -27.49 1.27
C GLU C 205 78.71 -27.67 2.79
N LEU C 206 79.51 -26.91 3.55
CA LEU C 206 79.43 -26.98 5.01
C LEU C 206 78.06 -26.53 5.51
N ILE C 207 77.52 -25.46 4.92
CA ILE C 207 76.20 -24.98 5.31
C ILE C 207 75.13 -25.99 4.93
N TYR C 208 75.29 -26.64 3.78
CA TYR C 208 74.34 -27.68 3.39
C TYR C 208 74.38 -28.86 4.37
N VAL C 209 75.57 -29.24 4.80
CA VAL C 209 75.70 -30.32 5.78
C VAL C 209 75.09 -29.90 7.11
N MET C 210 75.28 -28.64 7.51
CA MET C 210 74.66 -28.14 8.74
C MET C 210 73.15 -28.16 8.65
N ARG C 211 72.60 -27.77 7.49
CA ARG C 211 71.15 -27.83 7.30
C ARG C 211 70.64 -29.26 7.33
N SER C 212 71.39 -30.19 6.72
CA SER C 212 71.00 -31.59 6.76
C SER C 212 71.00 -32.12 8.19
N LEU C 213 71.99 -31.72 8.99
CA LEU C 213 71.97 -32.05 10.41
C LEU C 213 70.75 -31.46 11.09
N VAL C 214 70.42 -30.21 10.77
CA VAL C 214 69.19 -29.60 11.26
C VAL C 214 67.97 -30.28 10.64
N GLN C 215 68.14 -30.90 9.48
CA GLN C 215 67.04 -31.61 8.81
C GLN C 215 66.72 -32.95 9.45
N TRP C 216 67.47 -33.34 10.48
CA TRP C 216 67.18 -34.58 11.19
C TRP C 216 65.80 -34.50 11.86
N TYR C 217 65.20 -35.67 12.07
CA TYR C 217 63.85 -35.71 12.63
C TYR C 217 63.80 -35.09 14.01
N ALA C 218 64.80 -35.38 14.85
CA ALA C 218 64.83 -34.84 16.19
C ALA C 218 66.28 -34.65 16.64
N ALA C 219 66.49 -33.66 17.50
CA ALA C 219 67.79 -33.39 18.09
C ALA C 219 67.57 -32.84 19.49
N PRO C 220 68.56 -32.94 20.37
CA PRO C 220 68.42 -32.35 21.71
C PRO C 220 68.50 -30.84 21.65
N ILE C 221 67.36 -30.16 21.80
CA ILE C 221 67.32 -28.71 21.63
C ILE C 221 68.02 -28.00 22.78
N ASN C 222 67.78 -28.47 24.01
CA ASN C 222 68.29 -27.75 25.19
C ASN C 222 69.81 -27.74 25.24
N PHE C 223 70.44 -28.87 24.89
CA PHE C 223 71.89 -28.98 25.01
C PHE C 223 72.60 -27.97 24.12
N VAL C 224 72.11 -27.77 22.90
CA VAL C 224 72.79 -26.89 21.95
C VAL C 224 72.22 -25.48 21.92
N SER C 225 71.05 -25.26 22.54
CA SER C 225 70.25 -24.05 22.29
C SER C 225 71.04 -22.77 22.47
N GLU C 226 71.83 -22.67 23.54
CA GLU C 226 72.53 -21.42 23.83
C GLU C 226 73.56 -21.09 22.74
N GLN C 227 74.42 -22.05 22.43
CA GLN C 227 75.43 -21.83 21.39
C GLN C 227 74.78 -21.65 20.03
N LEU C 228 73.70 -22.37 19.76
CA LEU C 228 72.99 -22.22 18.49
C LEU C 228 72.41 -20.83 18.34
N LEU C 229 71.83 -20.29 19.42
CA LEU C 229 71.28 -18.94 19.37
C LEU C 229 72.39 -17.89 19.24
N LYS C 230 73.52 -18.12 19.92
CA LYS C 230 74.65 -17.20 19.76
C LYS C 230 75.16 -17.20 18.32
N PHE C 231 75.28 -18.37 17.71
CA PHE C 231 75.71 -18.45 16.32
C PHE C 231 74.67 -17.86 15.38
N PHE C 232 73.38 -18.03 15.71
CA PHE C 232 72.33 -17.40 14.92
C PHE C 232 72.45 -15.88 14.98
N GLU C 233 72.74 -15.34 16.16
CA GLU C 233 72.98 -13.90 16.27
C GLU C 233 74.18 -13.48 15.44
N PHE C 234 75.27 -14.26 15.50
CA PHE C 234 76.47 -13.91 14.75
C PHE C 234 76.21 -13.93 13.25
N PHE C 235 75.48 -14.93 12.77
CA PHE C 235 75.21 -15.07 11.34
C PHE C 235 74.16 -14.09 10.84
N PHE C 236 73.18 -13.75 11.69
CA PHE C 236 72.13 -12.81 11.33
C PHE C 236 72.41 -11.41 11.80
N TYR C 237 73.65 -11.11 12.20
CA TYR C 237 74.08 -9.74 12.39
C TYR C 237 74.45 -9.06 11.07
N ALA C 238 74.61 -9.83 10.00
CA ALA C 238 74.93 -9.27 8.69
C ALA C 238 74.40 -10.25 7.64
N TYR C 239 73.26 -9.94 7.05
CA TYR C 239 72.65 -10.81 6.06
C TYR C 239 73.42 -10.76 4.74
N THR C 240 73.53 -11.92 4.09
CA THR C 240 74.21 -12.05 2.81
C THR C 240 73.37 -12.87 1.86
N GLU C 241 73.54 -12.61 0.56
CA GLU C 241 72.74 -13.29 -0.45
C GLU C 241 73.61 -13.90 -1.55
N GLU C 242 74.73 -13.24 -1.88
CA GLU C 242 75.56 -13.68 -2.98
C GLU C 242 76.14 -15.07 -2.73
N THR C 243 76.59 -15.32 -1.51
CA THR C 243 77.18 -16.61 -1.16
C THR C 243 76.09 -17.66 -0.98
N ASP C 244 76.27 -18.81 -1.63
CA ASP C 244 75.31 -19.90 -1.48
C ASP C 244 75.32 -20.48 -0.07
N ALA C 245 76.41 -20.27 0.68
CA ALA C 245 76.48 -20.75 2.06
C ALA C 245 75.47 -20.05 2.96
N HIS C 246 75.04 -18.83 2.60
CA HIS C 246 74.12 -18.09 3.47
C HIS C 246 72.80 -18.82 3.62
N LEU C 247 72.24 -19.34 2.52
CA LEU C 247 70.92 -19.96 2.57
C LEU C 247 70.88 -21.18 3.47
N PRO C 248 71.77 -22.16 3.34
CA PRO C 248 71.66 -23.36 4.18
C PRO C 248 72.09 -23.10 5.62
N ALA C 249 73.06 -22.21 5.80
CA ALA C 249 73.41 -21.77 7.15
C ALA C 249 72.23 -21.03 7.79
N LEU C 250 71.53 -20.21 7.00
CA LEU C 250 70.34 -19.55 7.52
C LEU C 250 69.25 -20.55 7.87
N GLN C 251 69.11 -21.62 7.08
CA GLN C 251 68.13 -22.65 7.40
C GLN C 251 68.49 -23.36 8.70
N CYS C 252 69.77 -23.69 8.88
CA CYS C 252 70.21 -24.31 10.14
C CYS C 252 69.97 -23.39 11.32
N LEU C 253 70.26 -22.09 11.14
CA LEU C 253 70.00 -21.12 12.20
C LEU C 253 68.50 -20.98 12.47
N PHE C 254 67.67 -21.07 11.45
CA PHE C 254 66.22 -21.03 11.64
C PHE C 254 65.74 -22.22 12.44
N GLN C 255 66.24 -23.42 12.12
CA GLN C 255 65.90 -24.60 12.90
C GLN C 255 66.37 -24.45 14.35
N LEU C 256 67.57 -23.91 14.54
CA LEU C 256 68.08 -23.67 15.89
C LEU C 256 67.22 -22.68 16.64
N CYS C 257 66.76 -21.63 15.98
CA CYS C 257 65.90 -20.64 16.62
C CYS C 257 64.54 -21.23 16.96
N ALA C 258 64.01 -22.08 16.08
CA ALA C 258 62.76 -22.76 16.40
C ALA C 258 62.92 -23.67 17.61
N TYR C 259 64.05 -24.36 17.70
CA TYR C 259 64.33 -25.19 18.88
C TYR C 259 64.49 -24.33 20.14
N ALA C 260 65.14 -23.18 20.01
CA ALA C 260 65.45 -22.33 21.16
C ALA C 260 64.31 -21.38 21.53
N ILE C 261 63.24 -21.34 20.75
CA ILE C 261 62.05 -20.56 21.11
C ILE C 261 61.59 -20.98 22.50
N PRO C 262 61.59 -22.28 22.80
CA PRO C 262 61.29 -22.73 24.17
C PRO C 262 62.50 -22.96 25.04
N ASN C 263 63.71 -22.86 24.52
CA ASN C 263 64.94 -23.17 25.26
C ASN C 263 65.88 -21.97 25.22
N CYS C 264 66.13 -21.35 26.38
CA CYS C 264 67.06 -20.24 26.51
C CYS C 264 66.64 -19.07 25.61
N ASN C 265 65.48 -18.51 25.95
CA ASN C 265 64.86 -17.45 25.14
C ASN C 265 65.63 -16.14 25.16
N ASP C 266 66.54 -15.94 26.11
CA ASP C 266 67.29 -14.68 26.16
C ASP C 266 68.27 -14.58 25.00
N TYR C 267 69.05 -15.63 24.75
CA TYR C 267 69.92 -15.66 23.59
C TYR C 267 69.11 -15.61 22.31
N SER C 268 67.91 -16.21 22.31
CA SER C 268 67.03 -16.11 21.15
C SER C 268 66.61 -14.67 20.90
N ALA C 269 66.31 -13.92 21.96
CA ALA C 269 65.94 -12.51 21.80
C ALA C 269 67.12 -11.68 21.31
N SER C 270 68.32 -11.97 21.81
CA SER C 270 69.50 -11.28 21.30
C SER C 270 69.72 -11.56 19.82
N VAL C 271 69.56 -12.82 19.42
CA VAL C 271 69.67 -13.18 18.01
C VAL C 271 68.58 -12.50 17.20
N VAL C 272 67.39 -12.33 17.78
CA VAL C 272 66.30 -11.66 17.08
C VAL C 272 66.63 -10.18 16.86
N LEU C 273 67.22 -9.53 17.87
CA LEU C 273 67.62 -8.14 17.70
C LEU C 273 68.69 -8.00 16.62
N LEU C 274 69.69 -8.89 16.63
CA LEU C 274 70.71 -8.87 15.59
C LEU C 274 70.09 -9.12 14.22
N VAL C 275 69.13 -10.04 14.15
CA VAL C 275 68.47 -10.37 12.89
C VAL C 275 67.65 -9.19 12.40
N PHE C 276 67.03 -8.43 13.30
CA PHE C 276 66.32 -7.21 12.91
C PHE C 276 67.28 -6.17 12.35
N LYS C 277 68.45 -6.01 12.99
CA LYS C 277 69.44 -5.08 12.46
C LYS C 277 69.88 -5.48 11.05
N ILE C 278 70.20 -6.77 10.85
CA ILE C 278 70.60 -7.22 9.53
C ILE C 278 69.42 -7.19 8.55
N LEU C 279 68.19 -7.30 9.04
CA LEU C 279 67.02 -7.17 8.17
C LEU C 279 66.91 -5.76 7.63
N ILE C 280 67.16 -4.76 8.49
CA ILE C 280 67.24 -3.38 8.02
C ILE C 280 68.38 -3.22 7.02
N ASN C 281 69.54 -3.83 7.33
CA ASN C 281 70.69 -3.72 6.43
C ASN C 281 70.39 -4.30 5.06
N SER C 282 69.71 -5.46 5.01
CA SER C 282 69.31 -6.04 3.73
C SER C 282 68.16 -5.25 3.11
N ASP C 283 67.37 -4.56 3.93
CA ASP C 283 66.34 -3.67 3.40
C ASP C 283 66.97 -2.48 2.68
N LYS C 284 68.21 -2.15 3.01
CA LYS C 284 68.94 -1.18 2.20
C LYS C 284 69.08 -1.68 0.76
N TRP C 285 69.37 -2.98 0.60
CA TRP C 285 69.39 -3.61 -0.72
C TRP C 285 67.98 -4.01 -1.14
N LYS C 286 67.83 -4.36 -2.42
CA LYS C 286 66.52 -4.69 -2.95
C LYS C 286 66.52 -5.87 -3.91
N ARG C 287 67.52 -6.76 -3.83
CA ARG C 287 67.61 -7.87 -4.77
C ARG C 287 66.49 -8.88 -4.55
N LEU C 288 65.96 -9.41 -5.65
CA LEU C 288 64.90 -10.42 -5.55
C LEU C 288 65.42 -11.71 -4.91
N ASP C 289 66.63 -12.14 -5.30
CA ASP C 289 67.22 -13.31 -4.66
C ASP C 289 67.49 -13.06 -3.18
N LEU C 290 67.96 -11.86 -2.85
CA LEU C 290 68.14 -11.50 -1.45
C LEU C 290 66.82 -11.48 -0.70
N ARG C 291 65.76 -10.98 -1.37
CA ARG C 291 64.44 -10.98 -0.74
C ARG C 291 63.96 -12.39 -0.47
N LEU C 292 64.15 -13.31 -1.43
CA LEU C 292 63.77 -14.70 -1.22
C LEU C 292 64.57 -15.33 -0.09
N GLN C 293 65.86 -15.05 -0.03
CA GLN C 293 66.69 -15.60 1.04
C GLN C 293 66.24 -15.07 2.40
N LEU C 294 65.92 -13.78 2.49
CA LEU C 294 65.43 -13.22 3.74
C LEU C 294 64.09 -13.81 4.13
N ILE C 295 63.20 -14.02 3.16
CA ILE C 295 61.90 -14.63 3.44
C ILE C 295 62.07 -16.05 3.94
N GLN C 296 63.07 -16.76 3.39
CA GLN C 296 63.36 -18.11 3.89
C GLN C 296 63.79 -18.08 5.35
N CYS C 297 64.57 -17.07 5.73
CA CYS C 297 64.99 -16.91 7.12
C CYS C 297 63.87 -16.30 7.95
N ALA C 299 60.81 -15.66 7.86
CA ALA C 299 59.82 -16.61 8.37
C ALA C 299 60.28 -17.23 9.67
N ILE C 300 61.57 -17.05 9.99
CA ILE C 300 62.14 -17.62 11.20
C ILE C 300 61.98 -16.63 12.36
N TYR C 302 60.26 -14.38 11.15
CA TYR C 302 58.91 -14.06 11.60
C TYR C 302 58.81 -14.12 13.12
N PRO C 303 58.64 -15.33 13.66
CA PRO C 303 58.47 -15.45 15.12
C PRO C 303 59.60 -14.82 15.91
N LEU C 304 60.84 -14.98 15.44
CA LEU C 304 61.97 -14.33 16.11
C LEU C 304 61.76 -12.82 16.20
N TRP C 305 61.32 -12.21 15.09
CA TRP C 305 60.99 -10.79 15.12
C TRP C 305 59.96 -10.50 16.21
N SER C 306 58.94 -11.35 16.31
CA SER C 306 57.95 -11.19 17.37
C SER C 306 58.62 -11.26 18.74
N ASN C 307 59.55 -12.20 18.92
CA ASN C 307 60.32 -12.26 20.15
C ASN C 307 61.06 -10.94 20.39
N SER C 308 61.65 -10.38 19.33
CA SER C 308 62.27 -9.06 19.46
C SER C 308 61.23 -8.02 19.87
N GLU C 309 60.03 -8.10 19.29
CA GLU C 309 58.95 -7.23 19.73
C GLU C 309 58.64 -7.45 21.20
N THR C 310 58.73 -8.70 21.67
CA THR C 310 58.60 -8.96 23.10
C THR C 310 59.74 -8.32 23.87
N TRP C 311 60.95 -8.35 23.31
CA TRP C 311 62.11 -7.75 23.97
C TRP C 311 62.11 -6.23 23.88
N ASP C 312 61.26 -5.65 23.05
CA ASP C 312 61.21 -4.20 22.93
C ASP C 312 60.70 -3.57 24.23
N PRO C 313 61.23 -2.41 24.60
CA PRO C 313 60.79 -1.76 25.85
C PRO C 313 59.34 -1.33 25.81
N HIS C 314 58.97 -0.54 24.82
CA HIS C 314 57.62 0.00 24.70
C HIS C 314 57.33 0.21 23.22
N ARG C 315 56.28 0.99 22.94
CA ARG C 315 55.89 1.27 21.56
C ARG C 315 56.92 2.11 20.81
N SER C 316 57.89 2.72 21.50
CA SER C 316 58.91 3.49 20.81
C SER C 316 59.89 2.57 20.07
N ILE C 317 60.33 1.50 20.73
CA ILE C 317 61.17 0.52 20.04
C ILE C 317 60.38 -0.15 18.92
N ARG C 318 59.08 -0.36 19.14
CA ARG C 318 58.24 -0.88 18.07
C ARG C 318 58.13 0.09 16.91
N SER C 319 58.15 1.40 17.19
CA SER C 319 58.16 2.38 16.10
C SER C 319 59.48 2.40 15.36
N PHE C 320 60.59 2.19 16.07
CA PHE C 320 61.88 2.04 15.39
C PHE C 320 61.88 0.80 14.50
N ASN C 321 61.30 -0.30 14.99
CA ASN C 321 61.12 -1.48 14.16
C ASN C 321 60.20 -1.20 12.98
N LEU C 322 59.20 -0.32 13.17
CA LEU C 322 58.34 0.09 12.07
C LEU C 322 59.13 0.87 11.02
N ASP C 323 60.09 1.69 11.46
CA ASP C 323 60.96 2.38 10.51
C ASP C 323 61.81 1.39 9.73
N LEU C 324 62.36 0.39 10.43
CA LEU C 324 63.11 -0.65 9.74
C LEU C 324 62.23 -1.41 8.74
N LEU C 325 60.98 -1.67 9.12
CA LEU C 325 60.05 -2.33 8.22
C LEU C 325 59.65 -1.44 7.05
N ASN C 326 59.64 -0.12 7.25
CA ASN C 326 59.44 0.80 6.14
C ASN C 326 60.61 0.74 5.18
N SER C 327 61.83 0.61 5.70
CA SER C 327 62.98 0.36 4.84
C SER C 327 62.81 -0.95 4.08
N SER C 328 62.28 -1.97 4.74
CA SER C 328 62.02 -3.25 4.07
C SER C 328 60.99 -3.09 2.96
N PHE C 329 59.94 -2.30 3.21
CA PHE C 329 58.93 -2.04 2.19
C PHE C 329 59.52 -1.27 1.02
N PHE C 330 60.42 -0.33 1.31
CA PHE C 330 61.14 0.37 0.24
C PHE C 330 61.97 -0.60 -0.58
N SER C 331 62.63 -1.55 0.08
CA SER C 331 63.38 -2.58 -0.63
C SER C 331 62.47 -3.40 -1.53
N LEU C 332 61.31 -3.81 -1.01
CA LEU C 332 60.40 -4.64 -1.78
C LEU C 332 59.81 -3.88 -2.96
N LYS C 333 59.51 -2.60 -2.77
CA LYS C 333 58.86 -1.81 -3.82
C LYS C 333 59.77 -1.59 -5.03
N ASN C 334 61.08 -1.75 -4.88
CA ASN C 334 61.99 -1.57 -6.00
C ASN C 334 61.74 -2.63 -7.07
N PHE C 335 62.01 -2.25 -8.32
CA PHE C 335 61.77 -3.15 -9.44
C PHE C 335 62.63 -4.40 -9.35
N LEU C 336 63.79 -4.32 -8.69
CA LEU C 336 64.61 -5.49 -8.50
C LEU C 336 63.89 -6.53 -7.64
N ASN C 337 63.21 -6.09 -6.59
CA ASN C 337 62.43 -6.98 -5.76
C ASN C 337 61.03 -7.17 -6.35
N PHE C 338 60.37 -8.22 -5.89
CA PHE C 338 59.01 -8.52 -6.37
C PHE C 338 58.02 -7.47 -5.87
N PHE C 339 56.96 -7.28 -6.64
CA PHE C 339 55.91 -6.34 -6.24
C PHE C 339 55.12 -6.90 -5.07
N GLY C 340 54.78 -6.02 -4.13
CA GLY C 340 54.01 -6.41 -2.96
C GLY C 340 52.52 -6.51 -3.17
N LYS C 341 52.04 -6.25 -4.38
CA LYS C 341 50.60 -6.31 -4.64
C LYS C 341 50.05 -7.71 -4.43
N ARG C 342 50.76 -8.72 -4.96
CA ARG C 342 50.35 -10.12 -4.85
C ARG C 342 48.91 -10.32 -5.34
N SER C 343 48.57 -9.64 -6.44
CA SER C 343 47.21 -9.70 -6.96
C SER C 343 46.94 -11.05 -7.62
N SER C 344 45.68 -11.49 -7.50
CA SER C 344 45.19 -12.70 -8.16
C SER C 344 46.00 -13.93 -7.75
N LEU C 345 45.94 -14.25 -6.46
CA LEU C 345 46.58 -15.46 -5.96
C LEU C 345 45.90 -16.68 -6.54
N SER C 346 46.69 -17.60 -7.07
CA SER C 346 46.15 -18.79 -7.72
C SER C 346 45.50 -19.71 -6.70
N LEU C 347 44.36 -20.28 -7.07
CA LEU C 347 43.61 -21.20 -6.22
C LEU C 347 43.25 -20.57 -4.87
N ALA C 348 42.94 -19.28 -4.90
CA ALA C 348 42.53 -18.60 -3.69
C ALA C 348 41.18 -19.14 -3.21
N ASN C 349 41.07 -19.36 -1.90
CA ASN C 349 39.86 -19.92 -1.30
C ASN C 349 39.48 -19.09 -0.08
N PHE C 350 38.19 -18.77 0.02
CA PHE C 350 37.67 -18.03 1.17
C PHE C 350 36.68 -18.92 1.93
N ARG C 351 36.91 -19.06 3.23
CA ARG C 351 36.09 -19.91 4.10
C ARG C 351 36.04 -21.35 3.59
N PHE C 352 37.14 -21.82 3.03
CA PHE C 352 37.22 -23.18 2.50
C PHE C 352 38.25 -24.02 3.23
N HIS C 353 39.49 -23.54 3.36
CA HIS C 353 40.55 -24.27 4.04
C HIS C 353 41.07 -23.46 5.20
N THR C 354 41.13 -24.07 6.37
CA THR C 354 41.65 -23.42 7.57
C THR C 354 43.13 -23.79 7.76
N VAL C 355 43.67 -23.45 8.93
CA VAL C 355 45.04 -23.75 9.30
C VAL C 355 46.03 -23.06 8.37
N GLU C 356 45.54 -22.10 7.59
CA GLU C 356 46.38 -21.28 6.73
C GLU C 356 47.24 -20.34 7.58
N PRO C 357 46.80 -20.01 8.79
CA PRO C 357 47.52 -19.00 9.60
C PRO C 357 48.96 -19.38 9.90
N LYS C 358 49.28 -20.67 9.96
CA LYS C 358 50.62 -21.22 10.21
C LYS C 358 51.11 -20.91 11.62
N ASN C 359 50.30 -20.27 12.47
CA ASN C 359 50.71 -19.95 13.83
C ASN C 359 49.45 -19.73 14.66
N ASN C 360 49.48 -20.20 15.90
CA ASN C 360 48.35 -20.00 16.80
C ASN C 360 48.13 -18.53 17.09
N ILE C 361 49.20 -17.74 17.10
CA ILE C 361 49.06 -16.30 17.35
C ILE C 361 48.31 -15.63 16.20
N ALA C 362 48.52 -16.09 14.97
CA ALA C 362 47.81 -15.52 13.83
C ALA C 362 46.31 -15.75 13.95
N LYS C 363 45.91 -17.01 14.16
CA LYS C 363 44.50 -17.37 14.35
C LYS C 363 43.62 -16.84 13.23
N LEU C 364 44.09 -17.01 11.99
CA LEU C 364 43.35 -16.50 10.84
C LEU C 364 42.02 -17.23 10.70
N TYR C 365 40.96 -16.47 10.41
CA TYR C 365 39.63 -17.01 10.21
C TYR C 365 39.25 -16.84 8.76
N ASP C 366 38.84 -17.95 8.13
CA ASP C 366 38.54 -17.99 6.70
C ASP C 366 39.70 -17.43 5.88
N PRO C 367 40.94 -17.84 6.18
CA PRO C 367 42.09 -17.25 5.49
C PRO C 367 42.15 -17.64 4.03
N ARG C 368 42.84 -16.80 3.25
CA ARG C 368 42.99 -17.01 1.82
C ARG C 368 44.03 -18.11 1.59
N LEU C 369 43.57 -19.35 1.74
CA LEU C 369 44.42 -20.52 1.52
C LEU C 369 44.57 -20.73 0.03
N HIS C 370 45.58 -20.08 -0.55
CA HIS C 370 45.81 -20.12 -2.00
C HIS C 370 47.02 -21.01 -2.29
N LEU C 371 46.86 -21.90 -3.27
CA LEU C 371 47.98 -22.73 -3.70
C LEU C 371 49.07 -21.89 -4.36
N PHE C 372 48.68 -20.84 -5.10
CA PHE C 372 49.62 -19.93 -5.76
C PHE C 372 50.55 -20.69 -6.70
N PHE C 373 50.01 -21.69 -7.39
CA PHE C 373 50.79 -22.49 -8.33
C PHE C 373 50.88 -21.80 -9.68
N PHE C 381 54.72 -15.72 -7.96
CA PHE C 381 53.97 -16.56 -7.03
C PHE C 381 54.60 -16.52 -5.65
N GLU C 382 55.65 -17.31 -5.44
CA GLU C 382 56.34 -17.31 -4.16
C GLU C 382 57.00 -15.96 -3.88
N SER C 383 57.57 -15.35 -4.92
CA SER C 383 58.20 -14.04 -4.75
C SER C 383 57.19 -12.98 -4.37
N TYR C 384 56.01 -13.01 -5.00
CA TYR C 384 54.98 -12.04 -4.67
C TYR C 384 54.52 -12.17 -3.22
N PHE C 385 54.33 -13.40 -2.75
CA PHE C 385 53.95 -13.62 -1.37
C PHE C 385 55.08 -13.23 -0.40
N ILE C 386 56.32 -13.44 -0.82
CA ILE C 386 57.45 -13.04 0.02
C ILE C 386 57.53 -11.52 0.12
N TYR C 387 57.19 -10.82 -0.95
CA TYR C 387 57.21 -9.36 -0.94
C TYR C 387 55.89 -8.80 -0.41
N PHE C 389 55.25 -11.31 2.30
CA PHE C 389 55.82 -11.43 3.63
C PHE C 389 56.46 -10.12 4.06
N LEU C 390 56.89 -9.32 3.07
CA LEU C 390 57.42 -8.00 3.39
C LEU C 390 56.35 -7.12 4.04
N ALA C 391 55.14 -7.14 3.48
CA ALA C 391 54.04 -6.38 4.08
C ALA C 391 53.65 -6.95 5.44
N LYS C 392 53.72 -8.27 5.60
CA LYS C 392 53.44 -8.87 6.90
C LYS C 392 54.46 -8.42 7.94
N LEU C 393 55.74 -8.35 7.55
CA LEU C 393 56.76 -7.85 8.45
C LEU C 393 56.53 -6.36 8.76
N ILE C 394 56.09 -5.60 7.76
CA ILE C 394 55.79 -4.19 7.99
C ILE C 394 54.67 -4.04 9.02
N LEU C 395 53.61 -4.84 8.88
CA LEU C 395 52.51 -4.80 9.84
C LEU C 395 52.90 -5.39 11.19
N LEU C 396 53.94 -6.23 11.22
CA LEU C 396 54.35 -6.83 12.49
C LEU C 396 54.82 -5.77 13.48
N LYS C 397 55.59 -4.79 13.01
CA LYS C 397 55.98 -3.66 13.84
C LYS C 397 54.94 -2.54 13.79
N LYS C 398 53.69 -2.90 14.08
CA LYS C 398 52.61 -1.93 14.06
C LYS C 398 52.68 -0.95 15.23
N THR C 399 53.54 -1.21 16.22
CA THR C 399 53.69 -0.34 17.39
C THR C 399 52.36 -0.13 18.10
N SER C 417 50.56 1.82 19.76
CA SER C 417 50.59 3.18 19.22
C SER C 417 49.19 3.65 18.85
N GLN C 418 49.11 4.45 17.79
CA GLN C 418 47.85 5.02 17.33
C GLN C 418 47.41 4.34 16.04
N ILE C 419 46.14 3.92 15.99
CA ILE C 419 45.60 3.32 14.78
C ILE C 419 45.55 4.34 13.65
N GLU C 420 45.32 5.62 13.97
CA GLU C 420 45.30 6.66 12.95
C GLU C 420 46.64 6.79 12.27
N GLU C 421 47.73 6.71 13.03
CA GLU C 421 49.07 6.78 12.44
C GLU C 421 49.31 5.61 11.49
N LEU C 422 48.89 4.41 11.88
CA LEU C 422 49.04 3.25 10.99
C LEU C 422 48.21 3.42 9.73
N LEU C 423 46.98 3.94 9.86
CA LEU C 423 46.14 4.15 8.69
C LEU C 423 46.75 5.19 7.75
N LEU C 424 47.31 6.26 8.30
CA LEU C 424 47.97 7.26 7.48
C LEU C 424 49.20 6.69 6.77
N GLN C 425 49.97 5.86 7.49
CA GLN C 425 51.14 5.24 6.88
C GLN C 425 50.74 4.30 5.74
N ALA C 426 49.66 3.53 5.94
CA ALA C 426 49.22 2.60 4.91
C ALA C 426 48.61 3.31 3.71
N GLU C 427 48.02 4.48 3.92
CA GLU C 427 47.37 5.23 2.84
C GLU C 427 48.45 5.89 1.98
N LEU C 428 49.08 5.06 1.16
CA LEU C 428 50.12 5.53 0.25
C LEU C 428 49.59 5.87 -1.14
N ALA C 429 48.28 5.69 -1.37
CA ALA C 429 47.60 6.03 -2.63
C ALA C 429 48.15 5.26 -3.82
N ASN C 430 48.88 4.17 -3.60
CA ASN C 430 49.42 3.35 -4.67
C ASN C 430 48.73 1.99 -4.68
N ILE C 431 48.48 1.48 -5.89
CA ILE C 431 47.78 0.20 -6.03
C ILE C 431 48.58 -0.93 -5.38
N SER C 432 49.88 -0.97 -5.67
CA SER C 432 50.74 -1.99 -5.05
C SER C 432 50.79 -1.80 -3.54
N ALA C 433 50.92 -0.56 -3.08
CA ALA C 433 50.94 -0.29 -1.65
C ALA C 433 49.60 -0.64 -1.00
N SER C 434 48.50 -0.32 -1.67
CA SER C 434 47.18 -0.65 -1.13
C SER C 434 46.99 -2.16 -1.02
N SER C 435 47.43 -2.91 -2.05
CA SER C 435 47.31 -4.36 -1.99
C SER C 435 48.22 -4.96 -0.93
N PHE C 436 49.41 -4.39 -0.74
CA PHE C 436 50.29 -4.84 0.33
C PHE C 436 49.65 -4.58 1.70
N SER C 437 49.01 -3.41 1.86
CA SER C 437 48.31 -3.12 3.11
C SER C 437 47.15 -4.08 3.32
N LEU C 438 46.43 -4.43 2.26
CA LEU C 438 45.34 -5.39 2.38
C LEU C 438 45.87 -6.76 2.81
N GLN C 439 46.98 -7.20 2.22
CA GLN C 439 47.58 -8.46 2.62
C GLN C 439 48.05 -8.43 4.07
N LEU C 440 48.64 -7.31 4.49
CA LEU C 440 49.07 -7.16 5.87
C LEU C 440 47.87 -7.21 6.82
N MET C 441 46.77 -6.57 6.44
CA MET C 441 45.55 -6.65 7.25
C MET C 441 45.06 -8.09 7.33
N VAL C 442 45.05 -8.80 6.19
CA VAL C 442 44.62 -10.20 6.20
C VAL C 442 45.48 -11.01 7.16
N ILE C 443 46.79 -10.76 7.16
CA ILE C 443 47.69 -11.53 8.00
C ILE C 443 47.50 -11.20 9.48
N ILE C 444 47.41 -9.91 9.82
CA ILE C 444 47.56 -9.49 11.21
C ILE C 444 46.42 -8.62 11.70
N THR C 445 45.20 -8.86 11.22
CA THR C 445 44.06 -8.10 11.73
C THR C 445 43.94 -8.23 13.24
N ALA C 446 44.20 -9.43 13.78
CA ALA C 446 44.11 -9.61 15.22
C ALA C 446 45.30 -8.98 15.94
N ILE C 447 46.51 -9.13 15.40
CA ILE C 447 47.70 -8.64 16.08
C ILE C 447 47.71 -7.11 16.12
N SER C 448 47.48 -6.48 14.97
CA SER C 448 47.43 -5.02 14.94
C SER C 448 46.23 -4.50 15.72
N ASP C 449 45.09 -5.16 15.59
CA ASP C 449 43.84 -4.76 16.27
C ASP C 449 43.51 -3.30 15.98
N ASN C 450 43.30 -3.01 14.70
CA ASN C 450 42.95 -1.66 14.28
C ASN C 450 41.67 -1.21 14.95
N LEU C 451 41.64 0.03 15.41
CA LEU C 451 40.51 0.55 16.14
C LEU C 451 39.31 0.69 15.20
N THR C 452 38.18 1.15 15.77
CA THR C 452 36.97 1.32 14.98
C THR C 452 37.17 2.33 13.86
N ASN C 453 37.86 3.43 14.15
CA ASN C 453 38.14 4.42 13.12
C ASN C 453 39.04 3.83 12.03
N ASP C 454 40.09 3.11 12.41
CA ASP C 454 40.99 2.52 11.43
C ASP C 454 40.29 1.45 10.59
N ASP C 455 39.48 0.61 11.24
CA ASP C 455 38.74 -0.41 10.50
C ASP C 455 37.75 0.23 9.53
N LEU C 456 37.06 1.27 9.97
CA LEU C 456 36.13 1.98 9.08
C LEU C 456 36.88 2.60 7.91
N LEU C 457 38.06 3.17 8.16
CA LEU C 457 38.85 3.75 7.08
C LEU C 457 39.28 2.67 6.09
N SER C 458 39.70 1.51 6.59
CA SER C 458 40.09 0.42 5.70
C SER C 458 38.91 -0.06 4.88
N ILE C 459 37.73 -0.15 5.50
CA ILE C 459 36.53 -0.57 4.77
C ILE C 459 36.18 0.44 3.69
N GLN C 460 36.28 1.74 4.02
CA GLN C 460 35.99 2.77 3.03
C GLN C 460 36.98 2.73 1.88
N LYS C 461 38.26 2.50 2.19
CA LYS C 461 39.27 2.38 1.13
C LYS C 461 38.98 1.17 0.24
N MET C 462 38.58 0.05 0.84
CA MET C 462 38.23 -1.12 0.05
C MET C 462 37.02 -0.85 -0.84
N SER C 463 36.01 -0.15 -0.31
CA SER C 463 34.84 0.19 -1.11
C SER C 463 35.22 1.11 -2.26
N LEU C 464 36.07 2.10 -2.00
CA LEU C 464 36.51 3.01 -3.06
C LEU C 464 37.29 2.26 -4.14
N ASN C 465 38.16 1.35 -3.73
CA ASN C 465 38.90 0.53 -4.71
C ASN C 465 37.95 -0.33 -5.52
N PHE C 466 36.92 -0.89 -4.87
CA PHE C 466 35.92 -1.66 -5.59
C PHE C 466 35.17 -0.79 -6.60
N THR C 467 34.95 0.47 -6.25
CA THR C 467 34.30 1.39 -7.18
C THR C 467 35.13 1.59 -8.44
N GLU C 468 36.44 1.58 -8.32
CA GLU C 468 37.32 1.72 -9.47
C GLU C 468 37.18 0.50 -10.39
N LYS C 469 37.16 0.75 -11.69
CA LYS C 469 36.99 -0.30 -12.69
C LYS C 469 38.30 -0.97 -13.08
N LYS C 470 39.42 -0.55 -12.51
CA LYS C 470 40.70 -1.16 -12.83
C LYS C 470 40.73 -2.61 -12.34
N ASN C 471 41.33 -3.49 -13.15
CA ASN C 471 41.39 -4.90 -12.81
C ASN C 471 42.21 -5.13 -11.55
N GLU C 472 43.39 -4.52 -11.46
CA GLU C 472 44.21 -4.67 -10.26
C GLU C 472 43.51 -4.10 -9.04
N LEU C 473 42.90 -2.92 -9.19
CA LEU C 473 42.16 -2.33 -8.08
C LEU C 473 40.99 -3.20 -7.67
N GLN C 474 40.28 -3.77 -8.64
CA GLN C 474 39.15 -4.64 -8.32
C GLN C 474 39.61 -5.88 -7.57
N SER C 475 40.70 -6.50 -8.01
CA SER C 475 41.20 -7.70 -7.33
C SER C 475 41.67 -7.36 -5.92
N TRP C 476 42.38 -6.24 -5.76
CA TRP C 476 42.83 -5.85 -4.43
C TRP C 476 41.65 -5.56 -3.51
N SER C 477 40.62 -4.88 -4.02
CA SER C 477 39.44 -4.60 -3.22
C SER C 477 38.72 -5.89 -2.83
N PHE C 478 38.63 -6.85 -3.77
CA PHE C 478 37.99 -8.12 -3.45
C PHE C 478 38.75 -8.87 -2.36
N PHE C 479 40.08 -8.91 -2.46
CA PHE C 479 40.87 -9.57 -1.43
C PHE C 479 40.72 -8.88 -0.09
N ILE C 480 40.73 -7.55 -0.09
CA ILE C 480 40.60 -6.79 1.16
C ILE C 480 39.25 -7.04 1.80
N LEU C 481 38.18 -7.04 0.99
CA LEU C 481 36.85 -7.29 1.53
C LEU C 481 36.74 -8.71 2.07
N PHE C 482 37.31 -9.68 1.35
CA PHE C 482 37.27 -11.07 1.81
C PHE C 482 37.99 -11.22 3.15
N ASN C 483 39.14 -10.57 3.30
CA ASN C 483 39.85 -10.63 4.57
C ASN C 483 39.08 -9.91 5.67
N ILE C 484 38.49 -8.75 5.36
CA ILE C 484 37.85 -7.94 6.39
C ILE C 484 36.56 -8.60 6.89
N CYS C 485 35.79 -9.22 5.99
CA CYS C 485 34.49 -9.75 6.38
C CYS C 485 34.63 -10.86 7.42
N TYR C 486 35.60 -11.74 7.24
CA TYR C 486 35.81 -12.88 8.13
C TYR C 486 37.21 -12.78 8.73
N ASN C 487 37.31 -12.20 9.91
CA ASN C 487 38.57 -12.04 10.63
C ASN C 487 38.24 -11.64 12.06
N LYS C 488 39.27 -11.32 12.85
CA LYS C 488 39.05 -10.83 14.20
C LYS C 488 38.30 -9.51 14.19
N ALA C 489 38.67 -8.60 13.29
CA ALA C 489 38.01 -7.32 13.17
C ALA C 489 36.77 -7.49 12.29
N TYR C 490 35.60 -7.36 12.90
CA TYR C 490 34.33 -7.55 12.19
C TYR C 490 33.80 -6.19 11.72
N SER C 491 33.35 -6.15 10.47
CA SER C 491 32.82 -4.92 9.90
C SER C 491 31.52 -4.50 10.58
N MET C 493 26.77 -3.98 11.21
CA MET C 493 25.36 -3.86 10.82
C MET C 493 25.25 -3.32 9.40
N LEU C 494 25.22 -1.99 9.29
CA LEU C 494 25.13 -1.35 7.98
C LEU C 494 26.37 -1.62 7.15
N THR C 495 27.54 -1.70 7.80
CA THR C 495 28.77 -2.00 7.08
C THR C 495 28.71 -3.40 6.47
N THR C 496 28.18 -4.37 7.22
CA THR C 496 28.04 -5.72 6.67
C THR C 496 27.08 -5.74 5.49
N SER C 497 25.98 -4.99 5.59
CA SER C 497 25.04 -4.90 4.47
C SER C 497 25.70 -4.28 3.25
N CYS C 498 26.51 -3.24 3.46
CA CYS C 498 27.23 -2.62 2.34
C CYS C 498 28.22 -3.60 1.72
N LYS C 499 28.91 -4.39 2.56
CA LYS C 499 29.83 -5.38 2.04
C LYS C 499 29.09 -6.43 1.23
N LYS C 500 27.92 -6.86 1.71
CA LYS C 500 27.12 -7.82 0.96
C LYS C 500 26.64 -7.24 -0.36
N GLU C 501 26.26 -5.96 -0.36
CA GLU C 501 25.85 -5.31 -1.60
C GLU C 501 27.00 -5.23 -2.59
N ILE C 502 28.21 -4.92 -2.08
CA ILE C 502 29.38 -4.89 -2.95
C ILE C 502 29.66 -6.28 -3.51
N LEU C 503 29.52 -7.31 -2.67
CA LEU C 503 29.73 -8.68 -3.13
C LEU C 503 28.72 -9.05 -4.22
N ALA C 504 27.46 -8.63 -4.05
CA ALA C 504 26.46 -8.85 -5.08
C ALA C 504 26.82 -8.10 -6.36
N ALA C 505 27.34 -6.89 -6.23
CA ALA C 505 27.80 -6.12 -7.37
C ALA C 505 29.21 -6.54 -7.77
N SER C 507 29.37 -10.23 -7.30
CA SER C 507 28.63 -11.25 -8.03
C SER C 507 28.25 -10.74 -9.42
N ARG C 508 28.13 -9.42 -9.55
CA ARG C 508 27.93 -8.84 -10.87
C ARG C 508 29.13 -9.11 -11.76
N GLY C 509 30.34 -9.01 -11.19
CA GLY C 509 31.56 -9.40 -11.87
C GLY C 509 31.85 -10.88 -11.84
N LEU C 510 31.01 -11.68 -11.19
CA LEU C 510 31.23 -13.11 -11.15
C LEU C 510 31.08 -13.76 -12.51
N LEU C 511 30.46 -13.07 -13.48
CA LEU C 511 30.46 -13.56 -14.84
C LEU C 511 31.88 -13.62 -15.39
N ASN C 512 32.68 -12.61 -15.11
CA ASN C 512 34.09 -12.64 -15.48
C ASN C 512 34.86 -13.61 -14.60
N SER C 513 35.82 -14.30 -15.20
CA SER C 513 36.59 -15.30 -14.47
C SER C 513 37.42 -14.68 -13.35
N VAL C 514 38.02 -13.52 -13.62
CA VAL C 514 38.92 -12.91 -12.63
C VAL C 514 38.16 -12.53 -11.37
N THR C 515 37.00 -11.92 -11.53
CA THR C 515 36.20 -11.50 -10.38
C THR C 515 35.23 -12.59 -9.95
N PRO C 517 35.26 -16.29 -9.02
CA PRO C 517 36.09 -17.11 -8.12
C PRO C 517 36.17 -16.52 -6.72
N VAL C 518 36.93 -15.44 -6.56
CA VAL C 518 37.03 -14.78 -5.26
C VAL C 518 35.68 -14.22 -4.84
N CYS C 519 34.96 -13.60 -5.77
CA CYS C 519 33.64 -13.08 -5.45
C CYS C 519 32.67 -14.19 -5.10
N TYR C 520 32.72 -15.31 -5.82
CA TYR C 520 31.85 -16.43 -5.50
C TYR C 520 32.16 -16.99 -4.11
N GLN C 521 33.44 -17.13 -3.77
CA GLN C 521 33.81 -17.53 -2.43
C GLN C 521 33.48 -16.45 -1.41
N ILE C 522 33.40 -15.19 -1.86
CA ILE C 522 32.95 -14.13 -0.97
C ILE C 522 31.47 -14.31 -0.68
N LEU C 523 31.04 -13.77 0.47
CA LEU C 523 29.65 -13.85 0.95
C LEU C 523 29.28 -15.28 1.34
N THR C 524 30.17 -16.24 1.10
CA THR C 524 29.98 -17.57 1.67
C THR C 524 30.07 -17.52 3.19
N TYR C 525 31.02 -16.74 3.71
CA TYR C 525 31.04 -16.45 5.14
C TYR C 525 29.79 -15.69 5.56
N PHE C 526 29.22 -14.90 4.63
CA PHE C 526 27.92 -14.27 4.90
C PHE C 526 26.79 -15.28 4.76
N ASN C 527 26.96 -16.30 3.91
CA ASN C 527 25.96 -17.35 3.81
C ASN C 527 25.92 -18.20 5.07
N MET C 528 27.09 -18.64 5.53
CA MET C 528 27.19 -19.40 6.78
C MET C 528 27.52 -18.46 7.94
N TYR C 529 26.64 -17.47 8.13
CA TYR C 529 26.81 -16.41 9.10
C TYR C 529 25.78 -16.55 10.22
N ARG C 530 25.74 -15.55 11.09
CA ARG C 530 24.87 -15.53 12.26
C ARG C 530 23.43 -15.24 11.86
N PRO C 531 22.51 -15.14 12.83
CA PRO C 531 21.09 -14.97 12.51
C PRO C 531 20.76 -13.63 11.87
N LEU C 532 19.47 -13.38 11.65
CA LEU C 532 18.98 -12.20 10.94
C LEU C 532 19.50 -12.19 9.51
N CYS C 533 19.34 -13.33 8.83
CA CYS C 533 19.81 -13.48 7.46
C CYS C 533 18.85 -12.79 6.51
N PHE C 534 19.35 -11.79 5.79
CA PHE C 534 18.55 -11.05 4.82
C PHE C 534 18.60 -11.79 3.48
N ALA C 535 17.46 -12.30 3.04
CA ALA C 535 17.37 -13.04 1.80
C ALA C 535 16.96 -12.19 0.61
N SER C 536 16.71 -10.89 0.81
CA SER C 536 16.38 -10.03 -0.31
C SER C 536 17.54 -9.93 -1.30
N ILE C 537 18.76 -9.80 -0.78
CA ILE C 537 19.95 -9.83 -1.64
C ILE C 537 20.07 -11.18 -2.32
N PHE C 538 19.73 -12.25 -1.60
CA PHE C 538 19.66 -13.57 -2.24
C PHE C 538 18.62 -13.60 -3.35
N PRO C 539 17.41 -13.07 -3.17
CA PRO C 539 16.47 -13.01 -4.31
C PRO C 539 16.99 -12.19 -5.47
N PHE C 540 17.70 -11.09 -5.19
CA PHE C 540 18.26 -10.29 -6.27
C PHE C 540 19.34 -11.08 -7.02
N ILE C 541 20.17 -11.82 -6.30
CA ILE C 541 21.18 -12.66 -6.94
C ILE C 541 20.52 -13.73 -7.78
N LYS C 542 19.47 -14.36 -7.26
CA LYS C 542 18.76 -15.39 -8.00
C LYS C 542 18.12 -14.83 -9.27
N GLN C 543 17.53 -13.63 -9.18
CA GLN C 543 16.97 -12.98 -10.35
C GLN C 543 18.07 -12.67 -11.37
N GLN C 544 19.21 -12.17 -10.90
CA GLN C 544 20.36 -12.01 -11.79
C GLN C 544 20.81 -13.35 -12.32
N PHE C 545 20.83 -14.37 -11.46
CA PHE C 545 21.14 -15.72 -11.91
C PHE C 545 20.00 -16.26 -12.78
N ILE C 546 20.25 -17.44 -13.36
CA ILE C 546 19.30 -18.12 -14.23
C ILE C 546 18.95 -17.24 -15.43
N LEU C 547 19.81 -16.27 -15.73
CA LEU C 547 19.65 -15.41 -16.88
C LEU C 547 20.62 -15.76 -18.01
N PHE C 548 21.31 -16.89 -17.89
CA PHE C 548 22.31 -17.40 -18.83
C PHE C 548 23.55 -16.52 -18.90
N ASN C 549 23.61 -15.40 -18.17
CA ASN C 549 24.80 -14.55 -18.13
C ASN C 549 25.42 -14.52 -16.74
N ASP C 550 24.65 -14.16 -15.71
CA ASP C 550 25.19 -14.18 -14.35
C ASP C 550 25.36 -15.61 -13.86
N TYR C 551 24.45 -16.50 -14.22
CA TYR C 551 24.56 -17.91 -13.86
C TYR C 551 25.66 -18.54 -14.70
N SER C 552 26.88 -18.58 -14.15
CA SER C 552 28.03 -19.05 -14.90
C SER C 552 28.79 -20.09 -14.09
N PRO C 553 29.53 -20.98 -14.76
CA PRO C 553 30.34 -21.96 -14.03
C PRO C 553 31.56 -21.36 -13.35
N MET C 554 31.86 -20.07 -13.58
CA MET C 554 33.01 -19.44 -12.94
C MET C 554 32.89 -19.42 -11.43
N LEU C 555 31.68 -19.60 -10.89
CA LEU C 555 31.50 -19.62 -9.45
C LEU C 555 32.25 -20.79 -8.83
N SER C 556 32.92 -20.52 -7.71
CA SER C 556 33.71 -21.55 -7.05
C SER C 556 32.83 -22.67 -6.54
N TYR C 557 33.38 -23.87 -6.47
CA TYR C 557 32.64 -25.03 -6.00
C TYR C 557 32.25 -24.86 -4.53
N GLU C 558 31.22 -25.60 -4.14
CA GLU C 558 30.70 -25.64 -2.78
C GLU C 558 29.99 -24.34 -2.40
N ALA C 559 30.07 -23.33 -3.26
CA ALA C 559 29.25 -22.14 -3.05
C ALA C 559 27.77 -22.47 -3.17
N ILE C 560 27.42 -23.27 -4.17
CA ILE C 560 26.04 -23.74 -4.29
C ILE C 560 25.66 -24.64 -3.12
N ASP C 561 26.62 -25.44 -2.63
CA ASP C 561 26.36 -26.26 -1.47
C ASP C 561 26.09 -25.40 -0.24
N TYR C 562 26.87 -24.34 -0.05
CA TYR C 562 26.63 -23.43 1.06
C TYR C 562 25.28 -22.75 0.91
N TRP C 563 24.92 -22.35 -0.30
CA TRP C 563 23.62 -21.73 -0.53
C TRP C 563 22.49 -22.69 -0.20
N LYS C 564 22.61 -23.94 -0.62
CA LYS C 564 21.57 -24.93 -0.33
C LYS C 564 21.46 -25.18 1.17
N SER C 565 22.60 -25.25 1.86
CA SER C 565 22.57 -25.43 3.30
C SER C 565 21.90 -24.25 3.99
N LEU C 566 22.19 -23.03 3.52
CA LEU C 566 21.55 -21.85 4.09
C LEU C 566 20.04 -21.86 3.83
N TYR C 567 19.64 -22.27 2.64
CA TYR C 567 18.23 -22.25 2.26
C TYR C 567 17.42 -23.37 2.90
N ILE C 568 18.05 -24.50 3.26
CA ILE C 568 17.33 -25.65 3.75
C ILE C 568 17.51 -25.90 5.23
N LEU C 569 18.57 -25.38 5.86
CA LEU C 569 18.81 -25.59 7.28
C LEU C 569 18.40 -24.38 8.11
N LEU C 570 19.00 -23.22 7.86
CA LEU C 570 18.67 -22.02 8.61
C LEU C 570 17.36 -21.42 8.14
N ASN C 571 17.30 -21.04 6.86
CA ASN C 571 16.04 -20.59 6.29
C ASN C 571 15.03 -21.74 6.23
N GLU C 572 15.48 -22.91 5.78
CA GLU C 572 14.63 -24.09 5.65
C GLU C 572 13.40 -23.82 4.80
N ASN C 573 13.56 -22.95 3.80
CA ASN C 573 12.48 -22.58 2.90
C ASN C 573 12.70 -23.26 1.56
N LEU C 574 11.71 -24.04 1.13
CA LEU C 574 11.76 -24.68 -0.18
C LEU C 574 10.72 -24.13 -1.14
N PHE C 575 9.79 -23.30 -0.68
CA PHE C 575 8.86 -22.63 -1.58
C PHE C 575 9.60 -21.55 -2.35
N VAL C 576 10.08 -21.90 -3.54
CA VAL C 576 10.93 -21.06 -4.37
C VAL C 576 12.21 -20.71 -3.59
N GLY C 577 12.56 -21.56 -2.62
CA GLY C 577 13.78 -21.37 -1.85
C GLY C 577 14.70 -22.57 -1.87
N GLN C 578 14.14 -23.76 -2.10
CA GLN C 578 14.91 -24.99 -2.14
C GLN C 578 14.15 -26.00 -2.97
N SER C 579 14.87 -26.71 -3.84
CA SER C 579 14.34 -27.70 -4.78
C SER C 579 13.46 -27.07 -5.85
N SER C 580 13.23 -25.76 -5.79
CA SER C 580 12.52 -25.03 -6.84
C SER C 580 13.38 -23.95 -7.48
N PHE C 581 13.94 -23.05 -6.68
CA PHE C 581 14.87 -22.06 -7.19
C PHE C 581 16.29 -22.59 -7.24
N LYS C 582 16.73 -23.27 -6.18
CA LYS C 582 18.05 -23.90 -6.21
C LYS C 582 18.13 -24.97 -7.28
N SER C 583 17.07 -25.77 -7.42
CA SER C 583 17.06 -26.78 -8.47
C SER C 583 17.11 -26.15 -9.86
N VAL C 584 16.38 -25.03 -10.04
CA VAL C 584 16.40 -24.34 -11.33
C VAL C 584 17.80 -23.82 -11.63
N PHE C 585 18.45 -23.22 -10.63
CA PHE C 585 19.80 -22.71 -10.83
C PHE C 585 20.78 -23.84 -11.14
N LEU C 586 20.64 -24.98 -10.45
CA LEU C 586 21.52 -26.11 -10.70
C LEU C 586 21.30 -26.67 -12.11
N LYS C 587 20.05 -26.76 -12.54
CA LYS C 587 19.78 -27.22 -13.90
C LYS C 587 20.34 -26.25 -14.94
N TRP C 588 20.21 -24.95 -14.69
CA TRP C 588 20.79 -23.97 -15.60
C TRP C 588 22.31 -24.10 -15.66
N LEU C 589 22.95 -24.31 -14.52
CA LEU C 589 24.40 -24.52 -14.51
C LEU C 589 24.77 -25.79 -15.27
N LYS C 590 24.00 -26.86 -15.11
CA LYS C 590 24.27 -28.10 -15.81
C LYS C 590 23.97 -28.00 -17.29
N TRP C 591 23.15 -27.04 -17.71
CA TRP C 591 22.87 -26.82 -19.13
C TRP C 591 23.67 -25.65 -19.69
N HIS C 592 23.49 -24.46 -19.13
CA HIS C 592 24.24 -23.29 -19.56
C HIS C 592 25.56 -23.22 -18.82
N LEU C 593 26.59 -22.76 -19.53
CA LEU C 593 27.96 -22.75 -19.00
C LEU C 593 28.38 -24.14 -18.53
N TYR C 594 28.00 -25.15 -19.30
CA TYR C 594 28.30 -26.54 -18.99
C TYR C 594 29.46 -27.03 -19.84
N HIS C 595 30.39 -27.73 -19.20
CA HIS C 595 31.59 -28.28 -19.83
C HIS C 595 32.49 -27.21 -20.41
N LEU C 596 32.25 -25.94 -20.12
CA LEU C 596 33.08 -24.83 -20.57
C LEU C 596 33.40 -23.97 -19.35
N PHE C 597 34.47 -24.34 -18.65
CA PHE C 597 34.88 -23.60 -17.46
C PHE C 597 35.52 -22.28 -17.84
N SER C 598 35.35 -21.29 -16.96
CA SER C 598 35.99 -19.99 -17.17
C SER C 598 37.49 -20.11 -17.17
N LYS C 599 38.05 -20.89 -16.23
CA LYS C 599 39.48 -21.15 -16.14
C LYS C 599 39.67 -22.66 -16.14
N GLU C 600 40.49 -23.15 -17.08
CA GLU C 600 40.71 -24.59 -17.19
C GLU C 600 41.59 -25.12 -16.07
N GLY C 601 42.48 -24.29 -15.53
CA GLY C 601 43.37 -24.74 -14.50
C GLY C 601 42.68 -24.97 -13.17
N GLU C 602 43.29 -25.83 -12.36
CA GLU C 602 42.83 -26.20 -11.02
C GLU C 602 41.47 -26.88 -11.03
N LEU C 603 40.97 -27.30 -12.20
CA LEU C 603 39.68 -27.94 -12.35
C LEU C 603 38.56 -27.10 -11.72
N PRO C 604 38.51 -25.80 -12.00
CA PRO C 604 37.48 -24.95 -11.38
C PRO C 604 36.08 -25.27 -11.87
N PHE C 605 35.25 -25.82 -10.99
CA PHE C 605 33.91 -26.26 -11.33
C PHE C 605 33.92 -27.22 -12.51
N PHE C 606 34.92 -28.11 -12.53
CA PHE C 606 35.08 -29.07 -13.59
C PHE C 606 34.43 -30.40 -13.22
N SER C 607 34.19 -31.22 -14.24
CA SER C 607 33.58 -32.53 -14.04
C SER C 607 34.58 -33.57 -13.56
N PHE C 608 35.87 -33.24 -13.51
CA PHE C 608 36.87 -34.19 -13.03
C PHE C 608 36.81 -34.37 -11.51
N THR C 609 36.35 -33.34 -10.80
CA THR C 609 36.30 -33.39 -9.34
C THR C 609 35.12 -34.22 -8.88
N ASP C 610 35.36 -35.14 -7.95
CA ASP C 610 34.28 -35.89 -7.33
C ASP C 610 33.47 -35.04 -6.36
N SER C 611 33.99 -33.88 -5.98
CA SER C 611 33.25 -32.97 -5.11
C SER C 611 31.97 -32.49 -5.78
N SER C 612 31.99 -32.34 -7.11
CA SER C 612 30.76 -32.01 -7.83
C SER C 612 29.72 -33.11 -7.66
N ILE C 613 30.14 -34.37 -7.76
CA ILE C 613 29.21 -35.48 -7.57
C ILE C 613 28.71 -35.51 -6.14
N ILE C 614 29.57 -35.23 -5.17
CA ILE C 614 29.16 -35.20 -3.77
C ILE C 614 28.11 -34.12 -3.55
N ILE C 615 28.34 -32.93 -4.11
CA ILE C 615 27.38 -31.83 -3.97
C ILE C 615 26.07 -32.17 -4.66
N PHE C 616 26.14 -32.84 -5.82
CA PHE C 616 24.92 -33.24 -6.52
C PHE C 616 24.13 -34.24 -5.70
N ASP C 617 24.80 -35.22 -5.09
CA ASP C 617 24.11 -36.18 -4.24
C ASP C 617 23.50 -35.51 -3.02
N LEU C 618 24.23 -34.56 -2.41
CA LEU C 618 23.71 -33.85 -1.26
C LEU C 618 22.48 -33.03 -1.62
N LEU C 619 22.51 -32.35 -2.77
CA LEU C 619 21.36 -31.59 -3.20
C LEU C 619 20.18 -32.50 -3.52
N MET C 620 20.44 -33.65 -4.14
CA MET C 620 19.37 -34.58 -4.46
C MET C 620 18.71 -35.13 -3.20
N MET C 621 19.52 -35.45 -2.18
CA MET C 621 18.98 -35.98 -0.94
C MET C 621 18.42 -34.90 -0.02
N ILE C 622 18.64 -33.62 -0.32
CA ILE C 622 18.15 -32.54 0.54
C ILE C 622 16.80 -32.01 0.11
N PHE C 623 16.17 -32.62 -0.89
CA PHE C 623 14.88 -32.14 -1.40
C PHE C 623 13.77 -32.78 -0.57
N TYR C 624 13.55 -32.22 0.62
CA TYR C 624 12.47 -32.64 1.52
C TYR C 624 12.57 -34.13 1.85
N ARG C 625 13.67 -34.48 2.53
CA ARG C 625 13.89 -35.84 2.96
C ARG C 625 14.35 -35.85 4.42
N PRO C 626 13.94 -36.85 5.20
CA PRO C 626 14.51 -37.00 6.54
C PRO C 626 16.00 -37.22 6.46
N LEU C 627 16.73 -36.60 7.38
CA LEU C 627 18.19 -36.50 7.30
C LEU C 627 18.59 -35.99 5.92
N SER C 628 18.13 -34.78 5.60
CA SER C 628 18.23 -34.25 4.25
C SER C 628 19.68 -34.18 3.78
N LEU C 629 20.61 -33.90 4.71
CA LEU C 629 22.02 -33.90 4.34
C LEU C 629 22.44 -35.28 3.85
N SER C 630 22.18 -36.32 4.65
CA SER C 630 22.46 -37.72 4.30
C SER C 630 23.89 -37.92 3.84
N TYR C 631 24.80 -37.05 4.24
CA TYR C 631 26.19 -37.07 3.79
C TYR C 631 27.10 -37.28 5.00
N ILE C 632 28.00 -38.26 4.89
CA ILE C 632 28.96 -38.54 5.95
C ILE C 632 30.06 -39.40 5.34
N THR C 633 31.27 -39.27 5.90
CA THR C 633 32.43 -40.05 5.49
C THR C 633 32.70 -39.90 3.98
N THR C 634 33.04 -38.67 3.61
CA THR C 634 33.31 -38.36 2.21
C THR C 634 34.52 -39.11 1.69
N GLU C 635 35.39 -39.61 2.57
CA GLU C 635 36.59 -40.37 2.19
C GLU C 635 37.50 -39.54 1.28
N ILE C 636 37.99 -38.43 1.84
CA ILE C 636 38.89 -37.56 1.08
C ILE C 636 40.23 -38.25 0.85
N ARG C 637 40.70 -39.02 1.82
CA ARG C 637 42.02 -39.65 1.77
C ARG C 637 43.12 -38.60 1.59
N SER C 638 43.01 -37.50 2.35
CA SER C 638 43.92 -36.37 2.34
C SER C 638 44.08 -35.80 0.93
N PRO C 639 43.01 -35.70 0.15
CA PRO C 639 43.06 -34.96 -1.11
C PRO C 639 42.58 -33.52 -1.00
N PHE C 640 41.98 -33.15 0.13
CA PHE C 640 41.43 -31.81 0.29
C PHE C 640 42.51 -30.76 0.52
N GLU C 641 43.63 -31.15 1.13
CA GLU C 641 44.73 -30.23 1.46
C GLU C 641 44.23 -29.08 2.33
N ARG C 642 43.78 -29.43 3.53
CA ARG C 642 43.26 -28.44 4.47
C ARG C 642 44.33 -27.40 4.82
N ASN C 643 45.55 -27.87 5.11
CA ASN C 643 46.65 -26.95 5.34
C ASN C 643 47.01 -26.22 4.05
N LEU C 644 47.29 -24.92 4.18
CA LEU C 644 47.51 -24.07 3.02
C LEU C 644 48.93 -24.26 2.49
N PHE C 645 49.34 -23.36 1.60
CA PHE C 645 50.68 -23.43 1.04
C PHE C 645 51.72 -23.22 2.15
N HIS C 646 52.93 -23.75 1.91
CA HIS C 646 53.98 -23.79 2.92
C HIS C 646 53.50 -24.49 4.18
N LEU C 647 52.75 -25.58 3.99
CA LEU C 647 52.27 -26.35 5.14
C LEU C 647 53.42 -26.91 5.96
N LYS C 648 54.53 -27.25 5.30
CA LYS C 648 55.73 -27.63 6.05
C LYS C 648 56.25 -26.47 6.88
N GLU C 649 56.20 -25.26 6.33
CA GLU C 649 56.57 -24.08 7.11
C GLU C 649 55.59 -23.85 8.27
N ALA C 650 54.31 -24.13 8.04
CA ALA C 650 53.33 -24.03 9.11
C ALA C 650 53.63 -25.01 10.24
N TRP C 651 53.99 -26.25 9.88
CA TRP C 651 54.36 -27.24 10.88
C TRP C 651 55.63 -26.83 11.62
N PRO C 653 56.72 -23.64 12.16
CA PRO C 653 56.28 -22.67 13.18
C PRO C 653 55.49 -23.34 14.29
N VAL C 654 54.67 -24.34 13.95
CA VAL C 654 53.96 -25.10 14.97
C VAL C 654 54.90 -26.00 15.75
N THR C 655 56.10 -26.26 15.23
CA THR C 655 57.09 -27.00 15.99
C THR C 655 57.45 -26.28 17.28
N LEU C 656 57.67 -24.97 17.19
CA LEU C 656 57.87 -24.13 18.37
C LEU C 656 56.55 -23.51 18.82
N ARG C 657 55.53 -24.34 18.99
CA ARG C 657 54.23 -23.84 19.44
C ARG C 657 54.29 -23.37 20.89
N PHE C 658 54.91 -24.17 21.76
CA PHE C 658 55.01 -23.81 23.15
C PHE C 658 56.12 -22.79 23.35
N PRO C 659 55.82 -21.61 23.88
CA PRO C 659 56.88 -20.63 24.16
C PRO C 659 57.59 -20.95 25.47
N TYR C 660 58.78 -20.36 25.62
CA TYR C 660 59.59 -20.59 26.81
C TYR C 660 58.94 -19.94 28.03
N THR C 661 58.51 -20.76 28.98
CA THR C 661 57.92 -20.29 30.23
C THR C 661 56.75 -19.35 29.97
N THR C 662 55.82 -19.80 29.13
CA THR C 662 54.65 -19.00 28.77
C THR C 662 53.43 -19.89 28.66
N ASP C 663 52.27 -19.26 28.69
CA ASP C 663 50.98 -19.95 28.60
C ASP C 663 50.80 -20.95 29.74
N SER C 678 10.63 -40.35 1.72
CA SER C 678 11.51 -39.30 2.19
C SER C 678 12.36 -38.73 1.05
N ASN C 679 13.26 -39.56 0.53
CA ASN C 679 14.12 -39.13 -0.56
C ASN C 679 13.30 -38.81 -1.80
N HIS C 680 13.70 -37.76 -2.51
CA HIS C 680 12.97 -37.30 -3.69
C HIS C 680 13.50 -38.05 -4.91
N THR C 681 12.71 -38.98 -5.42
CA THR C 681 13.10 -39.71 -6.63
C THR C 681 12.94 -38.84 -7.87
N ILE C 682 12.02 -37.88 -7.85
CA ILE C 682 11.82 -37.01 -9.00
C ILE C 682 13.06 -36.13 -9.21
N ASP C 683 13.63 -35.60 -8.13
CA ASP C 683 14.84 -34.80 -8.26
C ASP C 683 15.99 -35.63 -8.80
N CYS C 684 16.13 -36.88 -8.33
CA CYS C 684 17.17 -37.75 -8.85
C CYS C 684 16.95 -38.05 -10.34
N ASP C 685 15.70 -38.25 -10.74
CA ASP C 685 15.40 -38.48 -12.15
C ASP C 685 15.76 -37.26 -12.99
N SER C 686 15.43 -36.06 -12.50
CA SER C 686 15.80 -34.84 -13.22
C SER C 686 17.31 -34.68 -13.31
N LEU C 687 18.02 -35.02 -12.23
CA LEU C 687 19.48 -34.98 -12.27
C LEU C 687 20.04 -35.96 -13.29
N GLN C 688 19.45 -37.17 -13.34
CA GLN C 688 19.87 -38.15 -14.34
C GLN C 688 19.60 -37.66 -15.75
N ASN C 689 18.46 -36.99 -15.96
CA ASN C 689 18.17 -36.42 -17.27
C ASN C 689 19.19 -35.34 -17.64
N VAL C 690 19.54 -34.50 -16.68
CA VAL C 690 20.56 -33.47 -16.93
C VAL C 690 21.90 -34.11 -17.27
N ILE C 691 22.25 -35.18 -16.55
CA ILE C 691 23.50 -35.88 -16.81
C ILE C 691 23.49 -36.49 -18.21
N LYS C 692 22.36 -37.06 -18.61
CA LYS C 692 22.25 -37.63 -19.96
C LYS C 692 22.37 -36.54 -21.02
N MET C 693 21.76 -35.38 -20.78
CA MET C 693 21.87 -34.27 -21.72
C MET C 693 23.31 -33.79 -21.82
N LEU C 694 24.02 -33.71 -20.69
CA LEU C 694 25.42 -33.34 -20.71
C LEU C 694 26.27 -34.40 -21.42
N GLU C 695 25.90 -35.67 -21.30
CA GLU C 695 26.60 -36.72 -22.02
C GLU C 695 26.36 -36.62 -23.52
N SER C 696 25.17 -36.20 -23.93
CA SER C 696 24.90 -36.04 -25.36
C SER C 696 25.82 -35.01 -25.99
N SER C 697 26.03 -33.88 -25.31
CA SER C 697 26.99 -32.87 -25.76
C SER C 697 28.32 -33.18 -25.09
N ILE C 698 29.18 -33.92 -25.80
CA ILE C 698 30.41 -34.43 -25.20
C ILE C 698 31.26 -33.28 -24.67
N ASP C 699 31.77 -33.47 -23.46
CA ASP C 699 32.60 -32.46 -22.80
C ASP C 699 34.04 -32.52 -23.32
N ILE C 701 38.02 -34.31 -21.96
CA ILE C 701 37.90 -35.76 -21.81
C ILE C 701 38.32 -36.18 -20.41
N SER C 702 39.27 -35.44 -19.84
CA SER C 702 39.72 -35.75 -18.48
C SER C 702 38.59 -35.58 -17.49
N SER C 703 37.83 -34.49 -17.59
CA SER C 703 36.66 -34.30 -16.75
C SER C 703 35.50 -35.19 -17.17
N ALA C 704 35.42 -35.50 -18.47
CA ALA C 704 34.33 -36.34 -18.97
C ALA C 704 34.40 -37.74 -18.38
N SER C 705 35.61 -38.27 -18.19
CA SER C 705 35.76 -39.59 -17.61
C SER C 705 35.17 -39.64 -16.20
N TYR C 706 35.54 -38.67 -15.37
CA TYR C 706 35.01 -38.63 -14.01
C TYR C 706 33.50 -38.38 -14.00
N ASP C 707 33.01 -37.54 -14.92
CA ASP C 707 31.57 -37.28 -14.98
C ASP C 707 30.80 -38.55 -15.33
N LYS C 708 31.27 -39.29 -16.34
CA LYS C 708 30.62 -40.52 -16.73
C LYS C 708 30.70 -41.57 -15.62
N ASP C 709 31.86 -41.66 -14.94
CA ASP C 709 31.98 -42.59 -13.83
C ASP C 709 31.01 -42.25 -12.71
N GLU C 710 30.88 -40.96 -12.38
CA GLU C 710 29.96 -40.54 -11.34
C GLU C 710 28.51 -40.84 -11.73
N LEU C 711 28.16 -40.60 -13.00
CA LEU C 711 26.81 -40.90 -13.45
C LEU C 711 26.52 -42.40 -13.37
N ASP C 712 27.48 -43.23 -13.79
CA ASP C 712 27.29 -44.67 -13.72
C ASP C 712 27.16 -45.15 -12.28
N LYS C 713 27.97 -44.59 -11.37
CA LYS C 713 27.87 -44.95 -9.96
C LYS C 713 26.53 -44.53 -9.37
N GLU C 714 26.05 -43.33 -9.72
CA GLU C 714 24.78 -42.85 -9.20
C GLU C 714 23.61 -43.65 -9.77
N THR C 715 23.74 -44.15 -10.98
CA THR C 715 22.67 -44.97 -11.56
C THR C 715 22.36 -46.20 -10.70
N PRO C 716 23.35 -46.94 -10.18
CA PRO C 716 23.08 -48.10 -9.32
C PRO C 716 22.71 -47.68 -7.90
N PHE C 758 27.68 -46.32 -20.97
CA PHE C 758 27.65 -45.71 -22.30
C PHE C 758 28.71 -44.62 -22.41
N PRO C 759 28.46 -43.50 -21.72
CA PRO C 759 29.47 -42.42 -21.71
C PRO C 759 30.79 -42.85 -21.12
N GLU C 760 30.79 -43.79 -20.17
CA GLU C 760 32.03 -44.27 -19.59
C GLU C 760 32.90 -44.96 -20.63
N VAL C 761 32.28 -45.67 -21.59
CA VAL C 761 33.06 -46.36 -22.62
C VAL C 761 33.81 -45.35 -23.50
N LEU C 762 33.11 -44.31 -23.96
CA LEU C 762 33.76 -43.28 -24.77
C LEU C 762 34.80 -42.52 -23.96
N SER C 763 34.51 -42.26 -22.69
CA SER C 763 35.47 -41.58 -21.83
C SER C 763 36.74 -42.40 -21.68
N PHE C 764 36.60 -43.73 -21.48
CA PHE C 764 37.76 -44.60 -21.40
C PHE C 764 38.50 -44.69 -22.73
N VAL C 765 37.77 -44.65 -23.84
CA VAL C 765 38.41 -44.64 -25.16
C VAL C 765 39.27 -43.40 -25.31
N LYS C 766 38.76 -42.23 -24.90
CA LYS C 766 39.56 -41.01 -24.93
C LYS C 766 40.74 -41.10 -23.97
N SER C 767 40.52 -41.67 -22.79
CA SER C 767 41.61 -41.81 -21.82
C SER C 767 42.70 -42.73 -22.35
N ASN C 768 42.35 -43.69 -23.19
CA ASN C 768 43.35 -44.60 -23.75
C ASN C 768 44.45 -43.85 -24.48
N HIS C 769 44.14 -42.68 -25.04
CA HIS C 769 45.14 -41.83 -25.66
C HIS C 769 45.57 -40.66 -24.78
N SER C 770 44.73 -40.22 -23.86
CA SER C 770 45.05 -39.11 -22.98
C SER C 770 45.85 -39.52 -21.75
N TYR C 771 46.11 -40.81 -21.56
CA TYR C 771 46.79 -41.28 -20.35
C TYR C 771 48.30 -41.00 -20.36
N ASP C 772 48.82 -40.35 -21.39
CA ASP C 772 50.26 -40.07 -21.43
C ASP C 772 50.72 -39.22 -20.25
N PRO C 773 50.03 -38.15 -19.87
CA PRO C 773 50.49 -37.35 -18.73
C PRO C 773 50.18 -38.00 -17.40
N ILE C 774 50.90 -37.54 -16.37
CA ILE C 774 50.67 -38.03 -15.01
C ILE C 774 49.36 -37.50 -14.43
N ILE C 775 48.80 -36.44 -15.02
CA ILE C 775 47.52 -35.93 -14.55
C ILE C 775 46.43 -36.97 -14.73
N ASN C 776 46.50 -37.76 -15.81
CA ASN C 776 45.54 -38.84 -16.00
C ASN C 776 45.65 -39.88 -14.89
N CYS C 777 46.87 -40.24 -14.49
CA CYS C 777 47.05 -41.17 -13.38
C CYS C 777 46.52 -40.59 -12.09
N ILE C 778 46.75 -39.29 -11.86
CA ILE C 778 46.24 -38.64 -10.65
C ILE C 778 44.71 -38.67 -10.64
N SER C 779 44.09 -38.38 -11.78
CA SER C 779 42.63 -38.42 -11.87
C SER C 779 42.10 -39.82 -11.66
N THR C 780 42.78 -40.83 -12.20
CA THR C 780 42.36 -42.21 -11.99
C THR C 780 42.45 -42.60 -10.52
N ASN C 781 43.54 -42.20 -9.85
CA ASN C 781 43.66 -42.47 -8.43
C ASN C 781 42.57 -41.76 -7.63
N LEU C 782 42.26 -40.51 -8.01
CA LEU C 782 41.20 -39.79 -7.33
C LEU C 782 39.85 -40.47 -7.50
N GLN C 783 39.58 -40.97 -8.72
CA GLN C 783 38.33 -41.69 -8.96
C GLN C 783 38.28 -42.98 -8.15
N PHE C 784 39.40 -43.70 -8.08
CA PHE C 784 39.45 -44.92 -7.28
C PHE C 784 39.21 -44.64 -5.81
N THR C 785 39.79 -43.55 -5.30
CA THR C 785 39.56 -43.15 -3.91
C THR C 785 38.09 -42.77 -3.69
N ILE C 786 37.50 -42.08 -4.66
CA ILE C 786 36.09 -41.69 -4.55
C ILE C 786 35.20 -42.93 -4.51
N SER C 787 35.54 -43.95 -5.29
CA SER C 787 34.76 -45.18 -5.29
C SER C 787 34.78 -45.86 -3.93
N ASP C 788 35.81 -45.60 -3.13
CA ASP C 788 35.90 -46.17 -1.80
C ASP C 788 35.43 -45.18 -0.74
N LYS C 791 32.21 -46.31 -1.27
CA LYS C 791 31.94 -47.50 -0.46
C LYS C 791 32.00 -47.17 1.02
N HIS C 792 32.32 -45.91 1.33
CA HIS C 792 32.42 -45.45 2.71
C HIS C 792 31.40 -44.38 3.07
N LEU C 793 30.78 -43.73 2.08
CA LEU C 793 29.83 -42.67 2.38
C LEU C 793 28.59 -43.23 3.06
N ARG C 794 28.18 -42.59 4.15
CA ARG C 794 27.02 -43.03 4.92
C ARG C 794 25.74 -42.37 4.41
N ASP C 800 22.55 -46.36 7.48
CA ASP C 800 22.90 -47.76 7.35
C ASP C 800 23.94 -47.96 6.24
N LEU C 801 24.49 -46.85 5.75
CA LEU C 801 25.49 -46.88 4.69
C LEU C 801 26.91 -46.73 5.22
N ILE C 802 27.10 -46.90 6.53
CA ILE C 802 28.44 -46.96 7.10
C ILE C 802 29.01 -48.36 7.05
N ARG C 803 28.20 -49.35 7.46
CA ARG C 803 28.54 -50.76 7.36
C ARG C 803 27.47 -51.44 6.51
N SER C 804 27.90 -52.37 5.65
CA SER C 804 27.03 -52.98 4.65
C SER C 804 26.36 -51.90 3.81
N THR C 805 27.16 -50.96 3.35
CA THR C 805 26.65 -49.76 2.69
C THR C 805 25.93 -50.11 1.38
N HIS C 806 24.76 -49.50 1.19
CA HIS C 806 24.10 -49.59 -0.11
C HIS C 806 24.84 -48.80 -1.17
N PHE C 807 25.43 -47.66 -0.80
CA PHE C 807 26.24 -46.91 -1.74
C PHE C 807 27.49 -47.68 -2.15
N ARG C 808 27.97 -48.59 -1.29
CA ARG C 808 29.10 -49.44 -1.67
C ARG C 808 28.73 -50.32 -2.86
N ASP C 809 27.55 -50.93 -2.83
CA ASP C 809 27.08 -51.70 -3.99
C ASP C 809 26.77 -50.78 -5.16
N SER C 810 26.26 -49.58 -4.87
CA SER C 810 25.97 -48.62 -5.93
C SER C 810 27.26 -48.17 -6.64
N ASN C 811 28.34 -48.00 -5.89
CA ASN C 811 29.62 -47.55 -6.43
C ASN C 811 30.71 -48.52 -5.98
N PRO C 812 30.69 -49.74 -6.50
CA PRO C 812 31.71 -50.73 -6.14
C PRO C 812 32.86 -50.75 -7.15
N LEU C 813 33.89 -51.52 -6.80
CA LEU C 813 35.01 -51.72 -7.73
C LEU C 813 34.54 -52.44 -8.99
N LYS C 814 33.64 -53.40 -8.85
CA LYS C 814 33.07 -54.10 -10.00
C LYS C 814 32.16 -53.17 -10.78
N THR C 815 31.64 -53.67 -11.90
CA THR C 815 30.82 -52.93 -12.85
C THR C 815 31.55 -51.73 -13.45
N LEU C 816 32.86 -51.63 -13.23
CA LEU C 816 33.70 -50.56 -13.78
C LEU C 816 34.53 -51.08 -14.93
N VAL C 817 33.93 -51.93 -15.77
CA VAL C 817 34.66 -52.60 -16.84
C VAL C 817 35.34 -51.59 -17.76
N LEU C 818 34.63 -50.49 -18.08
CA LEU C 818 35.25 -49.44 -18.88
C LEU C 818 36.40 -48.79 -18.12
N TYR C 819 36.18 -48.47 -16.84
CA TYR C 819 37.23 -47.87 -16.03
C TYR C 819 38.39 -48.83 -15.82
N ILE C 820 38.08 -50.11 -15.58
CA ILE C 820 39.13 -51.11 -15.40
C ILE C 820 39.96 -51.25 -16.68
N MET C 821 39.30 -51.28 -17.83
CA MET C 821 40.02 -51.38 -19.10
C MET C 821 40.88 -50.16 -19.34
N ASP C 822 40.36 -48.97 -19.03
CA ASP C 822 41.17 -47.75 -19.18
C ASP C 822 42.38 -47.78 -18.27
N MET C 823 42.20 -48.22 -17.01
CA MET C 823 43.33 -48.30 -16.10
C MET C 823 44.37 -49.31 -16.58
N ALA C 824 43.91 -50.46 -17.09
CA ALA C 824 44.84 -51.46 -17.61
C ALA C 824 45.60 -50.94 -18.81
N SER C 825 44.91 -50.23 -19.71
CA SER C 825 45.58 -49.66 -20.88
C SER C 825 46.61 -48.62 -20.47
N LYS C 826 46.27 -47.79 -19.48
CA LYS C 826 47.24 -46.81 -18.98
C LYS C 826 48.43 -47.49 -18.34
N ASN C 827 48.19 -48.55 -17.56
CA ASN C 827 49.27 -49.27 -16.90
C ASN C 827 50.14 -50.05 -17.87
N VAL C 828 49.71 -50.23 -19.12
CA VAL C 828 50.53 -50.92 -20.10
C VAL C 828 51.79 -50.11 -20.38
N PHE C 829 52.93 -50.80 -20.46
CA PHE C 829 54.20 -50.12 -20.69
C PHE C 829 54.22 -49.42 -22.05
N ILE C 830 53.68 -50.07 -23.07
CA ILE C 830 53.65 -49.48 -24.41
C ILE C 830 52.64 -48.35 -24.47
N ILE C 855 71.27 -42.68 1.06
CA ILE C 855 70.86 -43.60 2.11
C ILE C 855 69.48 -43.22 2.64
N ARG C 856 69.26 -41.91 2.79
CA ARG C 856 67.98 -41.43 3.29
C ARG C 856 66.88 -41.62 2.25
N ASN C 857 65.76 -42.22 2.66
CA ASN C 857 64.64 -42.40 1.76
C ASN C 857 63.85 -41.12 1.56
N HIS C 858 63.77 -40.26 2.58
CA HIS C 858 63.03 -39.01 2.52
C HIS C 858 63.99 -37.85 2.77
N GLN C 859 64.02 -36.88 1.86
CA GLN C 859 64.87 -35.72 2.04
C GLN C 859 64.41 -34.87 3.21
N ILE C 860 63.09 -34.71 3.38
CA ILE C 860 62.53 -33.91 4.46
C ILE C 860 61.43 -34.72 5.14
N LEU C 861 61.09 -34.30 6.36
CA LEU C 861 60.05 -34.98 7.12
C LEU C 861 58.70 -34.87 6.42
N GLY C 862 58.37 -33.69 5.92
CA GLY C 862 57.11 -33.51 5.23
C GLY C 862 57.12 -34.13 3.85
N LEU C 863 55.92 -34.27 3.29
CA LEU C 863 55.75 -34.86 1.96
C LEU C 863 55.92 -33.76 0.92
N MET C 864 57.06 -33.75 0.24
CA MET C 864 57.34 -32.76 -0.79
C MET C 864 56.65 -33.14 -2.10
N GLU C 865 56.56 -32.16 -2.99
CA GLU C 865 55.97 -32.39 -4.30
C GLU C 865 56.85 -33.32 -5.13
N GLY C 866 56.21 -34.26 -5.84
CA GLY C 866 56.88 -35.26 -6.63
C GLY C 866 56.63 -36.67 -6.18
N SER C 867 56.61 -36.91 -4.86
CA SER C 867 56.27 -38.22 -4.33
C SER C 867 54.80 -38.56 -4.54
N LEU C 868 53.97 -37.55 -4.83
CA LEU C 868 52.57 -37.81 -5.13
C LEU C 868 52.40 -38.71 -6.34
N GLU C 869 53.32 -38.63 -7.30
CA GLU C 869 53.24 -39.51 -8.47
C GLU C 869 53.46 -40.96 -8.06
N GLN C 870 54.45 -41.23 -7.21
CA GLN C 870 54.69 -42.59 -6.73
C GLN C 870 53.52 -43.08 -5.88
N ILE C 871 52.97 -42.20 -5.04
CA ILE C 871 51.81 -42.58 -4.23
C ILE C 871 50.63 -42.92 -5.12
N ARG C 872 50.43 -42.15 -6.19
CA ARG C 872 49.34 -42.41 -7.12
C ARG C 872 49.56 -43.72 -7.88
N ASN C 873 50.82 -44.02 -8.24
CA ASN C 873 51.09 -45.30 -8.89
C ASN C 873 50.79 -46.47 -7.97
N THR C 874 51.20 -46.37 -6.70
CA THR C 874 50.90 -47.43 -5.74
C THR C 874 49.39 -47.56 -5.53
N ASP C 875 48.70 -46.43 -5.43
CA ASP C 875 47.25 -46.46 -5.24
C ASP C 875 46.55 -47.03 -6.47
N LEU C 876 47.07 -46.78 -7.67
CA LEU C 876 46.49 -47.36 -8.88
C LEU C 876 46.71 -48.87 -8.91
N PHE C 877 47.88 -49.33 -8.48
CA PHE C 877 48.10 -50.77 -8.37
C PHE C 877 47.13 -51.39 -7.36
N ILE C 878 46.93 -50.72 -6.21
CA ILE C 878 46.00 -51.23 -5.21
C ILE C 878 44.57 -51.23 -5.75
N LEU C 879 44.22 -50.20 -6.53
CA LEU C 879 42.89 -50.12 -7.11
C LEU C 879 42.67 -51.23 -8.14
N GLN C 880 43.69 -51.53 -8.94
CA GLN C 880 43.60 -52.66 -9.86
C GLN C 880 43.42 -53.97 -9.12
N LYS C 881 44.15 -54.15 -8.01
CA LYS C 881 43.99 -55.35 -7.20
C LYS C 881 42.58 -55.44 -6.63
N TYR C 882 42.05 -54.32 -6.15
CA TYR C 882 40.70 -54.31 -5.59
C TYR C 882 39.65 -54.59 -6.66
N ILE C 883 39.83 -54.05 -7.86
CA ILE C 883 38.92 -54.32 -8.96
C ILE C 883 38.98 -55.79 -9.35
N ASP C 884 40.16 -56.40 -9.26
CA ASP C 884 40.27 -57.82 -9.54
C ASP C 884 39.44 -58.64 -8.55
N TYR C 885 39.45 -58.26 -7.28
CA TYR C 885 38.68 -58.98 -6.27
C TYR C 885 37.78 -58.02 -5.49
N HIS C 891 46.93 -59.97 2.32
CA HIS C 891 46.76 -61.18 1.53
C HIS C 891 47.90 -61.33 0.53
N ASP C 892 47.87 -62.44 -0.23
CA ASP C 892 48.89 -62.66 -1.25
C ASP C 892 48.83 -61.58 -2.33
N SER C 893 47.62 -61.21 -2.76
CA SER C 893 47.47 -60.12 -3.72
C SER C 893 47.93 -58.81 -3.10
N LEU C 894 47.62 -58.58 -1.82
CA LEU C 894 48.08 -57.37 -1.15
C LEU C 894 49.60 -57.32 -1.07
N ILE C 895 50.23 -58.46 -0.75
CA ILE C 895 51.69 -58.51 -0.70
C ILE C 895 52.29 -58.26 -2.08
N ASN C 896 51.67 -58.84 -3.12
CA ASN C 896 52.16 -58.61 -4.47
C ASN C 896 52.04 -57.14 -4.87
N ILE C 897 50.92 -56.50 -4.51
CA ILE C 897 50.74 -55.09 -4.81
C ILE C 897 51.76 -54.25 -4.07
N LEU C 898 52.03 -54.57 -2.80
CA LEU C 898 53.03 -53.83 -2.04
C LEU C 898 54.42 -54.00 -2.64
N HIS C 899 54.75 -55.21 -3.09
CA HIS C 899 56.08 -55.47 -3.63
C HIS C 899 56.26 -54.88 -5.02
N LEU C 900 55.20 -54.81 -5.83
CA LEU C 900 55.32 -54.29 -7.18
C LEU C 900 55.73 -52.82 -7.17
N TYR C 901 55.17 -52.03 -6.27
CA TYR C 901 55.50 -50.61 -6.18
C TYR C 901 56.88 -50.41 -5.55
N ILE C 903 61.09 -49.17 -4.48
CA ILE C 903 61.86 -48.74 -3.32
C ILE C 903 61.34 -47.39 -2.83
N GLU C 904 61.67 -46.33 -3.58
CA GLU C 904 61.20 -45.00 -3.23
C GLU C 904 59.68 -44.92 -3.29
N THR C 905 59.08 -45.54 -4.30
CA THR C 905 57.61 -45.59 -4.40
C THR C 905 57.02 -46.38 -3.24
N PHE C 906 57.68 -47.47 -2.83
CA PHE C 906 57.20 -48.25 -1.70
C PHE C 906 57.23 -47.42 -0.42
N CYS C 907 58.29 -46.65 -0.21
CA CYS C 907 58.36 -45.78 0.95
C CYS C 907 57.29 -44.70 0.89
N PHE C 908 57.10 -44.09 -0.28
CA PHE C 908 56.03 -43.11 -0.45
C PHE C 908 54.67 -43.76 -0.30
N GLY C 909 54.50 -44.96 -0.84
CA GLY C 909 53.24 -45.67 -0.77
C GLY C 909 53.03 -46.43 0.53
N MET C 910 53.14 -45.73 1.65
CA MET C 910 52.83 -46.36 2.94
C MET C 910 51.37 -46.74 3.03
N SER C 911 50.50 -46.02 2.29
CA SER C 911 49.09 -46.39 2.26
C SER C 911 48.89 -47.77 1.64
N ALA C 912 49.73 -48.15 0.69
CA ALA C 912 49.65 -49.49 0.13
C ALA C 912 49.95 -50.55 1.19
N ILE C 913 50.97 -50.31 2.02
CA ILE C 913 51.28 -51.25 3.09
C ILE C 913 50.16 -51.28 4.11
N GLY C 914 49.57 -50.12 4.42
CA GLY C 914 48.44 -50.09 5.34
C GLY C 914 47.24 -50.86 4.82
N ALA C 915 46.95 -50.73 3.53
CA ALA C 915 45.86 -51.50 2.93
C ALA C 915 46.17 -52.98 2.91
N TYR C 916 47.44 -53.34 2.66
CA TYR C 916 47.83 -54.74 2.70
C TYR C 916 47.64 -55.32 4.10
N PHE C 917 48.00 -54.55 5.13
CA PHE C 917 47.74 -54.98 6.50
C PHE C 917 46.25 -55.05 6.80
N LEU C 918 45.45 -54.17 6.19
CA LEU C 918 44.00 -54.23 6.38
C LEU C 918 43.42 -55.51 5.80
N ASP C 919 43.97 -55.97 4.68
CA ASP C 919 43.52 -57.21 4.08
C ASP C 919 43.85 -58.40 4.97
N VAL C 920 43.43 -59.58 4.53
CA VAL C 920 43.64 -60.80 5.30
C VAL C 920 45.04 -61.35 5.01
N ALA C 921 46.03 -60.85 5.73
CA ALA C 921 47.41 -61.30 5.61
C ALA C 921 47.87 -62.10 6.81
N ARG C 922 47.49 -61.71 8.02
CA ARG C 922 47.79 -62.51 9.20
C ARG C 922 46.89 -63.73 9.30
N THR C 923 45.69 -63.67 8.72
CA THR C 923 44.77 -64.80 8.77
C THR C 923 45.36 -66.00 8.03
N SER C 924 45.99 -65.77 6.88
CA SER C 924 46.65 -66.80 6.10
C SER C 924 48.13 -66.80 6.45
N GLU C 925 48.62 -67.91 6.99
CA GLU C 925 50.02 -67.99 7.37
C GLU C 925 50.98 -67.75 6.21
N PRO C 926 50.75 -68.32 5.02
CA PRO C 926 51.70 -68.07 3.92
C PRO C 926 51.84 -66.60 3.55
N ILE C 927 50.75 -65.84 3.56
CA ILE C 927 50.82 -64.43 3.18
C ILE C 927 51.65 -63.64 4.18
N PHE C 928 51.39 -63.84 5.48
CA PHE C 928 52.16 -63.16 6.52
C PHE C 928 53.62 -63.57 6.46
N TYR C 929 53.88 -64.86 6.25
CA TYR C 929 55.27 -65.32 6.17
C TYR C 929 55.99 -64.70 4.99
N LYS C 930 55.33 -64.62 3.82
CA LYS C 930 55.95 -64.00 2.66
C LYS C 930 56.21 -62.52 2.89
N CYS C 931 55.25 -61.81 3.50
CA CYS C 931 55.44 -60.39 3.78
C CYS C 931 56.60 -60.18 4.75
N LEU C 932 56.68 -60.99 5.80
CA LEU C 932 57.77 -60.86 6.76
C LEU C 932 59.11 -61.17 6.11
N GLU C 933 59.17 -62.20 5.27
CA GLU C 933 60.41 -62.54 4.58
C GLU C 933 60.84 -61.43 3.65
N ILE C 934 59.90 -60.83 2.93
CA ILE C 934 60.23 -59.73 2.02
C ILE C 934 60.75 -58.52 2.80
N LEU C 935 60.08 -58.18 3.90
CA LEU C 935 60.54 -57.05 4.71
C LEU C 935 61.92 -57.31 5.30
N ALA C 936 62.16 -58.53 5.80
CA ALA C 936 63.46 -58.84 6.37
C ALA C 936 64.55 -58.80 5.30
N GLN C 937 64.27 -59.33 4.11
CA GLN C 937 65.24 -59.29 3.03
C GLN C 937 65.56 -57.86 2.63
N LYS C 938 64.53 -57.01 2.52
CA LYS C 938 64.75 -55.61 2.17
C LYS C 938 65.58 -54.89 3.24
N ILE C 939 65.30 -55.18 4.52
CA ILE C 939 66.03 -54.51 5.59
C ILE C 939 67.49 -54.98 5.63
N LEU C 940 67.72 -56.29 5.50
CA LEU C 940 69.07 -56.83 5.65
C LEU C 940 69.94 -56.58 4.43
N MET C 941 69.36 -56.61 3.23
CA MET C 941 70.16 -56.45 2.02
C MET C 941 70.81 -55.07 1.97
N ASN C 942 70.06 -54.03 2.31
CA ASN C 942 70.55 -52.65 2.32
C ASN C 942 70.35 -52.08 3.72
N TYR C 943 71.43 -52.06 4.51
CA TYR C 943 71.37 -51.46 5.84
C TYR C 943 71.11 -49.97 5.78
N ASP C 944 71.43 -49.31 4.65
CA ASP C 944 71.16 -47.88 4.53
C ASP C 944 69.66 -47.60 4.55
N TYR C 945 68.86 -48.46 3.91
CA TYR C 945 67.41 -48.27 3.91
C TYR C 945 66.85 -48.35 5.32
N GLU C 946 67.29 -49.34 6.10
CA GLU C 946 66.87 -49.42 7.50
C GLU C 946 67.39 -48.24 8.31
N ARG C 947 68.57 -47.72 7.95
CA ARG C 947 69.10 -46.54 8.62
C ARG C 947 68.23 -45.32 8.36
N ASP C 948 67.69 -45.22 7.15
CA ASP C 948 66.80 -44.10 6.81
C ASP C 948 65.55 -44.15 7.68
N GLU C 949 65.14 -42.98 8.18
CA GLU C 949 63.97 -42.91 9.04
C GLU C 949 62.69 -43.26 8.30
N VAL C 950 62.61 -42.93 7.01
CA VAL C 950 61.37 -43.13 6.27
C VAL C 950 61.05 -44.62 6.12
N TYR C 951 62.04 -45.41 5.70
CA TYR C 951 61.80 -46.84 5.48
C TYR C 951 61.56 -47.57 6.79
N LEU C 952 62.32 -47.23 7.84
CA LEU C 952 62.10 -47.84 9.14
C LEU C 952 60.72 -47.48 9.69
N MET C 953 60.31 -46.23 9.52
CA MET C 953 58.98 -45.82 9.96
C MET C 953 57.90 -46.53 9.16
N ILE C 954 58.13 -46.76 7.86
CA ILE C 954 57.16 -47.49 7.05
C ILE C 954 57.04 -48.93 7.54
N PHE C 955 58.17 -49.57 7.85
CA PHE C 955 58.13 -50.93 8.38
C PHE C 955 57.40 -50.98 9.73
N ILE C 956 57.67 -50.00 10.59
CA ILE C 956 57.02 -49.95 11.90
C ILE C 956 55.52 -49.75 11.74
N LYS C 957 55.11 -48.87 10.83
CA LYS C 957 53.70 -48.64 10.58
C LYS C 957 53.03 -49.87 10.01
N ILE C 958 53.71 -50.59 9.12
CA ILE C 958 53.16 -51.84 8.59
C ILE C 958 52.97 -52.86 9.70
N PHE C 959 53.97 -52.99 10.59
CA PHE C 959 53.85 -53.92 11.70
C PHE C 959 52.71 -53.54 12.63
N GLN C 960 52.57 -52.24 12.92
CA GLN C 960 51.51 -51.79 13.83
C GLN C 960 50.13 -51.99 13.21
N LYS C 961 49.97 -51.67 11.92
CA LYS C 961 48.69 -51.86 11.26
C LYS C 961 48.32 -53.32 11.17
N CYS C 962 49.30 -54.18 10.82
CA CYS C 962 49.02 -55.61 10.78
C CYS C 962 48.68 -56.14 12.17
N VAL C 963 49.45 -55.74 13.19
CA VAL C 963 49.22 -56.21 14.56
C VAL C 963 48.26 -55.19 15.20
N HIS C 964 46.97 -55.36 14.93
CA HIS C 964 45.94 -54.53 15.53
C HIS C 964 45.00 -55.33 16.42
N SER C 965 44.34 -56.36 15.89
CA SER C 965 43.46 -57.20 16.69
C SER C 965 43.53 -58.68 16.32
N LYS C 966 44.39 -59.08 15.39
CA LYS C 966 44.46 -60.46 14.97
C LYS C 966 45.32 -61.28 15.92
N LEU C 967 44.89 -62.52 16.18
CA LEU C 967 45.65 -63.41 17.04
C LEU C 967 46.98 -63.80 16.40
N GLN C 968 46.96 -64.13 15.11
CA GLN C 968 48.20 -64.44 14.41
C GLN C 968 49.12 -63.24 14.36
N PHE C 969 48.56 -62.05 14.16
CA PHE C 969 49.34 -60.83 14.26
C PHE C 969 49.73 -60.59 15.72
N THR C 970 50.76 -59.77 15.90
CA THR C 970 51.35 -59.47 17.21
C THR C 970 51.88 -60.70 17.92
N ASP C 971 51.96 -61.84 17.23
CA ASP C 971 52.54 -63.03 17.82
C ASP C 971 54.02 -62.81 18.09
N ALA C 972 54.51 -63.41 19.18
CA ALA C 972 55.87 -63.19 19.66
C ALA C 972 56.14 -61.70 19.84
N THR C 973 55.24 -61.05 20.59
CA THR C 973 55.40 -59.62 20.87
C THR C 973 56.69 -59.35 21.63
N LEU C 974 57.16 -60.33 22.43
CA LEU C 974 58.47 -60.20 23.04
C LEU C 974 59.57 -60.13 21.98
N LYS C 975 59.42 -60.91 20.90
CA LYS C 975 60.38 -60.82 19.80
C LYS C 975 60.29 -59.46 19.12
N LEU C 976 59.08 -58.90 19.01
CA LEU C 976 58.95 -57.56 18.44
C LEU C 976 59.65 -56.52 19.32
N ILE C 977 59.50 -56.63 20.64
CA ILE C 977 60.19 -55.72 21.55
C ILE C 977 61.69 -55.92 21.45
N VAL C 978 62.13 -57.16 21.26
CA VAL C 978 63.56 -57.43 21.11
C VAL C 978 64.09 -56.79 19.83
N LYS C 979 63.33 -56.86 18.74
CA LYS C 979 63.74 -56.21 17.50
C LYS C 979 63.76 -54.70 17.66
N ILE C 980 62.80 -54.14 18.39
CA ILE C 980 62.80 -52.70 18.66
C ILE C 980 64.03 -52.31 19.46
N THR C 981 64.40 -53.12 20.46
CA THR C 981 65.61 -52.85 21.24
C THR C 981 66.86 -52.99 20.39
N LYS C 982 66.86 -53.95 19.46
CA LYS C 982 68.00 -54.10 18.55
C LYS C 982 68.15 -52.89 17.65
N PHE C 983 67.03 -52.34 17.16
CA PHE C 983 67.09 -51.08 16.42
C PHE C 983 67.56 -49.94 17.31
N ILE C 984 67.14 -49.96 18.59
CA ILE C 984 67.59 -48.96 19.56
C ILE C 984 69.07 -49.11 19.88
N GLU C 985 69.67 -50.27 19.60
CA GLU C 985 71.11 -50.41 19.76
C GLU C 985 71.85 -49.42 18.87
N LYS C 986 71.38 -49.25 17.64
CA LYS C 986 71.77 -48.08 16.86
C LYS C 986 71.31 -46.82 17.57
N VAL C 987 72.20 -45.84 17.69
CA VAL C 987 71.97 -44.70 18.55
C VAL C 987 70.79 -43.83 18.12
N PHE C 988 70.28 -44.03 16.90
CA PHE C 988 69.19 -43.21 16.41
C PHE C 988 67.92 -43.41 17.23
N ILE C 989 67.50 -44.67 17.39
CA ILE C 989 66.26 -44.95 18.11
C ILE C 989 66.43 -44.70 19.61
N GLU C 990 67.59 -45.06 20.17
CA GLU C 990 67.80 -44.88 21.60
C GLU C 990 67.71 -43.41 22.01
N THR C 991 68.33 -42.53 21.23
CA THR C 991 68.28 -41.10 21.49
C THR C 991 67.05 -40.45 20.87
N LYS C 992 66.21 -41.23 20.19
CA LYS C 992 65.02 -40.71 19.49
C LYS C 992 65.41 -39.66 18.45
N PHE C 993 66.17 -40.11 17.46
CA PHE C 993 66.62 -39.24 16.37
C PHE C 993 65.53 -39.07 15.32
N LEU C 996 61.09 -37.03 16.85
CA LEU C 996 60.46 -36.40 17.99
C LEU C 996 58.99 -36.78 18.07
N SER C 997 58.18 -36.18 17.19
CA SER C 997 56.76 -36.53 17.15
C SER C 997 56.55 -37.98 16.74
N GLY C 998 57.29 -38.45 15.73
CA GLY C 998 57.13 -39.82 15.29
C GLY C 998 57.56 -40.84 16.32
N ARG C 999 58.70 -40.60 16.98
CA ARG C 999 59.16 -41.52 18.00
C ARG C 999 58.20 -41.58 19.18
N GLN C 1000 57.69 -40.42 19.61
CA GLN C 1000 56.73 -40.40 20.70
C GLN C 1000 55.43 -41.07 20.31
N THR C 1001 54.99 -40.89 19.06
CA THR C 1001 53.80 -41.57 18.58
C THR C 1001 54.00 -43.09 18.59
N PHE C 1002 55.18 -43.55 18.17
CA PHE C 1002 55.48 -44.98 18.21
C PHE C 1002 55.47 -45.50 19.64
N LEU C 1003 56.05 -44.72 20.57
CA LEU C 1003 56.06 -45.12 21.97
C LEU C 1003 54.64 -45.20 22.53
N LYS C 1004 53.80 -44.22 22.19
CA LYS C 1004 52.41 -44.23 22.64
C LYS C 1004 51.66 -45.42 22.07
N PHE C 1005 51.89 -45.74 20.78
CA PHE C 1005 51.25 -46.89 20.18
C PHE C 1005 51.69 -48.19 20.84
N ILE C 1006 52.99 -48.29 21.16
CA ILE C 1006 53.48 -49.48 21.85
C ILE C 1006 52.85 -49.61 23.23
N PHE C 1007 52.76 -48.49 23.96
CA PHE C 1007 52.16 -48.52 25.28
C PHE C 1007 50.68 -48.88 25.22
N GLN C 1008 49.96 -48.36 24.22
CA GLN C 1008 48.55 -48.71 24.06
C GLN C 1008 48.39 -50.16 23.64
N LEU C 1009 49.31 -50.66 22.81
CA LEU C 1009 49.22 -52.04 22.33
C LEU C 1009 49.52 -53.01 23.46
N SER C 1010 48.72 -54.08 23.53
CA SER C 1010 48.93 -55.17 24.48
C SER C 1010 50.28 -55.84 24.21
N PRO C 1011 50.79 -55.75 22.97
CA PRO C 1011 52.09 -56.37 22.69
C PRO C 1011 53.22 -55.83 23.55
N THR C 1012 53.15 -54.58 23.98
CA THR C 1012 54.15 -54.01 24.88
C THR C 1012 53.59 -53.65 26.24
N SER C 1013 52.26 -53.57 26.39
CA SER C 1013 51.66 -53.26 27.69
C SER C 1013 51.32 -54.53 28.46
N HIS C 1014 50.45 -55.37 27.88
CA HIS C 1014 50.13 -56.65 28.52
C HIS C 1014 51.35 -57.57 28.52
N VAL C 1015 52.03 -57.67 27.38
CA VAL C 1015 53.26 -58.45 27.28
C VAL C 1015 54.42 -57.60 27.78
N TYR C 1016 55.57 -58.24 28.01
CA TYR C 1016 56.75 -57.52 28.51
C TYR C 1016 57.20 -56.48 27.51
N SER C 1017 57.51 -55.28 28.01
CA SER C 1017 57.96 -54.18 27.18
C SER C 1017 59.48 -54.19 27.05
N LYS C 1018 59.97 -53.54 25.98
CA LYS C 1018 61.40 -53.44 25.76
C LYS C 1018 62.08 -52.63 26.86
N PHE C 1019 61.43 -51.55 27.29
CA PHE C 1019 61.96 -50.69 28.35
C PHE C 1019 61.05 -50.78 29.56
N ASP C 1020 61.65 -50.95 30.74
CA ASP C 1020 60.89 -51.03 31.97
C ASP C 1020 60.24 -49.68 32.28
N TYR C 1021 59.15 -49.74 33.04
CA TYR C 1021 58.40 -48.51 33.36
C TYR C 1021 59.29 -47.51 34.09
N GLN C 1022 59.96 -47.95 35.15
CA GLN C 1022 60.92 -47.08 35.83
C GLN C 1022 62.08 -46.72 34.89
N LYS C 1023 62.55 -47.69 34.10
CA LYS C 1023 63.60 -47.40 33.12
C LYS C 1023 63.12 -46.42 32.07
N LEU C 1024 61.88 -46.57 31.61
CA LEU C 1024 61.34 -45.63 30.64
C LEU C 1024 61.24 -44.22 31.21
N ILE C 1025 60.79 -44.10 32.46
CA ILE C 1025 60.69 -42.79 33.09
C ILE C 1025 62.08 -42.18 33.27
N SER C 1026 63.06 -43.00 33.65
CA SER C 1026 64.43 -42.51 33.78
C SER C 1026 64.97 -42.04 32.43
N LEU C 1027 64.68 -42.78 31.36
CA LEU C 1027 65.10 -42.36 30.02
C LEU C 1027 64.45 -41.05 29.61
N THR C 1028 63.16 -40.90 29.93
CA THR C 1028 62.47 -39.66 29.63
C THR C 1028 63.07 -38.49 30.40
N LEU C 1029 63.42 -38.71 31.67
CA LEU C 1029 64.06 -37.66 32.45
C LEU C 1029 65.45 -37.32 31.91
N LYS C 1030 66.18 -38.33 31.44
CA LYS C 1030 67.53 -38.11 30.94
C LYS C 1030 67.54 -37.27 29.66
N ASP C 1031 66.53 -37.45 28.80
CA ASP C 1031 66.48 -36.68 27.56
C ASP C 1031 66.20 -35.22 27.87
N SER C 1032 67.02 -34.34 27.31
CA SER C 1032 66.90 -32.90 27.53
C SER C 1032 66.09 -32.19 26.47
N ASP C 1033 65.51 -32.92 25.52
CA ASP C 1033 64.75 -32.29 24.44
C ASP C 1033 63.51 -31.60 25.00
N VAL C 1034 62.96 -30.67 24.22
CA VAL C 1034 61.78 -29.93 24.62
C VAL C 1034 60.56 -30.48 23.90
N CYS C 1035 60.56 -30.38 22.57
CA CYS C 1035 59.42 -30.85 21.79
C CYS C 1035 59.30 -32.37 21.83
N VAL C 1036 60.44 -33.06 21.68
CA VAL C 1036 60.42 -34.52 21.72
C VAL C 1036 59.95 -35.01 23.08
N ILE C 1037 60.47 -34.39 24.16
CA ILE C 1037 60.07 -34.81 25.50
C ILE C 1037 58.63 -34.43 25.79
N TYR C 1038 58.15 -33.31 25.23
CA TYR C 1038 56.74 -32.97 25.40
C TYR C 1038 55.83 -33.97 24.70
N ASN C 1039 56.20 -34.38 23.49
CA ASN C 1039 55.42 -35.41 22.80
C ASN C 1039 55.50 -36.74 23.55
N PHE C 1040 56.65 -37.05 24.13
CA PHE C 1040 56.77 -38.24 24.98
C PHE C 1040 55.91 -38.11 26.24
N VAL C 1041 55.74 -36.90 26.75
CA VAL C 1041 54.85 -36.67 27.88
C VAL C 1041 53.41 -36.96 27.49
N ASP C 1042 53.01 -36.50 26.30
CA ASP C 1042 51.68 -36.83 25.81
C ASP C 1042 51.52 -38.34 25.65
N ASP C 1043 52.56 -39.01 25.15
CA ASP C 1043 52.53 -40.46 25.03
C ASP C 1043 52.39 -41.12 26.39
N LEU C 1044 53.09 -40.60 27.40
CA LEU C 1044 52.97 -41.14 28.75
C LEU C 1044 51.58 -40.95 29.31
N VAL C 1045 50.95 -39.81 29.00
CA VAL C 1045 49.53 -39.63 29.32
C VAL C 1045 48.71 -40.73 28.65
N ILE C 1046 49.04 -41.04 27.40
CA ILE C 1046 48.42 -42.18 26.72
C ILE C 1046 49.01 -43.53 27.16
N PHE C 1047 50.11 -43.51 27.92
CA PHE C 1047 50.76 -44.73 28.37
C PHE C 1047 50.33 -45.14 29.77
N LEU C 1048 49.28 -44.53 30.31
CA LEU C 1048 48.80 -44.90 31.65
C LEU C 1048 48.36 -46.35 31.68
N LYS C 1049 48.75 -47.05 32.74
CA LYS C 1049 48.39 -48.44 32.98
C LYS C 1049 48.89 -49.37 31.88
N LYS C 1050 49.93 -48.97 31.15
CA LYS C 1050 50.50 -49.84 30.12
C LYS C 1050 51.47 -50.85 30.74
N CYS C 1051 52.55 -50.36 31.33
CA CYS C 1051 53.49 -51.19 32.07
C CYS C 1051 53.09 -51.20 33.54
N ASP C 1052 53.97 -51.70 34.40
CA ASP C 1052 53.72 -51.66 35.83
C ASP C 1052 53.61 -50.20 36.29
N LYS C 1053 52.39 -49.78 36.65
CA LYS C 1053 52.15 -48.37 36.94
C LYS C 1053 52.92 -47.90 38.17
N THR C 1054 53.13 -48.79 39.14
CA THR C 1054 53.83 -48.40 40.36
C THR C 1054 55.25 -47.94 40.06
N LEU C 1055 55.98 -48.70 39.24
CA LEU C 1055 57.37 -48.36 38.95
C LEU C 1055 57.46 -47.05 38.18
N ILE C 1056 56.62 -46.89 37.15
CA ILE C 1056 56.65 -45.67 36.36
C ILE C 1056 56.30 -44.46 37.22
N GLU C 1057 55.26 -44.59 38.06
CA GLU C 1057 54.85 -43.48 38.91
C GLU C 1057 55.94 -43.13 39.92
N GLY C 1058 56.57 -44.13 40.53
CA GLY C 1058 57.62 -43.86 41.48
C GLY C 1058 58.84 -43.21 40.84
N PHE C 1059 59.20 -43.66 39.65
CA PHE C 1059 60.33 -43.04 38.94
C PHE C 1059 60.00 -41.62 38.52
N VAL C 1060 58.74 -41.38 38.11
CA VAL C 1060 58.35 -40.04 37.69
C VAL C 1060 58.32 -39.09 38.89
N LEU C 1061 57.93 -39.59 40.06
CA LEU C 1061 57.92 -38.74 41.25
C LEU C 1061 59.29 -38.12 41.54
N PRO C 1062 60.40 -38.85 41.43
CA PRO C 1062 61.71 -38.23 41.67
C PRO C 1062 62.42 -37.75 40.41
N ILE C 1063 61.87 -38.02 39.23
CA ILE C 1063 62.53 -37.60 37.99
C ILE C 1063 62.57 -36.08 37.89
N LEU C 1064 61.48 -35.42 38.21
CA LEU C 1064 61.43 -33.96 38.13
C LEU C 1064 62.28 -33.34 39.23
N SER C 1065 63.06 -32.32 38.87
CA SER C 1065 63.90 -31.62 39.80
C SER C 1065 63.86 -30.13 39.50
N ILE C 1066 64.08 -29.31 40.53
CA ILE C 1066 64.08 -27.86 40.37
C ILE C 1066 65.34 -27.44 39.64
N LYS C 1067 65.20 -27.12 38.36
CA LYS C 1067 66.32 -26.69 37.52
C LYS C 1067 65.86 -25.48 36.70
N ILE C 1068 66.19 -24.28 37.18
CA ILE C 1068 65.80 -23.07 36.48
C ILE C 1068 66.42 -23.01 35.10
N GLU C 1069 67.70 -23.41 35.00
CA GLU C 1069 68.36 -23.44 33.70
C GLU C 1069 67.67 -24.42 32.76
N LYS C 1070 67.31 -25.60 33.25
CA LYS C 1070 66.61 -26.57 32.42
C LYS C 1070 65.16 -26.17 32.17
N SER C 1071 64.54 -25.49 33.13
CA SER C 1071 63.20 -24.98 32.91
C SER C 1071 63.18 -23.95 31.78
N LEU C 1072 64.18 -23.06 31.76
CA LEU C 1072 64.34 -22.17 30.62
C LEU C 1072 64.65 -22.97 29.36
N TYR C 1073 65.46 -24.02 29.49
CA TYR C 1073 65.77 -24.92 28.38
C TYR C 1073 64.59 -25.82 28.02
N LYS C 1074 63.53 -25.83 28.83
CA LYS C 1074 62.26 -26.52 28.61
C LYS C 1074 62.37 -28.04 28.74
N GLY C 1075 63.57 -28.59 28.93
CA GLY C 1075 63.66 -30.02 29.23
C GLY C 1075 63.01 -30.36 30.55
N PHE C 1076 63.31 -29.57 31.58
CA PHE C 1076 62.62 -29.72 32.86
C PHE C 1076 61.14 -29.36 32.73
N CYS C 1077 60.82 -28.41 31.85
CA CYS C 1077 59.42 -28.08 31.60
C CYS C 1077 58.68 -29.27 30.99
N TYR C 1078 59.32 -29.98 30.06
CA TYR C 1078 58.70 -31.17 29.48
C TYR C 1078 58.62 -32.30 30.50
N LEU C 1079 59.62 -32.42 31.38
CA LEU C 1079 59.53 -33.41 32.46
C LEU C 1079 58.37 -33.08 33.38
N TYR C 1080 58.16 -31.80 33.69
CA TYR C 1080 57.00 -31.39 34.48
C TYR C 1080 55.71 -31.66 33.74
N LEU C 1081 55.71 -31.51 32.42
CA LEU C 1081 54.53 -31.88 31.64
C LEU C 1081 54.23 -33.37 31.76
N THR C 1082 55.27 -34.20 31.73
CA THR C 1082 55.09 -35.63 31.94
C THR C 1082 54.56 -35.92 33.34
N LEU C 1083 55.05 -35.19 34.33
CA LEU C 1083 54.55 -35.36 35.70
C LEU C 1083 53.09 -34.94 35.80
N LYS C 1084 52.71 -33.88 35.10
CA LYS C 1084 51.31 -33.46 35.06
C LYS C 1084 50.45 -34.51 34.37
N VAL C 1085 50.97 -35.13 33.32
CA VAL C 1085 50.26 -36.21 32.65
C VAL C 1085 50.05 -37.38 33.62
N PHE C 1086 51.09 -37.71 34.38
CA PHE C 1086 50.96 -38.74 35.40
C PHE C 1086 49.95 -38.35 36.47
N LEU C 1087 49.86 -37.06 36.79
CA LEU C 1087 48.82 -36.58 37.69
C LEU C 1087 47.44 -36.81 37.09
N SER C 1088 47.28 -36.51 35.80
CA SER C 1088 46.05 -36.86 35.10
C SER C 1088 45.89 -38.37 34.99
N ILE C 1089 47.00 -39.08 34.81
CA ILE C 1089 46.96 -40.54 34.85
C ILE C 1089 46.59 -41.00 36.25
N SER C 1090 45.98 -42.19 36.33
CA SER C 1090 45.45 -42.66 37.61
C SER C 1090 46.55 -42.80 38.66
N SER C 1091 47.71 -43.32 38.26
CA SER C 1091 48.72 -43.73 39.23
C SER C 1091 49.46 -42.52 39.82
N ASN C 1092 49.43 -42.42 41.15
CA ASN C 1092 50.28 -41.52 41.92
C ASN C 1092 50.11 -40.06 41.51
N ARG C 1093 48.90 -39.54 41.74
CA ARG C 1093 48.67 -38.10 41.62
C ARG C 1093 49.33 -37.33 42.75
N SER C 1094 49.37 -37.91 43.96
CA SER C 1094 50.08 -37.28 45.07
C SER C 1094 51.57 -37.28 44.83
N ALA C 1095 52.12 -38.41 44.35
CA ALA C 1095 53.52 -38.43 43.96
C ALA C 1095 53.77 -37.50 42.78
N LEU C 1096 52.76 -37.30 41.92
CA LEU C 1096 52.90 -36.33 40.84
C LEU C 1096 52.98 -34.91 41.38
N LEU C 1097 52.19 -34.59 42.41
CA LEU C 1097 52.29 -33.29 43.05
C LEU C 1097 53.64 -33.12 43.72
N TYR C 1098 54.14 -34.19 44.33
CA TYR C 1098 55.48 -34.14 44.92
C TYR C 1098 56.55 -33.91 43.85
N GLN C 1099 56.39 -34.55 42.69
CA GLN C 1099 57.33 -34.35 41.58
C GLN C 1099 57.26 -32.91 41.07
N LEU C 1100 56.05 -32.35 40.99
CA LEU C 1100 55.90 -30.96 40.57
C LEU C 1100 56.56 -30.02 41.56
N LEU C 1101 56.40 -30.29 42.86
CA LEU C 1101 57.07 -29.49 43.87
C LEU C 1101 58.58 -29.62 43.76
N LYS C 1102 59.06 -30.83 43.43
CA LYS C 1102 60.50 -31.03 43.22
C LYS C 1102 60.99 -30.22 42.01
N LEU C 1103 60.18 -30.17 40.95
CA LEU C 1103 60.55 -29.41 39.76
C LEU C 1103 60.39 -27.91 39.97
N ALA C 1104 59.48 -27.49 40.85
CA ALA C 1104 59.24 -26.08 41.14
C ALA C 1104 59.33 -25.89 42.65
N ASN C 1105 60.48 -25.40 43.10
CA ASN C 1105 60.77 -25.23 44.52
C ASN C 1105 60.26 -23.91 45.07
N SER C 1106 59.24 -23.32 44.46
CA SER C 1106 58.64 -22.03 44.78
C SER C 1106 59.58 -20.87 44.49
N TYR C 1107 60.78 -21.12 43.97
CA TYR C 1107 61.71 -20.10 43.55
C TYR C 1107 61.91 -20.21 42.04
N GLU C 1108 61.79 -19.08 41.35
CA GLU C 1108 61.88 -19.00 39.89
C GLU C 1108 60.77 -19.77 39.18
N THR C 1109 59.78 -20.26 39.92
CA THR C 1109 58.65 -20.97 39.32
C THR C 1109 57.61 -20.03 38.74
N SER C 1110 57.68 -18.73 39.05
CA SER C 1110 56.73 -17.78 38.50
C SER C 1110 56.98 -17.49 37.03
N THR C 1111 58.20 -17.76 36.53
CA THR C 1111 58.49 -17.55 35.12
C THR C 1111 57.65 -18.47 34.24
N ILE C 1112 57.54 -19.75 34.63
CA ILE C 1112 56.79 -20.70 33.82
C ILE C 1112 55.30 -20.35 33.81
N PHE C 1113 54.73 -20.10 34.99
CA PHE C 1113 53.32 -19.73 35.13
C PHE C 1113 52.40 -20.76 34.49
N GLU C 1114 52.67 -22.04 34.79
CA GLU C 1114 51.89 -23.17 34.29
C GLU C 1114 51.85 -23.18 32.77
N PRO C 1115 52.97 -23.48 32.11
CA PRO C 1115 53.00 -23.46 30.64
C PRO C 1115 52.05 -24.50 30.05
N LEU C 1116 51.11 -24.01 29.23
CA LEU C 1116 50.08 -24.86 28.60
C LEU C 1116 49.31 -25.66 29.65
N LEU C 1117 48.98 -25.00 30.77
CA LEU C 1117 48.24 -25.61 31.87
C LEU C 1117 48.95 -26.86 32.39
N ARG C 1118 50.28 -26.79 32.47
CA ARG C 1118 51.05 -27.93 32.97
C ARG C 1118 50.87 -28.10 34.47
N LYS C 1119 50.96 -27.01 35.23
CA LYS C 1119 50.83 -27.13 36.68
C LYS C 1119 49.46 -27.66 37.08
N LEU C 1120 48.42 -27.16 36.44
CA LEU C 1120 47.04 -27.62 36.66
C LEU C 1120 46.17 -26.99 35.58
N HIS C 1121 44.86 -27.23 35.69
CA HIS C 1121 43.92 -26.67 34.72
C HIS C 1121 43.92 -25.15 34.78
N ILE C 1122 43.95 -24.57 35.97
CA ILE C 1122 43.96 -23.12 36.12
C ILE C 1122 45.36 -22.58 35.85
N SER C 1124 47.41 -23.94 37.86
CA SER C 1124 47.40 -24.06 39.31
C SER C 1124 47.15 -22.71 39.98
N ALA C 1125 46.15 -21.99 39.47
CA ALA C 1125 45.86 -20.65 39.98
C ALA C 1125 44.80 -20.67 41.08
N ASN C 1126 43.59 -21.12 40.75
CA ASN C 1126 42.48 -21.07 41.70
C ASN C 1126 41.96 -22.46 42.08
N ILE C 1127 41.56 -23.27 41.10
CA ILE C 1127 40.82 -24.49 41.39
C ILE C 1127 41.76 -25.60 41.85
N LYS C 1128 42.63 -26.06 40.95
CA LYS C 1128 43.58 -27.13 41.23
C LYS C 1128 44.96 -26.58 41.57
N GLN C 1129 45.00 -25.49 42.34
CA GLN C 1129 46.26 -24.83 42.64
C GLN C 1129 47.24 -25.79 43.30
N LEU C 1130 48.52 -25.66 42.91
CA LEU C 1130 49.55 -26.55 43.43
C LEU C 1130 49.69 -26.46 44.94
N PHE C 1131 49.27 -25.35 45.55
CA PHE C 1131 49.24 -25.28 47.00
C PHE C 1131 48.26 -26.30 47.58
N ARG C 1132 47.09 -26.43 46.96
CA ARG C 1132 46.14 -27.44 47.41
C ARG C 1132 46.70 -28.85 47.22
N ILE C 1133 47.40 -29.08 46.12
CA ILE C 1133 48.01 -30.39 45.89
C ILE C 1133 49.05 -30.69 46.95
N TYR C 1134 49.89 -29.70 47.28
CA TYR C 1134 50.91 -29.89 48.29
C TYR C 1134 50.29 -30.14 49.66
N ARG C 1135 49.20 -29.43 49.98
CA ARG C 1135 48.51 -29.67 51.24
C ARG C 1135 47.94 -31.08 51.29
N LEU C 1136 47.34 -31.53 50.19
CA LEU C 1136 46.81 -32.89 50.14
C LEU C 1136 47.92 -33.92 49.97
N GLU C 1137 49.05 -33.53 49.37
CA GLU C 1137 50.18 -34.42 49.13
C GLU C 1137 51.43 -33.75 49.67
N ILE C 1138 51.71 -33.94 50.96
CA ILE C 1138 52.88 -33.39 51.62
C ILE C 1138 53.79 -34.55 51.94
N PHE C 1139 54.74 -34.83 51.05
CA PHE C 1139 55.66 -35.96 51.20
C PHE C 1139 57.09 -35.47 51.08
N TRP C 1140 57.99 -36.18 51.76
CA TRP C 1140 59.41 -35.86 51.74
C TRP C 1140 60.20 -37.13 51.44
N SER C 1141 61.48 -36.94 51.11
CA SER C 1141 62.34 -38.07 50.80
C SER C 1141 62.49 -39.01 52.00
N PHE C 1142 62.61 -38.45 53.19
CA PHE C 1142 62.76 -39.21 54.42
C PHE C 1142 63.94 -40.17 54.36
N SER C 1167 57.89 -18.07 51.21
CA SER C 1167 58.26 -17.76 52.59
C SER C 1167 57.30 -18.42 53.57
N ASP C 1168 56.09 -17.86 53.67
CA ASP C 1168 55.07 -18.45 54.54
C ASP C 1168 54.71 -19.84 54.08
N PHE C 1169 54.54 -20.04 52.76
CA PHE C 1169 54.36 -21.38 52.23
C PHE C 1169 55.59 -22.23 52.49
N LEU C 1170 56.78 -21.64 52.33
CA LEU C 1170 58.01 -22.34 52.69
C LEU C 1170 58.07 -22.64 54.18
N LYS C 1171 57.56 -21.73 55.01
CA LYS C 1171 57.50 -21.98 56.45
C LYS C 1171 56.61 -23.18 56.76
N GLU C 1172 55.44 -23.26 56.10
CA GLU C 1172 54.56 -24.41 56.30
C GLU C 1172 55.21 -25.68 55.79
N ASN C 1173 55.90 -25.61 54.66
CA ASN C 1173 56.60 -26.78 54.14
C ASN C 1173 57.66 -27.27 55.12
N SER C 1174 58.42 -26.34 55.72
CA SER C 1174 59.42 -26.72 56.71
C SER C 1174 58.77 -27.30 57.96
N ASP C 1175 57.65 -26.71 58.39
CA ASP C 1175 56.96 -27.23 59.57
C ASP C 1175 56.41 -28.63 59.32
N GLU C 1176 56.06 -28.95 58.08
CA GLU C 1176 55.69 -30.32 57.75
C GLU C 1176 56.91 -31.23 57.63
N ILE C 1177 58.03 -30.70 57.14
CA ILE C 1177 59.22 -31.51 56.91
C ILE C 1177 59.90 -31.90 58.21
N ILE C 1178 59.86 -31.02 59.23
CA ILE C 1178 60.60 -31.29 60.45
C ILE C 1178 60.17 -32.60 61.07
N LEU C 1179 58.91 -33.00 60.89
CA LEU C 1179 58.50 -34.32 61.34
C LEU C 1179 59.30 -35.41 60.64
N VAL C 1180 59.53 -35.25 59.33
CA VAL C 1180 60.33 -36.23 58.60
C VAL C 1180 61.78 -36.21 59.07
N LEU C 1181 62.36 -35.03 59.25
CA LEU C 1181 63.77 -34.97 59.66
C LEU C 1181 63.98 -35.58 61.05
N ILE C 1182 63.12 -35.25 62.01
CA ILE C 1182 63.29 -35.87 63.32
C ILE C 1182 62.85 -37.33 63.29
N LEU C 1183 62.09 -37.74 62.28
CA LEU C 1183 61.84 -39.15 62.03
C LEU C 1183 62.92 -39.78 61.18
N THR C 1184 63.89 -39.00 60.69
CA THR C 1184 65.00 -39.51 59.92
C THR C 1184 66.16 -39.85 60.84
N LYS C 1185 67.33 -40.12 60.26
CA LYS C 1185 68.49 -40.52 61.05
C LYS C 1185 68.99 -39.39 61.94
N ASN C 1186 69.06 -38.17 61.39
CA ASN C 1186 69.67 -37.05 62.08
C ASN C 1186 68.61 -36.16 62.72
N ILE C 1187 68.86 -35.76 63.96
CA ILE C 1187 67.98 -34.83 64.67
C ILE C 1187 68.65 -33.49 64.95
N THR C 1188 69.99 -33.43 64.93
CA THR C 1188 70.67 -32.15 65.12
C THR C 1188 70.36 -31.18 63.98
N LEU C 1189 70.35 -31.69 62.74
CA LEU C 1189 69.98 -30.85 61.60
C LEU C 1189 68.56 -30.34 61.74
N ALA C 1190 67.67 -31.12 62.35
CA ALA C 1190 66.32 -30.64 62.60
C ALA C 1190 66.31 -29.44 63.53
N LYS C 1191 67.08 -29.51 64.63
CA LYS C 1191 67.17 -28.37 65.54
C LYS C 1191 67.79 -27.17 64.84
N LEU C 1192 68.78 -27.42 63.98
CA LEU C 1192 69.35 -26.33 63.18
C LEU C 1192 68.29 -25.69 62.30
N ILE C 1193 67.41 -26.50 61.70
CA ILE C 1193 66.34 -25.97 60.86
C ILE C 1193 65.39 -25.12 61.70
N THR C 1194 65.00 -25.61 62.88
CA THR C 1194 64.13 -24.82 63.74
C THR C 1194 64.76 -23.50 64.13
N SER C 1195 66.07 -23.51 64.41
CA SER C 1195 66.78 -22.27 64.68
C SER C 1195 66.74 -21.34 63.47
N ARG C 1196 66.95 -21.90 62.28
CA ARG C 1196 66.84 -21.10 61.05
C ARG C 1196 65.39 -20.71 60.76
N MET C 1197 64.42 -21.39 61.35
CA MET C 1197 63.01 -21.08 61.17
C MET C 1197 62.49 -20.08 62.19
N SER C 1198 63.36 -19.53 63.04
CA SER C 1198 63.06 -18.59 64.10
C SER C 1198 62.04 -19.13 65.11
N VAL C 1199 61.81 -20.43 65.12
CA VAL C 1199 60.91 -21.05 66.09
C VAL C 1199 61.73 -21.79 67.12
N ASP C 1200 61.23 -21.81 68.36
CA ASP C 1200 61.92 -22.49 69.44
C ASP C 1200 61.95 -24.00 69.17
N PHE C 1201 63.14 -24.60 69.30
CA PHE C 1201 63.27 -26.03 69.08
C PHE C 1201 62.47 -26.82 70.10
N SER C 1202 62.51 -26.41 71.37
CA SER C 1202 61.73 -27.08 72.40
C SER C 1202 60.25 -27.01 72.08
N GLU C 1203 59.77 -25.84 71.65
CA GLU C 1203 58.40 -25.72 71.19
C GLU C 1203 58.14 -26.57 69.96
N LYS C 1204 59.18 -26.98 69.24
CA LYS C 1204 59.00 -27.86 68.10
C LYS C 1204 58.81 -29.31 68.55
N TYR C 1205 59.70 -29.83 69.41
CA TYR C 1205 59.53 -31.21 69.85
C TYR C 1205 58.28 -31.37 70.70
N THR C 1206 57.94 -30.37 71.53
CA THR C 1206 56.82 -30.51 72.44
C THR C 1206 55.49 -30.73 71.70
N GLN C 1207 55.43 -30.40 70.41
CA GLN C 1207 54.24 -30.67 69.62
C GLN C 1207 54.48 -31.72 68.54
N LEU C 1208 55.73 -31.99 68.15
CA LEU C 1208 56.03 -33.03 67.18
C LEU C 1208 56.15 -34.41 67.83
N ILE C 1209 56.21 -34.48 69.16
CA ILE C 1209 56.35 -35.78 69.82
C ILE C 1209 55.22 -36.75 69.51
N PRO C 1210 53.94 -36.36 69.56
CA PRO C 1210 52.88 -37.38 69.37
C PRO C 1210 52.89 -38.03 67.99
N VAL C 1211 53.07 -37.26 66.92
CA VAL C 1211 53.01 -37.84 65.58
C VAL C 1211 54.20 -38.77 65.35
N ILE C 1212 55.37 -38.40 65.85
CA ILE C 1212 56.54 -39.25 65.67
C ILE C 1212 56.44 -40.49 66.57
N THR C 1213 55.82 -40.35 67.74
CA THR C 1213 55.56 -41.53 68.58
C THR C 1213 54.62 -42.50 67.86
N THR C 1214 53.58 -41.97 67.23
CA THR C 1214 52.68 -42.83 66.46
C THR C 1214 53.41 -43.49 65.29
N TYR C 1215 54.28 -42.74 64.61
CA TYR C 1215 55.06 -43.30 63.51
C TYR C 1215 55.97 -44.42 64.00
N THR C 1216 56.60 -44.22 65.16
CA THR C 1216 57.45 -45.26 65.74
C THR C 1216 56.64 -46.48 66.14
N HIS C 1217 55.46 -46.27 66.73
CA HIS C 1217 54.60 -47.40 67.07
C HIS C 1217 54.22 -48.20 65.85
N LEU C 1218 53.90 -47.50 64.75
CA LEU C 1218 53.64 -48.20 63.49
C LEU C 1218 54.88 -48.94 63.01
N SER C 1219 56.05 -48.32 63.12
CA SER C 1219 57.28 -48.98 62.73
C SER C 1219 57.65 -50.11 63.70
N GLU C 1220 57.27 -49.96 64.97
CA GLU C 1220 57.55 -51.00 65.95
C GLU C 1220 56.83 -52.28 65.58
N VAL C 1221 57.54 -53.41 65.66
CA VAL C 1221 57.02 -54.71 65.28
C VAL C 1221 56.76 -55.53 66.55
N GLU C 1222 55.58 -56.15 66.61
CA GLU C 1222 55.18 -56.98 67.74
C GLU C 1222 55.27 -56.22 69.06
N ASN C 1223 54.87 -54.96 69.04
CA ASN C 1223 54.92 -54.12 70.23
C ASN C 1223 53.53 -53.92 70.83
N VAL C 1239 39.04 -30.36 79.67
CA VAL C 1239 40.34 -30.68 79.10
C VAL C 1239 40.35 -30.41 77.60
N GLU C 1240 40.11 -29.15 77.24
CA GLU C 1240 40.13 -28.78 75.82
C GLU C 1240 41.50 -29.01 75.21
N LEU C 1241 42.57 -28.70 75.96
CA LEU C 1241 43.92 -28.88 75.43
C LEU C 1241 44.26 -30.34 75.22
N LEU C 1242 43.92 -31.20 76.19
CA LEU C 1242 44.23 -32.62 76.05
C LEU C 1242 43.34 -33.27 74.98
N ASN C 1243 42.09 -32.83 74.87
CA ASN C 1243 41.23 -33.32 73.79
C ASN C 1243 41.80 -32.92 72.44
N ARG C 1244 42.29 -31.69 72.34
CA ARG C 1244 42.96 -31.24 71.12
C ARG C 1244 44.20 -32.07 70.84
N SER C 1245 44.95 -32.45 71.88
CA SER C 1245 46.14 -33.27 71.69
C SER C 1245 45.76 -34.62 71.08
N LYS C 1246 44.74 -35.25 71.65
CA LYS C 1246 44.20 -36.46 71.06
C LYS C 1246 43.71 -36.20 69.63
N ALA C 1247 43.24 -34.98 69.37
CA ALA C 1247 42.77 -34.63 68.02
C ALA C 1247 43.92 -34.59 67.02
N PHE C 1248 45.03 -33.92 67.36
CA PHE C 1248 46.16 -33.97 66.43
C PHE C 1248 46.72 -35.39 66.32
N LEU C 1249 46.68 -36.18 67.38
CA LEU C 1249 47.14 -37.57 67.24
C LEU C 1249 46.23 -38.34 66.28
N PHE C 1250 44.93 -38.06 66.34
CA PHE C 1250 43.98 -38.66 65.41
C PHE C 1250 44.30 -38.24 63.98
N CYS C 1251 44.56 -36.95 63.78
CA CYS C 1251 44.97 -36.47 62.46
C CYS C 1251 46.29 -37.10 62.04
N LEU C 1252 47.15 -37.38 63.01
CA LEU C 1252 48.43 -38.02 62.73
C LEU C 1252 48.26 -39.43 62.20
N GLU C 1253 47.33 -40.20 62.78
CA GLU C 1253 47.11 -41.54 62.25
C GLU C 1253 46.31 -41.46 60.95
N MET C 1254 45.64 -40.34 60.72
CA MET C 1254 44.96 -40.14 59.44
C MET C 1254 45.96 -40.10 58.29
N LEU C 1255 47.12 -39.48 58.50
CA LEU C 1255 48.13 -39.32 57.46
C LEU C 1255 49.29 -40.25 57.74
N LYS C 1256 49.67 -41.04 56.73
CA LYS C 1256 50.83 -41.92 56.74
C LYS C 1256 50.63 -43.14 57.63
N GLU C 1257 49.51 -43.19 58.35
CA GLU C 1257 49.12 -44.39 59.07
C GLU C 1257 47.88 -45.04 58.49
N VAL C 1258 47.19 -44.37 57.58
CA VAL C 1258 46.18 -45.00 56.73
C VAL C 1258 46.89 -45.55 55.51
N LYS C 1259 46.59 -46.79 55.14
CA LYS C 1259 47.35 -47.49 54.12
C LYS C 1259 47.41 -46.69 52.83
N GLU C 1260 48.62 -46.56 52.27
CA GLU C 1260 48.79 -45.74 51.07
C GLU C 1260 48.02 -46.30 49.89
N LEU C 1261 48.04 -47.62 49.71
CA LEU C 1261 47.24 -48.26 48.68
C LEU C 1261 46.72 -49.58 49.22
N GLY C 1262 45.44 -49.86 48.95
CA GLY C 1262 44.80 -51.04 49.49
C GLY C 1262 45.38 -52.31 48.90
N SER C 1263 45.98 -53.15 49.73
CA SER C 1263 46.53 -54.41 49.25
C SER C 1263 45.41 -55.38 48.90
N THR C 1264 45.78 -56.44 48.19
CA THR C 1264 44.80 -57.43 47.76
C THR C 1264 44.16 -58.13 48.95
N PHE C 1265 44.95 -58.50 49.95
CA PHE C 1265 44.44 -59.19 51.12
C PHE C 1265 43.74 -58.23 52.06
N LYS C 1266 42.79 -58.77 52.83
CA LYS C 1266 42.10 -58.03 53.87
C LYS C 1266 42.20 -58.80 55.18
N SER C 1267 42.34 -58.06 56.28
CA SER C 1267 42.52 -58.69 57.58
C SER C 1267 41.28 -59.46 58.01
N ILE C 1268 41.50 -60.50 58.81
CA ILE C 1268 40.41 -61.29 59.38
C ILE C 1268 40.64 -61.32 60.89
N SER C 1269 41.28 -60.26 61.41
CA SER C 1269 41.65 -60.23 62.83
C SER C 1269 40.42 -60.25 63.72
N SER C 1270 39.42 -59.44 63.40
CA SER C 1270 38.20 -59.34 64.19
C SER C 1270 37.00 -59.65 63.32
N THR C 1271 36.04 -60.40 63.89
CA THR C 1271 34.84 -60.75 63.13
C THR C 1271 33.90 -59.57 62.99
N SER C 1272 33.89 -58.65 63.95
CA SER C 1272 33.08 -57.45 63.81
C SER C 1272 33.58 -56.57 62.67
N PHE C 1273 34.91 -56.42 62.57
CA PHE C 1273 35.48 -55.67 61.47
C PHE C 1273 35.17 -56.33 60.14
N LYS C 1274 35.27 -57.66 60.07
CA LYS C 1274 34.94 -58.37 58.85
C LYS C 1274 33.48 -58.18 58.47
N VAL C 1275 32.58 -58.25 59.46
CA VAL C 1275 31.15 -58.07 59.19
C VAL C 1275 30.89 -56.65 58.66
N TYR C 1276 31.51 -55.64 59.28
CA TYR C 1276 31.36 -54.28 58.81
C TYR C 1276 31.89 -54.11 57.40
N SER C 1277 33.06 -54.70 57.11
CA SER C 1277 33.63 -54.60 55.77
C SER C 1277 32.72 -55.25 54.73
N GLN C 1278 32.16 -56.41 55.03
CA GLN C 1278 31.25 -57.04 54.08
C GLN C 1278 29.98 -56.22 53.89
N LEU C 1279 29.37 -55.77 54.99
CA LEU C 1279 28.12 -55.02 54.85
C LEU C 1279 28.32 -53.68 54.16
N THR C 1280 29.52 -53.11 54.22
CA THR C 1280 29.85 -51.92 53.47
C THR C 1280 30.48 -52.21 52.12
N ILE C 1281 30.68 -53.49 51.79
CA ILE C 1281 31.28 -53.87 50.51
C ILE C 1281 30.48 -54.94 49.79
N PHE C 1282 29.36 -55.40 50.34
CA PHE C 1282 28.55 -56.39 49.65
C PHE C 1282 27.83 -55.78 48.45
N ALA C 1283 27.41 -54.52 48.56
CA ALA C 1283 26.69 -53.86 47.48
C ALA C 1283 27.68 -53.60 46.34
N ASN C 1284 27.58 -54.41 45.29
CA ASN C 1284 28.48 -54.36 44.14
C ASN C 1284 29.90 -54.54 44.66
N ARG C 1285 30.19 -55.79 45.05
CA ARG C 1285 31.48 -56.12 45.64
C ARG C 1285 32.56 -56.15 44.56
N VAL C 1286 33.58 -55.31 44.73
CA VAL C 1286 34.79 -55.35 43.92
C VAL C 1286 35.98 -55.28 44.86
N SER C 1287 36.84 -56.30 44.81
CA SER C 1287 37.99 -56.38 45.69
C SER C 1287 39.20 -56.86 44.90
N PHE C 1288 40.27 -57.19 45.61
CA PHE C 1288 41.52 -57.67 45.03
C PHE C 1288 42.09 -56.64 44.04
N ASN C 1289 42.43 -55.47 44.58
CA ASN C 1289 43.00 -54.39 43.80
C ASN C 1289 44.48 -54.26 44.12
N ASN C 1290 45.30 -54.14 43.09
CA ASN C 1290 46.75 -54.05 43.26
C ASN C 1290 47.12 -52.77 44.01
N SER C 1291 48.11 -52.88 44.89
CA SER C 1291 48.57 -51.76 45.69
C SER C 1291 50.03 -51.45 45.37
N THR C 1292 50.35 -50.17 45.28
CA THR C 1292 51.71 -49.73 44.97
C THR C 1292 52.50 -49.46 46.25
N ALA C 1293 52.01 -48.58 47.10
CA ALA C 1293 52.65 -48.23 48.36
C ALA C 1293 51.72 -48.57 49.52
N ILE C 1294 52.31 -48.98 50.64
CA ILE C 1294 51.54 -49.32 51.83
C ILE C 1294 52.06 -48.52 53.03
N PRO C 1295 51.26 -47.59 53.57
CA PRO C 1295 51.71 -46.87 54.77
C PRO C 1295 51.59 -47.71 56.04
N PHE C 1296 50.52 -48.50 56.16
CA PHE C 1296 50.31 -49.34 57.33
C PHE C 1296 49.48 -50.55 56.91
N PHE C 1297 50.14 -51.69 56.73
CA PHE C 1297 49.48 -52.92 56.30
C PHE C 1297 49.19 -53.79 57.52
N SER C 1298 47.94 -54.23 57.63
CA SER C 1298 47.49 -55.08 58.73
C SER C 1298 47.78 -54.43 60.08
N THR C 1299 47.68 -53.11 60.13
CA THR C 1299 47.96 -52.34 61.33
C THR C 1299 46.69 -52.27 62.18
N LYS C 1300 46.63 -53.09 63.23
CA LYS C 1300 45.52 -53.06 64.16
C LYS C 1300 45.62 -51.89 65.14
N SER C 1301 46.69 -51.10 65.06
CA SER C 1301 46.88 -49.99 65.97
C SER C 1301 45.78 -48.94 65.86
N VAL C 1302 45.10 -48.88 64.71
CA VAL C 1302 43.94 -48.00 64.59
C VAL C 1302 42.83 -48.42 65.55
N LEU C 1303 42.56 -49.73 65.60
CA LEU C 1303 41.55 -50.24 66.53
C LEU C 1303 42.00 -50.05 67.97
N TRP C 1304 43.29 -50.26 68.25
CA TRP C 1304 43.80 -50.05 69.60
C TRP C 1304 43.64 -48.60 70.02
N TYR C 1305 43.95 -47.66 69.13
CA TYR C 1305 43.78 -46.25 69.44
C TYR C 1305 42.31 -45.89 69.63
N CYS C 1306 41.43 -46.48 68.81
CA CYS C 1306 40.01 -46.23 68.98
C CYS C 1306 39.53 -46.72 70.34
N ASN C 1307 39.98 -47.90 70.75
CA ASN C 1307 39.61 -48.43 72.07
C ASN C 1307 40.17 -47.54 73.18
N ARG C 1308 41.41 -47.07 73.03
CA ARG C 1308 42.00 -46.19 74.03
C ARG C 1308 41.21 -44.89 74.15
N LEU C 1309 40.82 -44.31 73.01
CA LEU C 1309 40.04 -43.08 73.02
C LEU C 1309 38.68 -43.31 73.67
N PHE C 1310 38.05 -44.46 73.38
CA PHE C 1310 36.78 -44.78 74.04
C PHE C 1310 36.95 -44.91 75.55
N GLN C 1311 38.05 -45.53 75.98
CA GLN C 1311 38.28 -45.72 77.41
C GLN C 1311 38.79 -44.46 78.09
N GLU C 1312 39.44 -43.57 77.36
CA GLU C 1312 40.10 -42.41 77.97
C GLU C 1312 39.07 -41.36 78.38
N LEU C 1313 39.16 -40.92 79.64
CA LEU C 1313 38.36 -39.82 80.16
C LEU C 1313 36.86 -40.03 79.95
N GLU C 1314 36.41 -41.27 80.17
CA GLU C 1314 34.99 -41.63 80.10
C GLU C 1314 34.38 -41.25 78.74
N GLY C 1315 34.98 -41.79 77.69
CA GLY C 1315 34.49 -41.58 76.35
C GLY C 1315 34.93 -40.30 75.69
N PHE C 1316 35.75 -39.49 76.35
CA PHE C 1316 36.28 -38.30 75.70
C PHE C 1316 37.22 -38.70 74.57
N SER C 1317 37.23 -37.86 73.53
CA SER C 1317 37.90 -38.09 72.25
C SER C 1317 37.23 -39.18 71.42
N SER C 1318 36.23 -39.86 71.96
CA SER C 1318 35.36 -40.75 71.19
C SER C 1318 34.12 -40.04 70.70
N ILE C 1319 33.98 -38.74 71.00
CA ILE C 1319 32.85 -37.95 70.51
C ILE C 1319 32.93 -37.87 68.99
N PRO C 1320 31.83 -37.66 68.26
CA PRO C 1320 31.90 -37.75 66.81
C PRO C 1320 32.50 -36.54 66.10
N SER C 1321 32.86 -35.48 66.84
CA SER C 1321 33.49 -34.33 66.22
C SER C 1321 34.83 -34.69 65.62
N VAL C 1322 35.63 -35.46 66.34
CA VAL C 1322 37.00 -35.74 65.88
C VAL C 1322 36.98 -36.68 64.68
N ILE C 1323 36.12 -37.71 64.70
CA ILE C 1323 36.02 -38.57 63.52
C ILE C 1323 35.44 -37.80 62.35
N ASP C 1324 34.50 -36.88 62.61
CA ASP C 1324 33.99 -36.02 61.54
C ASP C 1324 35.12 -35.22 60.92
N LEU C 1325 36.00 -34.65 61.75
CA LEU C 1325 37.16 -33.94 61.24
C LEU C 1325 38.07 -34.85 60.42
N VAL C 1326 38.26 -36.09 60.86
CA VAL C 1326 39.13 -37.00 60.14
C VAL C 1326 38.55 -37.33 58.76
N LEU C 1327 37.26 -37.65 58.71
CA LEU C 1327 36.64 -37.94 57.41
C LEU C 1327 36.64 -36.71 56.51
N ARG C 1328 36.44 -35.53 57.09
CA ARG C 1328 36.52 -34.31 56.29
C ARG C 1328 37.93 -34.13 55.71
N ARG C 1329 38.95 -34.39 56.53
CA ARG C 1329 40.33 -34.31 56.05
C ARG C 1329 40.58 -35.29 54.93
N LEU C 1330 40.07 -36.52 55.07
CA LEU C 1330 40.24 -37.51 54.01
C LEU C 1330 39.51 -37.11 52.74
N ALA C 1331 38.29 -36.60 52.87
CA ALA C 1331 37.50 -36.20 51.70
C ALA C 1331 38.15 -35.05 50.95
N ILE C 1332 38.66 -34.06 51.70
CA ILE C 1332 39.40 -32.98 51.04
C ILE C 1332 40.68 -33.52 50.41
N GLN C 1333 41.38 -34.41 51.11
CA GLN C 1333 42.51 -35.11 50.51
C GLN C 1333 42.06 -35.95 49.33
N LEU C 1334 40.80 -36.41 49.34
CA LEU C 1334 40.20 -37.07 48.18
C LEU C 1334 39.89 -35.98 47.15
N HIS C 1335 40.97 -35.48 46.55
CA HIS C 1335 40.88 -34.28 45.72
C HIS C 1335 40.22 -34.57 44.38
N PHE C 1336 39.54 -33.56 43.85
CA PHE C 1336 38.92 -33.68 42.54
C PHE C 1336 39.97 -33.78 41.45
N ALA C 1337 41.02 -32.97 41.55
CA ALA C 1337 42.10 -33.04 40.56
C ALA C 1337 42.87 -34.34 40.66
N THR C 1338 42.85 -34.98 41.82
CA THR C 1338 43.51 -36.27 41.98
C THR C 1338 42.82 -37.31 41.12
N ASP C 1339 43.62 -38.18 40.49
CA ASP C 1339 43.12 -39.12 39.51
C ASP C 1339 42.62 -40.41 40.17
N GLU C 1340 42.17 -41.34 39.32
CA GLU C 1340 41.28 -42.42 39.75
C GLU C 1340 41.92 -43.36 40.76
N GLU C 1341 43.18 -43.73 40.54
CA GLU C 1341 43.80 -44.75 41.39
C GLU C 1341 43.85 -44.31 42.84
N LEU C 1342 44.18 -43.05 43.08
CA LEU C 1342 44.18 -42.56 44.45
C LEU C 1342 42.78 -42.32 44.99
N GLN C 1343 41.79 -42.05 44.14
CA GLN C 1343 40.41 -42.11 44.60
C GLN C 1343 40.11 -43.49 45.16
N VAL C 1344 40.58 -44.53 44.46
CA VAL C 1344 40.36 -45.90 44.93
C VAL C 1344 41.11 -46.14 46.24
N THR C 1345 42.35 -45.66 46.34
CA THR C 1345 43.12 -45.87 47.57
C THR C 1345 42.46 -45.16 48.76
N ILE C 1346 42.03 -43.92 48.55
CA ILE C 1346 41.34 -43.17 49.60
C ILE C 1346 40.02 -43.85 49.95
N SER C 1347 39.35 -44.44 48.97
CA SER C 1347 38.19 -45.26 49.25
C SER C 1347 38.54 -46.43 50.15
N PHE C 1348 39.69 -47.06 49.90
CA PHE C 1348 40.13 -48.17 50.75
C PHE C 1348 40.37 -47.70 52.19
N ARG C 1349 41.03 -46.55 52.36
CA ARG C 1349 41.22 -46.02 53.70
C ARG C 1349 39.89 -45.71 54.37
N LEU C 1350 38.96 -45.11 53.63
CA LEU C 1350 37.66 -44.77 54.18
C LEU C 1350 36.89 -46.01 54.58
N CYS C 1351 36.93 -47.06 53.76
CA CYS C 1351 36.26 -48.30 54.10
C CYS C 1351 36.86 -48.94 55.33
N ALA C 1352 38.20 -48.93 55.43
CA ALA C 1352 38.84 -49.47 56.62
C ALA C 1352 38.43 -48.69 57.87
N PHE C 1353 38.39 -47.36 57.76
CA PHE C 1353 37.99 -46.53 58.89
C PHE C 1353 36.56 -46.82 59.30
N LEU C 1354 35.65 -46.85 58.33
CA LEU C 1354 34.23 -47.07 58.64
C LEU C 1354 34.03 -48.45 59.24
N CYS C 1355 34.75 -49.46 58.75
CA CYS C 1355 34.69 -50.78 59.37
C CYS C 1355 35.20 -50.73 60.81
N PHE C 1356 36.29 -50.00 61.04
CA PHE C 1356 36.80 -49.79 62.38
C PHE C 1356 36.08 -48.68 63.12
N SER C 1357 35.16 -47.97 62.46
CA SER C 1357 34.48 -46.85 63.08
C SER C 1357 33.57 -47.32 64.21
N ASP C 1358 33.45 -46.48 65.24
CA ASP C 1358 32.61 -46.78 66.37
C ASP C 1358 31.14 -46.67 65.97
N PRO C 1359 30.24 -47.30 66.74
CA PRO C 1359 28.81 -47.19 66.42
C PRO C 1359 28.26 -45.77 66.50
N PHE C 1360 29.05 -44.82 67.00
CA PHE C 1360 28.61 -43.43 67.06
C PHE C 1360 28.33 -42.87 65.67
N ILE C 1361 28.83 -43.52 64.62
CA ILE C 1361 28.48 -43.15 63.26
C ILE C 1361 26.99 -43.23 62.98
N THR C 1362 26.21 -43.79 63.92
CA THR C 1362 24.76 -43.83 63.76
C THR C 1362 24.10 -42.46 63.84
N SER C 1363 24.81 -41.43 64.29
CA SER C 1363 24.25 -40.08 64.32
C SER C 1363 23.93 -39.60 62.91
N ASN C 1364 22.76 -38.98 62.77
CA ASN C 1364 22.19 -38.75 61.43
C ASN C 1364 23.07 -37.84 60.59
N TYR C 1365 23.60 -36.77 61.18
CA TYR C 1365 24.40 -35.82 60.41
C TYR C 1365 25.72 -36.46 59.98
N LEU C 1366 26.32 -37.27 60.84
CA LEU C 1366 27.61 -37.87 60.49
C LEU C 1366 27.43 -38.93 59.41
N VAL C 1367 26.42 -39.78 59.53
CA VAL C 1367 26.16 -40.73 58.45
C VAL C 1367 25.75 -39.98 57.19
N MET C 1368 25.15 -38.80 57.33
CA MET C 1368 24.85 -37.99 56.16
C MET C 1368 26.12 -37.54 55.46
N ILE C 1369 27.15 -37.14 56.22
CA ILE C 1369 28.44 -36.85 55.59
C ILE C 1369 28.98 -38.09 54.91
N VAL C 1370 28.80 -39.25 55.54
CA VAL C 1370 29.27 -40.50 54.93
C VAL C 1370 28.59 -40.72 53.58
N LEU C 1371 27.27 -40.49 53.52
CA LEU C 1371 26.55 -40.63 52.26
C LEU C 1371 27.01 -39.63 51.22
N ARG C 1372 27.29 -38.39 51.64
CA ARG C 1372 27.78 -37.38 50.69
C ARG C 1372 29.14 -37.79 50.13
N ILE C 1373 30.01 -38.33 50.99
CA ILE C 1373 31.30 -38.84 50.52
C ILE C 1373 31.08 -40.01 49.59
N ALA C 1374 30.08 -40.84 49.87
CA ALA C 1374 29.75 -41.95 48.97
C ALA C 1374 29.34 -41.44 47.60
N ARG C 1375 28.53 -40.38 47.57
CA ARG C 1375 28.12 -39.79 46.31
C ARG C 1375 29.32 -39.23 45.56
N GLN C 1376 30.21 -38.54 46.27
CA GLN C 1376 31.40 -37.98 45.63
C GLN C 1376 32.26 -39.08 45.05
N LEU C 1377 32.41 -40.19 45.77
CA LEU C 1377 33.16 -41.33 45.26
C LEU C 1377 32.48 -41.93 44.04
N LEU C 1378 31.15 -42.05 44.08
CA LEU C 1378 30.41 -42.58 42.95
C LEU C 1378 30.59 -41.70 41.71
N SER C 1379 30.81 -40.40 41.91
CA SER C 1379 31.14 -39.53 40.79
C SER C 1379 32.40 -40.01 40.08
N ILE C 1380 33.34 -40.59 40.80
CA ILE C 1380 34.55 -41.16 40.21
C ILE C 1380 34.20 -42.51 39.60
N PRO C 1381 34.41 -42.70 38.30
CA PRO C 1381 34.02 -43.99 37.67
C PRO C 1381 34.79 -45.19 38.19
N CYS C 1382 36.10 -45.06 38.39
CA CYS C 1382 36.91 -46.21 38.77
C CYS C 1382 36.54 -46.72 40.16
N THR C 1383 36.31 -45.80 41.10
CA THR C 1383 35.99 -46.16 42.48
C THR C 1383 34.49 -46.13 42.74
N GLN C 1384 33.67 -46.45 41.74
CA GLN C 1384 32.23 -46.41 41.93
C GLN C 1384 31.75 -47.52 42.84
N SER C 1385 32.22 -48.75 42.63
CA SER C 1385 31.70 -49.91 43.34
C SER C 1385 31.72 -49.71 44.86
N LEU C 1386 32.87 -49.31 45.39
CA LEU C 1386 32.93 -48.96 46.80
C LEU C 1386 31.95 -47.85 47.12
N GLY C 1387 31.73 -46.94 46.17
CA GLY C 1387 30.79 -45.85 46.41
C GLY C 1387 29.38 -46.34 46.67
N LEU C 1388 28.88 -47.24 45.82
CA LEU C 1388 27.56 -47.80 46.08
C LEU C 1388 27.56 -48.66 47.34
N GLY C 1389 28.71 -49.28 47.67
CA GLY C 1389 28.78 -50.01 48.93
C GLY C 1389 28.55 -49.11 50.14
N ILE C 1390 29.28 -48.00 50.18
CA ILE C 1390 29.06 -46.98 51.22
C ILE C 1390 27.61 -46.52 51.21
N ALA C 1391 27.08 -46.22 50.02
CA ALA C 1391 25.72 -45.71 49.91
C ALA C 1391 24.73 -46.67 50.53
N ARG C 1392 24.80 -47.95 50.16
CA ARG C 1392 23.86 -48.94 50.69
C ARG C 1392 24.01 -49.09 52.20
N PHE C 1393 25.24 -49.33 52.67
CA PHE C 1393 25.44 -49.64 54.08
C PHE C 1393 24.97 -48.49 54.96
N HIS C 1394 25.41 -47.29 54.69
CA HIS C 1394 25.02 -46.18 55.55
C HIS C 1394 23.69 -45.53 55.19
N LEU C 1395 23.06 -45.88 54.07
CA LEU C 1395 21.64 -45.55 53.96
C LEU C 1395 20.83 -46.48 54.86
N LYS C 1396 21.22 -47.75 54.93
CA LYS C 1396 20.59 -48.66 55.90
C LYS C 1396 20.84 -48.19 57.32
N LYS C 1397 22.01 -47.60 57.59
CA LYS C 1397 22.25 -47.04 58.91
C LYS C 1397 21.51 -45.73 59.14
N PHE C 1398 21.25 -44.96 58.08
CA PHE C 1398 20.53 -43.70 58.22
C PHE C 1398 19.07 -43.93 58.52
N LYS C 1399 18.43 -44.86 57.81
CA LYS C 1399 16.97 -44.99 57.85
C LYS C 1399 16.37 -45.17 59.24
N PRO C 1400 17.07 -45.74 60.25
CA PRO C 1400 16.51 -45.69 61.60
C PRO C 1400 16.28 -44.28 62.12
N THR C 1401 17.14 -43.34 61.78
CA THR C 1401 17.00 -41.95 62.20
C THR C 1401 16.28 -41.08 61.18
N ASP C 1402 15.89 -41.66 60.04
CA ASP C 1402 15.26 -40.86 58.98
C ASP C 1402 13.89 -40.35 59.41
N PHE C 1403 13.16 -41.15 60.18
CA PHE C 1403 11.79 -40.80 60.54
C PHE C 1403 11.75 -39.58 61.44
N PHE C 1406 14.15 -34.97 55.96
CA PHE C 1406 13.80 -36.12 55.13
C PHE C 1406 13.82 -35.77 53.65
N PHE C 1407 13.53 -34.50 53.32
CA PHE C 1407 13.65 -34.06 51.95
C PHE C 1407 15.08 -34.16 51.45
N GLN C 1408 16.06 -33.96 52.33
CA GLN C 1408 17.45 -34.15 51.94
C GLN C 1408 17.72 -35.59 51.58
N LEU C 1409 17.18 -36.53 52.36
CA LEU C 1409 17.33 -37.95 52.03
C LEU C 1409 16.67 -38.27 50.70
N ALA C 1410 15.47 -37.73 50.47
CA ALA C 1410 14.77 -37.98 49.22
C ALA C 1410 15.56 -37.44 48.03
N GLU C 1411 16.10 -36.22 48.17
CA GLU C 1411 16.88 -35.64 47.08
C GLU C 1411 18.17 -36.42 46.83
N PHE C 1412 18.87 -36.83 47.89
CA PHE C 1412 20.08 -37.61 47.71
C PHE C 1412 19.77 -38.98 47.10
N CYS C 1413 18.60 -39.53 47.39
CA CYS C 1413 18.26 -40.85 46.85
C CYS C 1413 18.32 -40.87 45.33
N MET C 1414 18.13 -39.70 44.69
CA MET C 1414 18.27 -39.59 43.24
C MET C 1414 19.75 -39.49 42.86
N ASP C 1415 20.50 -40.50 43.28
CA ASP C 1415 21.90 -40.66 42.92
C ASP C 1415 22.11 -41.92 42.08
N PHE C 1416 21.13 -42.25 41.24
CA PHE C 1416 21.16 -43.51 40.52
C PHE C 1416 22.12 -43.44 39.34
N LEU C 1417 22.82 -44.56 39.10
CA LEU C 1417 23.77 -44.67 38.01
C LEU C 1417 23.09 -44.94 36.68
N GLY C 1418 21.76 -45.13 36.68
CA GLY C 1418 21.03 -45.28 35.43
C GLY C 1418 21.27 -44.11 34.50
N PHE C 1419 21.51 -42.92 35.05
CA PHE C 1419 22.05 -41.80 34.32
C PHE C 1419 23.45 -41.50 34.85
N CYS C 1420 24.31 -41.03 33.95
CA CYS C 1420 25.71 -40.76 34.26
C CYS C 1420 26.41 -42.01 34.78
N LYS C 1427 28.94 -55.48 36.15
CA LYS C 1427 28.71 -54.10 36.60
C LYS C 1427 27.22 -53.77 36.64
N MET C 1428 26.52 -54.04 35.53
CA MET C 1428 25.09 -53.80 35.49
C MET C 1428 24.34 -54.69 36.47
N GLU C 1429 24.73 -55.96 36.57
CA GLU C 1429 24.10 -56.86 37.53
C GLU C 1429 24.31 -56.39 38.96
N ALA C 1430 25.42 -55.70 39.22
CA ALA C 1430 25.67 -55.16 40.55
C ALA C 1430 24.65 -54.08 40.89
N ILE C 1431 24.40 -53.16 39.95
CA ILE C 1431 23.38 -52.15 40.21
C ILE C 1431 22.00 -52.79 40.25
N GLN C 1432 21.82 -53.91 39.55
CA GLN C 1432 20.57 -54.65 39.66
C GLN C 1432 20.36 -55.15 41.09
N ASP C 1433 21.42 -55.72 41.68
CA ASP C 1433 21.37 -56.08 43.09
C ASP C 1433 21.10 -54.86 43.96
N PHE C 1434 21.64 -53.71 43.56
CA PHE C 1434 21.36 -52.47 44.28
C PHE C 1434 19.88 -52.15 44.28
N TYR C 1435 19.24 -52.15 43.11
CA TYR C 1435 17.80 -51.85 43.11
C TYR C 1435 17.00 -52.92 43.83
N THR C 1436 17.43 -54.18 43.78
CA THR C 1436 16.73 -55.21 44.55
C THR C 1436 16.79 -54.89 46.04
N TRP C 1437 17.96 -54.48 46.52
CA TRP C 1437 18.07 -54.04 47.91
C TRP C 1437 17.20 -52.83 48.19
N PHE C 1438 17.18 -51.88 47.24
CA PHE C 1438 16.41 -50.65 47.43
C PHE C 1438 14.93 -50.92 47.52
N ASP C 1439 14.43 -51.90 46.78
CA ASP C 1439 13.01 -52.21 46.79
C ASP C 1439 12.62 -52.89 48.09
N TYR C 1441 14.20 -51.51 50.50
CA TYR C 1441 14.40 -50.38 51.41
C TYR C 1441 13.37 -49.30 51.16
N VAL C 1442 12.98 -49.12 49.89
CA VAL C 1442 11.98 -48.12 49.57
C VAL C 1442 10.64 -48.51 50.18
N THR C 1443 10.33 -49.81 50.23
CA THR C 1443 9.11 -50.26 50.89
C THR C 1443 9.16 -49.95 52.38
N ALA C 1444 10.32 -50.16 53.01
CA ALA C 1444 10.48 -49.84 54.42
C ALA C 1444 10.29 -48.35 54.67
N LEU C 1445 10.82 -47.50 53.78
CA LEU C 1445 10.63 -46.06 53.92
C LEU C 1445 9.18 -45.67 53.68
N LEU C 1446 8.49 -46.35 52.76
CA LEU C 1446 7.13 -45.97 52.39
C LEU C 1446 6.10 -46.40 53.42
N ASN C 1447 6.30 -47.55 54.08
CA ASN C 1447 5.26 -48.06 54.97
C ASN C 1447 4.94 -47.08 56.09
N PHE C 1448 5.93 -46.31 56.54
CA PHE C 1448 5.66 -45.30 57.56
C PHE C 1448 4.95 -44.11 56.94
N GLU C 1449 5.36 -43.72 55.73
CA GLU C 1449 4.68 -42.68 54.94
C GLU C 1449 4.62 -41.34 55.68
N TYR C 1450 5.81 -40.80 55.96
CA TYR C 1450 5.87 -39.49 56.61
C TYR C 1450 5.47 -38.38 55.65
N GLU C 1451 6.19 -38.25 54.53
CA GLU C 1451 5.81 -37.29 53.51
C GLU C 1451 4.80 -37.87 52.54
N GLY C 1452 4.93 -39.16 52.21
CA GLY C 1452 4.02 -39.84 51.33
C GLY C 1452 4.27 -39.65 49.86
N TYR C 1453 5.24 -38.82 49.48
CA TYR C 1453 5.53 -38.53 48.09
C TYR C 1453 7.03 -38.50 47.86
N GLY C 1454 7.73 -39.51 48.39
CA GLY C 1454 9.17 -39.58 48.22
C GLY C 1454 9.61 -39.71 46.78
N PHE C 1455 8.72 -40.13 45.88
CA PHE C 1455 8.94 -40.33 44.45
C PHE C 1455 9.89 -41.49 44.19
N LEU C 1456 10.46 -42.10 45.23
CA LEU C 1456 11.42 -43.19 45.03
C LEU C 1456 10.76 -44.39 44.36
N ARG C 1457 9.45 -44.58 44.56
CA ARG C 1457 8.77 -45.72 43.95
C ARG C 1457 8.79 -45.63 42.43
N CYS C 1458 8.47 -44.45 41.90
CA CYS C 1458 8.42 -44.28 40.44
C CYS C 1458 9.80 -44.50 39.83
N GLN C 1459 10.83 -43.92 40.43
CA GLN C 1459 12.18 -44.08 39.89
C GLN C 1459 12.66 -45.52 40.00
N ILE C 1460 12.38 -46.16 41.14
CA ILE C 1460 12.85 -47.52 41.34
C ILE C 1460 12.11 -48.48 40.39
N ASN C 1461 10.86 -48.17 40.05
CA ASN C 1461 10.18 -48.97 39.03
C ASN C 1461 10.72 -48.66 37.64
N PHE C 1462 11.14 -47.43 37.40
CA PHE C 1462 11.73 -47.07 36.10
C PHE C 1462 13.02 -47.85 35.88
N VAL C 1463 13.95 -47.80 36.84
CA VAL C 1463 15.23 -48.46 36.64
C VAL C 1463 15.05 -49.97 36.57
N ARG C 1464 14.11 -50.52 37.32
CA ARG C 1464 13.84 -51.95 37.28
C ARG C 1464 12.93 -52.35 36.13
N SER C 1465 12.46 -51.39 35.34
CA SER C 1465 11.51 -51.63 34.24
C SER C 1465 10.21 -52.26 34.74
N VAL C 1466 9.90 -52.07 36.02
CA VAL C 1466 8.68 -52.63 36.61
C VAL C 1466 7.54 -51.66 36.34
N MET C 1467 6.47 -52.18 35.74
CA MET C 1467 5.31 -51.35 35.43
C MET C 1467 4.63 -50.89 36.72
N THR C 1468 4.31 -49.60 36.78
CA THR C 1468 3.59 -49.06 37.92
C THR C 1468 2.09 -49.06 37.63
N THR C 1469 1.31 -48.89 38.69
CA THR C 1469 -0.14 -48.92 38.60
C THR C 1469 -0.72 -47.52 38.56
N LYS C 1470 -2.04 -47.45 38.31
CA LYS C 1470 -2.70 -46.17 38.06
C LYS C 1470 -2.87 -45.39 39.35
N ASN C 1471 -3.59 -45.96 40.31
CA ASN C 1471 -3.98 -45.21 41.50
C ASN C 1471 -2.77 -44.77 42.31
N GLU C 1472 -1.75 -45.63 42.43
CA GLU C 1472 -0.56 -45.26 43.19
C GLU C 1472 0.21 -44.14 42.50
N TRP C 1473 0.30 -44.18 41.16
CA TRP C 1473 0.93 -43.08 40.45
C TRP C 1473 0.16 -41.78 40.63
N ILE C 1474 -1.17 -41.86 40.63
CA ILE C 1474 -1.99 -40.67 40.87
C ILE C 1474 -1.73 -40.13 42.27
N GLU C 1475 -1.65 -41.02 43.26
CA GLU C 1475 -1.36 -40.58 44.62
C GLU C 1475 0.02 -39.95 44.73
N VAL C 1476 1.00 -40.52 44.02
CA VAL C 1476 2.33 -39.94 43.99
C VAL C 1476 2.28 -38.53 43.41
N SER C 1477 1.53 -38.37 42.32
CA SER C 1477 1.43 -37.06 41.69
C SER C 1477 0.77 -36.04 42.59
N ASN C 1478 -0.35 -36.40 43.23
CA ASN C 1478 -1.08 -35.40 44.02
C ASN C 1478 -0.42 -35.12 45.36
N LYS C 1479 0.24 -36.11 45.97
CA LYS C 1479 0.98 -35.86 47.20
C LYS C 1479 2.27 -35.12 46.95
N LEU C 1480 2.77 -35.12 45.71
CA LEU C 1480 3.96 -34.36 45.36
C LEU C 1480 3.75 -32.86 45.44
N PHE C 1481 2.50 -32.42 45.56
CA PHE C 1481 2.17 -31.01 45.39
C PHE C 1481 1.35 -30.40 46.51
N GLU C 1482 0.69 -31.19 47.34
CA GLU C 1482 0.00 -30.63 48.51
C GLU C 1482 0.97 -30.00 49.48
N ARG C 1483 2.25 -30.37 49.42
CA ARG C 1483 3.32 -29.76 50.18
C ARG C 1483 4.35 -29.18 49.20
N GLY C 1484 5.43 -28.63 49.76
CA GLY C 1484 6.48 -28.09 48.92
C GLY C 1484 7.61 -29.08 48.66
N HIS C 1485 7.55 -29.76 47.53
CA HIS C 1485 8.65 -30.66 47.16
C HIS C 1485 9.20 -30.37 45.77
N LYS C 1488 9.70 -27.65 44.56
CA LYS C 1488 10.58 -26.49 44.63
C LYS C 1488 12.03 -26.88 44.89
N ARG C 1489 12.28 -28.15 45.21
CA ARG C 1489 13.62 -28.67 45.44
C ARG C 1489 14.23 -29.33 44.21
N ILE C 1490 13.52 -29.34 43.09
CA ILE C 1490 14.04 -29.91 41.86
C ILE C 1490 14.64 -28.80 41.00
N ALA C 1491 14.98 -27.68 41.64
CA ALA C 1491 15.57 -26.56 40.92
C ALA C 1491 16.89 -26.92 40.26
N MET C 1492 17.59 -27.93 40.78
CA MET C 1492 18.86 -28.33 40.21
C MET C 1492 18.66 -28.87 38.80
N ASN C 1493 19.47 -28.38 37.86
CA ASN C 1493 19.32 -28.79 36.47
C ASN C 1493 19.85 -30.20 36.25
N ASN C 1494 20.98 -30.54 36.88
CA ASN C 1494 21.51 -31.90 36.75
C ASN C 1494 20.65 -32.90 37.50
N TYR C 1495 19.87 -32.44 38.48
CA TYR C 1495 19.03 -33.32 39.26
C TYR C 1495 17.58 -33.34 38.80
N LEU C 1496 17.26 -32.71 37.67
CA LEU C 1496 15.89 -32.70 37.17
C LEU C 1496 15.66 -33.77 36.12
N CYS C 1497 16.60 -33.93 35.18
CA CYS C 1497 16.50 -35.04 34.24
C CYS C 1497 16.52 -36.38 34.97
N LEU C 1498 17.16 -36.44 36.13
CA LEU C 1498 17.02 -37.59 37.00
C LEU C 1498 15.69 -37.58 37.74
N TYR C 1499 15.16 -36.39 38.04
CA TYR C 1499 13.91 -36.25 38.77
C TYR C 1499 12.72 -36.44 37.83
N PHE C 1500 11.54 -36.04 38.27
CA PHE C 1500 10.31 -36.37 37.56
C PHE C 1500 10.15 -35.56 36.27
N TRP C 1501 11.10 -35.73 35.36
CA TRP C 1501 10.90 -35.37 33.97
C TRP C 1501 11.43 -36.40 32.99
N GLN C 1502 12.19 -37.40 33.45
CA GLN C 1502 12.50 -38.56 32.64
C GLN C 1502 11.69 -39.77 33.04
N VAL C 1503 11.35 -39.89 34.32
CA VAL C 1503 10.45 -40.95 34.75
C VAL C 1503 9.04 -40.70 34.26
N LEU C 1504 8.61 -39.43 34.25
CA LEU C 1504 7.26 -39.10 33.81
C LEU C 1504 7.07 -39.42 32.32
N ASP C 1505 8.11 -39.25 31.51
CA ASP C 1505 8.00 -39.56 30.09
C ASP C 1505 7.71 -41.05 29.88
N ALA C 1506 8.35 -41.91 30.66
CA ALA C 1506 8.15 -43.34 30.51
C ALA C 1506 6.79 -43.80 31.05
N CYS C 1507 6.16 -43.00 31.90
CA CYS C 1507 4.88 -43.39 32.48
C CYS C 1507 3.82 -43.48 31.38
N PRO C 1508 2.79 -44.32 31.57
CA PRO C 1508 1.80 -44.51 30.51
C PRO C 1508 1.05 -43.24 30.17
N ARG C 1509 0.65 -43.13 28.90
CA ARG C 1509 -0.03 -41.93 28.42
C ARG C 1509 -1.35 -41.71 29.14
N ASN C 1510 -2.11 -42.78 29.36
CA ASN C 1510 -3.35 -42.65 30.12
C ASN C 1510 -3.07 -42.19 31.55
N VAL C 1511 -2.05 -42.77 32.18
CA VAL C 1511 -1.64 -42.31 33.51
C VAL C 1511 -1.21 -40.86 33.45
N LEU C 1512 -0.47 -40.49 32.40
CA LEU C 1512 -0.03 -39.11 32.25
C LEU C 1512 -1.22 -38.15 32.19
N HIS C 1513 -2.25 -38.52 31.43
CA HIS C 1513 -3.47 -37.72 31.42
C HIS C 1513 -4.13 -37.70 32.79
N SER C 1514 -4.01 -38.80 33.55
CA SER C 1514 -4.62 -38.89 34.86
C SER C 1514 -3.81 -38.21 35.95
N LEU C 1515 -2.61 -37.71 35.64
CA LEU C 1515 -1.80 -37.03 36.63
C LEU C 1515 -2.44 -35.69 37.03
N SER C 1516 -2.08 -35.22 38.22
CA SER C 1516 -2.65 -33.98 38.72
C SER C 1516 -2.20 -32.80 37.87
N LEU C 1517 -3.06 -31.77 37.81
CA LEU C 1517 -2.86 -30.66 36.91
C LEU C 1517 -1.67 -29.78 37.28
N GLU C 1518 -1.28 -29.77 38.56
CA GLU C 1518 -0.21 -28.88 39.01
C GLU C 1518 1.17 -29.28 38.48
N ILE C 1519 1.29 -30.46 37.87
CA ILE C 1519 2.55 -30.85 37.25
C ILE C 1519 2.93 -29.85 36.15
N TRP C 1520 1.94 -29.43 35.36
CA TRP C 1520 2.16 -28.52 34.25
C TRP C 1520 1.66 -27.12 34.52
N LYS C 1521 1.20 -26.84 35.75
CA LYS C 1521 0.72 -25.50 36.06
C LYS C 1521 1.84 -24.47 35.95
N CYS C 1522 3.02 -24.81 36.45
CA CYS C 1522 4.19 -23.94 36.38
C CYS C 1522 5.08 -24.46 35.26
N TYR C 1523 4.82 -23.98 34.05
CA TYR C 1523 5.51 -24.51 32.87
C TYR C 1523 6.95 -24.00 32.75
N LYS C 1524 7.30 -22.93 33.46
CA LYS C 1524 8.65 -22.39 33.39
C LYS C 1524 9.38 -22.39 34.73
N ALA C 1525 8.71 -22.72 35.83
CA ALA C 1525 9.37 -22.73 37.13
C ALA C 1525 10.48 -23.77 37.17
N TYR C 1526 10.25 -24.92 36.54
CA TYR C 1526 11.28 -25.94 36.48
C TYR C 1526 12.47 -25.44 35.67
N ASP C 1527 13.67 -25.78 36.13
CA ASP C 1527 14.91 -25.39 35.46
C ASP C 1527 15.23 -26.42 34.38
N ILE C 1528 15.19 -25.99 33.12
CA ILE C 1528 15.33 -26.88 31.97
C ILE C 1528 16.72 -26.67 31.38
N THR C 1529 17.68 -26.26 32.21
CA THR C 1529 19.03 -26.00 31.73
C THR C 1529 19.66 -27.26 31.14
N GLU C 1530 19.56 -28.37 31.87
CA GLU C 1530 20.13 -29.65 31.44
C GLU C 1530 18.98 -30.60 31.11
N PHE C 1531 18.78 -30.87 29.83
CA PHE C 1531 17.72 -31.72 29.34
C PHE C 1531 18.21 -32.36 28.04
N PRO C 1532 18.01 -33.65 27.84
CA PRO C 1532 18.26 -34.25 26.52
C PRO C 1532 17.22 -33.75 25.52
N ASP C 1533 17.56 -33.87 24.24
CA ASP C 1533 16.68 -33.39 23.19
C ASP C 1533 15.33 -34.11 23.23
N SER C 1534 15.36 -35.44 23.35
CA SER C 1534 14.13 -36.21 23.36
C SER C 1534 13.25 -35.84 24.54
N LEU C 1535 13.86 -35.61 25.71
CA LEU C 1535 13.08 -35.21 26.87
C LEU C 1535 12.40 -33.87 26.65
N LYS C 1536 13.11 -32.93 26.03
CA LYS C 1536 12.50 -31.63 25.73
C LYS C 1536 11.37 -31.78 24.72
N LEU C 1537 11.52 -32.65 23.73
CA LEU C 1537 10.45 -32.89 22.77
C LEU C 1537 9.22 -33.47 23.46
N PHE C 1538 9.43 -34.45 24.35
CA PHE C 1538 8.31 -35.01 25.10
C PHE C 1538 7.65 -33.97 25.99
N PHE C 1539 8.47 -33.12 26.60
CA PHE C 1539 7.95 -32.02 27.41
C PHE C 1539 7.05 -31.12 26.58
N SER C 1540 7.51 -30.73 25.39
CA SER C 1540 6.72 -29.87 24.52
C SER C 1540 5.41 -30.54 24.10
N ASP C 1541 5.48 -31.82 23.73
CA ASP C 1541 4.27 -32.52 23.29
C ASP C 1541 3.26 -32.62 24.42
N ILE C 1542 3.68 -33.07 25.59
CA ILE C 1542 2.75 -33.20 26.71
C ILE C 1542 2.25 -31.83 27.13
N MET C 1543 3.06 -30.79 26.95
CA MET C 1543 2.63 -29.46 27.39
C MET C 1543 1.55 -28.92 26.46
N GLY C 1544 1.71 -29.12 25.16
CA GLY C 1544 0.63 -28.78 24.25
C GLY C 1544 -0.64 -29.56 24.54
N TRP C 1545 -0.50 -30.86 24.79
CA TRP C 1545 -1.65 -31.68 25.13
C TRP C 1545 -2.37 -31.18 26.37
N ASN C 1546 -1.60 -30.73 27.38
CA ASN C 1546 -2.20 -30.25 28.61
C ASN C 1546 -2.77 -28.85 28.47
N PHE C 1547 -2.19 -28.01 27.60
CA PHE C 1547 -2.78 -26.71 27.34
C PHE C 1547 -4.14 -26.84 26.66
N PHE C 1548 -4.25 -27.79 25.72
CA PHE C 1548 -5.48 -27.88 24.95
C PHE C 1548 -6.69 -28.21 25.82
N LYS C 1549 -6.49 -28.89 26.94
CA LYS C 1549 -7.57 -29.23 27.86
C LYS C 1549 -7.36 -28.48 29.16
N SER C 1550 -8.34 -27.67 29.56
CA SER C 1550 -8.31 -26.89 30.79
C SER C 1550 -7.03 -26.06 30.86
N PRO C 1551 -6.93 -24.97 30.11
CA PRO C 1551 -5.69 -24.18 30.10
C PRO C 1551 -5.29 -23.71 31.48
N GLU C 1552 -3.98 -23.70 31.72
CA GLU C 1552 -3.41 -23.46 33.03
C GLU C 1552 -2.66 -22.12 33.09
N ILE C 1553 -3.07 -21.15 32.27
CA ILE C 1553 -2.39 -19.86 32.24
C ILE C 1553 -2.62 -19.11 33.54
N ALA C 1554 -3.83 -19.19 34.09
CA ALA C 1554 -4.13 -18.49 35.34
C ALA C 1554 -3.27 -19.03 36.48
N ASP C 1555 -2.63 -18.13 37.21
CA ASP C 1555 -1.73 -18.49 38.30
C ASP C 1555 -1.99 -17.59 39.49
N LEU C 1556 -1.58 -18.07 40.67
CA LEU C 1556 -1.67 -17.26 41.87
C LEU C 1556 -0.64 -16.13 41.83
N ASN C 1557 -0.95 -15.05 42.53
CA ASN C 1557 -0.15 -13.83 42.44
C ASN C 1557 0.88 -13.72 43.55
N HIS C 1558 0.52 -14.05 44.79
CA HIS C 1558 1.33 -13.71 45.95
C HIS C 1558 2.21 -14.87 46.39
N TYR C 1559 3.34 -14.51 46.99
CA TYR C 1559 4.29 -15.42 47.61
C TYR C 1559 4.36 -15.12 49.10
N ILE C 1560 5.31 -15.76 49.78
CA ILE C 1560 5.49 -15.60 51.23
C ILE C 1560 5.92 -14.17 51.53
N PRO C 1561 5.61 -13.63 52.70
CA PRO C 1561 6.02 -12.26 53.03
C PRO C 1561 7.48 -12.23 53.45
N LYS C 1562 7.96 -11.02 53.75
CA LYS C 1562 9.35 -10.83 54.13
C LYS C 1562 9.55 -10.37 55.57
N THR C 1563 8.51 -9.83 56.22
CA THR C 1563 8.66 -9.41 57.61
C THR C 1563 8.90 -10.63 58.49
N ASP C 1564 9.85 -10.51 59.41
CA ASP C 1564 10.27 -11.64 60.23
C ASP C 1564 9.32 -11.89 61.40
N PRO C 1565 9.02 -10.89 62.25
CA PRO C 1565 8.14 -11.24 63.36
C PRO C 1565 6.67 -10.96 63.05
N TYR C 1573 15.68 -4.16 71.04
CA TYR C 1573 15.12 -5.37 71.64
C TYR C 1573 16.00 -6.56 71.27
N GLU C 1574 16.31 -7.39 72.27
CA GLU C 1574 17.20 -8.53 72.02
C GLU C 1574 16.55 -9.59 71.14
N GLU C 1575 15.23 -9.76 71.23
CA GLU C 1575 14.58 -10.81 70.45
C GLU C 1575 14.71 -10.57 68.96
N SER C 1576 14.68 -9.30 68.53
CA SER C 1576 14.88 -9.01 67.12
C SER C 1576 16.24 -9.48 66.64
N LYS C 1577 17.30 -9.15 67.40
CA LYS C 1577 18.63 -9.60 67.06
C LYS C 1577 18.71 -11.12 67.04
N LEU C 1578 18.02 -11.77 67.98
CA LEU C 1578 17.96 -13.23 67.99
C LEU C 1578 17.34 -13.76 66.71
N ILE C 1579 16.27 -13.12 66.23
CA ILE C 1579 15.63 -13.57 65.00
C ILE C 1579 16.55 -13.39 63.81
N ILE C 1580 17.26 -12.26 63.74
CA ILE C 1580 18.21 -12.06 62.65
C ILE C 1580 19.30 -13.13 62.66
N TRP C 1581 19.87 -13.40 63.84
CA TRP C 1581 20.91 -14.42 63.91
C TRP C 1581 20.36 -15.80 63.58
N LYS C 1582 19.10 -16.06 63.97
CA LYS C 1582 18.46 -17.32 63.62
C LYS C 1582 18.33 -17.48 62.12
N LEU C 1583 17.90 -16.41 61.44
CA LEU C 1583 17.78 -16.47 59.99
C LEU C 1583 19.14 -16.71 59.35
N ILE C 1584 20.18 -16.01 59.82
CA ILE C 1584 21.50 -16.15 59.24
C ILE C 1584 22.01 -17.58 59.41
N CYS C 1585 21.86 -18.13 60.62
CA CYS C 1585 22.37 -19.48 60.87
C CYS C 1585 21.55 -20.53 60.14
N GLN C 1586 20.23 -20.31 59.98
CA GLN C 1586 19.44 -21.23 59.17
C GLN C 1586 19.90 -21.23 57.73
N LYS C 1587 20.18 -20.05 57.18
CA LYS C 1587 20.74 -19.97 55.83
C LYS C 1587 22.07 -20.69 55.75
N ALA C 1588 22.92 -20.49 56.75
CA ALA C 1588 24.23 -21.15 56.76
C ALA C 1588 24.09 -22.66 56.80
N CYS C 1589 23.18 -23.17 57.62
CA CYS C 1589 22.96 -24.61 57.68
C CYS C 1589 22.43 -25.15 56.37
N SER C 1590 21.54 -24.40 55.71
CA SER C 1590 21.05 -24.82 54.40
C SER C 1590 22.18 -24.90 53.40
N LEU C 1591 23.08 -23.91 53.38
CA LEU C 1591 24.23 -23.97 52.50
C LEU C 1591 25.13 -25.16 52.85
N LEU C 1592 25.29 -25.44 54.14
CA LEU C 1592 26.10 -26.57 54.55
C LEU C 1592 25.53 -27.89 54.01
N PHE C 1593 24.21 -28.07 54.14
CA PHE C 1593 23.59 -29.28 53.61
C PHE C 1593 23.70 -29.36 52.10
N LYS C 1594 23.52 -28.24 51.39
CA LYS C 1594 23.50 -28.27 49.94
C LYS C 1594 24.89 -28.37 49.33
N TYR C 1595 25.82 -27.51 49.72
CA TYR C 1595 27.16 -27.52 49.15
C TYR C 1595 27.94 -28.74 49.62
N ILE C 1597 32.86 -30.86 48.25
CA ILE C 1597 33.02 -31.27 49.65
C ILE C 1597 33.90 -30.27 50.37
N LEU C 1598 34.84 -29.66 49.65
CA LEU C 1598 35.73 -28.67 50.25
C LEU C 1598 34.94 -27.48 50.77
N LEU C 1599 34.04 -26.94 49.93
CA LEU C 1599 33.22 -25.82 50.38
C LEU C 1599 32.32 -26.24 51.54
N ASP C 1600 31.75 -27.44 51.47
CA ASP C 1600 30.90 -27.91 52.56
C ASP C 1600 31.68 -28.01 53.87
N SER C 1601 32.91 -28.55 53.80
CA SER C 1601 33.74 -28.61 55.00
C SER C 1601 34.06 -27.21 55.52
N PHE C 1602 34.29 -26.26 54.60
CA PHE C 1602 34.56 -24.89 55.04
C PHE C 1602 33.36 -24.28 55.74
N ILE C 1603 32.15 -24.51 55.23
CA ILE C 1603 30.97 -24.01 55.92
C ILE C 1603 30.81 -24.70 57.27
N GLU C 1604 31.15 -25.99 57.34
CA GLU C 1604 31.09 -26.68 58.63
C GLU C 1604 32.04 -26.04 59.63
N ASP C 1605 33.26 -25.71 59.19
CA ASP C 1605 34.20 -25.03 60.07
C ASP C 1605 33.69 -23.64 60.47
N CYS C 1606 33.11 -22.91 59.52
CA CYS C 1606 32.60 -21.58 59.81
C CYS C 1606 31.48 -21.63 60.84
N ILE C 1607 30.58 -22.60 60.72
CA ILE C 1607 29.53 -22.77 61.73
C ILE C 1607 30.15 -23.18 63.06
N ARG C 1608 31.21 -24.00 63.01
CA ARG C 1608 31.94 -24.33 64.22
C ARG C 1608 32.56 -23.10 64.87
N MET C 1609 32.81 -22.05 64.10
CA MET C 1609 33.29 -20.80 64.69
C MET C 1609 32.24 -20.12 65.55
N GLN C 1617 31.21 -20.56 68.40
CA GLN C 1617 31.57 -21.31 69.61
C GLN C 1617 30.63 -20.99 70.77
N GLU C 1618 30.15 -19.76 70.86
CA GLU C 1618 29.33 -19.33 71.99
C GLU C 1618 27.85 -19.59 71.70
N LEU C 1619 27.16 -20.16 72.70
CA LEU C 1619 25.75 -20.52 72.56
C LEU C 1619 24.90 -19.34 73.01
N ARG C 1620 24.04 -18.86 72.11
CA ARG C 1620 23.15 -17.73 72.37
C ARG C 1620 21.68 -18.15 72.34
N LYS C 1621 21.42 -19.43 72.62
CA LYS C 1621 20.13 -20.11 72.47
C LYS C 1621 19.74 -20.26 71.00
N PHE C 1622 20.50 -19.69 70.07
CA PHE C 1622 20.21 -19.79 68.65
C PHE C 1622 20.50 -21.18 68.09
N LEU C 1623 21.18 -22.04 68.85
CA LEU C 1623 21.45 -23.40 68.41
C LEU C 1623 20.25 -24.32 68.59
N ASN C 1624 19.23 -23.90 69.33
CA ASN C 1624 18.05 -24.74 69.54
C ASN C 1624 17.28 -24.96 68.24
N PHE C 1625 17.12 -23.91 67.44
CA PHE C 1625 16.35 -24.02 66.21
C PHE C 1625 16.96 -25.03 65.23
N PRO C 1626 18.26 -25.01 64.94
CA PRO C 1626 18.85 -26.15 64.24
C PRO C 1626 18.78 -27.40 65.09
N LYS C 1627 18.64 -28.54 64.42
CA LYS C 1627 18.49 -29.80 65.14
C LYS C 1627 19.73 -30.11 65.97
N ASP C 1628 19.50 -30.69 67.14
CA ASP C 1628 20.55 -30.82 68.15
C ASP C 1628 21.67 -31.76 67.70
N SER C 1629 21.42 -32.58 66.68
CA SER C 1629 22.46 -33.47 66.19
C SER C 1629 23.64 -32.69 65.63
N ILE C 1630 23.36 -31.64 64.85
CA ILE C 1630 24.44 -30.77 64.37
C ILE C 1630 25.10 -30.06 65.53
N ILE C 1631 24.33 -29.72 66.56
CA ILE C 1631 24.90 -29.05 67.73
C ILE C 1631 25.91 -29.95 68.42
N TYR C 1632 25.58 -31.24 68.55
CA TYR C 1632 26.49 -32.16 69.22
C TYR C 1632 27.69 -32.47 68.34
N ASP C 1633 27.49 -32.63 67.03
CA ASP C 1633 28.61 -33.01 66.17
C ASP C 1633 29.53 -31.84 65.88
N SER C 1634 29.01 -30.79 65.21
CA SER C 1634 29.82 -29.66 64.79
C SER C 1634 29.12 -28.35 65.21
N ASP C 1635 29.32 -27.98 66.47
CA ASP C 1635 28.88 -26.68 67.00
C ASP C 1635 29.61 -26.39 68.31
N THR C 1638 35.43 -27.91 74.22
CA THR C 1638 35.44 -29.35 73.99
C THR C 1638 35.71 -29.67 72.53
N LEU C 1639 35.02 -28.96 71.64
CA LEU C 1639 35.21 -29.18 70.21
C LEU C 1639 36.61 -28.76 69.79
N VAL C 1640 37.10 -29.39 68.73
CA VAL C 1640 38.46 -29.15 68.27
C VAL C 1640 38.58 -27.73 67.72
N SER C 1641 39.54 -26.97 68.25
CA SER C 1641 39.77 -25.62 67.74
C SER C 1641 40.36 -25.65 66.33
N GLU C 1642 41.16 -26.67 66.03
CA GLU C 1642 41.76 -26.78 64.70
C GLU C 1642 40.68 -26.97 63.65
N GLU C 1643 40.80 -26.21 62.56
CA GLU C 1643 39.81 -26.29 61.49
C GLU C 1643 39.91 -27.63 60.76
N GLY C 1644 38.77 -28.24 60.52
CA GLY C 1644 38.69 -29.51 59.82
C GLY C 1644 38.52 -29.40 58.32
N SER C 1645 38.68 -28.21 57.76
CA SER C 1645 38.43 -27.98 56.34
C SER C 1645 39.72 -27.90 55.53
N PHE C 1646 40.64 -27.02 55.91
CA PHE C 1646 41.83 -26.75 55.11
C PHE C 1646 43.08 -26.87 55.96
N GLN C 1647 44.20 -27.09 55.29
CA GLN C 1647 45.48 -27.32 55.95
C GLN C 1647 46.48 -26.24 55.58
N TRP C 1648 46.03 -24.98 55.63
CA TRP C 1648 46.84 -23.79 55.41
C TRP C 1648 47.24 -23.62 53.95
N VAL C 1649 46.92 -24.61 53.12
CA VAL C 1649 47.15 -24.50 51.68
C VAL C 1649 45.93 -25.01 50.92
N LYS C 1650 45.05 -25.73 51.62
CA LYS C 1650 43.83 -26.24 51.01
C LYS C 1650 42.75 -25.17 50.87
N LEU C 1651 42.87 -24.05 51.57
CA LEU C 1651 41.85 -23.01 51.53
C LEU C 1651 41.77 -22.39 50.14
N GLN C 1652 40.56 -22.02 49.76
CA GLN C 1652 40.36 -21.48 48.42
C GLN C 1652 40.86 -20.04 48.34
N PRO C 1653 41.37 -19.63 47.17
CA PRO C 1653 41.92 -18.28 47.03
C PRO C 1653 40.86 -17.21 46.78
N THR C 1654 39.59 -17.53 47.04
CA THR C 1654 38.47 -16.58 46.93
C THR C 1654 38.37 -15.99 45.52
N ASN C 1655 38.09 -16.86 44.56
CA ASN C 1655 37.88 -16.51 43.17
C ASN C 1655 36.50 -17.02 42.71
N PHE C 1656 36.24 -16.88 41.41
CA PHE C 1656 34.96 -17.27 40.81
C PHE C 1656 33.79 -16.55 41.49
N ASP C 1657 33.98 -15.27 41.78
CA ASP C 1657 32.92 -14.48 42.40
C ASP C 1657 31.82 -14.18 41.39
N SER C 1658 30.67 -13.79 41.90
CA SER C 1658 29.50 -13.54 41.07
C SER C 1658 29.61 -12.20 40.35
N LEU C 1659 28.75 -12.03 39.35
CA LEU C 1659 28.60 -10.71 38.73
C LEU C 1659 28.03 -9.72 39.72
N SER C 1660 27.27 -10.19 40.69
CA SER C 1660 26.81 -9.36 41.81
C SER C 1660 27.81 -9.43 42.96
N ASN C 1661 29.09 -9.19 42.66
CA ASN C 1661 30.09 -9.00 43.70
C ASN C 1661 29.94 -7.64 44.38
N TRP C 1662 29.08 -6.78 43.85
CA TRP C 1662 28.82 -5.49 44.48
C TRP C 1662 28.31 -5.69 45.91
N THR C 1663 27.35 -6.58 46.09
CA THR C 1663 26.88 -6.86 47.44
C THR C 1663 27.95 -7.53 48.28
N LYS C 1664 28.87 -8.29 47.67
CA LYS C 1664 29.97 -8.87 48.42
C LYS C 1664 30.87 -7.78 49.00
N GLU C 1665 31.26 -6.82 48.16
CA GLU C 1665 32.09 -5.71 48.64
C GLU C 1665 31.35 -4.89 49.68
N GLU C 1666 30.05 -4.65 49.47
CA GLU C 1666 29.28 -3.88 50.43
C GLU C 1666 29.23 -4.59 51.78
N THR C 1667 28.95 -5.89 51.79
CA THR C 1667 28.92 -6.64 53.03
C THR C 1667 30.29 -6.65 53.70
N LEU C 1668 31.36 -6.74 52.90
CA LEU C 1668 32.71 -6.70 53.48
C LEU C 1668 32.97 -5.37 54.17
N LYS C 1669 32.74 -4.26 53.47
CA LYS C 1669 32.97 -2.95 54.06
C LYS C 1669 31.96 -2.60 55.15
N LEU C 1670 30.86 -3.36 55.26
CA LEU C 1670 29.85 -3.10 56.26
C LEU C 1670 30.10 -3.86 57.55
N LEU C 1671 30.31 -5.19 57.45
CA LEU C 1671 30.48 -6.01 58.64
C LEU C 1671 31.76 -5.67 59.40
N ASN C 1672 32.69 -4.93 58.79
CA ASN C 1672 33.91 -4.56 59.47
C ASN C 1672 33.69 -3.36 60.38
N MET C 1673 32.68 -3.43 61.23
CA MET C 1673 32.40 -2.44 62.25
C MET C 1673 32.31 -3.05 63.64
N MET C 1674 31.72 -4.24 63.77
CA MET C 1674 31.70 -4.96 65.03
C MET C 1674 31.59 -6.45 64.67
N GLY C 1675 32.73 -7.15 64.70
CA GLY C 1675 32.76 -8.52 64.24
C GLY C 1675 32.32 -9.54 65.27
N LYS C 1676 31.10 -10.04 65.12
CA LYS C 1676 30.61 -11.07 66.03
C LYS C 1676 31.28 -12.41 65.75
N SER C 1677 31.38 -12.78 64.47
CA SER C 1677 32.04 -14.01 64.07
C SER C 1677 32.87 -13.72 62.82
N SER C 1678 34.13 -14.12 62.84
CA SER C 1678 35.01 -13.88 61.71
C SER C 1678 34.63 -14.75 60.52
N THR C 1680 31.32 -15.19 60.50
CA THR C 1680 30.51 -14.98 59.32
C THR C 1680 31.24 -14.08 58.32
N HIS C 1681 32.30 -13.42 58.79
CA HIS C 1681 33.10 -12.60 57.90
C HIS C 1681 33.78 -13.43 56.83
N SER C 1682 34.37 -14.57 57.22
CA SER C 1682 35.00 -15.47 56.27
C SER C 1682 34.00 -16.03 55.27
N LEU C 1683 32.71 -16.09 55.64
CA LEU C 1683 31.69 -16.54 54.70
C LEU C 1683 31.60 -15.61 53.50
N LYS C 1684 31.84 -14.31 53.71
CA LYS C 1684 31.74 -13.34 52.62
C LYS C 1684 33.09 -13.02 51.98
N LEU C 1685 34.18 -12.99 52.74
CA LEU C 1685 35.47 -12.65 52.16
C LEU C 1685 36.35 -13.86 51.88
N LEU C 1686 36.25 -14.91 52.68
CA LEU C 1686 37.07 -16.09 52.49
C LEU C 1686 36.32 -17.24 51.82
N SER C 1687 35.01 -17.30 52.00
CA SER C 1687 34.18 -18.35 51.39
C SER C 1687 33.49 -17.88 50.12
N THR C 1688 33.84 -16.71 49.61
CA THR C 1688 33.18 -16.14 48.44
C THR C 1688 33.47 -16.90 47.15
N TYR C 1689 34.10 -18.07 47.25
CA TYR C 1689 34.45 -18.87 46.09
C TYR C 1689 33.24 -19.13 45.19
N MET C 1690 32.24 -19.81 45.73
CA MET C 1690 31.10 -20.22 44.92
C MET C 1690 30.29 -19.01 44.47
N VAL C 1691 29.86 -19.05 43.21
CA VAL C 1691 29.10 -17.96 42.61
C VAL C 1691 27.75 -17.79 43.31
N PHE C 1693 26.83 -18.34 46.14
CA PHE C 1693 27.38 -17.94 47.43
C PHE C 1693 27.95 -16.53 47.34
N SER C 1694 28.73 -16.27 46.30
CA SER C 1694 29.35 -14.96 46.12
C SER C 1694 28.31 -13.86 45.99
N THR C 1695 27.07 -14.21 45.65
CA THR C 1695 25.92 -13.33 45.81
C THR C 1695 24.73 -14.02 46.46
N SER C 1696 24.75 -15.35 46.61
CA SER C 1696 23.60 -16.05 47.19
C SER C 1696 23.47 -15.74 48.68
N ILE C 1697 24.48 -16.12 49.47
CA ILE C 1697 24.43 -15.84 50.90
C ILE C 1697 24.54 -14.33 51.13
N ILE C 1698 25.32 -13.64 50.31
CA ILE C 1698 25.46 -12.18 50.47
C ILE C 1698 24.11 -11.50 50.30
N GLN C 1699 23.38 -11.82 49.22
CA GLN C 1699 22.06 -11.24 49.05
C GLN C 1699 21.06 -11.82 50.03
N TYR C 1700 21.37 -12.99 50.62
CA TYR C 1700 20.44 -13.61 51.56
C TYR C 1700 20.45 -12.91 52.91
N ILE C 1701 21.63 -12.47 53.36
CA ILE C 1701 21.71 -11.85 54.67
C ILE C 1701 22.19 -10.41 54.62
N ILE C 1702 22.26 -9.80 53.43
CA ILE C 1702 22.57 -8.38 53.39
C ILE C 1702 21.42 -7.57 53.97
N HIS C 1703 20.19 -7.96 53.65
CA HIS C 1703 19.02 -7.40 54.32
C HIS C 1703 19.15 -7.54 55.83
N LEU C 1704 19.58 -8.71 56.29
CA LEU C 1704 19.63 -8.97 57.72
C LEU C 1704 20.69 -8.12 58.39
N ILE C 1705 21.89 -8.03 57.82
CA ILE C 1705 22.94 -7.23 58.44
C ILE C 1705 22.60 -5.75 58.37
N LEU C 1706 21.97 -5.29 57.29
CA LEU C 1706 21.54 -3.90 57.24
C LEU C 1706 20.49 -3.60 58.29
N LEU C 1707 19.56 -4.54 58.51
CA LEU C 1707 18.60 -4.39 59.60
C LEU C 1707 19.31 -4.35 60.95
N GLU C 1708 20.37 -5.15 61.11
CA GLU C 1708 21.15 -5.10 62.34
C GLU C 1708 21.79 -3.74 62.53
N PHE C 1709 22.35 -3.17 61.46
CA PHE C 1709 23.10 -1.91 61.58
C PHE C 1709 22.19 -0.76 61.97
N ASP C 1710 20.96 -0.73 61.46
CA ASP C 1710 20.04 0.32 61.82
C ASP C 1710 19.71 0.24 63.29
N PHE C 1711 19.98 1.35 64.01
CA PHE C 1711 19.83 1.42 65.47
C PHE C 1711 20.69 0.36 66.17
N ASN C 1712 21.80 -0.03 65.56
CA ASN C 1712 22.73 -0.92 66.24
C ASN C 1712 23.30 -0.24 67.50
N GLY C 1713 23.65 1.04 67.38
CA GLY C 1713 24.06 1.83 68.52
C GLY C 1713 23.36 3.17 68.51
N ASN C 1714 23.74 4.01 69.48
CA ASN C 1714 23.19 5.36 69.54
C ASN C 1714 23.56 6.16 68.31
N ASN C 1715 24.81 6.04 67.85
CA ASN C 1715 25.26 6.67 66.63
C ASN C 1715 26.16 5.70 65.87
N LYS C 1716 26.25 5.90 64.56
CA LYS C 1716 27.05 5.03 63.71
C LYS C 1716 27.28 5.71 62.37
N LYS C 1717 28.54 5.83 61.98
CA LYS C 1717 28.84 6.31 60.62
C LYS C 1717 28.39 5.31 59.58
N GLN C 1718 28.35 4.01 59.94
CA GLN C 1718 27.90 3.00 59.00
C GLN C 1718 26.45 3.19 58.60
N LYS C 1719 25.65 3.92 59.39
CA LYS C 1719 24.30 4.25 58.96
C LYS C 1719 24.34 5.14 57.73
N GLU C 1720 25.16 6.19 57.77
CA GLU C 1720 25.39 7.00 56.58
C GLU C 1720 26.00 6.17 55.47
N TYR C 1721 26.81 5.17 55.82
CA TYR C 1721 27.38 4.30 54.78
C TYR C 1721 26.29 3.51 54.07
N VAL C 1722 25.33 2.93 54.82
CA VAL C 1722 24.27 2.17 54.17
C VAL C 1722 23.39 3.09 53.34
N THR C 1723 23.14 4.32 53.83
CA THR C 1723 22.36 5.26 53.02
C THR C 1723 23.06 5.57 51.71
N GLN C 1724 24.36 5.89 51.79
CA GLN C 1724 25.11 6.24 50.59
C GLN C 1724 25.18 5.06 49.63
N LEU C 1725 25.38 3.85 50.15
CA LEU C 1725 25.52 2.70 49.26
C LEU C 1725 24.20 2.32 48.63
N ILE C 1726 23.09 2.47 49.36
CA ILE C 1726 21.78 2.24 48.77
C ILE C 1726 21.54 3.23 47.63
N LEU C 1727 21.84 4.51 47.89
CA LEU C 1727 21.65 5.52 46.84
C LEU C 1727 22.56 5.25 45.64
N SER C 1728 23.79 4.81 45.88
CA SER C 1728 24.71 4.53 44.79
C SER C 1728 24.31 3.28 44.02
N GLY C 1729 23.67 2.32 44.68
CA GLY C 1729 23.23 1.13 43.99
C GLY C 1729 21.95 1.32 43.21
N LEU C 1730 21.09 2.23 43.66
CA LEU C 1730 19.82 2.46 42.96
C LEU C 1730 20.07 2.93 41.54
N LEU C 1731 20.91 3.96 41.38
CA LEU C 1731 21.28 4.45 40.06
C LEU C 1731 22.62 3.83 39.68
N ASN C 1732 22.67 3.18 38.53
CA ASN C 1732 23.84 2.39 38.16
C ASN C 1732 23.89 2.27 36.64
N LYS C 1733 25.01 1.75 36.15
CA LYS C 1733 25.22 1.56 34.72
C LYS C 1733 25.86 0.20 34.47
N ASN C 1734 25.72 -0.27 33.24
CA ASN C 1734 26.30 -1.50 32.70
C ASN C 1734 25.71 -2.77 33.28
N THR C 1735 24.77 -2.68 34.23
CA THR C 1735 24.15 -3.87 34.78
C THR C 1735 22.83 -3.50 35.44
N ASN C 1736 21.76 -4.20 35.06
CA ASN C 1736 20.49 -4.05 35.75
C ASN C 1736 20.38 -4.93 36.97
N SER C 1737 21.24 -5.95 37.09
CA SER C 1737 21.16 -6.87 38.22
C SER C 1737 21.51 -6.17 39.52
N ILE C 1738 22.50 -5.29 39.51
CA ILE C 1738 22.85 -4.55 40.72
C ILE C 1738 21.69 -3.67 41.18
N ARG C 1739 21.04 -3.00 40.24
CA ARG C 1739 19.87 -2.20 40.58
C ARG C 1739 18.75 -3.07 41.12
N LYS C 1740 18.55 -4.24 40.51
CA LYS C 1740 17.52 -5.15 41.00
C LYS C 1740 17.79 -5.59 42.43
N THR C 1741 19.06 -5.94 42.72
CA THR C 1741 19.42 -6.33 44.07
C THR C 1741 19.22 -5.17 45.04
N CYS C 1742 19.60 -3.95 44.65
CA CYS C 1742 19.45 -2.80 45.52
C CYS C 1742 17.98 -2.54 45.82
N MET C 1743 17.13 -2.65 44.80
CA MET C 1743 15.70 -2.48 45.02
C MET C 1743 15.16 -3.58 45.94
N ASN C 1744 15.67 -4.80 45.79
CA ASN C 1744 15.26 -5.89 46.67
C ASN C 1744 15.61 -5.58 48.13
N ILE C 1745 16.83 -5.08 48.37
CA ILE C 1745 17.20 -4.69 49.73
C ILE C 1745 16.32 -3.57 50.22
N LEU C 1746 16.03 -2.60 49.36
CA LEU C 1746 15.18 -1.48 49.75
C LEU C 1746 13.81 -1.99 50.21
N LEU C 1747 13.19 -2.85 49.41
CA LEU C 1747 11.89 -3.39 49.79
C LEU C 1747 11.97 -4.23 51.04
N TYR C 1748 13.02 -5.06 51.16
CA TYR C 1748 13.16 -5.92 52.32
C TYR C 1748 13.27 -5.10 53.60
N LEU C 1749 14.04 -4.01 53.56
CA LEU C 1749 14.16 -3.15 54.73
C LEU C 1749 12.87 -2.36 54.98
N ARG C 1750 12.17 -1.98 53.92
CA ARG C 1750 10.90 -1.26 54.10
C ARG C 1750 9.85 -2.14 54.74
N ARG C 1751 9.87 -3.44 54.46
CA ARG C 1751 8.85 -4.33 54.99
C ARG C 1751 9.00 -4.55 56.50
N GLN C 1752 10.22 -4.49 57.02
CA GLN C 1752 10.46 -4.85 58.41
C GLN C 1752 9.74 -3.91 59.36
N LEU C 1753 9.38 -4.44 60.52
CA LEU C 1753 8.82 -3.61 61.58
C LEU C 1753 9.89 -2.71 62.16
N GLY C 1754 9.60 -1.41 62.21
CA GLY C 1754 10.53 -0.45 62.78
C GLY C 1754 10.32 -0.33 64.27
N HIS C 1755 11.41 -0.51 65.03
CA HIS C 1755 11.34 -0.37 66.47
C HIS C 1755 11.02 1.07 66.84
N HIS C 1756 10.12 1.24 67.80
CA HIS C 1756 9.59 2.53 68.23
C HIS C 1756 9.33 3.46 67.05
N ALA C 1757 8.66 2.90 66.04
CA ALA C 1757 8.29 3.64 64.85
C ALA C 1757 6.81 4.00 64.91
N LEU C 1758 6.50 5.29 64.74
CA LEU C 1758 5.11 5.73 64.87
C LEU C 1758 4.25 5.20 63.74
N ASN C 1759 4.77 5.18 62.51
CA ASN C 1759 3.97 4.77 61.37
C ASN C 1759 4.70 3.71 60.56
N PRO C 1760 3.98 2.73 60.01
CA PRO C 1760 4.60 1.90 58.96
C PRO C 1760 5.06 2.71 57.78
N PHE C 1761 4.39 3.84 57.52
CA PHE C 1761 4.82 4.77 56.49
C PHE C 1761 6.25 5.23 56.73
N GLU C 1762 6.48 5.92 57.85
CA GLU C 1762 7.84 6.37 58.16
C GLU C 1762 8.79 5.20 58.35
N ALA C 1763 8.28 4.01 58.69
CA ALA C 1763 9.12 2.82 58.71
C ALA C 1763 9.62 2.49 57.31
N ASN C 1764 8.79 2.73 56.30
CA ASN C 1764 9.24 2.57 54.92
C ASN C 1764 10.33 3.57 54.57
N TYR C 1765 10.47 4.64 55.35
CA TYR C 1765 11.50 5.65 55.13
C TYR C 1765 12.53 5.66 56.26
N TRP C 1766 12.82 4.49 56.84
CA TRP C 1766 13.86 4.42 57.85
C TRP C 1766 15.22 4.77 57.26
N VAL C 1767 15.51 4.25 56.08
CA VAL C 1767 16.71 4.63 55.33
C VAL C 1767 16.36 5.86 54.49
N PRO C 1768 16.98 7.01 54.75
CA PRO C 1768 16.63 8.23 53.99
C PRO C 1768 16.98 8.06 52.52
N ILE C 1769 15.97 8.19 51.67
CA ILE C 1769 16.16 8.06 50.23
C ILE C 1769 15.01 8.78 49.55
N ASN C 1770 15.18 9.13 48.28
CA ASN C 1770 14.11 9.68 47.46
C ASN C 1770 13.51 8.53 46.65
N TYR C 1771 12.23 8.27 46.87
CA TYR C 1771 11.59 7.14 46.22
C TYR C 1771 11.30 7.38 44.74
N SER C 1772 11.36 8.62 44.28
CA SER C 1772 11.08 8.90 42.87
C SER C 1772 12.16 8.32 41.97
N VAL C 1773 13.43 8.52 42.32
CA VAL C 1773 14.51 7.96 41.52
C VAL C 1773 14.50 6.44 41.60
N ALA C 1774 14.14 5.89 42.77
CA ALA C 1774 13.99 4.44 42.90
C ALA C 1774 12.90 3.93 41.96
N ALA C 1775 11.78 4.64 41.88
CA ALA C 1775 10.70 4.24 40.99
C ALA C 1775 11.12 4.33 39.54
N SER C 1776 11.87 5.38 39.18
CA SER C 1776 12.36 5.50 37.82
C SER C 1776 13.29 4.34 37.47
N THR C 1777 14.15 3.97 38.42
CA THR C 1777 15.02 2.81 38.21
C THR C 1777 14.22 1.53 38.05
N ALA C 1778 13.19 1.35 38.88
CA ALA C 1778 12.34 0.16 38.78
C ALA C 1778 11.64 0.11 37.43
N TYR C 1779 11.16 1.25 36.94
CA TYR C 1779 10.60 1.29 35.59
C TYR C 1779 11.65 0.92 34.56
N ASP C 1780 12.88 1.40 34.73
CA ASP C 1780 13.97 0.93 33.89
C ASP C 1780 14.34 -0.51 34.20
N CYS C 1781 14.01 -1.00 35.39
CA CYS C 1781 14.24 -2.40 35.75
C CYS C 1781 13.11 -3.31 35.27
N HIS C 1782 12.08 -2.75 34.62
CA HIS C 1782 10.98 -3.50 34.02
C HIS C 1782 10.10 -4.20 35.03
N LEU C 1783 10.16 -3.79 36.31
CA LEU C 1783 9.22 -4.29 37.32
C LEU C 1783 8.19 -3.19 37.57
N TYR C 1784 7.20 -3.13 36.67
CA TYR C 1784 6.30 -1.99 36.60
C TYR C 1784 5.44 -1.88 37.85
N GLU C 1785 5.01 -3.01 38.40
CA GLU C 1785 4.25 -2.97 39.66
C GLU C 1785 5.10 -2.42 40.80
N GLN C 1786 6.37 -2.83 40.85
CA GLN C 1786 7.28 -2.28 41.86
C GLN C 1786 7.50 -0.79 41.62
N SER C 1787 7.61 -0.39 40.36
CA SER C 1787 7.74 1.03 40.05
C SER C 1787 6.53 1.81 40.53
N LEU C 1788 5.33 1.25 40.35
CA LEU C 1788 4.13 1.93 40.83
C LEU C 1788 4.10 1.98 42.35
N LEU C 1789 4.59 0.92 43.02
CA LEU C 1789 4.65 0.95 44.48
C LEU C 1789 5.57 2.05 44.96
N PHE C 1790 6.74 2.18 44.35
CA PHE C 1790 7.66 3.24 44.74
C PHE C 1790 7.08 4.62 44.41
N LEU C 1791 6.41 4.73 43.26
CA LEU C 1791 5.80 6.00 42.89
C LEU C 1791 4.72 6.40 43.89
N THR C 1792 3.89 5.45 44.33
CA THR C 1792 2.83 5.81 45.25
C THR C 1792 3.35 6.06 46.66
N ILE C 1793 4.43 5.39 47.09
CA ILE C 1793 5.01 5.73 48.38
C ILE C 1793 5.60 7.14 48.33
N HIS C 1794 6.28 7.48 47.22
CA HIS C 1794 6.81 8.82 47.08
C HIS C 1794 5.71 9.86 47.08
N ASN C 1795 4.63 9.59 46.34
CA ASN C 1795 3.52 10.53 46.29
C ASN C 1795 2.79 10.62 47.63
N THR C 1796 2.87 9.56 48.44
CA THR C 1796 2.34 9.65 49.80
C THR C 1796 3.22 10.53 50.67
N LYS C 1797 4.54 10.53 50.43
CA LYS C 1797 5.41 11.38 51.22
C LYS C 1797 5.44 12.81 50.70
N THR C 1798 5.89 13.00 49.46
CA THR C 1798 6.16 14.33 48.93
C THR C 1798 5.01 14.93 48.13
N ASP C 1799 4.04 14.12 47.73
CA ASP C 1799 2.96 14.58 46.85
C ASP C 1799 3.52 15.23 45.59
N GLU C 1800 4.56 14.62 45.03
CA GLU C 1800 5.34 15.18 43.96
C GLU C 1800 5.59 14.16 42.86
N LEU C 1801 4.53 13.48 42.44
CA LEU C 1801 4.66 12.44 41.42
C LEU C 1801 5.12 13.05 40.08
N ASP C 1802 5.92 12.28 39.35
CA ASP C 1802 6.39 12.68 38.03
C ASP C 1802 5.36 12.24 37.00
N ILE C 1803 4.62 13.21 36.46
CA ILE C 1803 3.48 12.90 35.59
C ILE C 1803 3.92 12.17 34.34
N THR C 1804 5.01 12.63 33.72
CA THR C 1804 5.54 11.92 32.55
C THR C 1804 5.96 10.50 32.92
N LEU C 1805 6.61 10.35 34.08
CA LEU C 1805 6.98 9.01 34.52
C LEU C 1805 5.76 8.15 34.77
N LEU C 1806 4.70 8.73 35.35
CA LEU C 1806 3.47 7.97 35.57
C LEU C 1806 2.85 7.52 34.26
N SER C 1807 2.85 8.39 33.26
CA SER C 1807 2.33 7.99 31.95
C SER C 1807 3.17 6.88 31.34
N ASP C 1808 4.50 6.98 31.45
CA ASP C 1808 5.36 5.93 30.93
C ASP C 1808 5.11 4.61 31.64
N ILE C 1809 4.87 4.66 32.95
CA ILE C 1809 4.56 3.44 33.71
C ILE C 1809 3.24 2.84 33.23
N LEU C 1810 2.19 3.66 33.18
CA LEU C 1810 0.87 3.15 32.85
C LEU C 1810 0.75 2.75 31.40
N SER C 1811 1.67 3.15 30.54
CA SER C 1811 1.62 2.72 29.14
C SER C 1811 1.89 1.22 29.02
N GLN C 1812 2.81 0.68 29.82
CA GLN C 1812 3.23 -0.70 29.70
C GLN C 1812 2.67 -1.60 30.81
N LEU C 1813 1.77 -1.11 31.64
CA LEU C 1813 1.26 -1.91 32.74
C LEU C 1813 0.43 -3.07 32.20
N PRO C 1814 0.64 -4.30 32.68
CA PRO C 1814 -0.07 -5.46 32.10
C PRO C 1814 -1.58 -5.44 32.29
N CYS C 1815 -2.09 -4.69 33.27
CA CYS C 1815 -3.53 -4.68 33.51
C CYS C 1815 -4.26 -4.12 32.30
N PRO C 1816 -5.30 -4.79 31.81
CA PRO C 1816 -5.98 -4.30 30.60
C PRO C 1816 -6.59 -2.91 30.76
N ASP C 1817 -7.10 -2.59 31.95
CA ASP C 1817 -7.74 -1.29 32.17
C ASP C 1817 -6.75 -0.25 32.68
N ALA C 1818 -5.60 -0.18 32.02
CA ALA C 1818 -4.63 0.89 32.19
C ALA C 1818 -4.68 1.77 30.96
N TYR C 1819 -3.78 2.75 30.90
CA TYR C 1819 -3.68 3.79 29.87
C TYR C 1819 -4.75 4.85 30.08
N TYR C 1820 -5.69 4.66 31.00
CA TYR C 1820 -6.74 5.64 31.25
C TYR C 1820 -6.68 6.22 32.65
N GLY C 1821 -5.67 5.84 33.44
CA GLY C 1821 -5.54 6.41 34.77
C GLY C 1821 -5.21 7.89 34.72
N ILE C 1822 -4.28 8.28 33.85
CA ILE C 1822 -3.91 9.67 33.67
C ILE C 1822 -4.44 10.13 32.32
N LYS C 1823 -5.21 11.22 32.33
CA LYS C 1823 -5.72 11.79 31.09
C LYS C 1823 -4.67 12.75 30.53
N ARG C 1824 -4.31 12.54 29.27
CA ARG C 1824 -3.47 13.48 28.55
C ARG C 1824 -4.37 14.44 27.79
N GLU C 1825 -4.14 15.74 27.97
CA GLU C 1825 -5.02 16.72 27.35
C GLU C 1825 -5.02 16.53 25.84
N THR C 1826 -6.22 16.40 25.27
CA THR C 1826 -6.36 15.81 23.95
C THR C 1826 -5.81 16.71 22.86
N SER C 1827 -4.99 16.11 21.99
CA SER C 1827 -4.54 16.71 20.76
C SER C 1827 -4.56 15.63 19.70
N PHE C 1828 -4.23 15.99 18.46
CA PHE C 1828 -4.30 15.02 17.39
C PHE C 1828 -3.26 13.91 17.50
N LYS C 1829 -2.48 13.86 18.58
CA LYS C 1829 -1.65 12.71 18.90
C LYS C 1829 -2.19 11.89 20.05
N ASN C 1830 -2.95 12.50 20.97
CA ASN C 1830 -3.55 11.73 22.05
C ASN C 1830 -4.75 10.93 21.57
N ILE C 1831 -5.53 11.48 20.64
CA ILE C 1831 -6.66 10.74 20.09
C ILE C 1831 -6.16 9.50 19.37
N LEU C 1832 -5.13 9.65 18.54
CA LEU C 1832 -4.60 8.52 17.79
C LEU C 1832 -4.06 7.45 18.73
N LEU C 1833 -3.32 7.85 19.76
CA LEU C 1833 -2.71 6.86 20.65
C LEU C 1833 -3.75 6.17 21.51
N LYS C 1834 -4.78 6.91 21.95
CA LYS C 1834 -5.85 6.28 22.71
C LYS C 1834 -6.66 5.31 21.85
N ALA C 1835 -6.87 5.66 20.57
CA ALA C 1835 -7.63 4.78 19.70
C ALA C 1835 -6.83 3.57 19.26
N VAL C 1836 -5.49 3.68 19.22
CA VAL C 1836 -4.67 2.53 18.86
C VAL C 1836 -4.83 1.41 19.88
N HIS C 1837 -4.83 1.76 21.18
CA HIS C 1837 -4.90 0.74 22.22
C HIS C 1837 -6.20 -0.04 22.17
N GLU C 1838 -7.32 0.65 21.97
CA GLU C 1838 -8.61 -0.04 21.93
C GLU C 1838 -8.74 -0.91 20.69
N LYS C 1839 -8.06 -0.56 19.61
CA LYS C 1839 -8.17 -1.26 18.33
C LYS C 1839 -9.61 -1.31 17.83
N ARG C 1840 -10.33 -0.21 17.99
CA ARG C 1840 -11.77 -0.18 17.71
C ARG C 1840 -12.05 0.51 16.38
N SER C 1841 -13.12 0.05 15.73
CA SER C 1841 -13.59 0.59 14.45
C SER C 1841 -14.38 1.89 14.61
N PRO C 1842 -15.28 2.01 15.59
CA PRO C 1842 -15.89 3.32 15.83
C PRO C 1842 -14.84 4.34 16.23
N LEU C 1843 -15.01 5.58 15.76
CA LEU C 1843 -13.96 6.59 15.84
C LEU C 1843 -12.65 6.02 15.31
N ALA C 1844 -12.72 5.56 14.06
CA ALA C 1844 -11.74 4.64 13.48
C ALA C 1844 -10.32 5.13 13.68
N ILE C 1845 -9.51 4.30 14.35
CA ILE C 1845 -8.08 4.53 14.38
C ILE C 1845 -7.52 4.44 12.96
N SER C 1846 -8.17 3.67 12.09
CA SER C 1846 -7.80 3.67 10.69
C SER C 1846 -7.99 5.06 10.08
N TYR C 1847 -9.09 5.73 10.44
CA TYR C 1847 -9.34 7.07 9.91
C TYR C 1847 -8.29 8.06 10.38
N LEU C 1848 -8.00 8.08 11.69
CA LEU C 1848 -7.01 9.02 12.22
C LEU C 1848 -5.63 8.73 11.65
N ASP C 1849 -5.26 7.46 11.56
CA ASP C 1849 -3.98 7.11 10.96
C ASP C 1849 -3.92 7.54 9.50
N ALA C 1850 -5.02 7.39 8.76
CA ALA C 1850 -5.05 7.81 7.37
C ALA C 1850 -4.89 9.32 7.25
N ALA C 1851 -5.54 10.07 8.15
CA ALA C 1851 -5.39 11.52 8.14
C ALA C 1851 -3.96 11.93 8.46
N ASN C 1852 -3.35 11.27 9.45
CA ASN C 1852 -2.02 11.67 9.88
C ASN C 1852 -0.94 11.25 8.88
N MET C 1853 -1.17 10.17 8.13
CA MET C 1853 -0.18 9.72 7.17
C MET C 1853 0.00 10.70 6.01
N TYR C 1854 -0.99 11.55 5.76
CA TYR C 1854 -0.88 12.57 4.72
C TYR C 1854 -0.74 13.98 5.28
N ARG C 1855 -1.19 14.23 6.51
CA ARG C 1855 -0.98 15.52 7.16
C ARG C 1855 0.37 15.59 7.86
N SER C 1856 1.09 14.47 7.98
CA SER C 1856 2.41 14.39 8.60
C SER C 1856 2.40 14.86 10.06
N ASN C 1857 1.23 14.97 10.67
CA ASN C 1857 1.13 15.40 12.06
C ASN C 1857 1.53 14.28 13.00
N GLY C 1861 7.47 4.88 15.26
CA GLY C 1861 6.30 4.80 16.12
C GLY C 1861 5.01 4.61 15.36
N THR C 1862 4.73 5.53 14.43
CA THR C 1862 3.53 5.41 13.61
C THR C 1862 3.66 4.29 12.59
N LYS C 1863 4.88 4.05 12.08
CA LYS C 1863 5.09 3.02 11.08
C LYS C 1863 4.77 1.63 11.59
N MET C 1864 4.67 1.45 12.91
CA MET C 1864 4.18 0.21 13.49
C MET C 1864 2.79 0.34 14.11
N MET C 1865 2.45 1.51 14.64
CA MET C 1865 1.12 1.71 15.22
C MET C 1865 0.04 1.57 14.15
N PHE C 1866 0.28 2.13 12.96
CA PHE C 1866 -0.69 2.00 11.88
C PHE C 1866 -0.88 0.54 11.47
N SER C 1867 0.23 -0.18 11.28
CA SER C 1867 0.14 -1.57 10.86
C SER C 1867 -0.57 -2.42 11.91
N ASN C 1868 -0.28 -2.18 13.19
CA ASN C 1868 -0.93 -2.95 14.24
C ASN C 1868 -2.40 -2.59 14.36
N THR C 1869 -2.76 -1.32 14.16
CA THR C 1869 -4.18 -0.95 14.16
C THR C 1869 -4.93 -1.63 13.03
N LEU C 1870 -4.32 -1.65 11.84
CA LEU C 1870 -4.95 -2.34 10.71
C LEU C 1870 -5.11 -3.82 10.98
N ASN C 1871 -4.07 -4.47 11.52
CA ASN C 1871 -4.15 -5.90 11.81
C ASN C 1871 -5.19 -6.19 12.89
N ASN C 1872 -5.25 -5.37 13.93
CA ASN C 1872 -6.18 -5.61 15.02
C ASN C 1872 -7.63 -5.37 14.57
N ALA C 1873 -7.85 -4.37 13.72
CA ALA C 1873 -9.19 -4.15 13.20
C ALA C 1873 -9.65 -5.33 12.34
N GLY C 1874 -8.73 -6.09 11.78
CA GLY C 1874 -9.06 -7.25 10.97
C GLY C 1874 -8.99 -7.03 9.48
N PHE C 1875 -8.60 -5.85 9.03
CA PHE C 1875 -8.51 -5.56 7.59
C PHE C 1875 -7.14 -6.03 7.09
N PHE C 1876 -7.01 -7.35 7.00
CA PHE C 1876 -5.70 -7.94 6.74
C PHE C 1876 -5.15 -7.53 5.38
N SER C 1877 -6.01 -7.38 4.39
CA SER C 1877 -5.53 -6.94 3.07
C SER C 1877 -5.08 -5.50 3.11
N LEU C 1878 -5.77 -4.65 3.88
CA LEU C 1878 -5.31 -3.27 4.06
C LEU C 1878 -3.94 -3.23 4.70
N ASN C 1879 -3.71 -4.06 5.73
CA ASN C 1879 -2.40 -4.12 6.33
C ASN C 1879 -1.37 -4.69 5.37
N GLU C 1880 -1.76 -5.62 4.49
CA GLU C 1880 -0.85 -6.12 3.48
C GLU C 1880 -0.42 -5.02 2.53
N PHE C 1881 -1.38 -4.20 2.08
CA PHE C 1881 -1.05 -3.07 1.21
C PHE C 1881 -0.15 -2.07 1.92
N TYR C 1882 -0.45 -1.77 3.19
CA TYR C 1882 0.38 -0.83 3.93
C TYR C 1882 1.79 -1.34 4.10
N ILE C 1883 1.94 -2.62 4.43
CA ILE C 1883 3.28 -3.20 4.60
C ILE C 1883 4.03 -3.20 3.28
N ASP C 1884 3.33 -3.49 2.17
CA ASP C 1884 3.98 -3.45 0.87
C ASP C 1884 4.44 -2.04 0.51
N SER C 1885 3.60 -1.04 0.80
CA SER C 1885 3.99 0.35 0.52
C SER C 1885 5.19 0.76 1.37
N LEU C 1886 5.18 0.39 2.65
CA LEU C 1886 6.32 0.71 3.51
C LEU C 1886 7.58 0.04 3.01
N LYS C 1887 7.47 -1.22 2.58
CA LYS C 1887 8.63 -1.92 2.02
C LYS C 1887 9.13 -1.23 0.77
N ALA C 1888 8.22 -0.77 -0.09
CA ALA C 1888 8.62 -0.03 -1.28
C ALA C 1888 9.35 1.26 -0.91
N ASN C 1889 8.86 1.98 0.10
CA ASN C 1889 9.53 3.17 0.58
C ASN C 1889 10.69 2.86 1.53
N ASP C 1890 10.85 1.59 1.93
CA ASP C 1890 11.94 1.14 2.80
C ASP C 1890 11.75 1.69 4.21
N ALA C 1891 10.72 2.51 4.42
CA ALA C 1891 10.54 3.21 5.68
C ALA C 1891 10.37 2.25 6.85
N ILE C 1892 9.80 1.07 6.62
CA ILE C 1892 9.64 0.11 7.72
C ILE C 1892 10.99 -0.53 8.05
N ASP C 1893 11.72 -0.98 7.03
CA ASP C 1893 13.06 -1.56 7.17
C ASP C 1893 13.16 -2.54 8.33
N GLU C 1894 12.13 -3.33 8.56
CA GLU C 1894 12.08 -4.20 9.72
C GLU C 1894 11.59 -5.58 9.32
N CYS C 1895 12.05 -6.60 10.05
CA CYS C 1895 11.57 -7.97 9.89
C CYS C 1895 10.76 -8.42 11.10
N SER C 1896 9.99 -7.52 11.70
CA SER C 1896 9.23 -7.82 12.91
C SER C 1896 8.20 -8.92 12.67
N GLU C 1898 5.42 -7.17 12.54
CA GLU C 1898 4.59 -6.32 11.70
C GLU C 1898 4.68 -6.73 10.24
N VAL C 1899 5.90 -6.76 9.71
CA VAL C 1899 6.10 -7.18 8.32
C VAL C 1899 5.77 -8.65 8.16
N TYR C 1900 6.07 -9.47 9.16
CA TYR C 1900 5.76 -10.89 9.12
C TYR C 1900 4.42 -11.22 9.77
N ALA C 1901 3.75 -10.23 10.36
CA ALA C 1901 2.40 -10.47 10.88
C ALA C 1901 1.42 -10.73 9.74
N SER C 1902 1.58 -10.04 8.62
CA SER C 1902 0.73 -10.22 7.46
C SER C 1902 1.34 -11.15 6.42
N ALA C 1903 2.50 -11.74 6.69
CA ALA C 1903 3.10 -12.66 5.73
C ALA C 1903 2.38 -13.99 5.70
N TRP C 1904 2.01 -14.51 6.88
CA TRP C 1904 1.30 -15.78 6.96
C TRP C 1904 -0.22 -15.60 7.00
N ARG C 1905 -0.70 -14.49 7.55
CA ARG C 1905 -2.14 -14.25 7.60
C ARG C 1905 -2.70 -14.08 6.20
N MET C 1906 -1.96 -13.43 5.31
CA MET C 1906 -2.37 -13.23 3.93
C MET C 1906 -1.95 -14.37 3.02
N GLN C 1907 -1.36 -15.42 3.57
CA GLN C 1907 -0.98 -16.62 2.81
C GLN C 1907 -0.03 -16.29 1.66
N LYS C 1908 0.92 -15.39 1.92
CA LYS C 1908 1.98 -15.07 0.97
C LYS C 1908 3.22 -15.84 1.39
N TRP C 1909 3.44 -17.00 0.75
CA TRP C 1909 4.53 -17.89 1.12
C TRP C 1909 5.79 -17.65 0.32
N ASP C 1910 6.02 -16.42 -0.13
CA ASP C 1910 7.28 -16.06 -0.77
C ASP C 1910 8.14 -15.18 0.12
N ILE C 1911 7.62 -14.68 1.23
CA ILE C 1911 8.40 -13.90 2.18
C ILE C 1911 9.37 -14.85 2.87
N PRO C 1912 10.68 -14.61 2.80
CA PRO C 1912 11.63 -15.49 3.45
C PRO C 1912 11.42 -15.51 4.95
N PRO C 1913 11.58 -16.67 5.59
CA PRO C 1913 11.39 -16.75 7.04
C PRO C 1913 12.59 -16.18 7.79
N LEU C 1914 12.33 -15.82 9.04
CA LEU C 1914 13.40 -15.34 9.90
C LEU C 1914 14.32 -16.49 10.30
N SER C 1915 15.49 -16.13 10.83
CA SER C 1915 16.45 -17.14 11.25
C SER C 1915 15.85 -18.02 12.34
N LEU C 1916 16.07 -19.33 12.23
CA LEU C 1916 15.53 -20.26 13.20
C LEU C 1916 16.32 -20.25 14.50
N ASP C 1917 17.63 -20.00 14.44
CA ASP C 1917 18.45 -20.01 15.64
C ASP C 1917 18.06 -18.89 16.59
N ASN C 1918 17.81 -17.68 16.07
CA ASN C 1918 17.56 -16.54 16.93
C ASN C 1918 16.18 -16.63 17.57
N LYS C 1919 16.10 -16.17 18.82
CA LYS C 1919 14.81 -15.98 19.47
C LYS C 1919 14.01 -14.93 18.71
N THR C 1920 12.75 -15.23 18.43
CA THR C 1920 11.96 -14.42 17.53
C THR C 1920 10.55 -14.22 18.08
N THR C 1921 9.91 -13.13 17.67
CA THR C 1921 8.61 -12.75 18.18
C THR C 1921 7.54 -13.74 17.69
N LYS C 1922 6.40 -13.72 18.38
CA LYS C 1922 5.35 -14.71 18.11
C LYS C 1922 4.85 -14.65 16.68
N ASP C 1923 4.90 -13.47 16.03
CA ASP C 1923 4.46 -13.38 14.65
C ASP C 1923 5.44 -14.07 13.71
N CYS C 1924 6.73 -13.78 13.86
CA CYS C 1924 7.73 -14.49 13.06
C CYS C 1924 7.77 -15.97 13.41
N LEU C 1925 7.58 -16.29 14.69
CA LEU C 1925 7.44 -17.66 15.14
C LEU C 1925 6.36 -18.40 14.35
N VAL C 1926 5.14 -17.87 14.39
CA VAL C 1926 4.01 -18.48 13.70
C VAL C 1926 4.27 -18.55 12.21
N PHE C 1927 4.87 -17.51 11.65
CA PHE C 1927 5.14 -17.53 10.21
C PHE C 1927 6.14 -18.62 9.85
N GLU C 1928 7.17 -18.81 10.67
CA GLU C 1928 8.13 -19.88 10.39
C GLU C 1928 7.43 -21.24 10.40
N VAL C 1929 6.63 -21.49 11.43
CA VAL C 1929 5.94 -22.78 11.52
C VAL C 1929 4.99 -22.96 10.34
N LEU C 1930 4.24 -21.91 9.99
CA LEU C 1930 3.21 -22.03 8.97
C LEU C 1930 3.82 -22.13 7.58
N HIS C 1931 4.89 -21.40 7.31
CA HIS C 1931 5.57 -21.56 6.04
C HIS C 1931 6.15 -22.97 5.91
N ALA C 1932 6.70 -23.50 7.00
CA ALA C 1932 7.19 -24.87 6.96
C ALA C 1932 6.07 -25.84 6.61
N VAL C 1933 4.94 -25.73 7.30
CA VAL C 1933 3.85 -26.68 7.04
C VAL C 1933 3.29 -26.50 5.64
N HIS C 1934 3.25 -25.27 5.13
CA HIS C 1934 2.80 -25.06 3.75
C HIS C 1934 3.74 -25.73 2.77
N ASN C 1935 5.05 -25.57 2.96
CA ASN C 1935 5.99 -26.17 2.03
C ASN C 1935 5.92 -27.69 2.07
N TYR C 1936 5.80 -28.27 3.27
CA TYR C 1936 5.76 -29.72 3.37
C TYR C 1936 4.37 -30.29 3.09
N ALA C 1937 3.36 -29.43 2.97
CA ALA C 1937 2.12 -29.84 2.34
C ALA C 1937 2.27 -29.85 0.82
N ILE C 1938 3.00 -28.88 0.27
CA ILE C 1938 3.22 -28.88 -1.18
C ILE C 1938 4.04 -30.09 -1.59
N TYR C 1939 5.09 -30.41 -0.83
CA TYR C 1939 6.03 -31.46 -1.22
C TYR C 1939 5.80 -32.79 -0.51
N GLY C 1940 5.16 -32.79 0.66
CA GLY C 1940 4.79 -34.02 1.32
C GLY C 1940 5.93 -34.84 1.88
N ASN C 1941 6.62 -34.32 2.89
CA ASN C 1941 7.60 -35.09 3.66
C ASN C 1941 7.31 -34.86 5.14
N TYR C 1942 6.76 -35.89 5.78
CA TYR C 1942 6.22 -35.74 7.12
C TYR C 1942 7.33 -35.66 8.16
N LEU C 1943 8.36 -36.49 7.97
CA LEU C 1943 9.49 -36.50 8.90
C LEU C 1943 10.22 -35.17 8.91
N HIS C 1944 10.37 -34.54 7.75
CA HIS C 1944 11.04 -33.24 7.69
C HIS C 1944 10.26 -32.21 8.51
N LEU C 1945 8.94 -32.19 8.38
CA LEU C 1945 8.14 -31.25 9.15
C LEU C 1945 8.27 -31.52 10.64
N GLU C 1946 8.23 -32.81 11.03
CA GLU C 1946 8.37 -33.13 12.45
C GLU C 1946 9.72 -32.68 12.98
N GLU C 1947 10.79 -32.93 12.23
CA GLU C 1947 12.13 -32.55 12.68
C GLU C 1947 12.26 -31.03 12.76
N TYR C 1948 11.72 -30.31 11.79
CA TYR C 1948 11.80 -28.85 11.82
C TYR C 1948 11.05 -28.27 13.00
N ILE C 1949 9.85 -28.78 13.27
CA ILE C 1949 9.09 -28.30 14.42
C ILE C 1949 9.81 -28.65 15.72
N ASN C 1950 10.45 -29.82 15.76
CA ASN C 1950 11.23 -30.17 16.95
C ASN C 1950 12.40 -29.21 17.15
N LYS C 1951 13.13 -28.90 16.06
CA LYS C 1951 14.24 -27.96 16.17
C LYS C 1951 13.75 -26.60 16.63
N LYS C 1952 12.62 -26.15 16.11
CA LYS C 1952 12.14 -24.81 16.42
C LYS C 1952 11.57 -24.74 17.84
N LEU C 1953 11.03 -25.86 18.34
CA LEU C 1953 10.50 -25.90 19.70
C LEU C 1953 11.57 -26.18 20.74
N LEU C 1954 12.74 -26.68 20.33
CA LEU C 1954 13.81 -26.89 21.30
C LEU C 1954 14.37 -25.56 21.82
N LEU C 1955 14.56 -24.59 20.93
CA LEU C 1955 15.24 -23.35 21.30
C LEU C 1955 14.33 -22.36 22.03
N ILE C 1956 13.01 -22.56 22.01
CA ILE C 1956 12.11 -21.55 22.54
C ILE C 1956 12.09 -21.54 24.07
N ASN C 1957 12.43 -22.67 24.71
CA ASN C 1957 12.23 -22.78 26.15
C ASN C 1957 13.03 -21.79 26.99
N PRO C 1958 14.35 -21.63 26.81
CA PRO C 1958 15.13 -20.87 27.81
C PRO C 1958 14.78 -19.39 27.89
N ASN C 1959 14.10 -18.83 26.90
CA ASN C 1959 13.86 -17.38 26.88
C ASN C 1959 13.03 -16.91 28.06
N GLU C 1960 12.22 -17.80 28.67
CA GLU C 1960 11.22 -17.43 29.66
C GLU C 1960 10.23 -16.41 29.12
N GLU C 1961 9.91 -16.52 27.82
CA GLU C 1961 8.89 -15.68 27.21
C GLU C 1961 7.50 -16.15 27.63
N PRO C 1962 6.55 -15.22 27.80
CA PRO C 1962 5.21 -15.63 28.25
C PRO C 1962 4.49 -16.56 27.30
N ASP C 1963 4.78 -16.49 26.00
CA ASP C 1963 4.00 -17.20 24.99
C ASP C 1963 4.66 -18.50 24.52
N SER C 1964 5.63 -19.03 25.25
CA SER C 1964 6.26 -20.28 24.84
C SER C 1964 5.27 -21.43 24.85
N LEU C 1965 4.42 -21.49 25.88
CA LEU C 1965 3.39 -22.52 25.92
C LEU C 1965 2.41 -22.37 24.75
N LEU C 1966 2.17 -21.13 24.32
CA LEU C 1966 1.32 -20.91 23.16
C LEU C 1966 1.90 -21.56 21.91
N PHE C 1967 3.22 -21.57 21.78
CA PHE C 1967 3.83 -22.28 20.66
C PHE C 1967 3.83 -23.79 20.90
N TYR C 1968 4.00 -24.22 22.14
CA TYR C 1968 3.89 -25.64 22.42
C TYR C 1968 2.55 -26.18 21.94
N ALA C 1969 1.50 -25.38 22.18
CA ALA C 1969 0.16 -25.74 21.72
C ALA C 1969 0.09 -25.85 20.21
N LEU C 1970 0.68 -24.88 19.51
CA LEU C 1970 0.64 -24.90 18.04
C LEU C 1970 1.39 -26.10 17.49
N ALA C 1971 2.53 -26.43 18.11
CA ALA C 1971 3.29 -27.59 17.68
C ALA C 1971 2.47 -28.86 17.83
N TYR C 1972 1.90 -29.05 19.02
CA TYR C 1972 1.07 -30.24 19.25
C TYR C 1972 -0.12 -30.27 18.31
N ASP C 1973 -0.75 -29.11 18.08
CA ASP C 1973 -1.95 -29.04 17.26
C ASP C 1973 -1.66 -29.39 15.81
N LEU C 1974 -0.63 -28.79 15.23
CA LEU C 1974 -0.33 -29.08 13.83
C LEU C 1974 0.20 -30.49 13.68
N LYS C 1975 0.91 -31.01 14.68
CA LYS C 1975 1.30 -32.41 14.63
C LYS C 1975 0.08 -33.31 14.61
N PHE C 1976 -0.90 -33.05 15.49
CA PHE C 1976 -2.12 -33.86 15.49
C PHE C 1976 -2.87 -33.75 14.17
N LEU C 1977 -2.99 -32.54 13.63
CA LEU C 1977 -3.70 -32.30 12.38
C LEU C 1977 -2.95 -32.81 11.16
N ILE C 1978 -1.67 -33.16 11.30
CA ILE C 1978 -0.84 -33.58 10.18
C ILE C 1978 -0.72 -35.10 10.10
N ARG C 1979 -0.23 -35.74 11.17
CA ARG C 1979 0.10 -37.16 11.06
C ARG C 1979 -1.14 -38.04 10.96
N CYS C 1980 -2.30 -37.54 11.40
CA CYS C 1980 -3.51 -38.33 11.30
C CYS C 1980 -3.92 -38.53 9.84
N ASN C 1981 -4.43 -39.72 9.53
CA ASN C 1981 -4.91 -40.00 8.19
C ASN C 1981 -6.36 -39.55 7.98
N GLN C 1982 -7.07 -39.20 9.04
CA GLN C 1982 -8.45 -38.74 8.94
C GLN C 1982 -8.83 -38.07 10.26
N SER C 1983 -9.93 -37.33 10.22
CA SER C 1983 -10.47 -36.64 11.40
C SER C 1983 -9.40 -35.72 12.00
N GLN C 1984 -9.05 -34.70 11.21
CA GLN C 1984 -7.90 -33.85 11.52
C GLN C 1984 -8.16 -32.84 12.62
N PHE C 1985 -9.41 -32.68 13.06
CA PHE C 1985 -9.71 -31.71 14.12
C PHE C 1985 -9.15 -32.18 15.45
N ASN C 1986 -8.87 -31.22 16.34
CA ASN C 1986 -8.57 -31.55 17.73
C ASN C 1986 -8.87 -30.34 18.61
N ILE C 1989 -10.01 -27.54 18.79
CA ILE C 1989 -9.73 -26.13 18.51
C ILE C 1989 -10.91 -25.27 18.92
N LEU C 1990 -12.13 -25.70 18.58
CA LEU C 1990 -13.35 -25.03 19.00
C LEU C 1990 -14.02 -25.71 20.18
N GLN C 1991 -13.99 -27.04 20.23
CA GLN C 1991 -14.82 -27.79 21.16
C GLN C 1991 -14.61 -27.32 22.60
N LEU C 1992 -13.39 -26.93 22.96
CA LEU C 1992 -13.13 -26.42 24.29
C LEU C 1992 -13.96 -25.18 24.56
N LEU C 1993 -13.94 -24.23 23.62
CA LEU C 1993 -14.72 -23.02 23.81
C LEU C 1993 -16.21 -23.29 23.75
N LYS C 1994 -16.64 -24.24 22.90
CA LYS C 1994 -18.05 -24.61 22.86
C LYS C 1994 -18.52 -25.14 24.20
N GLU C 1995 -17.69 -25.96 24.86
CA GLU C 1995 -17.99 -26.38 26.23
C GLU C 1995 -18.00 -25.18 27.17
N ASN C 1996 -17.04 -24.25 27.00
CA ASN C 1996 -17.02 -23.06 27.84
C ASN C 1996 -18.14 -22.10 27.45
N LYS C 1997 -18.46 -22.01 26.16
CA LYS C 1997 -19.48 -21.11 25.62
C LYS C 1997 -19.11 -19.64 25.81
N GLN C 1998 -17.94 -19.39 26.40
CA GLN C 1998 -17.47 -18.04 26.67
C GLN C 1998 -15.95 -18.07 26.71
N MET C 1999 -15.34 -16.89 26.91
CA MET C 1999 -13.89 -16.83 27.04
C MET C 1999 -13.40 -17.43 28.34
N SER C 2000 -14.27 -17.54 29.35
CA SER C 2000 -13.93 -18.14 30.65
C SER C 2000 -12.72 -17.44 31.29
N SER C 2001 -12.63 -16.12 31.11
CA SER C 2001 -11.57 -15.31 31.70
C SER C 2001 -10.19 -15.81 31.30
N GLN C 2002 -10.07 -16.28 30.05
CA GLN C 2002 -8.78 -16.80 29.58
C GLN C 2002 -7.77 -15.70 29.35
N LEU C 2003 -8.20 -14.44 29.26
CA LEU C 2003 -7.33 -13.30 29.00
C LEU C 2003 -6.69 -13.38 27.62
N HIS C 2004 -6.23 -12.24 27.10
CA HIS C 2004 -5.71 -12.19 25.74
C HIS C 2004 -4.54 -13.16 25.54
N GLU C 2005 -3.83 -13.51 26.61
CA GLU C 2005 -2.70 -14.43 26.47
C GLU C 2005 -3.16 -15.80 25.99
N CYS C 2006 -4.15 -16.38 26.67
CA CYS C 2006 -4.56 -17.74 26.34
C CYS C 2006 -5.15 -17.82 24.94
N PHE C 2007 -6.14 -16.98 24.65
CA PHE C 2007 -6.80 -16.99 23.35
C PHE C 2007 -6.31 -15.81 22.52
N GLN C 2008 -5.58 -16.13 21.45
CA GLN C 2008 -5.14 -15.16 20.45
C GLN C 2008 -4.60 -15.93 19.25
N LEU C 2009 -5.09 -15.61 18.05
CA LEU C 2009 -4.75 -16.33 16.82
C LEU C 2009 -4.78 -17.84 17.01
N LEU C 2010 -5.69 -18.31 17.86
CA LEU C 2010 -5.75 -19.73 18.17
C LEU C 2010 -6.11 -20.56 16.95
N LEU C 2011 -7.08 -20.10 16.15
CA LEU C 2011 -7.61 -20.88 15.05
C LEU C 2011 -7.05 -20.51 13.69
N GLU C 2012 -6.56 -19.28 13.52
CA GLU C 2012 -6.07 -18.86 12.21
C GLU C 2012 -4.93 -19.74 11.71
N ILE C 2013 -4.26 -20.47 12.61
CA ILE C 2013 -3.32 -21.50 12.20
C ILE C 2013 -4.05 -22.83 12.08
N ASN C 2015 -6.95 -22.91 10.56
CA ASN C 2015 -7.64 -22.25 9.45
C ASN C 2015 -6.74 -22.19 8.24
N VAL C 2016 -5.64 -21.44 8.35
CA VAL C 2016 -4.65 -21.41 7.27
C VAL C 2016 -4.11 -22.81 7.03
N LEU C 2017 -3.93 -23.57 8.11
CA LEU C 2017 -3.52 -24.96 7.96
C LEU C 2017 -4.50 -25.77 7.13
N LEU C 2018 -5.78 -25.44 7.20
CA LEU C 2018 -6.78 -26.18 6.45
C LEU C 2018 -6.71 -25.84 4.97
N LEU C 2020 -3.80 -25.34 3.93
CA LEU C 2020 -2.64 -25.79 3.18
C LEU C 2020 -2.67 -27.30 3.00
N LEU C 2021 -3.31 -27.99 3.95
CA LEU C 2021 -3.53 -29.42 3.80
C LEU C 2021 -4.60 -29.71 2.75
N GLN C 2022 -5.72 -28.98 2.80
CA GLN C 2022 -6.72 -29.12 1.76
C GLN C 2022 -6.25 -28.54 0.43
N SER C 2023 -5.30 -27.60 0.49
CA SER C 2023 -4.89 -26.87 -0.71
C SER C 2023 -4.34 -27.81 -1.78
N HIS C 2024 -3.46 -28.73 -1.38
CA HIS C 2024 -2.92 -29.68 -2.35
C HIS C 2024 -3.89 -30.84 -2.49
N LYS C 2025 -4.52 -30.94 -3.67
CA LYS C 2025 -5.51 -31.98 -3.89
C LYS C 2025 -4.88 -33.37 -3.80
N GLN C 2026 -3.63 -33.50 -4.26
CA GLN C 2026 -2.92 -34.76 -4.09
C GLN C 2026 -2.72 -35.11 -2.62
N LEU C 2027 -2.38 -34.10 -1.80
CA LEU C 2027 -2.26 -34.31 -0.36
C LEU C 2027 -3.60 -34.37 0.35
N ASP C 2028 -4.66 -33.83 -0.26
CA ASP C 2028 -6.00 -34.03 0.29
C ASP C 2028 -6.38 -35.50 0.25
N LEU C 2029 -6.04 -36.18 -0.85
CA LEU C 2029 -6.13 -37.64 -1.01
C LEU C 2029 -7.55 -38.13 -1.16
N SER C 2030 -8.54 -37.25 -1.00
CA SER C 2030 -9.94 -37.66 -1.08
C SER C 2030 -10.83 -36.42 -1.05
N ASP C 2031 -12.10 -36.63 -1.40
CA ASP C 2031 -13.15 -35.64 -1.19
C ASP C 2031 -13.60 -35.60 0.27
N ASP C 2032 -13.17 -36.55 1.08
CA ASP C 2032 -13.52 -36.52 2.50
C ASP C 2032 -12.99 -35.25 3.17
N LEU C 2033 -11.74 -34.86 2.84
CA LEU C 2033 -11.20 -33.63 3.39
C LEU C 2033 -11.98 -32.42 2.91
N ALA C 2034 -12.41 -32.42 1.64
CA ALA C 2034 -13.20 -31.31 1.14
C ALA C 2034 -14.52 -31.18 1.88
N SER C 2035 -15.18 -32.31 2.14
CA SER C 2035 -16.42 -32.28 2.90
C SER C 2035 -16.17 -31.82 4.34
N PHE C 2036 -15.08 -32.29 4.93
CA PHE C 2036 -14.77 -31.94 6.32
C PHE C 2036 -14.46 -30.45 6.45
N ARG C 2037 -13.72 -29.88 5.49
CA ARG C 2037 -13.25 -28.51 5.62
C ARG C 2037 -14.41 -27.52 5.68
N LYS C 2038 -15.45 -27.74 4.87
CA LYS C 2038 -16.55 -26.79 4.77
C LYS C 2038 -17.21 -26.51 6.12
N TYR C 2039 -16.92 -27.30 7.13
CA TYR C 2039 -17.43 -27.06 8.48
C TYR C 2039 -16.52 -26.07 9.22
N TYR C 2040 -16.53 -24.84 8.72
CA TYR C 2040 -15.75 -23.76 9.31
C TYR C 2040 -16.68 -22.71 9.89
N LEU C 2042 -17.41 -24.94 11.89
CA LEU C 2042 -16.95 -25.08 13.26
C LEU C 2042 -16.18 -23.84 13.72
N GLU C 2043 -14.92 -23.75 13.28
CA GLU C 2043 -14.00 -22.76 13.82
C GLU C 2043 -14.55 -21.34 13.72
N LEU C 2044 -15.36 -21.08 12.69
CA LEU C 2044 -15.88 -19.73 12.50
C LEU C 2044 -16.73 -19.30 13.68
N LEU C 2045 -17.60 -20.19 14.17
CA LEU C 2045 -18.36 -19.87 15.36
C LEU C 2045 -17.44 -19.41 16.48
N LYS C 2046 -16.30 -20.08 16.65
CA LYS C 2046 -15.36 -19.70 17.70
C LYS C 2046 -14.86 -18.28 17.50
N ILE C 2047 -14.53 -17.91 16.26
CA ILE C 2047 -14.12 -16.53 16.02
C ILE C 2047 -15.29 -15.59 16.26
N SER C 2048 -16.50 -16.00 15.90
CA SER C 2048 -17.67 -15.23 16.27
C SER C 2048 -17.90 -15.30 17.78
N GLU C 2049 -17.81 -16.50 18.35
CA GLU C 2049 -17.88 -16.70 19.78
C GLU C 2049 -17.38 -18.10 20.14
N LEU C 2052 -15.54 -15.35 21.64
CA LEU C 2052 -14.93 -14.79 20.45
C LEU C 2052 -13.42 -14.77 20.59
N ILE C 2053 -12.76 -15.82 20.08
CA ILE C 2053 -11.32 -15.99 20.29
C ILE C 2053 -10.56 -14.85 19.61
N VAL C 2054 -10.60 -14.80 18.29
CA VAL C 2054 -9.98 -13.68 17.60
C VAL C 2054 -10.86 -12.44 17.73
N ASP C 2055 -12.15 -12.62 17.98
CA ASP C 2055 -13.17 -11.58 18.12
C ASP C 2055 -13.44 -10.85 16.81
N ASN C 2056 -12.72 -11.18 15.75
CA ASN C 2056 -12.84 -10.45 14.49
C ASN C 2056 -14.07 -10.94 13.76
N LEU C 2057 -15.18 -10.25 13.93
CA LEU C 2057 -16.33 -10.48 13.05
C LEU C 2057 -15.93 -10.28 11.60
N GLN C 2058 -14.95 -9.39 11.35
CA GLN C 2058 -14.41 -9.24 10.01
C GLN C 2058 -13.75 -10.53 9.55
N ASN C 2059 -12.94 -11.16 10.40
CA ASN C 2059 -12.35 -12.44 10.01
C ASN C 2059 -13.38 -13.55 9.94
N ALA C 2060 -14.41 -13.48 10.79
CA ALA C 2060 -15.50 -14.44 10.69
C ALA C 2060 -16.14 -14.38 9.31
N PHE C 2061 -16.46 -13.17 8.84
CA PHE C 2061 -17.03 -13.07 7.50
C PHE C 2061 -16.00 -13.43 6.43
N SER C 2062 -14.74 -13.08 6.65
CA SER C 2062 -13.71 -13.36 5.65
C SER C 2062 -13.46 -14.84 5.47
N VAL C 2063 -13.82 -15.65 6.47
CA VAL C 2063 -13.77 -17.10 6.30
C VAL C 2063 -15.11 -17.67 5.85
N ALA C 2064 -16.23 -17.03 6.21
CA ALA C 2064 -17.52 -17.49 5.70
C ALA C 2064 -17.60 -17.34 4.18
N MET C 2065 -17.17 -16.19 3.67
CA MET C 2065 -17.10 -16.02 2.22
C MET C 2065 -16.13 -17.02 1.60
N LEU C 2066 -15.05 -17.33 2.29
CA LEU C 2066 -14.10 -18.31 1.79
C LEU C 2066 -14.76 -19.68 1.68
N SER C 2067 -15.53 -20.07 2.69
CA SER C 2067 -16.22 -21.34 2.67
C SER C 2067 -17.22 -21.40 1.53
N ASP C 2068 -17.95 -20.31 1.31
CA ASP C 2068 -18.87 -20.26 0.17
C ASP C 2068 -18.12 -20.41 -1.15
N ALA C 2069 -16.97 -19.75 -1.26
CA ALA C 2069 -16.18 -19.85 -2.48
C ALA C 2069 -15.70 -21.28 -2.70
N LEU C 2070 -15.31 -21.98 -1.63
CA LEU C 2070 -14.90 -23.37 -1.77
C LEU C 2070 -16.09 -24.27 -2.12
N TYR C 2071 -17.27 -23.98 -1.59
CA TYR C 2071 -18.46 -24.73 -1.99
C TYR C 2071 -18.70 -24.56 -3.48
N ARG C 2072 -18.50 -23.36 -4.00
CA ARG C 2072 -18.62 -23.13 -5.44
C ARG C 2072 -17.40 -23.61 -6.22
N LYS C 2073 -16.31 -23.97 -5.53
CA LYS C 2073 -15.08 -24.29 -6.22
C LYS C 2073 -14.89 -25.80 -6.39
N PHE C 2074 -14.97 -26.55 -5.29
CA PHE C 2074 -14.64 -27.97 -5.31
C PHE C 2074 -15.70 -28.86 -4.70
N ASP C 2075 -16.59 -28.34 -3.85
CA ASP C 2075 -17.64 -29.14 -3.26
C ASP C 2075 -18.72 -29.47 -4.28
N LEU C 2076 -19.44 -30.56 -4.02
CA LEU C 2076 -20.57 -30.94 -4.86
C LEU C 2076 -21.73 -29.97 -4.63
N ALA C 2077 -22.75 -30.06 -5.50
CA ALA C 2077 -23.81 -29.05 -5.51
C ALA C 2077 -24.77 -29.23 -4.34
N ASP C 2078 -25.45 -30.38 -4.28
CA ASP C 2078 -26.59 -30.55 -3.38
C ASP C 2078 -26.13 -31.13 -2.05
N GLU C 2079 -26.24 -30.33 -0.99
CA GLU C 2079 -25.88 -30.78 0.35
C GLU C 2079 -26.77 -30.09 1.38
N ASN C 2080 -26.78 -30.66 2.58
CA ASN C 2080 -27.30 -29.95 3.74
C ASN C 2080 -26.30 -28.90 4.22
N LEU C 2081 -25.00 -29.13 3.99
CA LEU C 2081 -23.98 -28.22 4.50
C LEU C 2081 -24.10 -26.83 3.89
N LYS C 2082 -24.64 -26.73 2.67
CA LYS C 2082 -24.88 -25.42 2.08
C LYS C 2082 -25.86 -24.62 2.91
N HIS C 2083 -26.90 -25.27 3.43
CA HIS C 2083 -27.86 -24.56 4.26
C HIS C 2083 -27.21 -24.09 5.56
N ASP C 2084 -26.35 -24.90 6.16
CA ASP C 2084 -25.68 -24.46 7.38
C ASP C 2084 -24.69 -23.33 7.10
N ILE C 2085 -24.03 -23.35 5.95
CA ILE C 2085 -23.20 -22.23 5.54
C ILE C 2085 -24.04 -20.98 5.40
N ASP C 2086 -25.22 -21.10 4.80
CA ASP C 2086 -26.12 -19.96 4.65
C ASP C 2086 -26.57 -19.43 6.00
N PHE C 2087 -26.90 -20.32 6.93
CA PHE C 2087 -27.31 -19.85 8.25
C PHE C 2087 -26.15 -19.19 8.99
N LEU C 2088 -24.94 -19.73 8.84
CA LEU C 2088 -23.78 -19.12 9.49
C LEU C 2088 -23.52 -17.73 8.94
N SER C 2089 -23.57 -17.58 7.61
CA SER C 2089 -23.39 -16.25 7.02
C SER C 2089 -24.53 -15.33 7.43
N SER C 2090 -25.75 -15.85 7.55
CA SER C 2090 -26.86 -15.04 7.99
C SER C 2090 -26.65 -14.53 9.40
N LYS C 2091 -26.16 -15.38 10.30
CA LYS C 2091 -25.86 -14.94 11.65
C LYS C 2091 -24.75 -13.91 11.65
N ILE C 2092 -23.71 -14.13 10.84
CA ILE C 2092 -22.59 -13.19 10.77
C ILE C 2092 -23.09 -11.82 10.34
N LEU C 2093 -23.92 -11.78 9.29
CA LEU C 2093 -24.42 -10.50 8.81
C LEU C 2093 -25.45 -9.90 9.76
N TRP C 2094 -26.15 -10.73 10.54
CA TRP C 2094 -27.05 -10.18 11.54
C TRP C 2094 -26.28 -9.52 12.69
N GLN C 2095 -25.10 -10.06 13.02
CA GLN C 2095 -24.29 -9.42 14.04
C GLN C 2095 -23.87 -8.01 13.61
N ARG C 2096 -23.46 -7.85 12.35
CA ARG C 2096 -23.02 -6.59 11.78
C ARG C 2096 -24.15 -5.63 11.49
N ASP C 2097 -25.37 -5.93 11.94
CA ASP C 2097 -26.56 -5.11 11.70
C ASP C 2097 -26.89 -4.99 10.21
N GLU C 2098 -26.50 -5.96 9.40
CA GLU C 2098 -27.00 -6.09 8.03
C GLU C 2098 -28.24 -6.97 8.02
N LYS C 2099 -29.22 -6.56 8.84
CA LYS C 2099 -30.37 -7.42 9.13
C LYS C 2099 -31.09 -7.83 7.85
N ILE C 2100 -31.27 -6.91 6.93
CA ILE C 2100 -32.06 -7.20 5.73
C ILE C 2100 -31.36 -8.23 4.85
N ASP C 2101 -30.05 -8.08 4.63
CA ASP C 2101 -29.33 -9.04 3.80
C ASP C 2101 -29.27 -10.41 4.45
N ALA C 2102 -29.06 -10.46 5.77
CA ALA C 2102 -29.07 -11.74 6.46
C ALA C 2102 -30.41 -12.44 6.34
N ILE C 2103 -31.50 -11.69 6.56
CA ILE C 2103 -32.83 -12.25 6.39
C ILE C 2103 -33.00 -12.76 4.97
N GLY C 2104 -32.55 -11.98 3.99
CA GLY C 2104 -32.70 -12.39 2.60
C GLY C 2104 -31.99 -13.70 2.30
N MET C 2105 -30.72 -13.80 2.70
CA MET C 2105 -29.97 -15.01 2.39
C MET C 2105 -30.54 -16.23 3.13
N LEU C 2106 -30.88 -16.06 4.41
CA LEU C 2106 -31.40 -17.18 5.17
C LEU C 2106 -32.73 -17.66 4.60
N SER C 2107 -33.63 -16.73 4.26
CA SER C 2107 -34.90 -17.12 3.68
C SER C 2107 -34.71 -17.77 2.32
N GLU C 2108 -33.81 -17.24 1.50
CA GLU C 2108 -33.62 -17.78 0.16
C GLU C 2108 -33.09 -19.20 0.21
N SER C 2109 -32.09 -19.47 1.07
CA SER C 2109 -31.55 -20.82 1.15
C SER C 2109 -32.52 -21.76 1.86
N LEU C 2110 -33.19 -21.28 2.90
CA LEU C 2110 -34.15 -22.11 3.62
C LEU C 2110 -35.36 -22.45 2.74
N SER C 2111 -35.91 -21.44 2.07
CA SER C 2111 -37.03 -21.66 1.15
C SER C 2111 -36.51 -22.06 -0.23
N LYS C 2112 -35.89 -23.24 -0.25
CA LYS C 2112 -35.34 -23.80 -1.48
C LYS C 2112 -35.26 -25.31 -1.32
N THR C 2113 -35.10 -26.00 -2.44
CA THR C 2113 -35.03 -27.46 -2.44
C THR C 2113 -33.67 -27.90 -1.90
N ASN C 2114 -33.69 -28.68 -0.82
CA ASN C 2114 -32.48 -29.17 -0.18
C ASN C 2114 -32.61 -30.65 0.11
N SER C 2115 -31.46 -31.34 0.18
CA SER C 2115 -31.42 -32.75 0.52
C SER C 2115 -31.39 -32.91 2.03
N SER C 2116 -32.17 -33.88 2.53
CA SER C 2116 -32.32 -34.10 3.96
C SER C 2116 -32.76 -32.81 4.66
N ILE C 2117 -33.74 -32.14 4.06
CA ILE C 2117 -34.15 -30.81 4.49
C ILE C 2117 -35.05 -30.92 5.72
N PHE C 2118 -34.45 -30.86 6.91
CA PHE C 2118 -35.23 -30.84 8.12
C PHE C 2118 -34.61 -29.94 9.19
N PRO C 2119 -34.25 -28.69 8.87
CA PRO C 2119 -33.62 -27.82 9.88
C PRO C 2119 -34.67 -27.13 10.72
N SER C 2120 -34.78 -27.55 11.97
CA SER C 2120 -35.70 -26.91 12.91
C SER C 2120 -35.03 -25.82 13.72
N ILE C 2121 -33.74 -25.58 13.50
CA ILE C 2121 -33.03 -24.49 14.17
C ILE C 2121 -32.99 -23.24 13.29
N SER C 2122 -32.98 -23.40 11.97
CA SER C 2122 -32.93 -22.24 11.09
C SER C 2122 -34.33 -21.68 10.85
N TYR C 2123 -35.34 -22.55 10.77
CA TYR C 2123 -36.70 -22.06 10.58
C TYR C 2123 -37.15 -21.20 11.75
N ALA C 2124 -36.86 -21.63 12.97
CA ALA C 2124 -37.22 -20.82 14.13
C ALA C 2124 -36.39 -19.55 14.20
N TYR C 2125 -35.13 -19.62 13.80
CA TYR C 2125 -34.30 -18.41 13.79
C TYR C 2125 -34.81 -17.40 12.76
N LEU C 2126 -35.21 -17.87 11.58
CA LEU C 2126 -35.83 -17.00 10.60
C LEU C 2126 -37.12 -16.41 11.15
N GLY C 2127 -37.92 -17.21 11.84
CA GLY C 2127 -39.14 -16.68 12.43
C GLY C 2127 -38.85 -15.56 13.40
N ASN C 2128 -37.87 -15.76 14.29
CA ASN C 2128 -37.51 -14.73 15.24
C ASN C 2128 -36.98 -13.48 14.53
N TRP C 2129 -36.16 -13.66 13.50
CA TRP C 2129 -35.61 -12.53 12.76
C TRP C 2129 -36.73 -11.73 12.10
N LEU C 2130 -37.58 -12.42 11.33
CA LEU C 2130 -38.66 -11.74 10.62
C LEU C 2130 -39.65 -11.12 11.59
N TYR C 2131 -39.72 -11.64 12.82
CA TYR C 2131 -40.55 -10.98 13.82
C TYR C 2131 -39.87 -9.72 14.34
N THR C 2132 -38.54 -9.72 14.44
CA THR C 2132 -37.85 -8.56 14.97
C THR C 2132 -37.93 -7.37 14.02
N THR C 2133 -37.74 -7.60 12.72
CA THR C 2133 -37.78 -6.54 11.73
C THR C 2133 -39.16 -6.34 11.14
N LYS C 2134 -40.18 -7.02 11.66
CA LYS C 2134 -41.57 -6.86 11.22
C LYS C 2134 -41.72 -7.11 9.72
N SER C 2135 -40.80 -7.89 9.14
CA SER C 2135 -40.77 -8.04 7.70
C SER C 2135 -41.90 -8.94 7.20
N GLU C 2136 -42.42 -9.84 8.03
CA GLU C 2136 -43.57 -10.66 7.69
C GLU C 2136 -44.60 -10.62 8.81
N LYS C 2137 -45.81 -11.03 8.48
CA LYS C 2137 -46.92 -10.95 9.41
C LYS C 2137 -46.73 -11.91 10.58
N THR C 2138 -47.26 -11.52 11.75
CA THR C 2138 -47.23 -12.39 12.91
C THR C 2138 -48.06 -13.65 12.70
N GLU C 2139 -49.07 -13.58 11.84
CA GLU C 2139 -49.91 -14.75 11.60
C GLU C 2139 -49.18 -15.80 10.78
N LEU C 2140 -48.49 -15.39 9.71
CA LEU C 2140 -47.81 -16.36 8.86
C LEU C 2140 -46.55 -16.90 9.53
N VAL C 2141 -45.93 -16.11 10.40
CA VAL C 2141 -44.67 -16.50 11.01
C VAL C 2141 -44.90 -17.57 12.08
N LYS C 2143 -46.74 -19.97 11.21
CA LYS C 2143 -47.23 -21.20 10.59
C LYS C 2143 -46.29 -21.70 9.51
N ASN C 2144 -45.37 -20.84 9.07
CA ASN C 2144 -44.40 -21.24 8.06
C ASN C 2144 -43.01 -21.46 8.64
N TYR C 2145 -42.66 -20.76 9.72
CA TYR C 2145 -41.31 -20.78 10.27
C TYR C 2145 -41.24 -21.40 11.65
N PHE C 2146 -42.11 -21.00 12.58
CA PHE C 2146 -42.08 -21.54 13.94
C PHE C 2146 -42.74 -22.91 14.01
N GLU C 2147 -44.00 -23.01 13.59
CA GLU C 2147 -44.73 -24.26 13.70
C GLU C 2147 -44.10 -25.35 12.84
N LYS C 2148 -43.53 -24.98 11.69
CA LYS C 2148 -42.85 -25.97 10.87
C LYS C 2148 -41.65 -26.56 11.61
N SER C 2149 -40.87 -25.71 12.26
CA SER C 2149 -39.73 -26.20 13.03
C SER C 2149 -40.18 -27.06 14.21
N LEU C 2150 -41.25 -26.64 14.89
CA LEU C 2150 -41.77 -27.43 16.01
C LEU C 2150 -42.24 -28.80 15.55
N SER C 2151 -42.93 -28.86 14.42
CA SER C 2151 -43.39 -30.15 13.90
C SER C 2151 -42.21 -31.02 13.47
N HIS C 2152 -41.21 -30.43 12.82
CA HIS C 2152 -40.02 -31.18 12.44
C HIS C 2152 -39.08 -31.46 13.61
N MET C 2153 -39.38 -30.90 14.78
CA MET C 2153 -38.50 -30.99 15.94
C MET C 2153 -38.51 -32.42 16.51
N SER C 2154 -37.49 -32.72 17.31
CA SER C 2154 -37.22 -33.96 18.03
C SER C 2154 -36.56 -35.02 17.15
N HIS C 2155 -36.31 -34.75 15.87
CA HIS C 2155 -35.46 -35.62 15.09
C HIS C 2155 -33.99 -35.40 15.43
N LEU C 2156 -33.64 -34.21 15.88
CA LEU C 2156 -32.27 -33.84 16.23
C LEU C 2156 -32.17 -33.37 17.67
N ASN C 2157 -33.06 -33.86 18.54
CA ASN C 2157 -33.15 -33.44 19.93
C ASN C 2157 -31.78 -33.45 20.60
N ALA C 2158 -31.36 -32.26 21.03
CA ALA C 2158 -30.04 -32.06 21.62
C ALA C 2158 -30.12 -30.78 22.46
N LYS C 2159 -28.96 -30.17 22.73
CA LYS C 2159 -28.96 -28.84 23.31
C LYS C 2159 -29.62 -27.81 22.40
N GLU C 2160 -29.67 -28.08 21.08
CA GLU C 2160 -30.34 -27.17 20.16
C GLU C 2160 -31.84 -27.13 20.38
N LYS C 2161 -32.45 -28.27 20.74
CA LYS C 2161 -33.89 -28.31 20.94
C LYS C 2161 -34.31 -27.39 22.09
N ALA C 2162 -33.48 -27.30 23.13
CA ALA C 2162 -33.79 -26.39 24.24
C ALA C 2162 -33.83 -24.95 23.76
N LYS C 2163 -32.88 -24.56 22.92
CA LYS C 2163 -32.88 -23.20 22.38
C LYS C 2163 -34.09 -22.97 21.49
N ILE C 2164 -34.44 -23.97 20.66
CA ILE C 2164 -35.58 -23.81 19.75
C ILE C 2164 -36.87 -23.65 20.54
N TYR C 2165 -37.04 -24.42 21.60
CA TYR C 2165 -38.21 -24.30 22.47
C TYR C 2165 -38.21 -22.98 23.24
N MET C 2167 -36.81 -20.11 22.03
CA MET C 2167 -36.88 -18.95 21.13
C MET C 2167 -38.31 -18.79 20.61
N PHE C 2168 -38.92 -19.92 20.26
CA PHE C 2168 -40.35 -19.95 20.01
C PHE C 2168 -41.11 -19.33 21.17
N ALA C 2169 -40.72 -19.67 22.40
CA ALA C 2169 -41.41 -19.17 23.57
C ALA C 2169 -41.26 -17.66 23.72
N GLN C 2170 -40.04 -17.16 23.54
CA GLN C 2170 -39.80 -15.72 23.65
C GLN C 2170 -40.58 -14.96 22.59
N PHE C 2171 -40.58 -15.48 21.36
CA PHE C 2171 -41.32 -14.81 20.28
C PHE C 2171 -42.81 -14.80 20.56
N CYS C 2172 -43.36 -15.92 21.04
CA CYS C 2172 -44.78 -15.96 21.35
C CYS C 2172 -45.13 -15.01 22.48
N ASP C 2173 -44.30 -14.98 23.53
CA ASP C 2173 -44.57 -14.07 24.64
C ASP C 2173 -44.49 -12.62 24.19
N ASN C 2174 -43.53 -12.31 23.31
CA ASN C 2174 -43.41 -10.95 22.80
C ASN C 2174 -44.61 -10.58 21.95
N ASN C 2175 -45.05 -11.48 21.06
CA ASN C 2175 -46.23 -11.21 20.26
C ASN C 2175 -47.46 -11.03 21.13
N TYR C 2176 -47.53 -11.74 22.25
CA TYR C 2176 -48.57 -11.47 23.23
C TYR C 2176 -48.41 -10.07 23.82
N SER C 2177 -47.17 -9.66 24.10
CA SER C 2177 -46.89 -8.41 24.80
C SER C 2177 -46.42 -7.29 23.88
N SER C 2178 -46.57 -7.46 22.56
CA SER C 2178 -46.23 -6.37 21.65
C SER C 2178 -47.16 -5.19 21.91
N PRO C 2179 -46.62 -3.98 22.09
CA PRO C 2179 -47.44 -2.85 22.58
C PRO C 2179 -48.69 -2.59 21.76
N ASP C 2180 -48.50 -2.35 20.45
CA ASP C 2180 -49.65 -2.09 19.59
C ASP C 2180 -50.62 -3.26 19.60
N LEU C 2181 -50.10 -4.48 19.54
CA LEU C 2181 -50.95 -5.66 19.49
C LEU C 2181 -51.80 -5.79 20.76
N THR C 2182 -51.17 -5.68 21.92
CA THR C 2182 -51.93 -5.84 23.17
C THR C 2182 -52.89 -4.68 23.37
N GLU C 2183 -52.49 -3.47 22.99
CA GLU C 2183 -53.41 -2.33 23.14
C GLU C 2183 -54.64 -2.48 22.27
N ASP C 2184 -54.46 -2.88 21.00
CA ASP C 2184 -55.63 -3.07 20.15
C ASP C 2184 -56.47 -4.23 20.63
N PHE C 2185 -55.84 -5.30 21.14
CA PHE C 2185 -56.63 -6.42 21.66
C PHE C 2185 -57.47 -6.01 22.85
N LYS C 2186 -56.88 -5.26 23.80
CA LYS C 2186 -57.65 -4.85 24.97
C LYS C 2186 -58.73 -3.86 24.60
N ARG C 2187 -58.46 -2.99 23.63
CA ARG C 2187 -59.50 -2.08 23.14
C ARG C 2187 -60.66 -2.86 22.52
N MET C 2188 -60.34 -3.88 21.72
CA MET C 2188 -61.39 -4.63 21.05
C MET C 2188 -62.19 -5.43 22.08
N GLU C 2189 -61.51 -5.98 23.08
CA GLU C 2189 -62.20 -6.68 24.16
C GLU C 2189 -63.13 -5.75 24.93
N LYS C 2190 -62.67 -4.53 25.21
CA LYS C 2190 -63.55 -3.55 25.86
C LYS C 2190 -64.75 -3.22 24.99
N LEU C 2191 -64.53 -3.09 23.68
CA LEU C 2191 -65.62 -2.80 22.76
C LEU C 2191 -66.67 -3.91 22.78
N TYR C 2192 -66.21 -5.17 22.78
CA TYR C 2192 -67.17 -6.28 22.81
C TYR C 2192 -67.81 -6.42 24.19
N PHE C 2193 -67.11 -6.04 25.25
CA PHE C 2193 -67.75 -6.01 26.57
C PHE C 2193 -68.87 -4.98 26.59
N GLU C 2194 -68.66 -3.84 25.95
CA GLU C 2194 -69.72 -2.85 25.78
C GLU C 2194 -70.84 -3.41 24.91
N LYS C 2196 -71.05 -7.21 23.96
CA LYS C 2196 -72.09 -8.22 24.12
C LYS C 2196 -73.23 -7.67 24.96
N ASN C 2197 -72.92 -6.68 25.81
CA ASN C 2197 -73.97 -6.01 26.56
C ASN C 2197 -74.92 -5.27 25.62
N ASP C 2198 -74.38 -4.67 24.56
CA ASP C 2198 -75.22 -3.97 23.59
C ASP C 2198 -76.18 -4.92 22.90
N ILE C 2199 -75.69 -6.07 22.44
CA ILE C 2199 -76.58 -7.02 21.78
C ILE C 2199 -77.55 -7.62 22.77
N GLN C 2200 -77.14 -7.76 24.04
CA GLN C 2200 -78.08 -8.24 25.06
C GLN C 2200 -79.22 -7.25 25.24
N GLN C 2201 -78.90 -5.95 25.25
CA GLN C 2201 -79.94 -4.93 25.32
C GLN C 2201 -80.85 -4.98 24.09
N LEU C 2202 -80.25 -5.16 22.91
CA LEU C 2202 -81.04 -5.12 21.68
C LEU C 2202 -82.00 -6.31 21.58
N GLU C 2203 -81.49 -7.52 21.83
CA GLU C 2203 -82.33 -8.71 21.64
C GLU C 2203 -83.41 -8.80 22.70
N ARG C 2204 -83.05 -8.61 23.97
CA ARG C 2204 -83.97 -8.74 25.10
C ARG C 2204 -84.62 -10.14 25.12
N LEU C 2218 -84.49 -0.50 16.54
CA LEU C 2218 -85.55 -1.25 15.88
C LEU C 2218 -85.14 -2.71 15.71
N LYS C 2219 -86.14 -3.60 15.63
CA LYS C 2219 -85.85 -5.03 15.55
C LYS C 2219 -85.07 -5.37 14.29
N ASN C 2220 -85.44 -4.79 13.15
CA ASN C 2220 -84.62 -4.95 11.95
C ASN C 2220 -83.27 -4.28 12.11
N HIS C 2221 -83.24 -3.10 12.74
CA HIS C 2221 -81.96 -2.49 13.09
C HIS C 2221 -81.19 -3.36 14.07
N HIS C 2222 -81.88 -4.04 14.98
CA HIS C 2222 -81.22 -4.98 15.87
C HIS C 2222 -80.61 -6.14 15.09
N SER C 2223 -81.29 -6.61 14.05
CA SER C 2223 -80.75 -7.68 13.22
C SER C 2223 -79.52 -7.21 12.44
N ARG C 2224 -79.57 -5.99 11.90
CA ARG C 2224 -78.39 -5.45 11.22
C ARG C 2224 -77.22 -5.30 12.18
N GLU C 2225 -77.48 -4.79 13.38
CA GLU C 2225 -76.45 -4.72 14.40
C GLU C 2225 -75.95 -6.10 14.79
N MET C 2226 -76.83 -7.10 14.76
CA MET C 2226 -76.41 -8.48 15.01
C MET C 2226 -75.45 -8.96 13.93
N SER C 2227 -75.73 -8.65 12.66
CA SER C 2227 -74.83 -9.05 11.59
C SER C 2227 -73.46 -8.39 11.76
N SER C 2228 -73.46 -7.09 12.07
CA SER C 2228 -72.19 -6.41 12.36
C SER C 2228 -71.53 -7.04 13.58
N PHE C 2229 -72.32 -7.53 14.53
CA PHE C 2229 -71.76 -8.17 15.73
C PHE C 2229 -71.14 -9.51 15.39
N ILE C 2230 -71.70 -10.26 14.43
CA ILE C 2230 -71.05 -11.49 13.98
C ILE C 2230 -69.74 -11.18 13.28
N ILE C 2231 -69.70 -10.11 12.48
CA ILE C 2231 -68.44 -9.72 11.86
C ILE C 2231 -67.41 -9.40 12.94
N ASP C 2232 -67.80 -8.55 13.90
CA ASP C 2232 -66.90 -8.17 14.99
C ASP C 2232 -66.52 -9.37 15.85
N GLU C 2233 -67.43 -10.32 16.02
CA GLU C 2233 -67.15 -11.52 16.81
C GLU C 2233 -66.15 -12.41 16.09
N ARG C 2234 -66.28 -12.55 14.77
CA ARG C 2234 -65.28 -13.31 14.03
C ARG C 2234 -63.90 -12.68 14.20
N GLU C 2235 -63.82 -11.34 14.05
CA GLU C 2235 -62.54 -10.68 14.22
C GLU C 2235 -61.99 -10.85 15.63
N TYR C 2236 -62.83 -10.59 16.64
CA TYR C 2236 -62.39 -10.64 18.03
C TYR C 2236 -62.01 -12.04 18.45
N LEU C 2237 -62.77 -13.04 18.00
CA LEU C 2237 -62.41 -14.42 18.28
C LEU C 2237 -61.09 -14.78 17.62
N ARG C 2238 -60.86 -14.28 16.41
CA ARG C 2238 -59.56 -14.52 15.77
C ARG C 2238 -58.43 -13.98 16.62
N MET C 2239 -58.54 -12.72 17.07
CA MET C 2239 -57.43 -12.16 17.82
C MET C 2239 -57.30 -12.77 19.22
N SER C 2240 -58.42 -13.09 19.88
CA SER C 2240 -58.36 -13.71 21.20
C SER C 2240 -57.79 -15.12 21.12
N THR C 2241 -58.16 -15.88 20.09
CA THR C 2241 -57.54 -17.18 19.88
C THR C 2241 -56.05 -17.02 19.60
N PHE C 2242 -55.66 -16.01 18.83
CA PHE C 2242 -54.24 -15.78 18.61
C PHE C 2242 -53.52 -15.46 19.91
N ARG C 2243 -54.13 -14.64 20.77
CA ARG C 2243 -53.51 -14.31 22.05
C ARG C 2243 -53.35 -15.54 22.93
N SER C 2244 -54.43 -16.32 23.08
CA SER C 2244 -54.37 -17.50 23.94
C SER C 2244 -53.38 -18.53 23.40
N LYS C 2245 -53.38 -18.74 22.08
CA LYS C 2245 -52.44 -19.66 21.47
C LYS C 2245 -51.02 -19.19 21.67
N MET C 2246 -50.78 -17.89 21.52
CA MET C 2246 -49.44 -17.34 21.74
C MET C 2246 -48.99 -17.60 23.17
N LEU C 2247 -49.85 -17.32 24.14
CA LEU C 2247 -49.47 -17.52 25.54
C LEU C 2247 -49.21 -18.99 25.83
N THR C 2248 -50.06 -19.89 25.32
CA THR C 2248 -49.90 -21.31 25.61
C THR C 2248 -48.62 -21.85 25.00
N GLN C 2249 -48.39 -21.56 23.71
CA GLN C 2249 -47.17 -22.04 23.08
C GLN C 2249 -45.95 -21.42 23.74
N SER C 2250 -46.04 -20.17 24.18
CA SER C 2250 -44.92 -19.54 24.86
C SER C 2250 -44.57 -20.25 26.15
N ILE C 2251 -45.56 -20.46 27.02
CA ILE C 2251 -45.27 -21.11 28.30
C ILE C 2251 -44.77 -22.54 28.08
N THR C 2252 -45.43 -23.29 27.20
CA THR C 2252 -45.01 -24.66 26.96
C THR C 2252 -43.61 -24.73 26.36
N HIS C 2253 -43.29 -23.83 25.44
CA HIS C 2253 -41.97 -23.85 24.81
C HIS C 2253 -40.89 -23.42 25.80
N TYR C 2254 -41.19 -22.47 26.69
CA TYR C 2254 -40.23 -22.12 27.73
C TYR C 2254 -39.99 -23.31 28.65
N LEU C 2255 -41.05 -24.01 29.04
CA LEU C 2255 -40.89 -25.16 29.92
C LEU C 2255 -40.07 -26.25 29.24
N LYS C 2256 -40.33 -26.50 27.95
CA LYS C 2256 -39.56 -27.49 27.23
C LYS C 2256 -38.10 -27.06 27.05
N CYS C 2257 -37.88 -25.75 26.87
CA CYS C 2257 -36.51 -25.24 26.80
C CYS C 2257 -35.76 -25.50 28.09
N LEU C 2258 -36.42 -25.29 29.23
CA LEU C 2258 -35.79 -25.61 30.51
C LEU C 2258 -35.54 -27.12 30.62
N SER C 2259 -36.50 -27.93 30.20
CA SER C 2259 -36.38 -29.38 30.37
C SER C 2259 -35.23 -29.95 29.55
N GLU C 2260 -35.11 -29.53 28.29
CA GLU C 2260 -34.15 -30.17 27.39
C GLU C 2260 -32.71 -29.94 27.82
N SER C 2261 -32.39 -28.71 28.24
CA SER C 2261 -31.03 -28.38 28.65
C SER C 2261 -31.07 -27.34 29.74
N ASP C 2262 -29.98 -27.27 30.52
CA ASP C 2262 -29.88 -26.35 31.64
C ASP C 2262 -28.90 -25.21 31.36
N GLU C 2263 -28.62 -24.93 30.09
CA GLU C 2263 -27.75 -23.80 29.76
C GLU C 2263 -28.37 -22.48 30.23
N ASN C 2264 -29.67 -22.31 30.01
CA ASN C 2264 -30.39 -21.14 30.47
C ASN C 2264 -31.39 -21.56 31.55
N ASP C 2265 -31.36 -20.87 32.68
CA ASP C 2265 -32.32 -21.07 33.75
C ASP C 2265 -32.79 -19.74 34.32
N VAL C 2266 -32.76 -18.69 33.51
CA VAL C 2266 -33.19 -17.36 33.92
C VAL C 2266 -34.50 -17.03 33.23
N LEU C 2267 -34.71 -17.57 32.03
CA LEU C 2267 -35.98 -17.41 31.35
C LEU C 2267 -37.11 -18.11 32.10
N ILE C 2268 -36.78 -18.99 33.04
CA ILE C 2268 -37.81 -19.56 33.89
C ILE C 2268 -38.46 -18.48 34.73
N SER C 2269 -37.74 -17.40 35.01
CA SER C 2269 -38.36 -16.27 35.70
C SER C 2269 -39.48 -15.66 34.86
N ARG C 2270 -39.20 -15.41 33.58
CA ARG C 2270 -40.22 -14.87 32.69
C ARG C 2270 -41.37 -15.86 32.52
N CYS C 2271 -41.06 -17.14 32.35
CA CYS C 2271 -42.11 -18.14 32.21
C CYS C 2271 -42.99 -18.19 33.46
N CYS C 2272 -42.36 -18.15 34.64
CA CYS C 2272 -43.12 -18.22 35.89
C CYS C 2272 -43.96 -16.97 36.09
N THR C 2273 -43.44 -15.79 35.75
CA THR C 2273 -44.24 -14.58 35.94
C THR C 2273 -45.38 -14.51 34.94
N MET C 2274 -45.19 -15.01 33.72
CA MET C 2274 -46.31 -15.14 32.80
C MET C 2274 -47.34 -16.12 33.33
N TRP C 2275 -46.88 -17.24 33.91
CA TRP C 2275 -47.78 -18.23 34.47
C TRP C 2275 -48.59 -17.67 35.62
N LEU C 2276 -47.96 -16.90 36.51
CA LEU C 2276 -48.65 -16.34 37.65
C LEU C 2276 -49.52 -15.15 37.27
N SER C 2277 -49.17 -14.45 36.19
CA SER C 2277 -49.89 -13.23 35.83
C SER C 2277 -51.32 -13.54 35.40
N ASN C 2278 -51.51 -14.52 34.52
CA ASN C 2278 -52.83 -14.92 34.04
C ASN C 2278 -53.13 -16.32 34.60
N SER C 2279 -53.64 -16.36 35.82
CA SER C 2279 -54.04 -17.60 36.46
C SER C 2279 -55.46 -18.01 36.12
N HIS C 2280 -56.22 -17.15 35.43
CA HIS C 2280 -57.60 -17.46 35.12
C HIS C 2280 -57.73 -18.47 33.99
N LEU C 2281 -56.83 -18.38 33.00
CA LEU C 2281 -56.91 -19.27 31.84
C LEU C 2281 -56.71 -20.72 32.28
N ASP C 2282 -57.57 -21.60 31.78
CA ASP C 2282 -57.54 -23.01 32.16
C ASP C 2282 -57.00 -23.93 31.07
N GLU C 2283 -57.18 -23.59 29.79
CA GLU C 2283 -56.56 -24.39 28.73
C GLU C 2283 -55.05 -24.35 28.85
N LEU C 2284 -54.51 -23.20 29.25
CA LEU C 2284 -53.11 -23.13 29.67
C LEU C 2284 -52.83 -24.22 30.69
N ASN C 2285 -53.66 -24.31 31.72
CA ASN C 2285 -53.44 -25.30 32.78
C ASN C 2285 -53.58 -26.71 32.24
N ASN C 2286 -54.53 -26.94 31.33
CA ASN C 2286 -54.69 -28.27 30.76
C ASN C 2286 -53.43 -28.70 30.00
N SER C 2287 -52.77 -27.76 29.32
CA SER C 2287 -51.54 -28.11 28.62
C SER C 2287 -50.37 -28.29 29.58
N LEU C 2288 -50.24 -27.40 30.56
CA LEU C 2288 -49.04 -27.43 31.39
C LEU C 2288 -49.17 -28.35 32.60
N GLN C 2289 -50.31 -29.01 32.78
CA GLN C 2289 -50.35 -30.14 33.70
C GLN C 2289 -49.35 -31.20 33.24
N HIS C 2290 -49.35 -31.51 31.96
CA HIS C 2290 -48.37 -32.43 31.38
C HIS C 2290 -47.08 -31.73 30.98
N TYR C 2291 -47.13 -30.43 30.68
CA TYR C 2291 -45.92 -29.71 30.30
C TYR C 2291 -45.15 -29.15 31.48
N LEU C 2292 -45.58 -29.39 32.71
CA LEU C 2292 -44.92 -28.88 33.91
C LEU C 2292 -44.25 -29.95 34.75
N GLN C 2293 -44.89 -31.10 34.94
CA GLN C 2293 -44.33 -32.15 35.78
C GLN C 2293 -43.04 -32.73 35.20
N ASN C 2294 -42.79 -32.56 33.90
CA ASN C 2294 -41.66 -33.19 33.25
C ASN C 2294 -40.37 -32.40 33.36
N LEU C 2295 -40.41 -31.17 33.85
CA LEU C 2295 -39.17 -30.42 33.99
C LEU C 2295 -38.45 -30.85 35.27
N PRO C 2296 -37.11 -30.87 35.25
CA PRO C 2296 -36.37 -31.22 36.47
C PRO C 2296 -36.64 -30.23 37.59
N CYS C 2297 -36.60 -30.73 38.83
CA CYS C 2297 -36.82 -29.87 39.98
C CYS C 2297 -35.64 -28.94 40.25
N LYS C 2298 -34.48 -29.23 39.66
CA LYS C 2298 -33.29 -28.40 39.88
C LYS C 2298 -33.31 -27.11 39.08
N LYS C 2299 -34.32 -26.89 38.25
CA LYS C 2299 -34.45 -25.63 37.52
C LYS C 2299 -35.45 -24.68 38.15
N PHE C 2300 -36.38 -25.16 38.98
CA PHE C 2300 -37.35 -24.30 39.63
C PHE C 2300 -36.74 -23.46 40.74
N ILE C 2301 -35.54 -23.80 41.20
CA ILE C 2301 -35.00 -23.19 42.42
C ILE C 2301 -34.77 -21.69 42.31
N PRO C 2302 -34.20 -21.13 41.22
CA PRO C 2302 -33.97 -19.67 41.22
C PRO C 2302 -35.24 -18.86 41.43
N VAL C 2303 -36.36 -19.32 40.88
CA VAL C 2303 -37.64 -18.64 41.08
C VAL C 2303 -38.45 -19.30 42.20
N PHE C 2304 -37.93 -20.37 42.80
CA PHE C 2304 -38.69 -21.13 43.81
C PHE C 2304 -39.16 -20.24 44.95
N TYR C 2305 -38.41 -19.18 45.26
CA TYR C 2305 -38.79 -18.32 46.36
C TYR C 2305 -40.16 -17.69 46.10
N GLN C 2306 -40.32 -17.06 44.93
CA GLN C 2306 -41.62 -16.50 44.57
C GLN C 2306 -42.65 -17.59 44.27
N LEU C 2307 -42.20 -18.71 43.70
CA LEU C 2307 -43.11 -19.83 43.44
C LEU C 2307 -43.81 -20.27 44.72
N ALA C 2308 -43.04 -20.44 45.79
CA ALA C 2308 -43.62 -20.75 47.09
C ALA C 2308 -44.30 -19.54 47.71
N ALA C 2309 -43.96 -18.33 47.27
CA ALA C 2309 -44.68 -17.16 47.74
C ALA C 2309 -46.10 -17.10 47.18
N ARG C 2310 -46.35 -17.73 46.03
CA ARG C 2310 -47.64 -17.59 45.36
C ARG C 2310 -48.59 -18.78 45.56
N LEU C 2311 -48.18 -19.81 46.29
CA LEU C 2311 -49.05 -20.96 46.48
C LEU C 2311 -50.25 -20.61 47.35
N MET C 2312 -51.31 -21.41 47.24
CA MET C 2312 -52.50 -21.21 48.05
C MET C 2312 -53.18 -22.56 48.26
N ASN C 2313 -54.01 -22.62 49.31
CA ASN C 2313 -54.64 -23.88 49.69
C ASN C 2313 -55.78 -24.26 48.75
N GLU C 2314 -56.42 -23.29 48.10
CA GLU C 2314 -57.54 -23.59 47.21
C GLU C 2314 -57.06 -24.44 46.04
N ASN C 2315 -57.91 -25.38 45.63
CA ASN C 2315 -57.57 -26.29 44.53
C ASN C 2315 -57.28 -25.54 43.23
N LYS C 2317 -56.61 -26.12 39.88
CA LYS C 2317 -55.53 -26.72 39.10
C LYS C 2317 -54.30 -25.81 39.10
N PHE C 2318 -54.53 -24.51 39.00
CA PHE C 2318 -53.42 -23.56 39.01
C PHE C 2318 -52.60 -23.69 40.30
N GLN C 2319 -53.28 -24.00 41.41
CA GLN C 2319 -52.59 -24.20 42.68
C GLN C 2319 -52.16 -25.64 42.87
N GLN C 2320 -52.89 -26.61 42.32
CA GLN C 2320 -52.50 -28.00 42.45
C GLN C 2320 -51.15 -28.27 41.76
N SER C 2321 -50.98 -27.75 40.55
CA SER C 2321 -49.71 -27.91 39.86
C SER C 2321 -48.58 -27.23 40.61
N LEU C 2322 -48.85 -26.03 41.15
CA LEU C 2322 -47.83 -25.34 41.93
C LEU C 2322 -47.44 -26.14 43.17
N THR C 2323 -48.42 -26.70 43.87
CA THR C 2323 -48.13 -27.51 45.04
C THR C 2323 -47.32 -28.75 44.68
N SER C 2324 -47.68 -29.40 43.58
CA SER C 2324 -46.92 -30.58 43.15
C SER C 2324 -45.48 -30.21 42.81
N ILE C 2325 -45.29 -29.10 42.10
CA ILE C 2325 -43.93 -28.67 41.74
C ILE C 2325 -43.14 -28.31 42.99
N CYS C 2326 -43.78 -27.59 43.93
CA CYS C 2326 -43.09 -27.21 45.15
C CYS C 2326 -42.71 -28.42 45.98
N TYR C 2327 -43.60 -29.41 46.08
CA TYR C 2327 -43.27 -30.64 46.79
C TYR C 2327 -42.12 -31.37 46.12
N ASN C 2328 -42.14 -31.46 44.79
CA ASN C 2328 -41.08 -32.15 44.08
C ASN C 2328 -39.73 -31.48 44.33
N VAL C 2329 -39.70 -30.14 44.27
CA VAL C 2329 -38.44 -29.44 44.48
C VAL C 2329 -38.01 -29.56 45.95
N GLY C 2330 -38.96 -29.48 46.88
CA GLY C 2330 -38.61 -29.56 48.29
C GLY C 2330 -38.08 -30.92 48.71
N ARG C 2331 -38.63 -31.99 48.14
CA ARG C 2331 -38.21 -33.32 48.52
C ARG C 2331 -36.99 -33.79 47.73
N ASN C 2332 -37.03 -33.67 46.40
CA ASN C 2332 -35.91 -34.12 45.59
C ASN C 2332 -34.66 -33.29 45.87
N HIS C 2333 -34.82 -31.98 46.01
CA HIS C 2333 -33.70 -31.05 46.19
C HIS C 2333 -33.90 -30.36 47.54
N PRO C 2334 -33.41 -30.94 48.61
CA PRO C 2334 -33.67 -30.39 49.94
C PRO C 2334 -32.79 -29.27 50.50
N TYR C 2335 -31.50 -29.19 50.15
CA TYR C 2335 -30.65 -28.17 50.72
C TYR C 2335 -30.77 -26.83 50.00
N HIS C 2336 -31.48 -26.79 48.87
CA HIS C 2336 -31.80 -25.54 48.20
C HIS C 2336 -33.28 -25.19 48.31
N SER C 2337 -34.06 -25.97 49.05
CA SER C 2337 -35.48 -25.69 49.13
C SER C 2337 -36.03 -25.61 50.55
N LEU C 2338 -35.50 -26.39 51.49
CA LEU C 2338 -36.07 -26.38 52.83
C LEU C 2338 -35.92 -25.04 53.52
N HIS C 2339 -34.80 -24.34 53.32
CA HIS C 2339 -34.63 -23.08 54.01
C HIS C 2339 -35.62 -22.03 53.51
N VAL C 2340 -35.79 -21.93 52.19
CA VAL C 2340 -36.72 -20.95 51.65
C VAL C 2340 -38.17 -21.31 52.01
N LEU C 2341 -38.49 -22.61 52.06
CA LEU C 2341 -39.83 -23.01 52.46
C LEU C 2341 -40.09 -22.67 53.93
N PHE C 2342 -39.15 -23.05 54.80
CA PHE C 2342 -39.31 -22.75 56.22
C PHE C 2342 -39.35 -21.25 56.46
N SER C 2343 -38.72 -20.46 55.59
CA SER C 2343 -38.85 -19.02 55.67
C SER C 2343 -40.31 -18.60 55.68
N LEU C 2344 -41.11 -19.19 54.77
CA LEU C 2344 -42.54 -18.89 54.76
C LEU C 2344 -43.26 -19.55 55.93
N VAL C 2345 -42.88 -20.79 56.27
CA VAL C 2345 -43.58 -21.51 57.33
C VAL C 2345 -43.28 -20.96 58.73
N SER C 2346 -42.31 -20.06 58.86
CA SER C 2346 -41.83 -19.66 60.18
C SER C 2346 -42.90 -18.90 60.95
N ASN C 2347 -43.54 -17.93 60.32
CA ASN C 2347 -44.50 -17.07 60.98
C ASN C 2347 -45.81 -17.03 60.21
N VAL C 2348 -46.90 -16.76 60.93
CA VAL C 2348 -48.22 -16.74 60.32
C VAL C 2348 -49.16 -15.83 61.12
N PRO C 2349 -49.91 -14.94 60.47
CA PRO C 2349 -50.96 -14.20 61.17
C PRO C 2349 -52.28 -14.97 61.19
N GLU C 2350 -53.01 -14.78 62.27
CA GLU C 2350 -54.30 -15.44 62.45
C GLU C 2350 -55.48 -14.49 62.46
N ILE C 2351 -55.33 -13.30 63.03
CA ILE C 2351 -56.42 -12.35 63.11
C ILE C 2351 -56.87 -11.94 61.71
N GLU C 2352 -55.92 -11.66 60.83
CA GLU C 2352 -56.21 -11.23 59.48
C GLU C 2352 -56.36 -12.43 58.55
N ASN C 2353 -57.04 -12.21 57.43
CA ASN C 2353 -57.17 -13.20 56.38
C ASN C 2353 -56.61 -12.62 55.08
N LEU C 2354 -55.80 -13.43 54.40
CA LEU C 2354 -55.09 -12.99 53.21
C LEU C 2354 -54.68 -14.26 52.46
N ASP C 2355 -54.10 -14.07 51.27
CA ASP C 2355 -53.51 -15.20 50.56
C ASP C 2355 -52.51 -15.94 51.44
N ALA C 2356 -51.81 -15.21 52.31
CA ALA C 2356 -50.87 -15.84 53.23
C ALA C 2356 -51.57 -16.74 54.24
N GLY C 2357 -52.80 -16.39 54.62
CA GLY C 2357 -53.57 -17.23 55.51
C GLY C 2357 -53.83 -18.63 54.97
N SER C 2358 -53.82 -18.78 53.64
CA SER C 2358 -53.84 -20.08 53.01
C SER C 2358 -52.46 -20.57 52.61
N ARG C 2359 -51.51 -19.65 52.39
CA ARG C 2359 -50.12 -20.06 52.13
C ARG C 2359 -49.57 -20.88 53.29
N TYR C 2360 -49.83 -20.44 54.52
CA TYR C 2360 -49.30 -21.15 55.68
C TYR C 2360 -49.87 -22.56 55.75
N ARG C 2361 -51.17 -22.70 55.51
CA ARG C 2361 -51.78 -24.03 55.49
C ARG C 2361 -51.20 -24.88 54.37
N ALA C 2362 -51.00 -24.29 53.19
CA ALA C 2362 -50.46 -25.05 52.07
C ALA C 2362 -49.05 -25.54 52.35
N VAL C 2363 -48.20 -24.69 52.93
CA VAL C 2363 -46.85 -25.14 53.22
C VAL C 2363 -46.86 -26.16 54.34
N LYS C 2364 -47.74 -26.01 55.32
CA LYS C 2364 -47.85 -27.04 56.35
C LYS C 2364 -48.20 -28.38 55.72
N LYS C 2365 -49.17 -28.40 54.81
CA LYS C 2365 -49.53 -29.62 54.12
C LYS C 2365 -48.37 -30.18 53.32
N ILE C 2366 -47.61 -29.31 52.64
CA ILE C 2366 -46.53 -29.79 51.78
C ILE C 2366 -45.38 -30.35 52.59
N LEU C 2367 -45.02 -29.69 53.70
CA LEU C 2367 -43.99 -30.25 54.57
C LEU C 2367 -44.44 -31.55 55.22
N ASP C 2368 -45.71 -31.65 55.62
CA ASP C 2368 -46.20 -32.95 56.09
C ASP C 2368 -46.10 -34.00 54.99
N LEU C 2369 -46.39 -33.63 53.75
CA LEU C 2369 -46.35 -34.58 52.64
C LEU C 2369 -44.94 -35.10 52.42
N LEU C 2370 -43.94 -34.23 52.39
CA LEU C 2370 -42.59 -34.75 52.22
C LEU C 2370 -41.98 -35.23 53.53
N LYS C 2371 -42.67 -35.06 54.65
CA LYS C 2371 -42.30 -35.72 55.89
C LYS C 2371 -42.86 -37.14 55.97
N VAL C 2372 -43.90 -37.45 55.19
CA VAL C 2372 -44.41 -38.81 55.12
C VAL C 2372 -43.32 -39.75 54.58
N ASN C 2373 -42.60 -39.31 53.55
CA ASN C 2373 -41.55 -40.12 52.96
C ASN C 2373 -40.46 -40.44 54.00
N GLN C 2374 -40.36 -41.71 54.38
CA GLN C 2374 -39.40 -42.09 55.42
C GLN C 2374 -37.97 -41.87 54.96
N GLY C 2375 -37.71 -42.06 53.67
CA GLY C 2375 -36.39 -41.79 53.13
C GLY C 2375 -35.99 -40.33 53.22
N LEU C 2376 -36.95 -39.44 53.44
CA LEU C 2376 -36.69 -38.03 53.61
C LEU C 2376 -37.22 -37.48 54.94
N SER C 2377 -37.94 -38.31 55.72
CA SER C 2377 -38.53 -37.82 56.96
C SER C 2377 -37.47 -37.41 57.97
N ASN C 2378 -36.43 -38.23 58.13
CA ASN C 2378 -35.38 -37.90 59.08
C ASN C 2378 -34.66 -36.62 58.69
N LEU C 2379 -34.37 -36.46 57.40
CA LEU C 2379 -33.74 -35.24 56.92
C LEU C 2379 -34.62 -34.02 57.19
N VAL C 2380 -35.92 -34.14 56.88
CA VAL C 2380 -36.83 -33.01 57.05
C VAL C 2380 -36.93 -32.62 58.53
N THR C 2381 -37.12 -33.60 59.41
CA THR C 2381 -37.24 -33.28 60.83
C THR C 2381 -35.93 -32.78 61.42
N LYS C 2382 -34.79 -33.29 60.96
CA LYS C 2382 -33.51 -32.76 61.42
C LYS C 2382 -33.33 -31.30 61.00
N LEU C 2383 -33.69 -30.97 59.76
CA LEU C 2383 -33.58 -29.58 59.32
C LEU C 2383 -34.53 -28.68 60.10
N LEU C 2384 -35.75 -29.16 60.36
CA LEU C 2384 -36.70 -28.36 61.14
C LEU C 2384 -36.18 -28.12 62.56
N CYS C 2385 -35.65 -29.15 63.20
CA CYS C 2385 -35.09 -28.98 64.53
C CYS C 2385 -33.90 -28.03 64.52
N SER C 2386 -33.05 -28.13 63.50
CA SER C 2386 -31.90 -27.22 63.40
C SER C 2386 -32.36 -25.78 63.25
N PHE C 2387 -33.37 -25.54 62.42
CA PHE C 2387 -33.88 -24.18 62.25
C PHE C 2387 -34.50 -23.66 63.55
N GLU C 2388 -35.20 -24.53 64.27
CA GLU C 2388 -35.75 -24.12 65.56
C GLU C 2388 -34.64 -23.76 66.55
N ASN C 2389 -33.56 -24.54 66.55
CA ASN C 2389 -32.43 -24.21 67.42
C ASN C 2389 -31.81 -22.88 67.03
N TYR C 2390 -31.69 -22.61 65.72
CA TYR C 2390 -31.13 -21.33 65.28
C TYR C 2390 -32.00 -20.16 65.69
N VAL C 2391 -33.31 -20.29 65.54
CA VAL C 2391 -34.19 -19.20 65.95
C VAL C 2391 -34.18 -19.04 67.46
N SER C 2392 -34.00 -20.13 68.21
CA SER C 2392 -33.85 -20.02 69.65
C SER C 2392 -32.59 -19.27 70.02
N LEU C 2393 -31.49 -19.54 69.31
CA LEU C 2393 -30.26 -18.77 69.52
C LEU C 2393 -30.48 -17.30 69.23
N ALA C 2394 -31.19 -16.99 68.15
CA ALA C 2394 -31.50 -15.60 67.83
C ALA C 2394 -32.40 -14.98 68.89
N GLU C 2395 -33.20 -15.78 69.59
CA GLU C 2395 -34.12 -15.23 70.59
C GLU C 2395 -33.38 -14.67 71.79
N TRP C 2396 -32.44 -15.43 72.34
CA TRP C 2396 -31.79 -15.09 73.60
C TRP C 2396 -30.47 -14.37 73.32
N ASN C 2397 -30.32 -13.18 73.90
CA ASN C 2397 -29.13 -12.37 73.76
C ASN C 2397 -28.59 -12.02 75.14
N PRO C 2398 -27.30 -12.19 75.39
CA PRO C 2398 -26.73 -11.77 76.69
C PRO C 2398 -26.70 -10.26 76.82
N ARG C 2399 -26.71 -9.81 78.07
CA ARG C 2399 -26.71 -8.38 78.39
C ARG C 2399 -25.28 -7.90 78.62
N SER C 2400 -24.96 -6.73 78.07
CA SER C 2400 -23.61 -6.17 78.12
C SER C 2400 -22.59 -7.18 77.63
N LYS C 2401 -22.91 -7.79 76.48
CA LYS C 2401 -22.18 -8.95 76.00
C LYS C 2401 -20.75 -8.58 75.61
N VAL C 2402 -19.80 -9.38 76.10
CA VAL C 2402 -18.42 -9.25 75.65
C VAL C 2402 -18.29 -9.82 74.25
N ASP C 2403 -17.33 -9.31 73.49
CA ASP C 2403 -17.27 -9.61 72.06
C ASP C 2403 -17.04 -11.10 71.81
N SER C 2404 -16.20 -11.75 72.61
CA SER C 2404 -15.73 -13.11 72.34
C SER C 2404 -16.25 -14.09 73.39
N THR C 2405 -17.56 -14.07 73.64
CA THR C 2405 -18.08 -14.78 74.80
C THR C 2405 -18.19 -16.28 74.52
N SER C 2406 -18.78 -16.98 75.49
CA SER C 2406 -19.07 -18.41 75.38
C SER C 2406 -20.48 -18.67 75.90
N PHE C 2407 -21.27 -19.41 75.13
CA PHE C 2407 -22.69 -19.54 75.46
C PHE C 2407 -22.88 -20.48 76.64
N SER C 2408 -23.34 -19.91 77.76
CA SER C 2408 -23.76 -20.71 78.91
C SER C 2408 -25.01 -20.13 79.57
N ARG C 2409 -25.67 -19.15 78.94
CA ARG C 2409 -26.86 -18.54 79.49
C ARG C 2409 -28.14 -18.88 78.74
N PHE C 2410 -28.03 -19.39 77.51
CA PHE C 2410 -29.21 -19.80 76.77
C PHE C 2410 -29.86 -21.00 77.44
N PRO C 2411 -31.19 -21.14 77.32
CA PRO C 2411 -31.86 -22.31 77.93
C PRO C 2411 -31.31 -23.63 77.45
N GLY C 2412 -30.92 -23.72 76.18
CA GLY C 2412 -30.34 -24.95 75.66
C GLY C 2412 -28.97 -24.74 75.04
N TYR C 2413 -27.94 -25.30 75.68
CA TYR C 2413 -26.59 -25.26 75.13
C TYR C 2413 -25.97 -26.63 74.94
N LYS C 2414 -26.33 -27.62 75.76
CA LYS C 2414 -25.85 -28.97 75.51
C LYS C 2414 -26.34 -29.49 74.16
N TRP C 2415 -27.61 -29.20 73.83
CA TRP C 2415 -28.13 -29.56 72.52
C TRP C 2415 -27.39 -28.83 71.41
N PHE C 2416 -26.93 -27.60 71.67
CA PHE C 2416 -26.20 -26.87 70.64
C PHE C 2416 -24.91 -27.58 70.26
N LEU C 2417 -24.16 -28.04 71.25
CA LEU C 2417 -22.93 -28.77 70.97
C LEU C 2417 -23.17 -30.23 70.62
N LYS C 2418 -24.37 -30.76 70.87
CA LYS C 2418 -24.69 -32.14 70.56
C LYS C 2418 -25.28 -32.31 69.16
N ASP C 2419 -25.86 -31.24 68.59
CA ASP C 2419 -26.45 -31.32 67.27
C ASP C 2419 -25.44 -31.75 66.22
N ALA C 2420 -24.16 -31.44 66.42
CA ALA C 2420 -23.14 -31.79 65.43
C ALA C 2420 -23.05 -33.30 65.24
N ALA C 2421 -23.03 -34.05 66.34
CA ALA C 2421 -23.00 -35.50 66.26
C ALA C 2421 -24.38 -36.13 66.23
N ASN C 2422 -25.43 -35.33 66.45
CA ASN C 2422 -26.79 -35.87 66.40
C ASN C 2422 -27.13 -36.39 65.02
N TYR C 2423 -26.73 -35.66 63.97
CA TYR C 2423 -27.10 -35.99 62.61
C TYR C 2423 -26.06 -35.44 61.66
N GLY C 2424 -26.01 -36.05 60.47
CA GLY C 2424 -25.17 -35.52 59.42
C GLY C 2424 -25.94 -34.49 58.61
N LEU C 2425 -25.76 -33.23 58.94
CA LEU C 2425 -26.48 -32.13 58.33
C LEU C 2425 -25.56 -30.94 58.22
N PRO C 2426 -25.49 -30.30 57.05
CA PRO C 2426 -24.57 -29.18 56.88
C PRO C 2426 -25.08 -27.95 57.60
N PRO C 2427 -24.20 -27.14 58.17
CA PRO C 2427 -24.59 -25.79 58.56
C PRO C 2427 -25.09 -25.02 57.34
N ILE C 2428 -26.16 -24.26 57.53
CA ILE C 2428 -26.88 -23.72 56.39
C ILE C 2428 -26.08 -22.72 55.58
N THR C 2429 -25.09 -22.06 56.18
CA THR C 2429 -24.43 -20.97 55.49
C THR C 2429 -23.48 -21.46 54.41
N MET C 2430 -22.97 -22.69 54.52
CA MET C 2430 -22.04 -23.17 53.51
C MET C 2430 -22.77 -23.38 52.19
N ASN C 2431 -22.08 -23.02 51.10
CA ASN C 2431 -22.67 -23.20 49.78
C ASN C 2431 -22.77 -24.68 49.44
N VAL C 2432 -23.91 -25.07 48.88
CA VAL C 2432 -24.17 -26.44 48.47
C VAL C 2432 -24.41 -26.45 46.97
N LYS C 2433 -23.60 -27.21 46.25
CA LYS C 2433 -23.73 -27.28 44.79
C LYS C 2433 -24.98 -28.05 44.41
N VAL C 2434 -25.48 -27.78 43.21
CA VAL C 2434 -26.69 -28.43 42.74
C VAL C 2434 -26.32 -29.70 41.98
N ASN C 2435 -26.95 -30.81 42.35
CA ASN C 2435 -26.73 -32.09 41.70
C ASN C 2435 -28.06 -32.58 41.15
N ASP C 2436 -28.02 -33.09 39.91
CA ASP C 2436 -29.25 -33.52 39.25
C ASP C 2436 -29.93 -34.67 40.00
N THR C 2437 -29.15 -35.51 40.69
CA THR C 2437 -29.74 -36.61 41.45
C THR C 2437 -30.63 -36.09 42.56
N GLY C 2438 -30.18 -35.09 43.30
CA GLY C 2438 -30.97 -34.44 44.32
C GLY C 2438 -30.65 -34.87 45.74
N ASP C 2439 -30.08 -36.06 45.93
CA ASP C 2439 -29.74 -36.55 47.25
C ASP C 2439 -28.23 -36.45 47.46
N TYR C 2440 -27.83 -35.81 48.55
CA TYR C 2440 -26.42 -35.58 48.85
C TYR C 2440 -26.03 -36.33 50.11
N SER C 2441 -24.96 -37.11 50.03
CA SER C 2441 -24.35 -37.76 51.18
C SER C 2441 -22.91 -37.36 51.42
N ASN C 2442 -22.22 -36.86 50.40
CA ASN C 2442 -20.82 -36.44 50.52
C ASN C 2442 -20.67 -35.01 51.00
N ILE C 2443 -21.77 -34.29 51.20
CA ILE C 2443 -21.68 -32.90 51.67
C ILE C 2443 -21.20 -32.90 53.11
N PRO C 2444 -20.16 -32.13 53.45
CA PRO C 2444 -19.69 -32.11 54.84
C PRO C 2444 -20.76 -31.59 55.79
N THR C 2445 -20.75 -32.12 57.01
CA THR C 2445 -21.68 -31.72 58.05
C THR C 2445 -20.92 -31.04 59.18
N VAL C 2446 -21.67 -30.43 60.09
CA VAL C 2446 -21.07 -29.74 61.23
C VAL C 2446 -20.42 -30.79 62.13
N SER C 2447 -19.09 -30.72 62.25
CA SER C 2447 -18.36 -31.66 63.10
C SER C 2447 -18.54 -31.31 64.58
N SER C 2448 -18.48 -30.03 64.92
CA SER C 2448 -18.65 -29.58 66.29
C SER C 2448 -19.05 -28.11 66.26
N PHE C 2449 -19.62 -27.66 67.38
CA PHE C 2449 -20.03 -26.27 67.54
C PHE C 2449 -19.13 -25.64 68.61
N ASP C 2450 -18.25 -24.74 68.18
CA ASP C 2450 -17.30 -24.13 69.09
C ASP C 2450 -18.00 -23.24 70.10
N ASP C 2451 -17.47 -23.22 71.33
CA ASP C 2451 -18.10 -22.45 72.40
C ASP C 2451 -17.85 -20.96 72.24
N THR C 2452 -16.74 -20.58 71.61
CA THR C 2452 -16.39 -19.18 71.48
C THR C 2452 -17.22 -18.52 70.38
N ILE C 2453 -18.09 -17.59 70.76
CA ILE C 2453 -18.94 -16.86 69.84
C ILE C 2453 -18.49 -15.41 69.84
N HIS C 2454 -18.12 -14.90 68.66
CA HIS C 2454 -17.67 -13.53 68.51
C HIS C 2454 -18.86 -12.62 68.24
N PHE C 2455 -18.91 -11.49 68.93
CA PHE C 2455 -19.96 -10.51 68.74
C PHE C 2455 -19.38 -9.25 68.12
N ALA C 2456 -19.81 -8.96 66.90
CA ALA C 2456 -19.33 -7.79 66.19
C ALA C 2456 -20.61 -7.05 66.07
N SER C 2457 -20.87 -6.14 67.00
CA SER C 2457 -22.19 -5.53 67.01
C SER C 2457 -22.57 -4.72 65.77
N GLY C 2458 -21.67 -3.90 65.25
CA GLY C 2458 -22.11 -3.10 64.13
C GLY C 2458 -23.35 -2.39 64.61
N ILE C 2459 -23.36 -1.91 65.86
CA ILE C 2459 -24.56 -1.28 66.43
C ILE C 2459 -25.73 -2.27 66.37
N ASN C 2460 -25.47 -3.54 66.59
CA ASN C 2460 -26.50 -4.59 66.49
C ASN C 2460 -26.09 -5.78 67.35
N ALA C 2461 -26.98 -6.71 67.65
CA ALA C 2461 -26.53 -7.90 68.38
C ALA C 2461 -26.40 -9.18 67.51
N PRO C 2462 -25.32 -9.29 66.71
CA PRO C 2462 -25.09 -10.50 65.92
C PRO C 2462 -24.28 -11.53 66.70
N LYS C 2463 -24.18 -12.73 66.13
CA LYS C 2463 -23.40 -13.82 66.71
C LYS C 2463 -22.69 -14.56 65.60
N VAL C 2464 -21.55 -15.17 65.93
CA VAL C 2464 -20.73 -15.88 64.95
C VAL C 2464 -20.24 -17.20 65.55
N ILE C 2465 -20.23 -18.26 64.73
CA ILE C 2465 -19.72 -19.56 65.11
C ILE C 2465 -18.97 -20.12 63.89
N THR C 2466 -18.35 -21.30 64.05
CA THR C 2466 -17.55 -21.88 62.98
C THR C 2466 -17.64 -23.41 63.02
N CYS C 2467 -17.28 -24.05 61.91
CA CYS C 2467 -17.08 -25.49 61.83
C CYS C 2467 -16.14 -25.76 60.67
N LEU C 2468 -15.58 -26.96 60.62
CA LEU C 2468 -14.49 -27.23 59.69
C LEU C 2468 -14.66 -28.57 58.99
N GLY C 2469 -14.05 -28.66 57.80
CA GLY C 2469 -13.91 -29.90 57.05
C GLY C 2469 -12.48 -30.04 56.55
N SER C 2470 -12.02 -31.27 56.35
CA SER C 2470 -10.59 -31.47 56.12
C SER C 2470 -10.19 -31.20 54.67
N ASN C 2471 -10.70 -32.01 53.73
CA ASN C 2471 -10.25 -31.92 52.35
C ASN C 2471 -10.62 -30.58 51.73
N GLY C 2472 -11.84 -30.12 51.99
CA GLY C 2472 -12.26 -28.80 51.55
C GLY C 2472 -11.98 -27.77 52.63
N HIS C 2473 -12.34 -26.53 52.34
CA HIS C 2473 -12.15 -25.46 53.30
C HIS C 2473 -13.27 -25.49 54.34
N THR C 2474 -13.03 -24.83 55.47
CA THR C 2474 -14.01 -24.81 56.54
C THR C 2474 -15.18 -23.90 56.20
N TYR C 2475 -16.17 -23.86 57.11
CA TYR C 2475 -17.38 -23.08 56.91
C TYR C 2475 -17.80 -22.42 58.21
N LYS C 2476 -18.08 -21.11 58.14
CA LYS C 2476 -18.29 -20.28 59.31
C LYS C 2476 -19.65 -19.62 59.23
N GLN C 2477 -20.39 -19.64 60.34
CA GLN C 2477 -21.78 -19.23 60.40
C GLN C 2477 -21.92 -17.90 61.12
N LEU C 2478 -22.91 -17.12 60.72
CA LEU C 2478 -23.29 -15.88 61.38
C LEU C 2478 -24.79 -15.84 61.54
N VAL C 2479 -25.25 -15.65 62.78
CA VAL C 2479 -26.67 -15.54 63.09
C VAL C 2479 -26.97 -14.10 63.44
N LYS C 2480 -27.98 -13.53 62.77
CA LYS C 2480 -28.36 -12.14 62.98
C LYS C 2480 -29.76 -12.07 63.56
N GLY C 2481 -29.94 -11.22 64.57
CA GLY C 2481 -31.24 -10.91 65.14
C GLY C 2481 -31.74 -9.57 64.66
N GLY C 2482 -32.55 -8.92 65.50
CA GLY C 2482 -33.06 -7.60 65.18
C GLY C 2482 -34.23 -7.64 64.21
N ASN C 2483 -34.91 -6.50 64.05
CA ASN C 2483 -36.08 -6.43 63.19
C ASN C 2483 -35.73 -5.92 61.78
N ASP C 2484 -34.79 -6.60 61.12
CA ASP C 2484 -34.52 -6.32 59.73
C ASP C 2484 -35.34 -7.26 58.84
N ASP C 2485 -35.55 -6.83 57.59
CA ASP C 2485 -36.36 -7.57 56.63
C ASP C 2485 -35.45 -8.36 55.70
N LEU C 2486 -34.88 -9.45 56.23
CA LEU C 2486 -33.84 -10.16 55.49
C LEU C 2486 -34.36 -10.88 54.26
N ARG C 2487 -35.69 -11.02 54.09
CA ARG C 2487 -36.22 -11.61 52.87
C ARG C 2487 -35.87 -10.75 51.65
N GLN C 2488 -36.00 -9.43 51.80
CA GLN C 2488 -35.64 -8.52 50.71
C GLN C 2488 -34.15 -8.63 50.39
N ASP C 2489 -33.30 -8.69 51.41
CA ASP C 2489 -31.88 -8.87 51.16
C ASP C 2489 -31.60 -10.21 50.48
N ALA C 2490 -32.34 -11.25 50.85
CA ALA C 2490 -32.11 -12.57 50.26
C ALA C 2490 -32.46 -12.58 48.78
N VAL C 2491 -33.63 -12.05 48.43
CA VAL C 2491 -33.97 -11.99 47.01
C VAL C 2491 -33.01 -11.06 46.28
N MET C 2492 -32.50 -10.03 46.97
CA MET C 2492 -31.47 -9.19 46.37
C MET C 2492 -30.21 -9.99 46.06
N GLU C 2493 -29.78 -10.84 47.00
CA GLU C 2493 -28.64 -11.72 46.71
C GLU C 2493 -28.93 -12.63 45.54
N GLN C 2494 -30.18 -13.09 45.41
CA GLN C 2494 -30.54 -13.87 44.24
C GLN C 2494 -30.34 -13.08 42.95
N VAL C 2495 -30.78 -11.83 42.95
CA VAL C 2495 -30.59 -10.98 41.77
C VAL C 2495 -29.11 -10.78 41.48
N PHE C 2496 -28.31 -10.57 42.53
CA PHE C 2496 -26.87 -10.38 42.32
C PHE C 2496 -26.20 -11.65 41.82
N GLU C 2497 -26.66 -12.81 42.28
CA GLU C 2497 -26.14 -14.06 41.74
C GLU C 2497 -26.47 -14.19 40.25
N GLN C 2498 -27.70 -13.81 39.88
CA GLN C 2498 -28.07 -13.87 38.47
C GLN C 2498 -27.26 -12.91 37.62
N VAL C 2499 -27.04 -11.68 38.11
CA VAL C 2499 -26.26 -10.74 37.32
C VAL C 2499 -24.79 -11.14 37.32
N ASN C 2500 -24.34 -11.87 38.34
CA ASN C 2500 -23.00 -12.44 38.30
C ASN C 2500 -22.91 -13.54 37.25
N GLY C 2501 -23.99 -14.30 37.08
CA GLY C 2501 -24.04 -15.25 35.98
C GLY C 2501 -24.02 -14.55 34.63
N PHE C 2502 -24.69 -13.40 34.55
CA PHE C 2502 -24.58 -12.55 33.35
C PHE C 2502 -23.13 -12.18 33.10
N LEU C 2503 -22.53 -11.45 34.05
CA LEU C 2503 -21.16 -10.97 33.90
C LEU C 2503 -20.18 -12.10 33.69
N ARG C 2504 -20.53 -13.31 34.10
CA ARG C 2504 -19.74 -14.49 33.74
C ARG C 2504 -19.98 -14.88 32.28
N SER C 2505 -21.21 -14.74 31.80
CA SER C 2505 -21.56 -15.17 30.45
C SER C 2505 -21.44 -14.04 29.43
N TYR C 2506 -20.32 -13.34 29.46
CA TYR C 2506 -19.95 -12.38 28.42
C TYR C 2506 -18.44 -12.29 28.41
N ARG C 2507 -17.86 -12.21 27.21
CA ARG C 2507 -16.41 -12.28 27.09
C ARG C 2507 -15.73 -11.14 27.82
N LYS C 2508 -16.23 -9.92 27.65
CA LYS C 2508 -15.58 -8.76 28.27
C LYS C 2508 -15.79 -8.76 29.79
N THR C 2509 -17.03 -8.95 30.23
CA THR C 2509 -17.31 -8.88 31.66
C THR C 2509 -16.79 -10.09 32.43
N SER C 2510 -16.32 -11.14 31.74
CA SER C 2510 -15.69 -12.26 32.41
C SER C 2510 -14.18 -12.24 32.30
N GLN C 2511 -13.62 -11.75 31.19
CA GLN C 2511 -12.18 -11.62 31.07
C GLN C 2511 -11.64 -10.65 32.11
N ARG C 2512 -12.34 -9.54 32.34
CA ARG C 2512 -11.97 -8.61 33.38
C ARG C 2512 -12.26 -9.13 34.78
N ASN C 2513 -12.96 -10.26 34.89
CA ASN C 2513 -13.32 -10.87 36.16
C ASN C 2513 -14.28 -10.00 36.98
N LEU C 2514 -14.72 -8.88 36.43
CA LEU C 2514 -15.65 -8.00 37.14
C LEU C 2514 -16.92 -8.77 37.50
N SER C 2515 -17.12 -9.00 38.79
CA SER C 2515 -18.27 -9.77 39.25
C SER C 2515 -18.68 -9.27 40.62
N MET C 2516 -19.97 -8.99 40.79
CA MET C 2516 -20.46 -8.49 42.06
C MET C 2516 -20.47 -9.61 43.09
N ARG C 2517 -19.37 -9.80 43.79
CA ARG C 2517 -19.30 -10.82 44.83
C ARG C 2517 -20.29 -10.52 45.93
N THR C 2518 -20.99 -11.55 46.39
CA THR C 2518 -22.05 -11.41 47.36
C THR C 2518 -21.87 -12.42 48.49
N TYR C 2519 -22.46 -12.10 49.63
CA TYR C 2519 -22.43 -13.00 50.77
C TYR C 2519 -23.70 -13.85 50.77
N LYS C 2520 -23.54 -15.16 50.71
CA LYS C 2520 -24.67 -16.07 50.58
C LYS C 2520 -25.55 -16.00 51.82
N VAL C 2521 -26.86 -15.85 51.61
CA VAL C 2521 -27.81 -15.56 52.67
C VAL C 2521 -28.82 -16.69 52.76
N ILE C 2522 -29.05 -17.20 53.96
CA ILE C 2522 -30.01 -18.27 54.18
C ILE C 2522 -31.02 -17.77 55.21
N PRO C 2523 -32.07 -17.09 54.79
CA PRO C 2523 -33.06 -16.57 55.75
C PRO C 2523 -34.02 -17.66 56.20
N LEU C 2524 -33.83 -18.13 57.44
CA LEU C 2524 -34.85 -18.98 58.05
C LEU C 2524 -36.12 -18.19 58.35
N ALA C 2525 -36.01 -16.87 58.42
CA ALA C 2525 -37.15 -15.98 58.59
C ALA C 2525 -36.72 -14.60 58.10
N LEU C 2526 -37.70 -13.72 57.95
CA LEU C 2526 -37.40 -12.36 57.51
C LEU C 2526 -36.59 -11.60 58.57
N LYS C 2527 -36.92 -11.80 59.85
CA LYS C 2527 -36.32 -11.04 60.93
C LYS C 2527 -35.30 -11.82 61.75
N THR C 2528 -35.15 -13.12 61.52
CA THR C 2528 -34.22 -13.95 62.28
C THR C 2528 -33.44 -14.87 61.37
N GLY C 2529 -32.95 -14.34 60.25
CA GLY C 2529 -32.21 -15.15 59.31
C GLY C 2529 -30.79 -15.42 59.77
N VAL C 2530 -30.11 -16.29 59.02
CA VAL C 2530 -28.75 -16.71 59.32
C VAL C 2530 -27.94 -16.59 58.05
N ILE C 2531 -26.85 -15.83 58.09
CA ILE C 2531 -26.10 -15.50 56.88
C ILE C 2531 -24.68 -16.04 57.01
N GLU C 2532 -23.98 -16.02 55.89
CA GLU C 2532 -22.60 -16.48 55.83
C GLU C 2532 -21.67 -15.33 56.17
N TRP C 2533 -21.05 -15.38 57.35
CA TRP C 2533 -20.01 -14.42 57.69
C TRP C 2533 -18.80 -14.68 56.79
N VAL C 2534 -18.43 -13.68 55.99
CA VAL C 2534 -17.38 -13.86 55.00
C VAL C 2534 -16.08 -14.21 55.70
N GLN C 2535 -15.23 -14.96 55.01
CA GLN C 2535 -13.91 -15.28 55.53
C GLN C 2535 -13.22 -14.00 55.97
N ASP C 2536 -12.67 -14.02 57.18
CA ASP C 2536 -12.46 -12.83 58.01
C ASP C 2536 -12.08 -11.61 57.19
N THR C 2537 -12.85 -10.54 57.36
CA THR C 2537 -12.71 -9.32 56.58
C THR C 2537 -12.72 -8.12 57.51
N ILE C 2538 -12.00 -7.07 57.11
CA ILE C 2538 -11.98 -5.82 57.84
C ILE C 2538 -12.84 -4.82 57.07
N PRO C 2539 -13.96 -4.37 57.62
CA PRO C 2539 -14.76 -3.34 56.94
C PRO C 2539 -13.95 -2.07 56.78
N LEU C 2540 -14.05 -1.45 55.60
CA LEU C 2540 -13.32 -0.21 55.37
C LEU C 2540 -13.85 0.94 56.22
N GLY C 2541 -14.99 0.77 56.87
CA GLY C 2541 -15.44 1.71 57.87
C GLY C 2541 -14.84 1.41 59.22
N GLU C 2542 -14.80 0.12 59.58
CA GLU C 2542 -14.04 -0.30 60.76
C GLU C 2542 -12.56 0.00 60.57
N TYR C 2543 -12.02 -0.33 59.40
CA TYR C 2543 -10.73 0.19 59.01
C TYR C 2543 -10.87 1.68 58.72
N LEU C 2544 -9.71 2.35 58.55
CA LEU C 2544 -9.64 3.76 58.19
C LEU C 2544 -10.08 4.64 59.36
N ASP C 2545 -10.60 4.03 60.42
CA ASP C 2545 -10.75 4.72 61.68
C ASP C 2545 -9.50 4.60 62.54
N SER C 2546 -8.52 3.83 62.07
CA SER C 2546 -7.22 3.69 62.71
C SER C 2546 -6.06 4.01 61.78
N ALA C 2547 -6.21 3.83 60.47
CA ALA C 2547 -5.14 4.17 59.54
C ALA C 2547 -4.88 5.66 59.53
N HIS C 2548 -5.94 6.47 59.56
CA HIS C 2548 -5.76 7.92 59.65
C HIS C 2548 -5.30 8.35 61.03
N LYS C 2549 -5.64 7.57 62.06
CA LYS C 2549 -5.17 7.87 63.41
C LYS C 2549 -3.73 7.43 63.64
N VAL C 2550 -3.12 6.75 62.68
CA VAL C 2550 -1.75 6.26 62.80
C VAL C 2550 -0.82 6.95 61.82
N TYR C 2551 -1.21 7.04 60.55
CA TYR C 2551 -0.32 7.58 59.52
C TYR C 2551 -0.14 9.08 59.68
N HIS C 2552 -1.24 9.81 59.86
CA HIS C 2552 -1.20 11.26 60.04
C HIS C 2552 -1.91 11.62 61.34
N PRO C 2553 -1.19 11.65 62.46
CA PRO C 2553 -1.83 12.05 63.72
C PRO C 2553 -2.00 13.54 63.88
N LYS C 2554 -1.42 14.35 62.98
CA LYS C 2554 -1.52 15.79 63.11
C LYS C 2554 -2.90 16.30 62.71
N GLU C 2555 -3.50 15.71 61.68
CA GLU C 2555 -4.78 16.18 61.19
C GLU C 2555 -5.90 15.83 62.16
N TRP C 2556 -7.09 16.33 61.86
CA TRP C 2556 -8.25 16.07 62.71
C TRP C 2556 -8.66 14.61 62.65
N SER C 2557 -9.20 14.12 63.76
CA SER C 2557 -9.69 12.75 63.82
C SER C 2557 -10.98 12.61 63.03
N LEU C 2558 -11.32 11.35 62.71
CA LEU C 2558 -12.51 11.09 61.90
C LEU C 2558 -13.79 11.51 62.61
N SER C 2559 -13.78 11.57 63.94
CA SER C 2559 -14.92 12.11 64.67
C SER C 2559 -14.81 13.61 64.93
N THR C 2560 -13.69 14.22 64.56
CA THR C 2560 -13.54 15.66 64.74
C THR C 2560 -14.30 16.44 63.67
N CYS C 2561 -14.31 15.95 62.44
CA CYS C 2561 -14.87 16.69 61.31
C CYS C 2561 -16.36 16.42 61.10
N ARG C 2562 -16.80 15.21 61.34
CA ARG C 2562 -18.18 14.94 61.06
C ARG C 2562 -19.06 15.84 61.89
N LYS C 2563 -18.79 15.95 63.17
CA LYS C 2563 -19.70 16.73 64.03
C LYS C 2563 -19.93 18.12 63.46
N LEU C 2564 -18.87 18.78 62.99
CA LEU C 2564 -19.04 20.12 62.44
C LEU C 2564 -19.71 20.07 61.07
N ILE C 2565 -19.52 18.98 60.31
CA ILE C 2565 -20.29 18.81 59.07
C ILE C 2565 -21.77 18.69 59.40
N ALA C 2566 -22.12 17.91 60.43
CA ALA C 2566 -23.50 17.77 60.85
C ALA C 2566 -24.04 19.03 61.51
N GLU C 2567 -23.17 19.95 61.91
CA GLU C 2567 -23.64 21.18 62.55
C GLU C 2567 -24.49 22.01 61.60
N LYS C 2568 -24.14 22.03 60.32
CA LYS C 2568 -24.88 22.79 59.31
C LYS C 2568 -25.89 21.87 58.65
N GLN C 2569 -27.16 21.98 59.05
CA GLN C 2569 -28.24 21.20 58.47
C GLN C 2569 -29.30 22.04 57.78
N MET C 2570 -29.39 23.34 58.06
CA MET C 2570 -30.37 24.23 57.47
C MET C 2570 -29.72 25.32 56.63
N GLU C 2571 -28.63 25.00 55.94
CA GLU C 2571 -27.83 25.97 55.23
C GLU C 2571 -27.92 25.74 53.72
N ASP C 2572 -27.44 26.73 52.98
CA ASP C 2572 -27.40 26.66 51.52
C ASP C 2572 -26.36 25.63 51.07
N LEU C 2573 -26.28 25.44 49.76
CA LEU C 2573 -25.36 24.45 49.21
C LEU C 2573 -23.91 24.92 49.26
N GLU C 2574 -23.66 26.22 49.05
CA GLU C 2574 -22.29 26.70 49.00
C GLU C 2574 -21.62 26.60 50.36
N THR C 2575 -22.38 26.79 51.44
CA THR C 2575 -21.81 26.61 52.77
C THR C 2575 -21.35 25.18 52.98
N ARG C 2576 -22.17 24.21 52.57
CA ARG C 2576 -21.74 22.81 52.66
C ARG C 2576 -20.53 22.55 51.79
N LEU C 2577 -20.49 23.14 50.59
CA LEU C 2577 -19.36 22.92 49.69
C LEU C 2577 -18.07 23.45 50.30
N LYS C 2578 -18.11 24.65 50.89
CA LYS C 2578 -16.90 25.20 51.47
C LYS C 2578 -16.48 24.44 52.72
N VAL C 2579 -17.44 24.02 53.55
CA VAL C 2579 -17.08 23.26 54.75
C VAL C 2579 -16.50 21.90 54.34
N TYR C 2580 -17.02 21.29 53.29
CA TYR C 2580 -16.46 20.03 52.83
C TYR C 2580 -15.07 20.23 52.24
N ASP C 2581 -14.85 21.34 51.53
CA ASP C 2581 -13.51 21.62 51.02
C ASP C 2581 -12.53 21.77 52.17
N LEU C 2582 -12.90 22.52 53.20
CA LEU C 2582 -12.03 22.70 54.35
C LEU C 2582 -11.74 21.37 55.05
N VAL C 2583 -12.79 20.57 55.28
CA VAL C 2583 -12.60 19.30 55.98
C VAL C 2583 -11.75 18.35 55.17
N CYS C 2584 -12.02 18.23 53.87
CA CYS C 2584 -11.23 17.34 53.02
C CYS C 2584 -9.82 17.87 52.80
N ARG C 2585 -9.58 19.17 53.03
CA ARG C 2585 -8.21 19.65 53.01
C ARG C 2585 -7.48 19.28 54.29
N HIS C 2586 -8.18 19.31 55.43
CA HIS C 2586 -7.56 18.84 56.67
C HIS C 2586 -7.27 17.35 56.61
N TYR C 2587 -8.21 16.55 56.13
CA TYR C 2587 -8.07 15.10 56.08
C TYR C 2587 -7.56 14.70 54.71
N ARG C 2588 -6.28 14.36 54.62
CA ARG C 2588 -5.76 13.81 53.39
C ARG C 2588 -6.23 12.38 53.21
N PRO C 2589 -6.33 11.90 51.96
CA PRO C 2589 -6.74 10.50 51.74
C PRO C 2589 -5.65 9.54 52.16
N VAL C 2590 -5.99 8.63 53.09
CA VAL C 2590 -5.04 7.72 53.70
C VAL C 2590 -5.30 6.27 53.32
N PHE C 2591 -6.36 5.99 52.55
CA PHE C 2591 -6.70 4.61 52.23
C PHE C 2591 -5.60 3.92 51.43
N ARG C 2592 -4.86 4.66 50.61
CA ARG C 2592 -3.91 4.04 49.69
C ARG C 2592 -2.80 3.30 50.43
N HIS C 2593 -2.60 3.59 51.70
CA HIS C 2593 -1.57 2.90 52.48
C HIS C 2593 -2.02 1.54 52.99
N PHE C 2594 -3.32 1.26 52.98
CA PHE C 2594 -3.79 -0.06 53.38
C PHE C 2594 -3.19 -1.13 52.48
N PHE C 2595 -3.18 -0.88 51.18
CA PHE C 2595 -2.67 -1.87 50.24
C PHE C 2595 -1.15 -1.93 50.24
N LEU C 2596 -0.48 -0.80 50.38
CA LEU C 2596 0.94 -0.68 50.15
C LEU C 2596 1.72 -0.96 51.43
N GLU C 2597 2.75 -1.80 51.33
CA GLU C 2597 3.69 -2.08 52.40
C GLU C 2597 2.99 -2.68 53.62
N SER C 2598 1.68 -2.89 53.53
CA SER C 2598 0.94 -3.61 54.54
C SER C 2598 0.40 -4.93 54.06
N TYR C 2599 0.38 -5.16 52.74
CA TYR C 2599 -0.10 -6.44 52.23
C TYR C 2599 1.05 -7.40 51.91
N ALA C 2600 1.87 -7.06 50.94
CA ALA C 2600 2.86 -8.01 50.43
C ALA C 2600 3.79 -7.28 49.45
N ASP C 2601 4.60 -8.06 48.73
CA ASP C 2601 5.46 -7.63 47.65
C ASP C 2601 4.65 -6.88 46.59
N PRO C 2602 5.28 -6.13 45.69
CA PRO C 2602 4.51 -5.24 44.81
C PRO C 2602 3.55 -5.95 43.88
N VAL C 2603 3.86 -7.18 43.44
CA VAL C 2603 2.95 -7.87 42.53
C VAL C 2603 1.60 -8.10 43.19
N GLN C 2604 1.62 -8.58 44.44
CA GLN C 2604 0.37 -8.78 45.16
C GLN C 2604 -0.30 -7.45 45.48
N TRP C 2605 0.48 -6.42 45.79
CA TRP C 2605 -0.11 -5.11 46.07
C TRP C 2605 -0.87 -4.58 44.86
N PHE C 2606 -0.26 -4.67 43.68
CA PHE C 2606 -0.93 -4.20 42.48
C PHE C 2606 -2.12 -5.09 42.14
N THR C 2607 -2.00 -6.40 42.35
CA THR C 2607 -3.12 -7.29 42.07
C THR C 2607 -4.30 -6.97 42.97
N THR C 2608 -4.06 -6.71 44.26
CA THR C 2608 -5.17 -6.42 45.14
C THR C 2608 -5.71 -5.02 44.91
N GLN C 2609 -4.87 -4.05 44.51
CA GLN C 2609 -5.39 -2.73 44.15
C GLN C 2609 -6.28 -2.81 42.92
N THR C 2610 -5.84 -3.54 41.90
CA THR C 2610 -6.64 -3.70 40.70
C THR C 2610 -7.93 -4.45 41.00
N ASN C 2611 -7.87 -5.50 41.81
CA ASN C 2611 -9.07 -6.24 42.15
C ASN C 2611 -10.04 -5.41 42.97
N TYR C 2612 -9.51 -4.58 43.87
CA TYR C 2612 -10.36 -3.65 44.61
C TYR C 2612 -11.04 -2.68 43.66
N ALA C 2613 -10.30 -2.16 42.68
CA ALA C 2613 -10.88 -1.25 41.71
C ALA C 2613 -12.00 -1.93 40.91
N ARG C 2614 -11.73 -3.14 40.41
CA ARG C 2614 -12.74 -3.84 39.61
C ARG C 2614 -13.98 -4.15 40.45
N SER C 2615 -13.78 -4.63 41.67
CA SER C 2615 -14.92 -4.98 42.51
C SER C 2615 -15.74 -3.75 42.87
N THR C 2616 -15.08 -2.63 43.21
CA THR C 2616 -15.85 -1.45 43.55
C THR C 2616 -16.53 -0.83 42.33
N ALA C 2617 -15.92 -0.94 41.15
CA ALA C 2617 -16.58 -0.45 39.96
C ALA C 2617 -17.82 -1.27 39.64
N VAL C 2618 -17.69 -2.60 39.66
CA VAL C 2618 -18.83 -3.46 39.36
C VAL C 2618 -19.94 -3.26 40.39
N ALA C 2619 -19.56 -3.19 41.67
CA ALA C 2619 -20.54 -2.96 42.72
C ALA C 2619 -21.21 -1.61 42.58
N SER C 2620 -20.46 -0.59 42.18
CA SER C 2620 -21.03 0.74 42.03
C SER C 2620 -22.00 0.80 40.86
N VAL C 2621 -21.63 0.21 39.72
CA VAL C 2621 -22.54 0.19 38.58
C VAL C 2621 -23.80 -0.59 38.93
N LEU C 2622 -23.65 -1.75 39.57
CA LEU C 2622 -24.82 -2.54 39.93
C LEU C 2622 -25.67 -1.82 40.97
N GLY C 2623 -25.06 -1.04 41.85
CA GLY C 2623 -25.83 -0.25 42.80
C GLY C 2623 -26.61 0.86 42.12
N HIS C 2624 -25.98 1.52 41.14
CA HIS C 2624 -26.69 2.55 40.40
C HIS C 2624 -27.85 1.98 39.61
N VAL C 2625 -27.60 0.90 38.86
CA VAL C 2625 -28.63 0.30 38.03
C VAL C 2625 -29.79 -0.18 38.90
N LEU C 2626 -29.48 -0.82 40.02
CA LEU C 2626 -30.50 -1.29 40.94
C LEU C 2626 -30.90 -0.25 41.97
N GLY C 2627 -30.34 0.95 41.91
CA GLY C 2627 -30.70 1.98 42.86
C GLY C 2627 -30.35 1.63 44.29
N LEU C 2628 -29.18 1.04 44.51
CA LEU C 2628 -28.77 0.66 45.86
C LEU C 2628 -28.60 1.89 46.73
N GLY C 2629 -28.95 1.76 48.00
CA GLY C 2629 -29.02 2.90 48.89
C GLY C 2629 -27.79 3.11 49.74
N ASP C 2630 -27.90 2.76 51.02
CA ASP C 2630 -26.83 3.04 51.97
C ASP C 2630 -25.52 2.39 51.53
N ARG C 2631 -24.43 3.16 51.64
CA ARG C 2631 -23.10 2.70 51.25
C ARG C 2631 -22.08 3.13 52.29
N HIS C 2632 -22.41 2.96 53.57
CA HIS C 2632 -21.50 3.27 54.67
C HIS C 2632 -20.16 2.58 54.50
N GLY C 2633 -19.15 3.05 55.23
CA GLY C 2633 -17.91 2.30 55.28
C GLY C 2633 -18.09 0.94 55.94
N GLN C 2634 -18.94 0.88 56.97
CA GLN C 2634 -19.22 -0.40 57.62
C GLN C 2634 -19.90 -1.38 56.68
N ASN C 2635 -20.79 -0.88 55.82
CA ASN C 2635 -21.57 -1.76 54.95
C ASN C 2635 -20.83 -2.14 53.68
N ILE C 2636 -19.54 -1.89 53.61
CA ILE C 2636 -18.66 -2.44 52.57
C ILE C 2636 -17.56 -3.21 53.26
N LEU C 2637 -17.30 -4.43 52.79
CA LEU C 2637 -16.29 -5.29 53.39
C LEU C 2637 -15.21 -5.58 52.36
N ILE C 2638 -13.98 -5.18 52.65
CA ILE C 2638 -12.86 -5.47 51.77
C ILE C 2638 -12.14 -6.70 52.29
N ASP C 2639 -11.95 -7.69 51.43
CA ASP C 2639 -11.38 -8.97 51.83
C ASP C 2639 -9.86 -8.85 51.93
N LYS C 2640 -9.32 -9.08 53.12
CA LYS C 2640 -7.89 -8.95 53.32
C LYS C 2640 -7.11 -9.90 52.42
N THR C 2641 -7.71 -11.02 52.03
CA THR C 2641 -7.03 -11.96 51.17
C THR C 2641 -6.83 -11.40 49.76
N SER C 2642 -7.84 -10.71 49.23
CA SER C 2642 -7.80 -10.23 47.85
C SER C 2642 -8.11 -8.76 47.69
N GLY C 2643 -8.87 -8.13 48.59
CA GLY C 2643 -9.17 -6.73 48.48
C GLY C 2643 -10.52 -6.41 47.86
N GLU C 2644 -11.19 -7.37 47.25
CA GLU C 2644 -12.49 -7.12 46.64
C GLU C 2644 -13.50 -6.69 47.69
N VAL C 2645 -14.45 -5.87 47.27
CA VAL C 2645 -15.43 -5.29 48.18
C VAL C 2645 -16.76 -6.01 48.03
N ILE C 2646 -17.34 -6.39 49.16
CA ILE C 2646 -18.62 -7.09 49.23
C ILE C 2646 -19.60 -6.19 49.97
N HIS C 2647 -20.77 -5.98 49.38
CA HIS C 2647 -21.76 -5.06 49.91
C HIS C 2647 -22.76 -5.86 50.74
N ILE C 2648 -22.67 -5.74 52.05
CA ILE C 2648 -23.65 -6.34 52.94
C ILE C 2648 -24.80 -5.36 53.13
N ASP C 2649 -25.91 -5.86 53.68
CA ASP C 2649 -27.03 -5.05 54.12
C ASP C 2649 -27.58 -4.20 52.97
N LEU C 2650 -28.08 -4.91 51.97
CA LEU C 2650 -28.76 -4.27 50.84
C LEU C 2650 -30.27 -4.18 51.11
N GLY C 2651 -30.62 -3.64 52.28
CA GLY C 2651 -32.02 -3.51 52.64
C GLY C 2651 -32.68 -2.27 52.10
N ILE C 2652 -31.90 -1.27 51.70
CA ILE C 2652 -32.42 -0.05 51.09
C ILE C 2652 -31.96 -0.05 49.64
N ALA C 2653 -32.90 -0.16 48.72
CA ALA C 2653 -32.61 -0.17 47.30
C ALA C 2653 -33.88 0.26 46.55
N PHE C 2654 -33.72 0.45 45.25
CA PHE C 2654 -34.80 0.89 44.37
C PHE C 2654 -35.37 2.23 44.84
N GLU C 2655 -34.51 3.26 44.77
CA GLU C 2655 -34.88 4.65 44.99
C GLU C 2655 -35.15 4.93 46.47
N GLN C 2656 -35.17 3.88 47.29
CA GLN C 2656 -35.43 4.08 48.71
C GLN C 2656 -34.41 5.01 49.35
N GLY C 2657 -33.16 4.96 48.89
CA GLY C 2657 -32.14 5.85 49.42
C GLY C 2657 -32.47 7.32 49.18
N LYS C 2658 -33.09 7.63 48.04
CA LYS C 2658 -33.51 9.00 47.77
C LYS C 2658 -34.61 9.45 48.72
N LYS C 2659 -35.28 8.54 49.41
CA LYS C 2659 -36.38 8.88 50.30
C LYS C 2659 -35.91 9.20 51.72
N LEU C 2660 -34.62 9.09 52.00
CA LEU C 2660 -34.10 9.34 53.33
C LEU C 2660 -34.22 10.83 53.68
N PRO C 2661 -34.19 11.17 54.96
CA PRO C 2661 -34.33 12.59 55.34
C PRO C 2661 -33.31 13.50 54.66
N VAL C 2662 -32.09 13.04 54.48
CA VAL C 2662 -31.09 13.72 53.67
C VAL C 2662 -30.77 12.81 52.48
N PRO C 2663 -31.37 13.07 51.32
CA PRO C 2663 -31.23 12.13 50.20
C PRO C 2663 -29.78 11.95 49.78
N GLU C 2664 -29.44 10.71 49.45
CA GLU C 2664 -28.12 10.38 48.95
C GLU C 2664 -28.11 10.77 47.47
N CYS C 2665 -27.69 12.00 47.20
CA CYS C 2665 -27.72 12.50 45.82
C CYS C 2665 -26.66 11.82 44.96
N VAL C 2666 -25.53 11.48 45.55
CA VAL C 2666 -24.48 10.79 44.79
C VAL C 2666 -24.96 9.38 44.45
N PRO C 2667 -24.75 8.89 43.23
CA PRO C 2667 -25.20 7.52 42.92
C PRO C 2667 -24.52 6.46 43.75
N PHE C 2668 -23.19 6.46 43.81
CA PHE C 2668 -22.43 5.50 44.60
C PHE C 2668 -21.28 6.21 45.28
N ARG C 2669 -21.00 5.82 46.52
CA ARG C 2669 -19.98 6.49 47.32
C ARG C 2669 -18.61 6.41 46.67
N LEU C 2670 -18.03 7.57 46.39
CA LEU C 2670 -16.69 7.69 45.83
C LEU C 2670 -15.94 8.84 46.51
N THR C 2671 -15.97 8.89 47.84
CA THR C 2671 -15.29 9.96 48.55
C THR C 2671 -13.77 9.86 48.36
N ARG C 2672 -13.06 10.81 48.96
CA ARG C 2672 -11.64 10.99 48.67
C ARG C 2672 -10.83 9.75 49.01
N ASP C 2673 -11.13 9.12 50.16
CA ASP C 2673 -10.35 7.95 50.56
C ASP C 2673 -10.58 6.77 49.64
N VAL C 2674 -11.84 6.47 49.31
CA VAL C 2674 -12.13 5.35 48.42
C VAL C 2674 -11.51 5.59 47.05
N VAL C 2675 -11.52 6.84 46.59
CA VAL C 2675 -10.87 7.17 45.31
C VAL C 2675 -9.36 6.95 45.40
N ASP C 2676 -8.75 7.37 46.51
CA ASP C 2676 -7.33 7.12 46.70
C ASP C 2676 -7.02 5.63 46.77
N GLY C 2677 -8.02 4.82 47.12
CA GLY C 2677 -7.76 3.40 47.32
C GLY C 2677 -7.12 2.72 46.13
N MET C 2678 -7.60 3.03 44.92
CA MET C 2678 -6.99 2.42 43.74
C MET C 2678 -5.65 3.05 43.37
N GLY C 2679 -5.07 3.84 44.26
CA GLY C 2679 -3.72 4.30 44.09
C GLY C 2679 -3.61 5.81 43.91
N ILE C 2680 -2.47 6.23 43.37
CA ILE C 2680 -2.26 7.64 43.06
C ILE C 2680 -3.31 8.12 42.09
N THR C 2681 -3.65 7.29 41.11
CA THR C 2681 -4.71 7.61 40.17
C THR C 2681 -6.04 7.76 40.89
N GLY C 2682 -6.83 8.74 40.46
CA GLY C 2682 -8.17 8.89 40.97
C GLY C 2682 -9.07 7.80 40.41
N VAL C 2683 -10.35 8.12 40.20
CA VAL C 2683 -11.27 7.14 39.60
C VAL C 2683 -11.11 7.27 38.09
N GLU C 2684 -10.05 6.65 37.59
CA GLU C 2684 -9.69 6.68 36.19
C GLU C 2684 -8.83 5.45 35.91
N GLY C 2685 -8.88 4.96 34.67
CA GLY C 2685 -8.14 3.77 34.34
C GLY C 2685 -8.92 2.50 34.58
N VAL C 2686 -8.63 1.81 35.68
CA VAL C 2686 -9.33 0.58 36.00
C VAL C 2686 -10.79 0.86 36.34
N PHE C 2687 -11.02 1.86 37.20
CA PHE C 2687 -12.38 2.10 37.67
C PHE C 2687 -13.31 2.49 36.53
N ARG C 2688 -12.91 3.49 35.74
CA ARG C 2688 -13.80 3.98 34.69
C ARG C 2688 -14.05 2.91 33.63
N ARG C 2689 -13.01 2.21 33.20
CA ARG C 2689 -13.19 1.18 32.18
C ARG C 2689 -14.04 0.03 32.70
N CYS C 2690 -13.84 -0.39 33.95
CA CYS C 2690 -14.67 -1.44 34.51
C CYS C 2690 -16.13 -0.99 34.60
N MET C 2691 -16.36 0.27 34.98
CA MET C 2691 -17.73 0.78 35.01
C MET C 2691 -18.35 0.77 33.61
N GLU C 2692 -17.57 1.16 32.61
CA GLU C 2692 -18.07 1.16 31.23
C GLU C 2692 -18.47 -0.25 30.81
N PHE C 2693 -17.61 -1.22 31.07
CA PHE C 2693 -17.91 -2.59 30.66
C PHE C 2693 -19.11 -3.15 31.39
N THR C 2694 -19.22 -2.86 32.70
CA THR C 2694 -20.38 -3.31 33.45
C THR C 2694 -21.67 -2.72 32.91
N LEU C 2695 -21.68 -1.41 32.63
CA LEU C 2695 -22.89 -0.79 32.10
C LEU C 2695 -23.24 -1.34 30.72
N GLU C 2696 -22.23 -1.53 29.87
CA GLU C 2696 -22.49 -2.04 28.53
C GLU C 2696 -23.08 -3.45 28.58
N THR C 2697 -22.49 -4.33 29.39
CA THR C 2697 -23.02 -5.69 29.49
C THR C 2697 -24.39 -5.70 30.13
N LEU C 2698 -24.62 -4.89 31.16
CA LEU C 2698 -25.94 -4.82 31.77
C LEU C 2698 -26.99 -4.30 30.80
N ARG C 2699 -26.58 -3.47 29.84
CA ARG C 2699 -27.53 -3.01 28.83
C ARG C 2699 -27.74 -4.06 27.74
N ARG C 2700 -26.72 -4.89 27.47
CA ARG C 2700 -26.90 -5.96 26.50
C ARG C 2700 -27.96 -6.95 26.95
N GLU C 2701 -27.98 -7.29 28.23
CA GLU C 2701 -28.94 -8.22 28.81
C GLU C 2701 -30.09 -7.50 29.48
N GLU C 2702 -30.55 -6.38 28.90
CA GLU C 2702 -31.64 -5.63 29.50
C GLU C 2702 -32.91 -6.46 29.58
N ASP C 2703 -33.18 -7.28 28.57
CA ASP C 2703 -34.43 -8.04 28.54
C ASP C 2703 -34.51 -9.02 29.71
N SER C 2704 -33.48 -9.85 29.89
CA SER C 2704 -33.53 -10.89 30.92
C SER C 2704 -33.49 -10.30 32.32
N LEU C 2705 -32.62 -9.31 32.56
CA LEU C 2705 -32.56 -8.69 33.87
C LEU C 2705 -33.86 -7.94 34.17
N LEU C 2706 -34.44 -7.30 33.16
CA LEU C 2706 -35.73 -6.64 33.33
C LEU C 2706 -36.81 -7.64 33.70
N SER C 2707 -36.80 -8.81 33.05
CA SER C 2707 -37.75 -9.86 33.42
C SER C 2707 -37.54 -10.32 34.85
N VAL C 2708 -36.28 -10.46 35.27
CA VAL C 2708 -36.00 -10.87 36.64
C VAL C 2708 -36.57 -9.87 37.63
N LEU C 2709 -36.24 -8.59 37.43
CA LEU C 2709 -36.80 -7.56 38.30
C LEU C 2709 -38.32 -7.55 38.23
N GLU C 2710 -38.88 -7.93 37.08
CA GLU C 2710 -40.33 -8.05 36.97
C GLU C 2710 -40.86 -9.15 37.89
N VAL C 2711 -40.19 -10.31 37.92
CA VAL C 2711 -40.69 -11.40 38.76
C VAL C 2711 -40.53 -11.03 40.23
N LEU C 2712 -39.55 -10.20 40.56
CA LEU C 2712 -39.54 -9.60 41.88
C LEU C 2712 -40.74 -8.68 42.07
N ARG C 2713 -41.14 -7.97 41.01
CA ARG C 2713 -42.27 -7.06 41.12
C ARG C 2713 -43.56 -7.80 41.44
N TYR C 2714 -43.84 -8.92 40.75
CA TYR C 2714 -45.02 -9.70 41.08
C TYR C 2714 -44.88 -10.48 42.38
N ASP C 2715 -43.69 -10.57 42.94
CA ASP C 2715 -43.50 -11.29 44.19
C ASP C 2715 -44.04 -10.47 45.35
N PRO C 2716 -45.06 -10.95 46.07
CA PRO C 2716 -45.64 -10.13 47.15
C PRO C 2716 -44.68 -9.86 48.31
N LEU C 2717 -43.63 -10.66 48.47
CA LEU C 2717 -42.72 -10.48 49.60
C LEU C 2717 -41.88 -9.22 49.43
N PHE C 2718 -41.34 -9.00 48.23
CA PHE C 2718 -40.47 -7.86 47.98
C PHE C 2718 -41.29 -6.58 48.08
N SER C 2719 -41.12 -5.84 49.17
CA SER C 2719 -41.87 -4.62 49.41
C SER C 2719 -41.10 -3.46 48.78
N TRP C 2720 -41.43 -3.15 47.52
CA TRP C 2720 -40.73 -2.08 46.82
C TRP C 2720 -41.02 -0.77 47.51
N LEU C 2721 -41.76 -0.85 48.61
CA LEU C 2721 -42.05 0.34 49.37
C LEU C 2721 -41.43 0.18 50.74
N ILE C 2722 -40.68 1.18 51.18
CA ILE C 2722 -40.03 1.13 52.47
C ILE C 2722 -40.56 2.27 53.32
N SER C 2723 -40.93 2.01 54.56
CA SER C 2723 -41.54 3.05 55.37
C SER C 2723 -40.55 4.18 55.59
N PRO C 2724 -41.06 5.41 55.59
CA PRO C 2724 -40.18 6.57 55.75
C PRO C 2724 -39.48 6.54 57.09
N LEU C 2725 -40.21 6.15 58.13
CA LEU C 2725 -39.62 6.07 59.45
C LEU C 2725 -38.51 5.04 59.41
N ARG C 2726 -38.76 3.92 58.75
CA ARG C 2726 -37.71 2.93 58.63
C ARG C 2726 -36.53 3.57 57.94
N ARG C 2727 -36.80 4.27 56.85
CA ARG C 2727 -35.72 4.85 56.07
C ARG C 2727 -34.90 5.74 56.97
N MET C 2728 -35.57 6.53 57.78
CA MET C 2728 -34.87 7.41 58.69
C MET C 2728 -33.90 6.63 59.55
N LYS C 2729 -34.35 5.51 60.08
CA LYS C 2729 -33.51 4.75 60.97
C LYS C 2729 -32.22 4.37 60.28
N LYS C 2730 -32.31 3.88 59.05
CA LYS C 2730 -31.12 3.39 58.40
C LYS C 2730 -30.12 4.51 58.30
N GLN C 2731 -30.54 5.71 57.94
CA GLN C 2731 -29.54 6.74 57.78
C GLN C 2731 -28.93 7.05 59.12
N LYS C 2732 -29.74 6.94 60.17
CA LYS C 2732 -29.28 7.28 61.51
C LYS C 2732 -28.13 6.37 61.89
N MET C 2733 -28.22 5.09 61.51
CA MET C 2733 -27.16 4.14 61.84
C MET C 2733 -26.01 4.28 60.84
N GLY C 2763 -50.43 4.88 47.51
CA GLY C 2763 -51.06 3.63 47.14
C GLY C 2763 -50.66 3.16 45.75
N GLU C 2764 -49.93 4.02 45.03
CA GLU C 2764 -49.49 3.68 43.69
C GLU C 2764 -48.53 2.50 43.74
N SER C 2765 -48.62 1.62 42.73
CA SER C 2765 -47.74 0.46 42.65
C SER C 2765 -46.32 0.94 42.35
N GLU C 2766 -45.47 0.97 43.37
CA GLU C 2766 -44.12 1.47 43.20
C GLU C 2766 -43.29 0.57 42.30
N ALA C 2767 -43.73 -0.66 42.06
CA ALA C 2767 -42.96 -1.58 41.22
C ALA C 2767 -42.82 -1.05 39.81
N GLU C 2768 -43.91 -0.54 39.23
CA GLU C 2768 -43.84 -0.07 37.85
C GLU C 2768 -43.00 1.18 37.72
N ARG C 2769 -43.11 2.11 38.67
CA ARG C 2769 -42.28 3.31 38.62
C ARG C 2769 -40.81 2.96 38.80
N ALA C 2770 -40.50 2.07 39.73
CA ALA C 2770 -39.12 1.66 39.95
C ALA C 2770 -38.56 0.96 38.73
N ILE C 2771 -39.36 0.09 38.10
CA ILE C 2771 -38.85 -0.62 36.93
C ILE C 2771 -38.69 0.35 35.75
N LEU C 2772 -39.55 1.37 35.65
CA LEU C 2772 -39.35 2.39 34.64
C LEU C 2772 -38.04 3.14 34.88
N LYS C 2773 -37.74 3.44 36.14
CA LYS C 2773 -36.47 4.07 36.46
C LYS C 2773 -35.30 3.17 36.07
N VAL C 2774 -35.43 1.86 36.29
CA VAL C 2774 -34.37 0.93 35.92
C VAL C 2774 -34.18 0.90 34.41
N ARG C 2775 -35.28 0.91 33.65
CA ARG C 2775 -35.16 0.98 32.19
C ARG C 2775 -34.47 2.27 31.77
N GLN C 2776 -34.81 3.39 32.42
CA GLN C 2776 -34.18 4.66 32.08
C GLN C 2776 -32.69 4.63 32.36
N LYS C 2777 -32.29 4.04 33.50
CA LYS C 2777 -30.87 3.93 33.81
C LYS C 2777 -30.14 3.03 32.83
N LEU C 2778 -30.86 2.15 32.13
CA LEU C 2778 -30.30 1.35 31.06
C LEU C 2778 -30.71 1.86 29.69
N SER C 2779 -31.36 3.02 29.62
CA SER C 2779 -31.74 3.59 28.32
C SER C 2779 -30.51 4.05 27.57
N SER C 2780 -30.46 3.72 26.28
CA SER C 2780 -29.30 4.00 25.44
C SER C 2780 -29.41 5.35 24.74
N THR C 2781 -30.23 6.27 25.25
CA THR C 2781 -30.28 7.61 24.68
C THR C 2781 -28.93 8.31 24.81
N LEU C 2782 -28.28 8.14 25.97
CA LEU C 2782 -26.98 8.72 26.24
C LEU C 2782 -25.95 7.59 26.20
N SER C 2783 -24.86 7.80 25.47
CA SER C 2783 -23.88 6.74 25.28
C SER C 2783 -23.28 6.32 26.61
N VAL C 2784 -22.80 5.08 26.66
CA VAL C 2784 -22.34 4.51 27.93
C VAL C 2784 -21.09 5.23 28.42
N GLU C 2785 -20.20 5.64 27.51
CA GLU C 2785 -18.97 6.30 27.92
C GLU C 2785 -19.27 7.61 28.64
N ALA C 2786 -20.06 8.47 28.02
CA ALA C 2786 -20.43 9.72 28.67
C ALA C 2786 -21.35 9.49 29.85
N SER C 2787 -22.11 8.39 29.85
CA SER C 2787 -22.97 8.08 30.99
C SER C 2787 -22.15 7.78 32.23
N VAL C 2788 -21.17 6.89 32.11
CA VAL C 2788 -20.32 6.60 33.26
C VAL C 2788 -19.44 7.80 33.59
N GLY C 2789 -19.08 8.61 32.58
CA GLY C 2789 -18.37 9.85 32.89
C GLY C 2789 -19.20 10.78 33.76
N GLU C 2790 -20.48 10.92 33.46
CA GLU C 2790 -21.37 11.72 34.27
C GLU C 2790 -21.57 11.10 35.65
N LEU C 2791 -21.64 9.76 35.72
CA LEU C 2791 -21.74 9.09 37.00
C LEU C 2791 -20.53 9.38 37.88
N ILE C 2792 -19.33 9.25 37.31
CA ILE C 2792 -18.11 9.58 38.02
C ILE C 2792 -18.12 11.05 38.45
N ARG C 2793 -18.62 11.92 37.57
CA ARG C 2793 -18.64 13.35 37.88
C ARG C 2793 -19.51 13.63 39.10
N ILE C 2794 -20.70 13.03 39.16
CA ILE C 2794 -21.54 13.23 40.35
C ILE C 2794 -20.90 12.58 41.56
N ALA C 2795 -20.23 11.44 41.37
CA ALA C 2795 -19.64 10.74 42.51
C ALA C 2795 -18.45 11.49 43.09
N GLN C 2796 -17.78 12.32 42.28
CA GLN C 2796 -16.58 13.02 42.72
C GLN C 2796 -16.76 14.52 42.93
N ASP C 2797 -17.73 15.13 42.26
CA ASP C 2797 -17.90 16.58 42.39
C ASP C 2797 -18.24 16.93 43.83
N PRO C 2798 -17.46 17.77 44.50
CA PRO C 2798 -17.73 18.07 45.91
C PRO C 2798 -19.06 18.75 46.14
N SER C 2799 -19.65 19.38 45.12
CA SER C 2799 -20.93 20.04 45.28
C SER C 2799 -22.02 19.05 45.67
N TYR C 2800 -22.03 17.87 45.04
CA TYR C 2800 -22.96 16.82 45.45
C TYR C 2800 -22.56 16.20 46.77
N LEU C 2801 -21.27 15.89 46.94
CA LEU C 2801 -20.82 15.12 48.09
C LEU C 2801 -21.00 15.88 49.39
N ALA C 2802 -20.96 17.21 49.35
CA ALA C 2802 -21.18 18.00 50.56
C ALA C 2802 -22.60 17.91 51.08
N LEU C 2803 -23.52 17.35 50.28
CA LEU C 2803 -24.92 17.23 50.66
C LEU C 2803 -25.33 15.79 50.92
N MET C 2804 -24.42 14.83 50.72
CA MET C 2804 -24.76 13.41 50.80
C MET C 2804 -25.41 13.08 52.14
N PHE C 2805 -24.69 13.25 53.24
CA PHE C 2805 -25.24 13.09 54.58
C PHE C 2805 -24.19 13.50 55.60
N CYS C 2806 -24.67 13.87 56.78
CA CYS C 2806 -23.78 14.10 57.92
C CYS C 2806 -23.04 12.83 58.26
N GLY C 2807 -21.73 12.95 58.44
CA GLY C 2807 -20.90 11.77 58.58
C GLY C 2807 -20.84 11.01 57.28
N TRP C 2808 -21.38 9.79 57.26
CA TRP C 2808 -21.46 8.95 56.06
C TRP C 2808 -20.09 8.70 55.44
N SER C 2809 -19.02 8.95 56.18
CA SER C 2809 -17.67 8.84 55.63
C SER C 2809 -16.68 8.32 56.66
#